data_6QGM
#
_entry.id   6QGM
#
_cell.length_a   101.133
_cell.length_b   172.979
_cell.length_c   110.425
_cell.angle_alpha   90.000
_cell.angle_beta   112.890
_cell.angle_gamma   90.000
#
_symmetry.space_group_name_H-M   'P 1 21 1'
#
loop_
_entity.id
_entity.type
_entity.pdbx_description
1 polymer VirX1
2 water water
#
_entity_poly.entity_id   1
_entity_poly.type   'polypeptide(L)'
_entity_poly.pdbx_seq_one_letter_code
;MVKIESVAIVGGGSSGWMTAAALSKLCPQLEIALIEDPNIKTVGVGESTLGHFNKFLHLLDLKDEDWMPACNATYKNSIR
FTNFREGKGEVFEYPFGPSLDVSFFSQTDGINTWGKLANKYPEDFPPETFARFVNSNTYLAEHNRLTRNKDNKIPNFNFD
WDTAYHIDAELFGQYLKEKIALPNGVKHIQGKVTGYQKESPNNHNFKYIILDQETAIFADLYIDCTGFKSLLLGEFMGEA
FSPFSKKLANDKAMATRIPYENREEEMHNVTDCHAMKNGWVWNIPLWNRIGTGYCYSSRFVSKDDAEAEFREHLGERGKD
AKIFHIDIGHGKRTRAWVNNCVGIGLSYGFIEPLESTGLLTTHENIENLVYLINQRDGYVTQAERDGFNYTCDHQIDSFS
DFVAMHYAYSMRTDTPYWKWCTQMCNYMPESMGPHRQKQSTWQDLSTDTIGLNTWHINHNGISFIIAGHGLRPQSYDKLS
EVLLKRNNESDYYYEDIRKDWLKHYESMVEYVKTLPTHYEFLRDEIYGSAE
;
_entity_poly.pdbx_strand_id   a,b,c,d,e,f
#
# COMPACT_ATOMS: atom_id res chain seq x y z
N VAL A 2 56.51 10.62 -12.61
CA VAL A 2 56.33 11.18 -14.00
C VAL A 2 55.78 10.06 -14.90
N LYS A 3 55.13 10.43 -15.99
CA LYS A 3 54.13 9.58 -16.68
C LYS A 3 54.79 8.45 -17.48
N ILE A 4 54.05 7.37 -17.68
CA ILE A 4 54.43 6.24 -18.57
C ILE A 4 54.30 6.69 -20.03
N GLU A 5 55.42 6.96 -20.72
CA GLU A 5 55.42 7.32 -22.16
C GLU A 5 55.88 6.13 -22.99
N SER A 6 56.83 5.34 -22.48
CA SER A 6 57.38 4.16 -23.20
C SER A 6 57.23 2.91 -22.35
N VAL A 7 57.02 1.76 -23.00
CA VAL A 7 56.75 0.46 -22.34
C VAL A 7 57.65 -0.59 -23.01
N ALA A 8 58.31 -1.42 -22.19
CA ALA A 8 59.06 -2.63 -22.61
C ALA A 8 58.33 -3.88 -22.10
N ILE A 9 57.72 -4.66 -23.00
CA ILE A 9 57.11 -5.97 -22.69
C ILE A 9 58.17 -7.06 -22.86
N VAL A 10 58.47 -7.81 -21.82
CA VAL A 10 59.39 -8.98 -21.89
C VAL A 10 58.52 -10.24 -21.98
N GLY A 11 58.70 -11.01 -23.06
CA GLY A 11 57.94 -12.23 -23.37
C GLY A 11 57.07 -12.04 -24.60
N GLY A 12 57.20 -12.89 -25.62
CA GLY A 12 56.16 -13.05 -26.67
C GLY A 12 55.12 -14.01 -26.13
N GLY A 13 54.59 -14.92 -26.95
CA GLY A 13 53.43 -15.75 -26.58
C GLY A 13 52.14 -14.98 -26.66
N SER A 14 51.02 -15.59 -26.29
CA SER A 14 49.71 -14.92 -26.19
C SER A 14 49.85 -13.66 -25.33
N SER A 15 50.27 -13.80 -24.07
CA SER A 15 50.35 -12.70 -23.07
C SER A 15 51.14 -11.51 -23.64
N GLY A 16 52.31 -11.76 -24.21
CA GLY A 16 53.17 -10.68 -24.74
C GLY A 16 52.47 -9.90 -25.83
N TRP A 17 51.93 -10.60 -26.83
CA TRP A 17 51.34 -9.99 -28.04
C TRP A 17 49.94 -9.46 -27.76
N MET A 18 49.21 -10.10 -26.85
CA MET A 18 47.90 -9.60 -26.37
C MET A 18 48.11 -8.23 -25.74
N THR A 19 49.17 -8.09 -24.92
CA THR A 19 49.56 -6.82 -24.25
C THR A 19 50.02 -5.80 -25.30
N ALA A 20 50.94 -6.20 -26.19
CA ALA A 20 51.47 -5.31 -27.25
C ALA A 20 50.33 -4.77 -28.11
N ALA A 21 49.43 -5.64 -28.59
CA ALA A 21 48.30 -5.30 -29.49
C ALA A 21 47.38 -4.29 -28.81
N ALA A 22 46.87 -4.64 -27.61
CA ALA A 22 45.96 -3.82 -26.79
C ALA A 22 46.57 -2.43 -26.56
N LEU A 23 47.79 -2.36 -26.04
CA LEU A 23 48.49 -1.09 -25.73
C LEU A 23 48.68 -0.28 -27.03
N SER A 24 49.12 -0.92 -28.11
CA SER A 24 49.43 -0.25 -29.40
C SER A 24 48.15 0.39 -29.99
N LYS A 25 46.99 -0.24 -29.79
CA LYS A 25 45.70 0.19 -30.37
C LYS A 25 44.97 1.14 -29.41
N LEU A 26 44.85 0.80 -28.12
CA LEU A 26 44.02 1.54 -27.12
C LEU A 26 44.83 2.64 -26.40
N CYS A 27 46.16 2.64 -26.52
CA CYS A 27 47.07 3.64 -25.89
C CYS A 27 48.06 4.13 -26.95
N PRO A 28 47.57 4.79 -28.02
CA PRO A 28 48.42 5.19 -29.14
C PRO A 28 49.56 6.15 -28.73
N GLN A 29 49.39 6.89 -27.64
CA GLN A 29 50.40 7.83 -27.07
C GLN A 29 51.67 7.07 -26.67
N LEU A 30 51.59 5.77 -26.37
CA LEU A 30 52.73 4.94 -25.88
C LEU A 30 53.69 4.59 -27.03
N GLU A 31 55.00 4.70 -26.75
CA GLU A 31 56.10 3.99 -27.46
C GLU A 31 56.20 2.60 -26.83
N ILE A 32 56.12 1.53 -27.62
CA ILE A 32 56.09 0.12 -27.13
C ILE A 32 57.20 -0.68 -27.82
N ALA A 33 57.93 -1.46 -27.03
CA ALA A 33 58.86 -2.50 -27.50
C ALA A 33 58.47 -3.84 -26.85
N LEU A 34 58.62 -4.94 -27.59
CA LEU A 34 58.44 -6.32 -27.07
C LEU A 34 59.74 -7.10 -27.28
N ILE A 35 60.31 -7.58 -26.18
CA ILE A 35 61.57 -8.39 -26.13
C ILE A 35 61.17 -9.86 -26.06
N GLU A 36 61.60 -10.64 -27.04
CA GLU A 36 61.25 -12.07 -27.22
C GLU A 36 62.56 -12.81 -27.45
N ASP A 37 62.76 -13.94 -26.76
CA ASP A 37 63.97 -14.82 -26.90
C ASP A 37 63.70 -15.79 -28.04
N PRO A 38 64.42 -15.68 -29.17
CA PRO A 38 64.26 -16.63 -30.27
C PRO A 38 64.35 -18.10 -29.83
N ASN A 39 65.23 -18.44 -28.87
CA ASN A 39 65.42 -19.83 -28.34
C ASN A 39 64.34 -20.20 -27.29
N ILE A 40 63.07 -19.82 -27.52
CA ILE A 40 61.85 -20.20 -26.75
C ILE A 40 62.13 -20.11 -25.24
N VAL A 45 49.70 -24.29 -28.36
CA VAL A 45 48.89 -25.26 -27.63
C VAL A 45 47.48 -24.77 -27.50
N GLY A 46 46.54 -25.71 -27.46
CA GLY A 46 45.11 -25.32 -27.46
C GLY A 46 44.64 -24.89 -26.10
N GLU A 47 43.84 -23.82 -25.97
CA GLU A 47 43.16 -23.46 -24.68
C GLU A 47 41.84 -22.72 -24.96
N SER A 48 40.92 -22.86 -24.01
CA SER A 48 39.55 -22.31 -24.06
C SER A 48 39.51 -20.97 -23.31
N THR A 49 38.58 -20.10 -23.71
CA THR A 49 38.41 -18.71 -23.23
C THR A 49 37.09 -18.61 -22.47
N LEU A 50 36.86 -17.47 -21.82
CA LEU A 50 35.60 -17.09 -21.15
C LEU A 50 34.83 -16.12 -22.07
N GLY A 51 33.62 -15.72 -21.64
CA GLY A 51 32.88 -14.57 -22.18
C GLY A 51 33.74 -13.33 -22.17
N HIS A 52 34.46 -13.08 -21.07
CA HIS A 52 35.39 -11.94 -20.83
C HIS A 52 36.19 -11.63 -22.13
N PHE A 53 36.64 -12.70 -22.80
CA PHE A 53 37.48 -12.68 -24.04
C PHE A 53 36.79 -11.87 -25.16
N ASN A 54 35.45 -11.91 -25.21
CA ASN A 54 34.65 -11.20 -26.23
C ASN A 54 34.88 -9.68 -26.10
N LYS A 55 34.96 -9.16 -24.87
CA LYS A 55 35.24 -7.73 -24.59
C LYS A 55 36.59 -7.35 -25.21
N PHE A 56 37.59 -8.19 -25.00
CA PHE A 56 38.97 -8.00 -25.53
C PHE A 56 38.87 -7.94 -27.06
N LEU A 57 38.24 -8.95 -27.67
CA LEU A 57 38.12 -9.03 -29.15
C LEU A 57 37.42 -7.77 -29.68
N HIS A 58 36.35 -7.35 -29.01
CA HIS A 58 35.51 -6.20 -29.44
C HIS A 58 36.34 -4.91 -29.30
N LEU A 59 37.14 -4.77 -28.24
CA LEU A 59 38.02 -3.60 -28.00
C LEU A 59 39.06 -3.50 -29.12
N LEU A 60 39.48 -4.63 -29.70
CA LEU A 60 40.52 -4.67 -30.76
C LEU A 60 39.88 -4.77 -32.16
N ASP A 61 38.54 -4.78 -32.24
CA ASP A 61 37.75 -4.77 -33.51
C ASP A 61 37.97 -6.05 -34.31
N LEU A 62 38.26 -7.17 -33.64
CA LEU A 62 38.60 -8.46 -34.29
C LEU A 62 37.31 -9.18 -34.65
N LYS A 63 37.06 -9.38 -35.95
CA LYS A 63 35.89 -10.15 -36.46
C LYS A 63 36.26 -11.64 -36.52
N ASP A 64 35.35 -12.51 -36.06
CA ASP A 64 35.51 -13.98 -36.03
C ASP A 64 36.05 -14.50 -37.37
N GLU A 65 35.54 -14.00 -38.49
CA GLU A 65 35.88 -14.46 -39.87
C GLU A 65 37.40 -14.34 -40.07
N ASP A 66 38.04 -13.34 -39.49
CA ASP A 66 39.43 -12.92 -39.81
C ASP A 66 40.45 -13.72 -38.99
N TRP A 67 40.25 -13.78 -37.67
CA TRP A 67 41.28 -14.28 -36.71
C TRP A 67 41.08 -15.78 -36.46
N MET A 68 39.84 -16.31 -36.51
CA MET A 68 39.57 -17.70 -36.10
C MET A 68 40.36 -18.68 -36.97
N PRO A 69 40.30 -18.59 -38.32
CA PRO A 69 41.01 -19.56 -39.15
C PRO A 69 42.54 -19.47 -39.00
N ALA A 70 43.08 -18.29 -38.66
CA ALA A 70 44.53 -18.04 -38.52
C ALA A 70 45.10 -18.77 -37.30
N CYS A 71 44.28 -19.26 -36.38
CA CYS A 71 44.77 -20.00 -35.17
C CYS A 71 43.86 -21.19 -34.85
N ASN A 72 43.35 -21.89 -35.88
CA ASN A 72 42.60 -23.16 -35.79
C ASN A 72 41.50 -23.06 -34.73
N ALA A 73 40.86 -21.90 -34.61
CA ALA A 73 39.89 -21.61 -33.55
C ALA A 73 38.59 -22.34 -33.88
N THR A 74 37.87 -22.76 -32.84
CA THR A 74 36.46 -23.23 -32.92
C THR A 74 35.65 -22.48 -31.86
N TYR A 75 34.33 -22.67 -31.84
CA TYR A 75 33.37 -21.98 -30.94
C TYR A 75 33.15 -22.83 -29.67
N LYS A 76 32.75 -22.17 -28.59
CA LYS A 76 32.55 -22.75 -27.25
C LYS A 76 31.34 -22.11 -26.56
N ASN A 77 30.32 -22.91 -26.24
CA ASN A 77 29.04 -22.43 -25.69
C ASN A 77 28.88 -22.80 -24.22
N SER A 78 29.73 -23.70 -23.70
CA SER A 78 29.61 -24.29 -22.35
C SER A 78 30.91 -24.95 -21.90
N ILE A 79 31.13 -25.02 -20.58
CA ILE A 79 32.08 -25.98 -19.95
C ILE A 79 31.26 -27.19 -19.51
N ARG A 80 31.66 -28.38 -19.93
CA ARG A 80 31.01 -29.66 -19.60
C ARG A 80 31.84 -30.36 -18.53
N PHE A 81 31.20 -30.91 -17.50
CA PHE A 81 31.84 -31.64 -16.39
C PHE A 81 31.37 -33.09 -16.42
N THR A 82 32.22 -33.95 -16.99
CA THR A 82 32.08 -35.42 -16.98
C THR A 82 32.84 -35.96 -15.77
N ASN A 83 32.20 -36.87 -15.01
CA ASN A 83 32.84 -37.78 -14.03
C ASN A 83 33.13 -37.05 -12.70
N PHE A 84 32.61 -35.85 -12.48
CA PHE A 84 33.02 -34.97 -11.34
C PHE A 84 32.16 -35.17 -10.09
N ARG A 85 30.89 -35.53 -10.23
CA ARG A 85 29.95 -35.64 -9.09
C ARG A 85 30.28 -36.91 -8.31
N GLU A 86 30.30 -38.05 -9.00
CA GLU A 86 30.22 -39.39 -8.38
C GLU A 86 31.23 -40.36 -9.04
N GLY A 87 31.91 -39.97 -10.12
CA GLY A 87 32.90 -40.78 -10.84
C GLY A 87 32.27 -41.94 -11.61
N LYS A 88 31.11 -41.72 -12.26
CA LYS A 88 30.33 -42.76 -12.97
C LYS A 88 29.84 -42.25 -14.33
N GLY A 89 30.61 -41.38 -14.99
CA GLY A 89 30.33 -40.88 -16.36
C GLY A 89 29.21 -39.84 -16.40
N GLU A 90 28.63 -39.47 -15.26
CA GLU A 90 27.57 -38.42 -15.16
C GLU A 90 28.13 -37.08 -15.67
N VAL A 91 27.26 -36.27 -16.27
CA VAL A 91 27.62 -35.01 -16.98
C VAL A 91 26.72 -33.86 -16.50
N PHE A 92 27.27 -32.66 -16.39
CA PHE A 92 26.51 -31.41 -16.17
C PHE A 92 27.27 -30.27 -16.86
N GLU A 93 26.56 -29.17 -17.16
CA GLU A 93 27.12 -28.02 -17.92
C GLU A 93 27.14 -26.79 -17.03
N TYR A 94 28.13 -25.93 -17.26
CA TYR A 94 28.12 -24.48 -16.97
C TYR A 94 28.09 -23.77 -18.31
N PRO A 95 26.89 -23.49 -18.88
CA PRO A 95 26.76 -22.79 -20.15
C PRO A 95 26.98 -21.28 -20.00
N PHE A 96 27.38 -20.58 -21.07
CA PHE A 96 27.58 -19.11 -21.07
C PHE A 96 26.23 -18.39 -21.11
N GLY A 97 26.12 -17.29 -20.37
CA GLY A 97 24.88 -16.51 -20.30
C GLY A 97 25.03 -15.28 -19.42
N PRO A 98 24.36 -14.16 -19.77
CA PRO A 98 24.49 -12.93 -19.02
C PRO A 98 23.83 -13.15 -17.64
N SER A 99 22.68 -13.83 -17.64
CA SER A 99 21.72 -13.97 -16.52
C SER A 99 20.98 -15.30 -16.67
N LEU A 100 20.46 -15.79 -15.54
CA LEU A 100 19.56 -16.95 -15.46
C LEU A 100 18.23 -16.57 -16.12
N ASP A 101 17.76 -17.34 -17.11
CA ASP A 101 16.44 -17.15 -17.74
C ASP A 101 15.36 -17.47 -16.69
N VAL A 102 14.52 -16.49 -16.32
CA VAL A 102 13.52 -16.60 -15.22
C VAL A 102 12.16 -17.09 -15.75
N SER A 103 12.07 -17.45 -17.04
CA SER A 103 10.80 -17.70 -17.77
C SER A 103 9.86 -18.67 -17.02
N PHE A 104 10.36 -19.78 -16.47
CA PHE A 104 9.53 -20.85 -15.86
C PHE A 104 9.63 -20.81 -14.32
N PHE A 105 10.20 -19.73 -13.77
CA PHE A 105 10.35 -19.56 -12.30
C PHE A 105 9.00 -19.21 -11.69
N SER A 106 8.62 -19.87 -10.59
CA SER A 106 7.61 -19.39 -9.62
C SER A 106 7.93 -17.93 -9.25
N GLN A 107 6.93 -17.06 -9.28
CA GLN A 107 7.02 -15.65 -8.81
C GLN A 107 7.63 -15.64 -7.40
N THR A 108 7.15 -16.51 -6.51
CA THR A 108 7.44 -16.50 -5.05
C THR A 108 8.76 -17.22 -4.75
N ASP A 109 9.13 -18.26 -5.51
CA ASP A 109 10.33 -19.09 -5.23
C ASP A 109 11.55 -18.64 -6.06
N GLY A 110 11.36 -17.84 -7.11
CA GLY A 110 12.46 -17.38 -7.97
C GLY A 110 13.42 -18.50 -8.35
N ILE A 111 14.72 -18.34 -8.09
CA ILE A 111 15.83 -19.29 -8.44
C ILE A 111 15.62 -20.67 -7.80
N ASN A 112 14.87 -20.74 -6.69
CA ASN A 112 14.65 -21.99 -5.90
C ASN A 112 13.57 -22.86 -6.59
N THR A 113 12.96 -22.41 -7.69
CA THR A 113 11.92 -23.14 -8.43
C THR A 113 12.48 -24.50 -8.87
N TRP A 114 13.64 -24.51 -9.54
CA TRP A 114 14.20 -25.77 -10.09
C TRP A 114 14.36 -26.81 -8.97
N GLY A 115 14.92 -26.42 -7.82
CA GLY A 115 15.11 -27.28 -6.65
C GLY A 115 13.82 -27.90 -6.16
N LYS A 116 12.72 -27.14 -6.07
CA LYS A 116 11.40 -27.67 -5.65
C LYS A 116 10.92 -28.69 -6.67
N LEU A 117 11.08 -28.42 -7.97
CA LEU A 117 10.75 -29.37 -9.08
C LEU A 117 11.52 -30.67 -8.87
N ALA A 118 12.83 -30.56 -8.60
CA ALA A 118 13.75 -31.70 -8.35
C ALA A 118 13.24 -32.56 -7.18
N ASN A 119 12.70 -31.94 -6.12
CA ASN A 119 12.19 -32.65 -4.92
C ASN A 119 10.86 -33.34 -5.25
N LYS A 120 9.95 -32.61 -5.91
CA LYS A 120 8.58 -33.08 -6.22
C LYS A 120 8.63 -34.14 -7.32
N TYR A 121 9.47 -33.97 -8.34
CA TYR A 121 9.48 -34.80 -9.58
C TYR A 121 10.90 -35.25 -9.90
N PRO A 122 11.52 -36.08 -9.03
CA PRO A 122 12.93 -36.45 -9.17
C PRO A 122 13.28 -37.06 -10.54
N GLU A 123 12.42 -37.93 -11.04
CA GLU A 123 12.61 -38.70 -12.30
C GLU A 123 12.65 -37.70 -13.46
N ASP A 124 11.93 -36.58 -13.37
CA ASP A 124 11.84 -35.58 -14.46
C ASP A 124 12.92 -34.50 -14.35
N PHE A 125 13.55 -34.33 -13.19
CA PHE A 125 14.48 -33.21 -12.90
C PHE A 125 15.76 -33.69 -12.22
N PRO A 126 16.54 -34.59 -12.85
CA PRO A 126 17.88 -34.91 -12.37
C PRO A 126 18.79 -33.69 -12.44
N PRO A 127 19.95 -33.70 -11.75
CA PRO A 127 20.87 -32.55 -11.71
C PRO A 127 21.18 -31.87 -13.06
N GLU A 128 21.23 -32.63 -14.17
CA GLU A 128 21.59 -32.07 -15.50
C GLU A 128 20.47 -31.16 -16.02
N THR A 129 19.30 -31.13 -15.37
CA THR A 129 18.13 -30.34 -15.84
C THR A 129 18.18 -28.89 -15.34
N PHE A 130 18.96 -28.58 -14.29
CA PHE A 130 19.07 -27.19 -13.77
C PHE A 130 19.52 -26.26 -14.92
N ALA A 131 20.59 -26.62 -15.62
CA ALA A 131 21.19 -25.79 -16.69
C ALA A 131 20.16 -25.57 -17.81
N ARG A 132 19.50 -26.65 -18.23
CA ARG A 132 18.44 -26.61 -19.26
C ARG A 132 17.33 -25.67 -18.82
N PHE A 133 17.01 -25.70 -17.53
CA PHE A 133 15.85 -25.00 -16.94
C PHE A 133 16.15 -23.51 -16.79
N VAL A 134 17.41 -23.07 -16.88
CA VAL A 134 17.73 -21.65 -16.62
C VAL A 134 18.52 -21.03 -17.78
N ASN A 135 19.01 -21.84 -18.72
CA ASN A 135 19.89 -21.37 -19.82
C ASN A 135 19.69 -22.27 -21.04
N SER A 136 19.34 -21.66 -22.18
CA SER A 136 19.00 -22.36 -23.45
C SER A 136 20.28 -22.58 -24.27
N ASN A 137 21.33 -21.80 -23.96
CA ASN A 137 22.67 -22.03 -24.56
C ASN A 137 23.02 -23.50 -24.31
N THR A 138 22.60 -24.04 -23.17
CA THR A 138 22.73 -25.47 -22.76
C THR A 138 22.35 -26.42 -23.91
N TYR A 139 21.25 -26.14 -24.62
CA TYR A 139 20.74 -27.00 -25.72
C TYR A 139 21.71 -27.03 -26.91
N LEU A 140 22.29 -25.87 -27.27
CA LEU A 140 23.30 -25.75 -28.35
C LEU A 140 24.49 -26.65 -27.99
N ALA A 141 24.99 -26.47 -26.77
CA ALA A 141 26.13 -27.23 -26.20
C ALA A 141 25.81 -28.72 -26.23
N GLU A 142 24.61 -29.09 -25.79
CA GLU A 142 24.20 -30.51 -25.59
C GLU A 142 24.07 -31.22 -26.94
N HIS A 143 23.50 -30.57 -27.95
CA HIS A 143 23.26 -31.20 -29.29
C HIS A 143 24.31 -30.73 -30.30
N ASN A 144 25.36 -30.03 -29.85
CA ASN A 144 26.53 -29.66 -30.69
C ASN A 144 26.05 -28.85 -31.90
N ARG A 145 25.17 -27.86 -31.67
CA ARG A 145 24.61 -26.99 -32.73
C ARG A 145 25.00 -25.54 -32.46
N LEU A 146 24.88 -24.70 -33.47
CA LEU A 146 25.19 -23.25 -33.38
C LEU A 146 24.30 -22.45 -34.33
N THR A 147 24.00 -21.21 -33.95
CA THR A 147 23.11 -20.28 -34.67
C THR A 147 23.45 -18.86 -34.22
N ARG A 148 23.24 -17.87 -35.08
CA ARG A 148 23.40 -16.43 -34.71
C ARG A 148 22.14 -15.95 -33.99
N ASN A 149 21.06 -16.74 -34.01
CA ASN A 149 19.83 -16.50 -33.21
C ASN A 149 19.22 -15.17 -33.63
N LYS A 150 19.29 -14.88 -34.94
CA LYS A 150 18.72 -13.69 -35.67
C LYS A 150 17.38 -13.27 -35.05
N ASP A 151 16.38 -14.12 -35.29
CA ASP A 151 15.11 -14.15 -34.54
C ASP A 151 15.44 -14.94 -33.27
N ASN A 152 15.09 -14.36 -32.13
CA ASN A 152 15.52 -14.80 -30.78
C ASN A 152 14.83 -16.11 -30.41
N LYS A 153 14.94 -17.14 -31.26
CA LYS A 153 14.25 -18.44 -31.12
C LYS A 153 14.95 -19.30 -30.08
N ILE A 154 16.19 -18.97 -29.71
CA ILE A 154 16.89 -19.52 -28.51
C ILE A 154 16.85 -18.44 -27.44
N PRO A 155 16.01 -18.59 -26.38
CA PRO A 155 15.78 -17.52 -25.41
C PRO A 155 17.04 -17.07 -24.68
N ASN A 156 17.27 -15.75 -24.59
CA ASN A 156 18.29 -15.13 -23.71
C ASN A 156 19.70 -15.56 -24.12
N PHE A 157 19.92 -15.84 -25.41
CA PHE A 157 21.23 -16.19 -26.01
C PHE A 157 21.62 -15.13 -27.04
N ASN A 158 22.81 -14.57 -26.92
CA ASN A 158 23.38 -13.54 -27.83
C ASN A 158 24.68 -14.12 -28.41
N PHE A 159 24.66 -14.55 -29.68
CA PHE A 159 25.79 -15.26 -30.34
C PHE A 159 27.13 -14.58 -30.04
N ASP A 160 27.27 -13.29 -30.32
CA ASP A 160 28.54 -12.52 -30.15
C ASP A 160 29.11 -12.69 -28.74
N TRP A 161 28.27 -12.54 -27.71
CA TRP A 161 28.72 -12.33 -26.30
C TRP A 161 28.56 -13.59 -25.44
N ASP A 162 27.63 -14.49 -25.80
CA ASP A 162 27.34 -15.75 -25.05
C ASP A 162 28.05 -16.92 -25.71
N THR A 163 28.82 -16.70 -26.78
CA THR A 163 29.69 -17.73 -27.40
C THR A 163 31.13 -17.27 -27.24
N ALA A 164 31.94 -18.10 -26.60
CA ALA A 164 33.42 -17.94 -26.51
C ALA A 164 34.09 -18.89 -27.51
N TYR A 165 35.37 -19.18 -27.31
CA TYR A 165 36.25 -19.75 -28.37
C TYR A 165 37.23 -20.76 -27.76
N HIS A 166 37.54 -21.80 -28.53
CA HIS A 166 38.76 -22.64 -28.41
C HIS A 166 39.80 -22.08 -29.38
N ILE A 167 41.02 -21.80 -28.92
CA ILE A 167 42.08 -21.15 -29.74
C ILE A 167 43.41 -21.88 -29.53
N ASP A 168 44.27 -21.86 -30.53
CA ASP A 168 45.73 -22.11 -30.38
C ASP A 168 46.34 -20.77 -29.94
N ALA A 169 46.75 -20.66 -28.67
CA ALA A 169 47.16 -19.38 -28.04
C ALA A 169 48.38 -18.79 -28.75
N GLU A 170 49.32 -19.62 -29.19
CA GLU A 170 50.59 -19.14 -29.82
C GLU A 170 50.26 -18.49 -31.16
N LEU A 171 49.44 -19.17 -31.97
CA LEU A 171 49.00 -18.67 -33.30
C LEU A 171 48.14 -17.42 -33.11
N PHE A 172 47.35 -17.35 -32.04
CA PHE A 172 46.54 -16.16 -31.71
C PHE A 172 47.46 -14.96 -31.48
N GLY A 173 48.53 -15.18 -30.70
CA GLY A 173 49.57 -14.16 -30.48
C GLY A 173 50.22 -13.75 -31.79
N GLN A 174 50.57 -14.72 -32.63
CA GLN A 174 51.20 -14.49 -33.95
C GLN A 174 50.26 -13.63 -34.81
N TYR A 175 48.94 -13.78 -34.66
CA TYR A 175 47.96 -12.99 -35.43
C TYR A 175 48.00 -11.54 -34.95
N LEU A 176 47.86 -11.33 -33.64
CA LEU A 176 47.87 -9.99 -33.01
C LEU A 176 49.17 -9.27 -33.39
N LYS A 177 50.27 -10.01 -33.43
CA LYS A 177 51.64 -9.51 -33.82
C LYS A 177 51.58 -8.91 -35.23
N GLU A 178 51.19 -9.71 -36.23
CA GLU A 178 51.28 -9.35 -37.67
C GLU A 178 50.23 -8.30 -38.03
N LYS A 179 49.03 -8.37 -37.44
CA LYS A 179 47.84 -7.60 -37.87
C LYS A 179 47.68 -6.30 -37.07
N ILE A 180 48.01 -6.29 -35.77
CA ILE A 180 47.74 -5.13 -34.87
C ILE A 180 49.06 -4.53 -34.35
N ALA A 181 49.88 -5.32 -33.64
CA ALA A 181 51.04 -4.81 -32.86
C ALA A 181 52.09 -4.20 -33.79
N LEU A 182 52.66 -4.98 -34.70
CA LEU A 182 53.77 -4.50 -35.56
C LEU A 182 53.30 -3.33 -36.42
N PRO A 183 52.18 -3.45 -37.17
CA PRO A 183 51.66 -2.32 -37.93
C PRO A 183 51.54 -1.03 -37.11
N ASN A 184 51.12 -1.12 -35.85
CA ASN A 184 50.95 0.03 -34.93
C ASN A 184 52.29 0.44 -34.30
N GLY A 185 53.41 -0.11 -34.78
CA GLY A 185 54.76 0.41 -34.48
C GLY A 185 55.35 -0.20 -33.23
N VAL A 186 54.81 -1.31 -32.73
CA VAL A 186 55.49 -2.06 -31.63
C VAL A 186 56.85 -2.52 -32.18
N LYS A 187 57.93 -2.14 -31.48
CA LYS A 187 59.33 -2.43 -31.83
C LYS A 187 59.67 -3.84 -31.32
N HIS A 188 59.87 -4.77 -32.25
CA HIS A 188 60.21 -6.20 -31.96
C HIS A 188 61.70 -6.29 -31.70
N ILE A 189 62.11 -6.69 -30.51
CA ILE A 189 63.55 -6.87 -30.14
C ILE A 189 63.83 -8.35 -29.84
N GLN A 190 64.65 -9.00 -30.65
CA GLN A 190 65.07 -10.42 -30.49
C GLN A 190 66.24 -10.44 -29.51
N GLY A 191 66.10 -11.12 -28.38
CA GLY A 191 67.13 -11.11 -27.33
C GLY A 191 66.70 -11.82 -26.07
N LYS A 192 67.68 -12.26 -25.29
CA LYS A 192 67.51 -12.83 -23.93
C LYS A 192 67.77 -11.71 -22.92
N VAL A 193 66.80 -11.44 -22.05
CA VAL A 193 66.96 -10.56 -20.85
C VAL A 193 67.82 -11.34 -19.85
N THR A 194 69.01 -10.83 -19.53
CA THR A 194 70.02 -11.52 -18.68
C THR A 194 70.06 -10.88 -17.29
N GLY A 195 69.80 -9.57 -17.18
CA GLY A 195 69.95 -8.83 -15.92
C GLY A 195 69.26 -7.49 -15.94
N TYR A 196 69.55 -6.65 -14.94
CA TYR A 196 68.87 -5.36 -14.69
C TYR A 196 69.74 -4.48 -13.82
N GLN A 197 69.44 -3.18 -13.78
CA GLN A 197 70.08 -2.20 -12.86
C GLN A 197 69.01 -1.33 -12.23
N LYS A 198 68.94 -1.28 -10.90
CA LYS A 198 67.97 -0.42 -10.18
C LYS A 198 68.47 1.02 -10.27
N GLU A 199 67.62 1.98 -9.92
CA GLU A 199 67.87 3.42 -10.20
C GLU A 199 68.91 3.95 -9.23
N SER A 200 68.80 3.57 -7.96
CA SER A 200 69.69 4.05 -6.87
C SER A 200 69.55 3.13 -5.67
N PRO A 201 70.48 3.20 -4.70
CA PRO A 201 70.34 2.51 -3.43
C PRO A 201 68.91 2.41 -2.87
N ASN A 202 68.14 3.51 -2.94
CA ASN A 202 66.79 3.60 -2.30
C ASN A 202 65.68 3.55 -3.36
N ASN A 203 65.95 3.98 -4.59
CA ASN A 203 65.00 3.86 -5.72
C ASN A 203 65.12 2.48 -6.38
N HIS A 204 64.18 1.59 -6.09
CA HIS A 204 64.12 0.19 -6.58
C HIS A 204 63.43 0.05 -7.94
N ASN A 205 63.22 1.15 -8.67
CA ASN A 205 62.74 1.08 -10.08
C ASN A 205 63.89 0.56 -10.95
N PHE A 206 63.60 -0.27 -11.95
CA PHE A 206 64.55 -0.62 -13.03
C PHE A 206 64.96 0.70 -13.70
N LYS A 207 66.25 1.00 -13.75
CA LYS A 207 66.81 2.11 -14.55
C LYS A 207 66.88 1.64 -16.01
N TYR A 208 67.19 0.36 -16.21
CA TYR A 208 67.13 -0.37 -17.49
C TYR A 208 67.17 -1.87 -17.20
N ILE A 209 66.84 -2.70 -18.19
CA ILE A 209 67.10 -4.16 -18.15
C ILE A 209 68.18 -4.46 -19.18
N ILE A 210 68.91 -5.55 -19.00
CA ILE A 210 70.07 -5.93 -19.86
C ILE A 210 69.65 -7.08 -20.79
N LEU A 211 70.01 -6.95 -22.07
CA LEU A 211 69.79 -7.92 -23.16
C LEU A 211 71.13 -8.57 -23.54
N ASP A 212 71.21 -9.90 -23.48
CA ASP A 212 72.39 -10.70 -23.94
C ASP A 212 73.67 -10.17 -23.25
N GLN A 213 73.56 -9.85 -21.96
CA GLN A 213 74.69 -9.34 -21.11
C GLN A 213 75.40 -8.16 -21.77
N GLU A 214 74.72 -7.35 -22.60
CA GLU A 214 75.35 -6.22 -23.34
C GLU A 214 74.41 -5.01 -23.39
N THR A 215 73.26 -5.14 -24.06
CA THR A 215 72.39 -4.00 -24.46
C THR A 215 71.38 -3.65 -23.35
N ALA A 216 71.34 -2.39 -22.95
CA ALA A 216 70.40 -1.83 -21.96
C ALA A 216 69.15 -1.33 -22.68
N ILE A 217 67.98 -1.87 -22.31
CA ILE A 217 66.64 -1.40 -22.77
C ILE A 217 66.09 -0.43 -21.71
N PHE A 218 65.87 0.83 -22.11
CA PHE A 218 65.27 1.90 -21.27
C PHE A 218 63.77 2.00 -21.54
N ALA A 219 62.95 2.00 -20.49
CA ALA A 219 61.49 2.16 -20.57
C ALA A 219 61.02 2.77 -19.26
N ASP A 220 59.89 3.49 -19.28
CA ASP A 220 59.26 4.08 -18.08
C ASP A 220 58.58 2.94 -17.29
N LEU A 221 58.02 1.96 -17.99
CA LEU A 221 57.31 0.80 -17.39
C LEU A 221 57.75 -0.48 -18.10
N TYR A 222 58.06 -1.52 -17.32
CA TYR A 222 58.45 -2.87 -17.78
C TYR A 222 57.28 -3.82 -17.48
N ILE A 223 56.87 -4.60 -18.47
CA ILE A 223 55.75 -5.56 -18.34
C ILE A 223 56.34 -6.97 -18.42
N ASP A 224 56.08 -7.77 -17.39
CA ASP A 224 56.58 -9.15 -17.33
C ASP A 224 55.54 -10.09 -17.94
N CYS A 225 55.79 -10.56 -19.16
CA CYS A 225 55.00 -11.60 -19.86
C CYS A 225 55.87 -12.86 -20.05
N THR A 226 56.74 -13.18 -19.09
CA THR A 226 57.73 -14.29 -19.20
C THR A 226 57.15 -15.61 -18.69
N GLY A 227 55.84 -15.66 -18.42
CA GLY A 227 55.14 -16.86 -17.91
C GLY A 227 55.63 -17.24 -16.52
N PHE A 228 55.64 -18.55 -16.22
CA PHE A 228 55.93 -19.14 -14.88
C PHE A 228 57.30 -18.69 -14.39
N LYS A 229 58.27 -18.52 -15.29
CA LYS A 229 59.60 -17.92 -14.97
C LYS A 229 59.41 -16.72 -14.02
N SER A 230 58.48 -15.84 -14.36
CA SER A 230 58.27 -14.53 -13.69
C SER A 230 59.63 -13.86 -13.48
N LEU A 231 60.40 -13.67 -14.56
CA LEU A 231 61.78 -13.14 -14.51
C LEU A 231 61.83 -11.73 -13.90
N LEU A 232 60.92 -10.83 -14.28
CA LEU A 232 60.98 -9.40 -13.87
C LEU A 232 60.28 -9.20 -12.53
N LEU A 233 59.06 -9.71 -12.38
CA LEU A 233 58.25 -9.49 -11.15
C LEU A 233 58.81 -10.34 -10.01
N GLY A 234 58.86 -11.65 -10.22
CA GLY A 234 59.29 -12.65 -9.23
C GLY A 234 60.78 -12.59 -8.94
N GLU A 235 61.63 -12.77 -9.96
CA GLU A 235 63.09 -12.89 -9.79
C GLU A 235 63.69 -11.49 -9.54
N PHE A 236 63.67 -10.59 -10.52
CA PHE A 236 64.38 -9.29 -10.46
C PHE A 236 63.80 -8.40 -9.37
N MET A 237 62.48 -8.21 -9.28
CA MET A 237 61.81 -7.31 -8.29
C MET A 237 61.56 -8.11 -6.99
N GLY A 238 61.75 -9.43 -7.02
CA GLY A 238 61.75 -10.30 -5.84
C GLY A 238 60.37 -10.45 -5.20
N GLU A 239 59.27 -10.31 -5.95
CA GLU A 239 57.92 -10.39 -5.34
C GLU A 239 57.61 -11.85 -5.00
N ALA A 240 57.23 -12.08 -3.74
CA ALA A 240 56.85 -13.39 -3.16
C ALA A 240 55.72 -14.02 -3.97
N PHE A 241 55.56 -15.34 -3.85
CA PHE A 241 54.49 -16.13 -4.51
C PHE A 241 53.62 -16.81 -3.44
N SER A 242 52.32 -16.50 -3.38
CA SER A 242 51.33 -17.23 -2.55
C SER A 242 50.76 -18.40 -3.34
N PRO A 243 51.10 -19.67 -3.01
CA PRO A 243 50.51 -20.82 -3.70
C PRO A 243 49.06 -21.03 -3.24
N PHE A 244 48.26 -21.74 -4.04
CA PHE A 244 46.84 -22.08 -3.72
C PHE A 244 46.76 -23.49 -3.12
N SER A 245 47.88 -24.11 -2.73
CA SER A 245 47.98 -25.54 -2.35
C SER A 245 47.10 -25.89 -1.14
N LYS A 246 46.66 -24.89 -0.38
CA LYS A 246 45.76 -25.08 0.79
C LYS A 246 44.33 -25.40 0.34
N LYS A 247 43.89 -25.04 -0.87
CA LYS A 247 42.52 -25.37 -1.40
C LYS A 247 42.54 -26.10 -2.74
N LEU A 248 43.61 -25.97 -3.52
CA LEU A 248 43.78 -26.61 -4.85
C LEU A 248 45.07 -27.43 -4.84
N ALA A 249 44.95 -28.75 -5.00
CA ALA A 249 46.05 -29.73 -4.83
C ALA A 249 46.88 -29.84 -6.10
N ASN A 250 46.38 -29.39 -7.25
CA ASN A 250 46.99 -29.66 -8.58
C ASN A 250 48.19 -28.73 -8.77
N ASP A 251 49.37 -29.31 -8.99
CA ASP A 251 50.65 -28.57 -9.13
C ASP A 251 51.38 -28.99 -10.42
N LYS A 252 50.82 -29.93 -11.18
CA LYS A 252 51.42 -30.47 -12.42
C LYS A 252 50.38 -30.48 -13.54
N ALA A 253 50.83 -30.37 -14.79
CA ALA A 253 50.04 -30.64 -16.01
C ALA A 253 50.92 -31.37 -17.02
N MET A 254 50.33 -32.32 -17.73
CA MET A 254 50.87 -32.85 -19.00
C MET A 254 49.83 -32.57 -20.09
N ALA A 255 50.26 -32.35 -21.33
CA ALA A 255 49.41 -31.88 -22.44
C ALA A 255 49.87 -32.58 -23.71
N THR A 256 48.94 -32.75 -24.64
CA THR A 256 49.16 -33.47 -25.91
C THR A 256 48.17 -32.98 -26.98
N ARG A 257 48.46 -33.35 -28.20
CA ARG A 257 47.75 -33.04 -29.44
C ARG A 257 47.28 -34.40 -29.98
N ILE A 258 45.98 -34.59 -30.18
CA ILE A 258 45.41 -35.87 -30.68
C ILE A 258 44.69 -35.58 -31.98
N PRO A 259 44.89 -36.41 -33.03
CA PRO A 259 44.17 -36.24 -34.30
C PRO A 259 42.70 -36.69 -34.14
N TYR A 260 41.81 -36.10 -34.95
CA TYR A 260 40.37 -36.45 -35.01
C TYR A 260 40.20 -37.83 -35.64
N GLU A 261 39.31 -38.64 -35.09
CA GLU A 261 38.84 -39.92 -35.69
C GLU A 261 37.60 -39.65 -36.54
N ASN A 262 36.62 -38.94 -35.98
CA ASN A 262 35.40 -38.48 -36.71
C ASN A 262 35.22 -36.99 -36.40
N ARG A 263 35.87 -36.15 -37.20
CA ARG A 263 36.07 -34.69 -36.96
C ARG A 263 34.73 -33.96 -36.81
N GLU A 264 33.77 -34.23 -37.70
CA GLU A 264 32.42 -33.61 -37.66
C GLU A 264 31.78 -33.89 -36.31
N GLU A 265 31.74 -35.16 -35.89
CA GLU A 265 31.06 -35.63 -34.65
C GLU A 265 31.80 -35.15 -33.40
N GLU A 266 33.14 -35.05 -33.47
CA GLU A 266 34.03 -34.90 -32.28
C GLU A 266 34.28 -33.42 -31.95
N MET A 267 34.28 -32.54 -32.96
CA MET A 267 34.62 -31.10 -32.79
C MET A 267 33.49 -30.40 -32.02
N HIS A 268 33.49 -30.57 -30.70
CA HIS A 268 32.39 -30.14 -29.80
C HIS A 268 32.43 -28.63 -29.56
N ASN A 269 31.24 -28.06 -29.65
CA ASN A 269 30.71 -26.83 -29.01
C ASN A 269 31.21 -26.53 -27.59
N VAL A 270 31.96 -27.41 -26.92
CA VAL A 270 32.26 -27.28 -25.45
C VAL A 270 33.70 -27.69 -25.13
N THR A 271 34.22 -27.13 -24.03
CA THR A 271 35.39 -27.64 -23.28
C THR A 271 34.88 -28.69 -22.29
N ASP A 272 35.22 -29.97 -22.49
CA ASP A 272 34.90 -31.06 -21.54
C ASP A 272 36.03 -31.15 -20.50
N CYS A 273 35.63 -31.32 -19.23
CA CYS A 273 36.52 -31.50 -18.08
C CYS A 273 36.15 -32.83 -17.43
N HIS A 274 37.01 -33.82 -17.60
CA HIS A 274 36.80 -35.22 -17.17
C HIS A 274 37.60 -35.47 -15.90
N ALA A 275 36.94 -35.65 -14.76
CA ALA A 275 37.61 -35.91 -13.46
C ALA A 275 38.23 -37.31 -13.51
N MET A 276 39.51 -37.39 -13.11
CA MET A 276 40.35 -38.61 -13.09
C MET A 276 40.65 -38.97 -11.64
N LYS A 277 41.60 -39.89 -11.38
CA LYS A 277 41.90 -40.42 -10.03
C LYS A 277 42.59 -39.34 -9.17
N ASN A 278 43.41 -38.48 -9.78
CA ASN A 278 44.29 -37.50 -9.08
C ASN A 278 44.20 -36.12 -9.72
N GLY A 279 43.10 -35.82 -10.41
CA GLY A 279 42.86 -34.52 -11.05
C GLY A 279 41.77 -34.61 -12.10
N TRP A 280 41.97 -34.01 -13.27
CA TRP A 280 40.98 -33.92 -14.35
C TRP A 280 41.70 -33.66 -15.68
N VAL A 281 41.09 -34.12 -16.78
CA VAL A 281 41.61 -33.98 -18.17
C VAL A 281 40.70 -33.00 -18.92
N TRP A 282 41.30 -32.01 -19.58
CA TRP A 282 40.59 -31.04 -20.46
C TRP A 282 40.59 -31.61 -21.88
N ASN A 283 39.51 -31.34 -22.61
CA ASN A 283 39.33 -31.66 -24.05
C ASN A 283 38.98 -30.35 -24.76
N ILE A 284 39.87 -29.87 -25.63
CA ILE A 284 39.71 -28.58 -26.36
C ILE A 284 39.72 -28.89 -27.85
N PRO A 285 38.54 -28.96 -28.50
CA PRO A 285 38.47 -29.15 -29.95
C PRO A 285 38.97 -27.91 -30.69
N LEU A 286 39.96 -28.09 -31.57
CA LEU A 286 40.40 -27.07 -32.54
C LEU A 286 40.04 -27.55 -33.95
N TRP A 287 40.34 -26.73 -34.95
CA TRP A 287 39.93 -26.99 -36.34
C TRP A 287 40.58 -28.30 -36.81
N ASN A 288 41.87 -28.51 -36.47
CA ASN A 288 42.75 -29.54 -37.09
C ASN A 288 43.05 -30.68 -36.10
N ARG A 289 42.67 -30.55 -34.83
CA ARG A 289 43.07 -31.51 -33.78
C ARG A 289 42.27 -31.28 -32.49
N ILE A 290 42.35 -32.22 -31.55
CA ILE A 290 41.92 -32.06 -30.13
C ILE A 290 43.17 -31.80 -29.28
N GLY A 291 43.17 -30.69 -28.54
CA GLY A 291 44.14 -30.43 -27.45
C GLY A 291 43.61 -31.00 -26.16
N THR A 292 44.45 -31.76 -25.43
CA THR A 292 44.04 -32.52 -24.22
C THR A 292 45.21 -32.59 -23.24
N GLY A 293 44.92 -32.47 -21.94
CA GLY A 293 45.92 -32.58 -20.87
C GLY A 293 45.32 -33.04 -19.56
N TYR A 294 46.18 -33.60 -18.69
CA TYR A 294 45.87 -33.99 -17.29
C TYR A 294 46.41 -32.89 -16.37
N CYS A 295 45.56 -32.23 -15.57
CA CYS A 295 45.95 -31.49 -14.35
C CYS A 295 45.87 -32.44 -13.16
N TYR A 296 46.98 -32.63 -12.45
CA TYR A 296 47.09 -33.62 -11.36
C TYR A 296 47.93 -33.07 -10.21
N SER A 297 47.92 -33.80 -9.10
CA SER A 297 48.62 -33.47 -7.84
C SER A 297 49.75 -34.47 -7.60
N SER A 298 51.00 -34.00 -7.66
CA SER A 298 52.23 -34.81 -7.46
C SER A 298 52.23 -35.37 -6.03
N ARG A 299 51.51 -34.70 -5.13
CA ARG A 299 51.24 -35.13 -3.73
C ARG A 299 50.60 -36.51 -3.67
N PHE A 300 49.81 -36.90 -4.67
CA PHE A 300 48.95 -38.11 -4.63
C PHE A 300 49.35 -39.12 -5.72
N VAL A 301 50.16 -38.75 -6.72
CA VAL A 301 50.48 -39.63 -7.87
C VAL A 301 51.84 -39.23 -8.49
N SER A 302 52.59 -40.24 -8.93
CA SER A 302 53.85 -40.11 -9.70
C SER A 302 53.57 -39.56 -11.11
N LYS A 303 54.57 -38.97 -11.76
CA LYS A 303 54.48 -38.48 -13.16
C LYS A 303 54.17 -39.69 -14.06
N ASP A 304 54.84 -40.83 -13.88
CA ASP A 304 54.69 -42.00 -14.77
C ASP A 304 53.33 -42.65 -14.56
N ASP A 305 52.79 -42.67 -13.33
CA ASP A 305 51.42 -43.19 -13.03
C ASP A 305 50.35 -42.29 -13.68
N ALA A 306 50.49 -40.96 -13.56
CA ALA A 306 49.57 -39.96 -14.15
C ALA A 306 49.53 -40.12 -15.68
N GLU A 307 50.68 -40.42 -16.29
CA GLU A 307 50.82 -40.55 -17.77
C GLU A 307 50.16 -41.84 -18.23
N ALA A 308 50.29 -42.91 -17.46
CA ALA A 308 49.67 -44.22 -17.76
C ALA A 308 48.15 -44.05 -17.70
N GLU A 309 47.66 -43.44 -16.61
CA GLU A 309 46.25 -42.97 -16.45
C GLU A 309 45.78 -42.27 -17.73
N PHE A 310 46.51 -41.22 -18.13
CA PHE A 310 46.13 -40.26 -19.20
C PHE A 310 46.03 -40.97 -20.54
N ARG A 311 47.05 -41.77 -20.88
CA ARG A 311 47.12 -42.58 -22.13
C ARG A 311 45.95 -43.57 -22.16
N GLU A 312 45.71 -44.29 -21.06
CA GLU A 312 44.57 -45.25 -20.92
C GLU A 312 43.27 -44.49 -21.22
N HIS A 313 43.08 -43.33 -20.60
CA HIS A 313 41.88 -42.48 -20.75
C HIS A 313 41.68 -42.07 -22.21
N LEU A 314 42.76 -41.82 -22.96
CA LEU A 314 42.68 -41.32 -24.36
C LEU A 314 42.36 -42.46 -25.35
N GLY A 315 42.39 -43.72 -24.91
CA GLY A 315 42.19 -44.89 -25.79
C GLY A 315 43.33 -45.06 -26.78
N GLU A 316 43.06 -45.60 -27.98
CA GLU A 316 44.12 -46.03 -28.93
C GLU A 316 45.06 -44.85 -29.23
N ARG A 317 44.55 -43.62 -29.31
CA ARG A 317 45.31 -42.38 -29.61
C ARG A 317 46.21 -41.99 -28.42
N GLY A 318 45.99 -42.61 -27.26
CA GLY A 318 46.88 -42.48 -26.09
C GLY A 318 48.28 -43.02 -26.36
N LYS A 319 48.42 -44.09 -27.15
CA LYS A 319 49.66 -44.90 -27.24
C LYS A 319 50.80 -44.08 -27.87
N ASP A 320 50.54 -43.38 -28.99
CA ASP A 320 51.61 -42.68 -29.77
C ASP A 320 51.55 -41.17 -29.53
N ALA A 321 50.64 -40.69 -28.70
CA ALA A 321 50.53 -39.26 -28.36
C ALA A 321 51.86 -38.76 -27.76
N LYS A 322 52.43 -37.69 -28.31
CA LYS A 322 53.58 -36.97 -27.73
C LYS A 322 53.07 -36.08 -26.59
N ILE A 323 53.56 -36.30 -25.37
CA ILE A 323 53.08 -35.63 -24.12
C ILE A 323 54.17 -34.68 -23.60
N PHE A 324 53.81 -33.43 -23.30
CA PHE A 324 54.70 -32.36 -22.80
C PHE A 324 54.30 -32.01 -21.36
N HIS A 325 55.19 -32.25 -20.40
CA HIS A 325 54.99 -32.00 -18.95
C HIS A 325 55.34 -30.55 -18.63
N ILE A 326 54.45 -29.86 -17.93
CA ILE A 326 54.61 -28.43 -17.51
C ILE A 326 54.50 -28.37 -15.99
N ASP A 327 55.35 -27.56 -15.37
CA ASP A 327 55.36 -27.26 -13.91
C ASP A 327 54.57 -25.96 -13.75
N ILE A 328 53.38 -26.04 -13.15
CA ILE A 328 52.41 -24.91 -13.09
C ILE A 328 52.55 -24.18 -11.76
N GLY A 329 52.84 -22.88 -11.79
CA GLY A 329 52.83 -21.96 -10.64
C GLY A 329 51.42 -21.64 -10.20
N HIS A 330 50.81 -22.54 -9.42
CA HIS A 330 49.36 -22.54 -9.06
C HIS A 330 49.15 -21.62 -7.84
N GLY A 331 48.95 -20.33 -8.13
CA GLY A 331 48.95 -19.25 -7.12
C GLY A 331 49.06 -17.90 -7.76
N LYS A 332 49.52 -16.92 -6.98
CA LYS A 332 49.67 -15.49 -7.39
C LYS A 332 50.86 -14.90 -6.66
N ARG A 333 51.54 -13.94 -7.28
CA ARG A 333 52.45 -13.01 -6.58
C ARG A 333 51.61 -12.19 -5.61
N THR A 334 52.22 -11.73 -4.52
CA THR A 334 51.55 -10.95 -3.46
C THR A 334 51.14 -9.58 -4.02
N ARG A 335 51.73 -9.17 -5.15
CA ARG A 335 51.38 -7.94 -5.91
C ARG A 335 51.73 -8.12 -7.37
N ALA A 336 50.97 -7.51 -8.26
CA ALA A 336 51.15 -7.55 -9.72
C ALA A 336 52.03 -6.36 -10.17
N TRP A 337 51.78 -5.19 -9.60
CA TRP A 337 52.49 -3.93 -9.94
C TRP A 337 53.45 -3.60 -8.79
N VAL A 338 54.75 -3.80 -9.02
CA VAL A 338 55.82 -3.54 -8.02
C VAL A 338 56.84 -2.61 -8.68
N ASN A 339 57.10 -1.47 -8.05
CA ASN A 339 57.86 -0.35 -8.63
C ASN A 339 57.39 -0.17 -10.07
N ASN A 340 58.28 -0.12 -11.06
CA ASN A 340 57.94 0.23 -12.46
C ASN A 340 57.87 -1.05 -13.30
N CYS A 341 57.41 -2.14 -12.71
CA CYS A 341 57.23 -3.45 -13.36
C CYS A 341 55.84 -4.00 -13.04
N VAL A 342 55.11 -4.48 -14.07
CA VAL A 342 53.75 -5.09 -13.94
C VAL A 342 53.82 -6.52 -14.46
N GLY A 343 53.30 -7.47 -13.69
CA GLY A 343 53.08 -8.85 -14.13
C GLY A 343 51.77 -8.98 -14.90
N ILE A 344 51.83 -9.50 -16.12
CA ILE A 344 50.65 -9.83 -16.97
C ILE A 344 50.77 -11.29 -17.39
N GLY A 345 49.75 -12.10 -17.07
CA GLY A 345 49.68 -13.54 -17.37
C GLY A 345 50.29 -14.37 -16.26
N LEU A 346 50.99 -15.46 -16.61
CA LEU A 346 51.43 -16.48 -15.64
C LEU A 346 52.55 -15.94 -14.75
N SER A 347 53.25 -14.88 -15.19
CA SER A 347 54.28 -14.15 -14.38
C SER A 347 53.66 -13.61 -13.09
N TYR A 348 52.36 -13.28 -13.14
CA TYR A 348 51.61 -12.77 -11.95
C TYR A 348 50.91 -13.93 -11.24
N GLY A 349 50.03 -14.65 -11.94
CA GLY A 349 49.18 -15.69 -11.33
C GLY A 349 48.66 -16.70 -12.33
N PHE A 350 48.08 -17.78 -11.83
CA PHE A 350 47.52 -18.88 -12.64
C PHE A 350 46.57 -19.69 -11.77
N ILE A 351 45.35 -19.94 -12.28
CA ILE A 351 44.43 -20.99 -11.77
C ILE A 351 44.36 -22.08 -12.85
N GLU A 352 44.47 -23.35 -12.44
CA GLU A 352 44.28 -24.48 -13.38
C GLU A 352 43.00 -24.19 -14.16
N PRO A 353 42.94 -24.49 -15.48
CA PRO A 353 41.86 -24.02 -16.34
C PRO A 353 40.56 -24.85 -16.27
N LEU A 354 40.12 -25.22 -15.06
CA LEU A 354 38.85 -25.96 -14.84
C LEU A 354 37.67 -25.05 -15.14
N GLU A 355 37.85 -23.73 -15.00
CA GLU A 355 36.83 -22.73 -15.34
C GLU A 355 37.34 -21.87 -16.51
N SER A 356 38.14 -22.47 -17.39
CA SER A 356 38.65 -21.86 -18.64
C SER A 356 39.20 -20.48 -18.31
N THR A 357 39.99 -20.41 -17.25
CA THR A 357 40.42 -19.16 -16.59
C THR A 357 41.85 -18.83 -17.02
N GLY A 358 42.48 -19.72 -17.81
CA GLY A 358 43.81 -19.56 -18.44
C GLY A 358 44.16 -18.11 -18.72
N LEU A 359 43.41 -17.45 -19.61
CA LEU A 359 43.74 -16.09 -20.12
C LEU A 359 43.25 -14.99 -19.15
N LEU A 360 42.60 -15.34 -18.03
CA LEU A 360 41.94 -14.34 -17.12
C LEU A 360 43.00 -13.40 -16.55
N THR A 361 43.96 -13.99 -15.85
CA THR A 361 45.16 -13.32 -15.30
C THR A 361 45.72 -12.33 -16.35
N THR A 362 45.48 -12.55 -17.64
CA THR A 362 46.08 -11.76 -18.77
C THR A 362 45.16 -10.60 -19.16
N HIS A 363 43.97 -10.84 -19.73
CA HIS A 363 43.15 -9.75 -20.33
C HIS A 363 42.60 -8.82 -19.24
N GLU A 364 42.33 -9.31 -18.03
CA GLU A 364 41.92 -8.47 -16.87
C GLU A 364 43.03 -7.44 -16.58
N ASN A 365 44.26 -7.90 -16.39
CA ASN A 365 45.42 -7.01 -16.08
C ASN A 365 45.66 -6.07 -17.26
N ILE A 366 45.48 -6.53 -18.51
CA ILE A 366 45.69 -5.67 -19.72
C ILE A 366 44.65 -4.55 -19.70
N GLU A 367 43.38 -4.89 -19.50
CA GLU A 367 42.24 -3.92 -19.49
C GLU A 367 42.44 -2.91 -18.36
N ASN A 368 42.88 -3.37 -17.18
CA ASN A 368 43.09 -2.52 -15.97
C ASN A 368 44.30 -1.59 -16.21
N LEU A 369 45.32 -2.05 -16.94
CA LEU A 369 46.50 -1.24 -17.30
C LEU A 369 46.11 -0.16 -18.31
N VAL A 370 45.40 -0.55 -19.37
CA VAL A 370 44.87 0.35 -20.44
C VAL A 370 44.02 1.42 -19.78
N TYR A 371 43.23 1.03 -18.78
CA TYR A 371 42.28 1.91 -18.05
C TYR A 371 43.07 3.02 -17.35
N LEU A 372 44.13 2.66 -16.61
CA LEU A 372 44.95 3.63 -15.85
C LEU A 372 45.79 4.52 -16.79
N ILE A 373 46.34 3.95 -17.86
CA ILE A 373 47.21 4.69 -18.81
C ILE A 373 46.36 5.72 -19.58
N ASN A 374 45.11 5.42 -19.91
CA ASN A 374 44.21 6.33 -20.68
C ASN A 374 43.55 7.36 -19.75
N GLN A 375 43.79 7.27 -18.45
CA GLN A 375 43.14 8.13 -17.42
C GLN A 375 43.69 9.57 -17.56
N ARG A 376 44.99 9.80 -17.36
CA ARG A 376 45.62 11.15 -17.50
C ARG A 376 46.94 11.01 -18.28
N ASP A 377 46.84 10.55 -19.53
CA ASP A 377 47.94 10.54 -20.54
C ASP A 377 49.13 9.75 -20.01
N GLY A 378 48.91 8.67 -19.29
CA GLY A 378 49.97 7.77 -18.82
C GLY A 378 50.40 8.07 -17.41
N TYR A 379 49.93 9.18 -16.82
CA TYR A 379 50.20 9.52 -15.41
C TYR A 379 49.28 8.64 -14.54
N VAL A 380 49.88 8.09 -13.50
CA VAL A 380 49.31 7.10 -12.53
C VAL A 380 49.86 7.45 -11.15
N THR A 381 49.01 7.38 -10.11
CA THR A 381 49.44 7.59 -8.70
C THR A 381 49.70 6.23 -8.05
N GLN A 382 50.43 6.23 -6.93
CA GLN A 382 50.62 5.01 -6.11
C GLN A 382 49.25 4.48 -5.68
N ALA A 383 48.31 5.37 -5.36
CA ALA A 383 46.92 5.03 -4.98
C ALA A 383 46.29 4.15 -6.08
N GLU A 384 46.46 4.52 -7.35
CA GLU A 384 45.87 3.79 -8.51
C GLU A 384 46.57 2.43 -8.67
N ARG A 385 47.89 2.39 -8.54
CA ARG A 385 48.68 1.12 -8.64
C ARG A 385 48.30 0.17 -7.51
N ASP A 386 48.10 0.71 -6.30
CA ASP A 386 47.59 -0.04 -5.12
C ASP A 386 46.18 -0.58 -5.45
N GLY A 387 45.35 0.26 -6.08
CA GLY A 387 44.01 -0.12 -6.57
C GLY A 387 44.07 -1.24 -7.60
N PHE A 388 45.04 -1.18 -8.53
CA PHE A 388 45.31 -2.20 -9.58
C PHE A 388 45.61 -3.56 -8.91
N ASN A 389 46.51 -3.52 -7.92
CA ASN A 389 46.92 -4.71 -7.15
C ASN A 389 45.69 -5.28 -6.44
N TYR A 390 44.92 -4.43 -5.75
CA TYR A 390 43.71 -4.88 -5.01
C TYR A 390 42.73 -5.53 -5.99
N THR A 391 42.39 -4.84 -7.09
CA THR A 391 41.36 -5.32 -8.03
C THR A 391 41.74 -6.70 -8.53
N CYS A 392 42.99 -6.90 -8.93
CA CYS A 392 43.38 -8.10 -9.70
C CYS A 392 43.69 -9.24 -8.72
N ASP A 393 44.13 -8.92 -7.51
CA ASP A 393 44.24 -9.85 -6.36
C ASP A 393 42.85 -10.38 -5.97
N HIS A 394 41.88 -9.48 -5.73
CA HIS A 394 40.49 -9.86 -5.38
C HIS A 394 39.95 -10.88 -6.39
N GLN A 395 40.19 -10.62 -7.68
CA GLN A 395 39.61 -11.40 -8.79
C GLN A 395 40.15 -12.83 -8.76
N ILE A 396 41.48 -12.97 -8.70
CA ILE A 396 42.13 -14.32 -8.77
C ILE A 396 41.81 -15.10 -7.50
N ASP A 397 41.59 -14.43 -6.37
CA ASP A 397 41.16 -15.09 -5.11
C ASP A 397 39.73 -15.60 -5.26
N SER A 398 38.83 -14.77 -5.80
CA SER A 398 37.42 -15.13 -6.13
C SER A 398 37.42 -16.40 -6.99
N PHE A 399 38.11 -16.36 -8.13
CA PHE A 399 38.07 -17.44 -9.15
C PHE A 399 38.70 -18.72 -8.59
N SER A 400 39.77 -18.60 -7.78
CA SER A 400 40.45 -19.78 -7.17
C SER A 400 39.52 -20.48 -6.18
N ASP A 401 38.76 -19.71 -5.38
CA ASP A 401 37.69 -20.23 -4.48
C ASP A 401 36.59 -20.93 -5.30
N PHE A 402 36.16 -20.32 -6.40
CA PHE A 402 35.10 -20.89 -7.27
C PHE A 402 35.58 -22.25 -7.80
N VAL A 403 36.82 -22.31 -8.29
CA VAL A 403 37.43 -23.55 -8.85
C VAL A 403 37.49 -24.59 -7.72
N ALA A 404 37.89 -24.19 -6.51
CA ALA A 404 37.99 -25.08 -5.32
C ALA A 404 36.62 -25.72 -5.03
N MET A 405 35.52 -25.00 -5.26
CA MET A 405 34.15 -25.48 -4.95
C MET A 405 33.79 -26.68 -5.83
N HIS A 406 34.34 -26.76 -7.05
CA HIS A 406 34.14 -27.90 -8.00
C HIS A 406 34.59 -29.22 -7.36
N TYR A 407 35.64 -29.17 -6.55
CA TYR A 407 36.24 -30.33 -5.84
C TYR A 407 35.49 -30.56 -4.52
N ALA A 408 35.31 -29.49 -3.75
CA ALA A 408 34.89 -29.51 -2.34
C ALA A 408 33.55 -30.24 -2.17
N TYR A 409 32.65 -30.06 -3.14
CA TYR A 409 31.23 -30.51 -3.07
C TYR A 409 31.04 -31.81 -3.87
N SER A 410 32.09 -32.37 -4.47
CA SER A 410 32.02 -33.67 -5.17
C SER A 410 31.59 -34.75 -4.17
N MET A 411 30.98 -35.82 -4.70
CA MET A 411 30.63 -37.02 -3.90
C MET A 411 31.79 -38.03 -3.91
N ARG A 412 32.79 -37.82 -4.78
CA ARG A 412 33.90 -38.78 -4.97
C ARG A 412 34.75 -38.91 -3.68
N THR A 413 34.91 -40.15 -3.21
CA THR A 413 35.88 -40.49 -2.13
C THR A 413 36.62 -41.78 -2.53
N ASP A 414 36.73 -42.04 -3.83
CA ASP A 414 37.15 -43.36 -4.39
C ASP A 414 38.68 -43.46 -4.45
N THR A 415 39.41 -42.34 -4.37
CA THR A 415 40.89 -42.33 -4.28
C THR A 415 41.30 -41.44 -3.13
N PRO A 416 42.55 -41.53 -2.65
CA PRO A 416 43.05 -40.63 -1.62
C PRO A 416 42.95 -39.16 -2.04
N TYR A 417 43.13 -38.87 -3.33
CA TYR A 417 43.02 -37.50 -3.89
C TYR A 417 41.62 -36.95 -3.63
N TRP A 418 40.59 -37.73 -3.97
CA TRP A 418 39.16 -37.30 -3.86
C TRP A 418 38.73 -37.34 -2.39
N LYS A 419 39.25 -38.29 -1.61
CA LYS A 419 39.00 -38.33 -0.14
C LYS A 419 39.54 -37.03 0.46
N TRP A 420 40.70 -36.54 -0.01
CA TRP A 420 41.31 -35.29 0.50
C TRP A 420 40.42 -34.11 0.13
N CYS A 421 40.00 -34.04 -1.14
CA CYS A 421 39.25 -32.89 -1.71
C CYS A 421 37.91 -32.72 -0.98
N THR A 422 37.24 -33.82 -0.63
CA THR A 422 35.79 -33.85 -0.24
C THR A 422 35.60 -34.06 1.26
N GLN A 423 36.60 -34.62 1.98
CA GLN A 423 36.39 -35.12 3.36
C GLN A 423 37.44 -34.61 4.33
N MET A 424 38.59 -34.12 3.85
CA MET A 424 39.74 -33.74 4.73
C MET A 424 40.02 -32.24 4.61
N CYS A 425 40.23 -31.72 3.41
CA CYS A 425 40.56 -30.28 3.16
C CYS A 425 39.49 -29.37 3.77
N ASN A 426 39.91 -28.40 4.60
CA ASN A 426 39.03 -27.35 5.19
C ASN A 426 39.13 -26.08 4.35
N TYR A 427 38.04 -25.71 3.67
CA TYR A 427 38.03 -24.61 2.68
C TYR A 427 37.66 -23.27 3.33
N MET A 428 37.32 -23.27 4.61
CA MET A 428 36.74 -22.10 5.34
C MET A 428 37.53 -21.83 6.60
N PRO A 429 38.89 -21.88 6.58
CA PRO A 429 39.69 -21.84 7.80
C PRO A 429 39.44 -20.56 8.61
N GLU A 430 39.31 -19.41 7.94
CA GLU A 430 39.20 -18.09 8.62
C GLU A 430 37.80 -17.88 9.20
N SER A 431 36.82 -18.70 8.79
CA SER A 431 35.37 -18.42 8.95
C SER A 431 34.94 -18.41 10.43
N MET A 432 35.63 -19.13 11.32
CA MET A 432 35.23 -19.28 12.74
C MET A 432 35.83 -18.13 13.56
N GLY A 433 36.68 -17.27 12.95
CA GLY A 433 37.23 -16.07 13.61
C GLY A 433 36.17 -14.99 13.80
N PRO A 434 36.51 -13.87 14.48
CA PRO A 434 35.53 -12.82 14.78
C PRO A 434 35.30 -11.79 13.65
N HIS A 435 36.20 -11.73 12.66
CA HIS A 435 36.27 -10.69 11.60
C HIS A 435 35.61 -11.17 10.31
N ARG A 436 35.02 -10.26 9.54
CA ARG A 436 34.51 -10.53 8.17
C ARG A 436 35.67 -10.65 7.18
N GLN A 437 35.62 -11.67 6.33
CA GLN A 437 36.65 -11.97 5.31
C GLN A 437 36.32 -11.21 4.03
N LYS A 438 37.34 -10.72 3.33
CA LYS A 438 37.18 -10.17 1.96
C LYS A 438 36.61 -11.26 1.06
N GLN A 439 37.17 -12.47 1.11
CA GLN A 439 36.68 -13.63 0.34
C GLN A 439 35.79 -14.48 1.26
N SER A 440 34.47 -14.34 1.14
CA SER A 440 33.48 -14.96 2.04
C SER A 440 32.40 -15.72 1.27
N THR A 441 32.68 -16.30 0.10
CA THR A 441 31.63 -17.02 -0.69
C THR A 441 31.33 -18.36 0.00
N TRP A 442 32.33 -19.07 0.49
CA TRP A 442 32.17 -20.30 1.32
C TRP A 442 31.22 -20.00 2.49
N GLN A 443 31.50 -18.95 3.27
CA GLN A 443 30.69 -18.55 4.45
C GLN A 443 29.27 -18.23 4.00
N ASP A 444 29.13 -17.50 2.89
CA ASP A 444 27.84 -16.92 2.44
C ASP A 444 26.97 -18.03 1.86
N LEU A 445 27.57 -18.93 1.09
CA LEU A 445 26.87 -20.09 0.48
C LEU A 445 26.37 -21.00 1.61
N SER A 446 27.17 -21.16 2.66
CA SER A 446 26.85 -22.04 3.82
C SER A 446 25.64 -21.46 4.54
N THR A 447 25.67 -20.15 4.79
CA THR A 447 24.56 -19.35 5.39
C THR A 447 23.31 -19.44 4.53
N ASP A 448 23.44 -19.30 3.21
CA ASP A 448 22.29 -19.25 2.28
C ASP A 448 21.61 -20.63 2.26
N THR A 449 22.39 -21.71 2.19
CA THR A 449 21.91 -23.10 1.98
C THR A 449 21.42 -23.68 3.31
N ILE A 450 22.33 -23.91 4.26
CA ILE A 450 21.98 -24.55 5.57
C ILE A 450 21.16 -23.56 6.41
N GLY A 451 21.54 -22.28 6.44
CA GLY A 451 20.90 -21.26 7.29
C GLY A 451 19.51 -20.87 6.82
N LEU A 452 19.41 -20.40 5.57
CA LEU A 452 18.22 -19.75 4.95
C LEU A 452 17.51 -20.66 3.92
N ASN A 453 18.08 -21.83 3.59
CA ASN A 453 17.51 -22.86 2.69
C ASN A 453 17.17 -22.23 1.32
N THR A 454 18.09 -21.46 0.75
CA THR A 454 17.87 -20.65 -0.47
C THR A 454 19.14 -20.58 -1.31
N TRP A 455 18.97 -20.44 -2.64
CA TRP A 455 20.00 -19.93 -3.57
C TRP A 455 19.70 -18.47 -3.86
N HIS A 456 20.57 -17.84 -4.65
CA HIS A 456 20.56 -16.39 -4.95
C HIS A 456 21.24 -16.18 -6.29
N ILE A 457 20.81 -15.19 -7.08
CA ILE A 457 21.47 -14.81 -8.37
C ILE A 457 22.91 -14.33 -8.05
N ASN A 458 23.20 -13.92 -6.81
CA ASN A 458 24.55 -13.55 -6.32
C ASN A 458 25.53 -14.73 -6.38
N HIS A 459 25.07 -15.95 -6.67
CA HIS A 459 25.93 -17.16 -6.80
C HIS A 459 26.36 -17.35 -8.27
N ASN A 460 26.33 -16.30 -9.09
CA ASN A 460 26.59 -16.37 -10.56
C ASN A 460 27.65 -17.43 -10.84
N GLY A 461 27.24 -18.68 -11.06
CA GLY A 461 28.15 -19.77 -11.48
C GLY A 461 28.16 -20.91 -10.49
N ILE A 462 28.24 -20.60 -9.20
CA ILE A 462 28.19 -21.60 -8.08
C ILE A 462 26.96 -22.45 -8.26
N SER A 463 25.83 -21.84 -8.64
CA SER A 463 24.52 -22.52 -8.77
C SER A 463 24.65 -23.71 -9.74
N PHE A 464 25.32 -23.55 -10.87
CA PHE A 464 25.45 -24.63 -11.91
C PHE A 464 26.26 -25.79 -11.34
N ILE A 465 27.29 -25.47 -10.55
CA ILE A 465 28.28 -26.45 -10.03
C ILE A 465 27.65 -27.29 -8.92
N ILE A 466 27.06 -26.66 -7.89
CA ILE A 466 26.45 -27.40 -6.74
C ILE A 466 25.17 -28.10 -7.20
N ALA A 467 24.45 -27.55 -8.18
CA ALA A 467 23.30 -28.23 -8.85
C ALA A 467 23.78 -29.54 -9.48
N GLY A 468 24.84 -29.48 -10.28
CA GLY A 468 25.44 -30.64 -10.98
C GLY A 468 26.02 -31.66 -10.02
N HIS A 469 26.45 -31.24 -8.83
CA HIS A 469 26.98 -32.13 -7.77
C HIS A 469 25.83 -32.75 -6.97
N GLY A 470 24.58 -32.36 -7.27
CA GLY A 470 23.36 -32.99 -6.73
C GLY A 470 22.85 -32.30 -5.47
N LEU A 471 23.14 -31.01 -5.30
CA LEU A 471 22.60 -30.22 -4.16
C LEU A 471 21.38 -29.43 -4.63
N ARG A 472 20.48 -29.13 -3.69
CA ARG A 472 19.25 -28.32 -3.86
C ARG A 472 19.14 -27.29 -2.74
N PRO A 473 18.53 -26.10 -2.97
CA PRO A 473 18.39 -25.08 -1.93
C PRO A 473 17.58 -25.58 -0.72
N GLN A 474 16.47 -26.29 -0.98
CA GLN A 474 15.74 -27.08 0.03
C GLN A 474 15.93 -28.56 -0.32
N SER A 475 16.52 -29.34 0.58
CA SER A 475 16.98 -30.72 0.30
C SER A 475 15.80 -31.70 0.27
N TYR A 476 14.67 -31.37 0.90
CA TYR A 476 13.45 -32.21 0.98
C TYR A 476 12.19 -31.35 0.91
N ASP A 477 11.11 -31.90 0.33
CA ASP A 477 9.90 -31.13 -0.05
C ASP A 477 9.10 -30.73 1.20
N LYS A 478 9.11 -31.57 2.24
CA LYS A 478 8.35 -31.36 3.50
C LYS A 478 8.76 -30.01 4.10
N LEU A 479 9.98 -29.56 3.81
CA LEU A 479 10.57 -28.29 4.30
C LEU A 479 9.87 -27.10 3.63
N SER A 480 9.75 -27.17 2.30
CA SER A 480 8.98 -26.21 1.44
C SER A 480 7.53 -26.12 1.91
N GLU A 481 6.87 -27.28 2.05
CA GLU A 481 5.45 -27.47 2.49
C GLU A 481 5.19 -26.63 3.74
N VAL A 482 6.09 -26.73 4.74
CA VAL A 482 5.91 -26.17 6.11
C VAL A 482 5.97 -24.65 6.05
N LEU A 483 6.77 -24.08 5.13
CA LEU A 483 6.91 -22.60 4.99
C LEU A 483 5.66 -21.99 4.31
N LEU A 484 4.94 -22.75 3.48
CA LEU A 484 3.66 -22.30 2.84
C LEU A 484 2.52 -22.29 3.86
N LYS A 485 2.66 -23.06 4.94
CA LYS A 485 1.55 -23.37 5.86
C LYS A 485 1.14 -22.13 6.66
N ARG A 486 2.02 -21.14 6.87
CA ARG A 486 1.66 -19.92 7.66
C ARG A 486 0.38 -19.29 7.08
N ASN A 487 0.46 -18.81 5.83
CA ASN A 487 -0.62 -18.02 5.15
C ASN A 487 -1.41 -18.96 4.23
N ASN A 488 -1.62 -20.22 4.62
CA ASN A 488 -2.40 -21.27 3.89
C ASN A 488 -2.16 -21.15 2.38
N GLU A 489 -0.90 -21.16 1.94
CA GLU A 489 -0.51 -21.02 0.51
C GLU A 489 -0.21 -22.40 -0.08
N SER A 490 -0.12 -22.49 -1.41
CA SER A 490 -0.25 -23.78 -2.15
C SER A 490 0.83 -23.90 -3.23
N ASP A 491 1.29 -25.12 -3.44
CA ASP A 491 2.32 -25.48 -4.45
C ASP A 491 1.66 -26.13 -5.67
N TYR A 492 0.33 -26.29 -5.69
CA TYR A 492 -0.36 -27.09 -6.74
C TYR A 492 0.14 -26.65 -8.12
N TYR A 493 0.42 -25.36 -8.34
CA TYR A 493 0.80 -24.76 -9.66
C TYR A 493 2.14 -25.34 -10.19
N TYR A 494 2.87 -26.10 -9.37
CA TYR A 494 4.13 -26.77 -9.78
C TYR A 494 3.82 -27.88 -10.78
N GLU A 495 2.65 -28.53 -10.67
CA GLU A 495 2.16 -29.54 -11.66
C GLU A 495 2.19 -28.91 -13.06
N ASP A 496 1.75 -27.65 -13.16
CA ASP A 496 1.68 -26.90 -14.44
C ASP A 496 3.09 -26.45 -14.87
N ILE A 497 3.93 -26.00 -13.93
CA ILE A 497 5.33 -25.61 -14.25
C ILE A 497 6.01 -26.84 -14.85
N ARG A 498 5.83 -28.01 -14.23
CA ARG A 498 6.41 -29.30 -14.66
C ARG A 498 5.97 -29.63 -16.09
N LYS A 499 4.66 -29.82 -16.29
CA LYS A 499 4.05 -30.21 -17.60
C LYS A 499 4.47 -29.19 -18.66
N ASP A 500 4.32 -27.89 -18.38
CA ASP A 500 4.61 -26.79 -19.33
C ASP A 500 6.09 -26.82 -19.70
N TRP A 501 6.98 -26.95 -18.72
CA TRP A 501 8.45 -26.95 -18.98
C TRP A 501 8.84 -28.20 -19.77
N LEU A 502 8.41 -29.39 -19.33
CA LEU A 502 8.75 -30.67 -20.03
C LEU A 502 8.32 -30.55 -21.49
N LYS A 503 7.17 -29.92 -21.75
CA LYS A 503 6.69 -29.67 -23.13
C LYS A 503 7.68 -28.74 -23.81
N HIS A 504 8.06 -27.63 -23.16
CA HIS A 504 8.97 -26.60 -23.74
C HIS A 504 10.33 -27.24 -24.07
N TYR A 505 10.84 -28.12 -23.21
CA TYR A 505 12.11 -28.86 -23.43
C TYR A 505 11.97 -29.70 -24.70
N GLU A 506 10.97 -30.59 -24.76
CA GLU A 506 10.79 -31.56 -25.89
C GLU A 506 10.78 -30.78 -27.20
N SER A 507 10.12 -29.63 -27.26
CA SER A 507 9.98 -28.83 -28.51
C SER A 507 11.25 -28.01 -28.76
N MET A 508 12.00 -27.67 -27.71
CA MET A 508 13.26 -26.91 -27.82
C MET A 508 14.34 -27.80 -28.43
N VAL A 509 14.36 -29.08 -28.06
CA VAL A 509 15.33 -30.08 -28.59
C VAL A 509 15.03 -30.27 -30.07
N GLU A 510 13.74 -30.37 -30.43
CA GLU A 510 13.28 -30.56 -31.83
C GLU A 510 13.76 -29.36 -32.68
N TYR A 511 13.63 -28.13 -32.18
CA TYR A 511 14.03 -26.91 -32.94
C TYR A 511 15.56 -26.89 -33.12
N VAL A 512 16.27 -27.18 -32.03
CA VAL A 512 17.76 -27.13 -31.96
C VAL A 512 18.34 -28.16 -32.94
N LYS A 513 17.62 -29.28 -33.18
CA LYS A 513 18.04 -30.34 -34.12
C LYS A 513 17.92 -29.88 -35.59
N THR A 514 17.18 -28.80 -35.88
CA THR A 514 17.08 -28.23 -37.26
C THR A 514 18.26 -27.28 -37.50
N LEU A 515 18.99 -26.91 -36.46
CA LEU A 515 20.11 -25.93 -36.55
C LEU A 515 21.34 -26.63 -37.11
N PRO A 516 22.25 -25.90 -37.80
CA PRO A 516 23.53 -26.47 -38.20
C PRO A 516 24.36 -26.95 -37.00
N THR A 517 25.16 -28.01 -37.20
CA THR A 517 26.14 -28.52 -36.21
C THR A 517 27.30 -27.54 -36.14
N HIS A 518 28.02 -27.54 -35.01
CA HIS A 518 29.24 -26.73 -34.77
C HIS A 518 30.15 -26.75 -36.00
N TYR A 519 30.46 -27.93 -36.52
CA TYR A 519 31.41 -28.12 -37.65
C TYR A 519 30.81 -27.46 -38.90
N GLU A 520 29.54 -27.76 -39.20
CA GLU A 520 28.80 -27.17 -40.36
C GLU A 520 28.87 -25.65 -40.26
N PHE A 521 28.56 -25.08 -39.09
CA PHE A 521 28.54 -23.61 -38.88
C PHE A 521 29.92 -23.04 -39.19
N LEU A 522 30.98 -23.63 -38.61
CA LEU A 522 32.38 -23.15 -38.79
C LEU A 522 32.74 -23.22 -40.29
N ARG A 523 32.39 -24.34 -40.93
CA ARG A 523 32.74 -24.62 -42.35
C ARG A 523 32.10 -23.55 -43.24
N ASP A 524 30.82 -23.22 -43.00
CA ASP A 524 30.00 -22.36 -43.88
C ASP A 524 30.21 -20.88 -43.52
N GLU A 525 30.32 -20.53 -42.23
CA GLU A 525 30.32 -19.13 -41.75
C GLU A 525 31.75 -18.57 -41.59
N ILE A 526 32.73 -19.38 -41.18
CA ILE A 526 34.08 -18.88 -40.76
C ILE A 526 35.15 -19.36 -41.76
N TYR A 527 35.28 -20.67 -41.95
CA TYR A 527 36.40 -21.27 -42.71
C TYR A 527 36.08 -21.31 -44.22
N GLY A 528 35.15 -22.17 -44.63
CA GLY A 528 34.99 -22.64 -46.03
C GLY A 528 35.97 -23.76 -46.45
N SER A 529 36.16 -24.82 -45.64
CA SER A 529 37.27 -25.80 -45.83
C SER A 529 37.38 -26.25 -47.29
N VAL B 2 24.17 8.32 39.95
CA VAL B 2 24.60 7.82 38.58
C VAL B 2 24.31 8.86 37.47
N LYS B 3 23.08 9.34 37.32
CA LYS B 3 22.53 10.24 36.27
C LYS B 3 23.30 11.55 36.15
N ILE B 4 23.53 12.06 34.94
CA ILE B 4 24.16 13.39 34.69
C ILE B 4 23.12 14.47 35.02
N GLU B 5 23.26 15.15 36.16
CA GLU B 5 22.36 16.27 36.55
C GLU B 5 23.08 17.60 36.34
N SER B 6 24.38 17.65 36.60
CA SER B 6 25.19 18.87 36.47
C SER B 6 26.37 18.62 35.54
N VAL B 7 26.78 19.66 34.82
CA VAL B 7 27.86 19.61 33.79
C VAL B 7 28.80 20.78 34.03
N ALA B 8 30.11 20.52 34.03
CA ALA B 8 31.20 21.53 34.07
C ALA B 8 31.95 21.49 32.72
N ILE B 9 31.79 22.53 31.91
CA ILE B 9 32.54 22.70 30.63
C ILE B 9 33.81 23.49 30.93
N VAL B 10 34.99 22.93 30.65
CA VAL B 10 36.27 23.65 30.78
C VAL B 10 36.69 24.13 29.39
N GLY B 11 36.86 25.46 29.24
CA GLY B 11 37.19 26.11 27.96
C GLY B 11 36.03 26.96 27.46
N GLY B 12 36.32 28.15 26.96
CA GLY B 12 35.31 29.12 26.53
C GLY B 12 35.57 29.68 25.15
N GLY B 13 35.92 28.84 24.17
CA GLY B 13 36.02 29.27 22.76
C GLY B 13 34.66 29.10 22.10
N SER B 14 34.64 28.88 20.79
CA SER B 14 33.46 28.36 20.07
C SER B 14 32.98 27.08 20.77
N SER B 15 33.85 26.08 20.90
CA SER B 15 33.54 24.73 21.44
C SER B 15 32.85 24.85 22.81
N GLY B 16 33.40 25.67 23.70
CA GLY B 16 32.88 25.82 25.07
C GLY B 16 31.46 26.34 25.03
N TRP B 17 31.24 27.45 24.32
CA TRP B 17 29.95 28.17 24.31
C TRP B 17 28.94 27.47 23.40
N MET B 18 29.41 26.82 22.34
CA MET B 18 28.56 25.96 21.47
C MET B 18 27.95 24.85 22.34
N THR B 19 28.78 24.24 23.19
CA THR B 19 28.36 23.16 24.14
C THR B 19 27.41 23.75 25.20
N ALA B 20 27.80 24.85 25.84
CA ALA B 20 26.98 25.52 26.89
C ALA B 20 25.59 25.88 26.33
N ALA B 21 25.54 26.53 25.16
CA ALA B 21 24.30 27.00 24.50
C ALA B 21 23.38 25.81 24.20
N ALA B 22 23.89 24.81 23.46
CA ALA B 22 23.17 23.57 23.06
C ALA B 22 22.58 22.89 24.31
N LEU B 23 23.41 22.59 25.30
CA LEU B 23 23.00 21.89 26.55
C LEU B 23 21.95 22.75 27.28
N SER B 24 22.17 24.06 27.42
CA SER B 24 21.27 24.98 28.18
C SER B 24 19.87 25.01 27.54
N LYS B 25 19.80 24.93 26.20
CA LYS B 25 18.56 25.06 25.41
C LYS B 25 17.90 23.68 25.22
N LEU B 26 18.64 22.65 24.81
CA LEU B 26 18.09 21.33 24.43
C LEU B 26 18.04 20.37 25.64
N CYS B 27 18.71 20.68 26.75
CA CYS B 27 18.76 19.83 27.97
C CYS B 27 18.48 20.71 29.20
N PRO B 28 17.27 21.30 29.28
CA PRO B 28 16.95 22.26 30.35
C PRO B 28 17.05 21.66 31.76
N GLN B 29 16.92 20.34 31.90
CA GLN B 29 17.04 19.60 33.19
C GLN B 29 18.44 19.76 33.78
N LEU B 30 19.47 20.05 32.96
CA LEU B 30 20.89 20.13 33.41
C LEU B 30 21.15 21.46 34.13
N GLU B 31 21.90 21.39 35.22
CA GLU B 31 22.68 22.51 35.82
C GLU B 31 24.01 22.57 35.05
N ILE B 32 24.35 23.73 34.49
CA ILE B 32 25.57 23.89 33.63
C ILE B 32 26.45 25.01 34.17
N ALA B 33 27.75 24.77 34.26
CA ALA B 33 28.79 25.80 34.52
C ALA B 33 29.83 25.73 33.40
N LEU B 34 30.37 26.88 33.00
CA LEU B 34 31.50 26.97 32.05
C LEU B 34 32.67 27.71 32.71
N ILE B 35 33.82 27.02 32.80
CA ILE B 35 35.09 27.54 33.39
C ILE B 35 35.96 28.05 32.24
N GLU B 36 36.30 29.33 32.30
CA GLU B 36 37.05 30.06 31.24
C GLU B 36 38.15 30.83 31.95
N ASP B 37 39.39 30.80 31.43
CA ASP B 37 40.57 31.52 31.99
C ASP B 37 40.58 32.92 31.40
N PRO B 38 40.34 33.99 32.20
CA PRO B 38 40.37 35.34 31.69
C PRO B 38 41.69 35.68 30.94
N ASN B 39 42.82 35.18 31.45
CA ASN B 39 44.19 35.67 31.16
C ASN B 39 44.74 34.98 29.90
N ILE B 40 43.96 34.79 28.84
CA ILE B 40 44.38 34.02 27.63
C ILE B 40 43.98 34.70 26.31
N VAL B 45 39.65 34.38 15.15
CA VAL B 45 40.27 33.81 13.90
C VAL B 45 39.19 33.10 13.05
N GLY B 46 39.25 33.33 11.75
CA GLY B 46 38.19 32.91 10.82
C GLY B 46 38.20 31.41 10.62
N GLU B 47 37.03 30.79 10.46
CA GLU B 47 36.87 29.36 10.13
C GLU B 47 35.62 29.16 9.27
N SER B 48 35.67 28.23 8.31
CA SER B 48 34.52 27.86 7.44
C SER B 48 33.84 26.60 8.01
N THR B 49 32.55 26.46 7.74
CA THR B 49 31.66 25.42 8.28
C THR B 49 31.22 24.50 7.13
N LEU B 50 30.56 23.40 7.48
CA LEU B 50 29.90 22.47 6.52
C LEU B 50 28.40 22.75 6.51
N GLY B 51 27.67 22.02 5.66
CA GLY B 51 26.21 21.87 5.73
C GLY B 51 25.75 21.48 7.12
N HIS B 52 26.43 20.52 7.74
CA HIS B 52 26.18 19.98 9.11
C HIS B 52 25.83 21.12 10.07
N PHE B 53 26.53 22.25 9.95
CA PHE B 53 26.42 23.46 10.82
C PHE B 53 24.99 24.00 10.80
N ASN B 54 24.28 23.86 9.67
CA ASN B 54 22.89 24.33 9.51
C ASN B 54 21.99 23.59 10.52
N LYS B 55 22.20 22.29 10.73
CA LYS B 55 21.43 21.48 11.70
C LYS B 55 21.60 22.08 13.11
N PHE B 56 22.84 22.41 13.47
CA PHE B 56 23.17 23.03 14.78
C PHE B 56 22.39 24.34 14.90
N LEU B 57 22.51 25.21 13.90
CA LEU B 57 21.84 26.54 13.90
C LEU B 57 20.33 26.35 14.05
N HIS B 58 19.75 25.40 13.30
CA HIS B 58 18.29 25.11 13.28
C HIS B 58 17.85 24.60 14.66
N LEU B 59 18.66 23.74 15.29
CA LEU B 59 18.40 23.18 16.65
C LEU B 59 18.38 24.31 17.69
N LEU B 60 19.14 25.39 17.48
CA LEU B 60 19.23 26.54 18.43
C LEU B 60 18.32 27.69 18.00
N ASP B 61 17.57 27.54 16.89
CA ASP B 61 16.59 28.52 16.34
C ASP B 61 17.28 29.81 15.91
N LEU B 62 18.55 29.74 15.48
CA LEU B 62 19.35 30.93 15.13
C LEU B 62 19.04 31.32 13.69
N LYS B 63 18.47 32.51 13.48
CA LYS B 63 18.20 33.11 12.14
C LYS B 63 19.47 33.85 11.66
N ASP B 64 19.85 33.65 10.39
CA ASP B 64 21.04 34.28 9.73
C ASP B 64 21.11 35.78 10.06
N GLU B 65 19.97 36.48 10.00
CA GLU B 65 19.84 37.95 10.21
C GLU B 65 20.47 38.33 11.55
N ASP B 66 20.30 37.49 12.56
CA ASP B 66 20.58 37.82 13.99
C ASP B 66 22.06 37.59 14.35
N TRP B 67 22.60 36.40 14.03
CA TRP B 67 23.92 35.94 14.52
C TRP B 67 25.05 36.32 13.53
N MET B 68 24.77 36.39 12.23
CA MET B 68 25.84 36.56 11.22
C MET B 68 26.59 37.89 11.45
N PRO B 69 25.89 39.03 11.60
CA PRO B 69 26.58 40.31 11.80
C PRO B 69 27.37 40.37 13.11
N ALA B 70 26.93 39.64 14.14
CA ALA B 70 27.57 39.63 15.48
C ALA B 70 28.95 38.95 15.44
N CYS B 71 29.29 38.21 14.38
CA CYS B 71 30.61 37.55 14.26
C CYS B 71 31.18 37.64 12.84
N ASN B 72 30.97 38.78 12.16
CA ASN B 72 31.58 39.11 10.85
C ASN B 72 31.41 37.95 9.88
N ALA B 73 30.27 37.25 9.95
CA ALA B 73 30.03 36.03 9.16
C ALA B 73 29.75 36.44 7.72
N THR B 74 30.14 35.59 6.78
CA THR B 74 29.72 35.65 5.36
C THR B 74 29.22 34.26 4.97
N TYR B 75 28.67 34.15 3.76
CA TYR B 75 28.06 32.90 3.21
C TYR B 75 29.12 32.12 2.44
N LYS B 76 28.89 30.81 2.35
CA LYS B 76 29.79 29.83 1.70
C LYS B 76 28.98 28.79 0.94
N ASN B 77 29.16 28.72 -0.38
CA ASN B 77 28.36 27.86 -1.29
C ASN B 77 29.20 26.68 -1.82
N SER B 78 30.52 26.71 -1.63
CA SER B 78 31.46 25.75 -2.23
C SER B 78 32.82 25.81 -1.53
N ILE B 79 33.56 24.70 -1.54
CA ILE B 79 35.04 24.68 -1.34
C ILE B 79 35.68 24.69 -2.73
N ARG B 80 36.57 25.64 -2.96
CA ARG B 80 37.32 25.80 -4.24
C ARG B 80 38.73 25.26 -4.04
N PHE B 81 39.23 24.47 -5.00
CA PHE B 81 40.59 23.89 -5.00
C PHE B 81 41.38 24.49 -6.17
N THR B 82 42.19 25.49 -5.85
CA THR B 82 43.20 26.10 -6.76
C THR B 82 44.52 25.36 -6.57
N ASN B 83 45.16 24.99 -7.68
CA ASN B 83 46.59 24.54 -7.77
C ASN B 83 46.76 23.09 -7.31
N PHE B 84 45.68 22.32 -7.13
CA PHE B 84 45.71 20.98 -6.48
C PHE B 84 45.92 19.83 -7.48
N ARG B 85 45.45 19.95 -8.71
CA ARG B 85 45.53 18.84 -9.70
C ARG B 85 46.95 18.72 -10.22
N GLU B 86 47.50 19.84 -10.70
CA GLU B 86 48.71 19.85 -11.57
C GLU B 86 49.68 20.98 -11.19
N GLY B 87 49.30 21.86 -10.26
CA GLY B 87 50.12 22.98 -9.76
C GLY B 87 50.30 24.09 -10.79
N LYS B 88 49.25 24.44 -11.53
CA LYS B 88 49.30 25.45 -12.62
C LYS B 88 48.08 26.38 -12.55
N GLY B 89 47.56 26.67 -11.35
CA GLY B 89 46.47 27.61 -11.10
C GLY B 89 45.10 27.08 -11.50
N GLU B 90 45.01 25.83 -11.98
CA GLU B 90 43.73 25.17 -12.34
C GLU B 90 42.84 25.10 -11.09
N VAL B 91 41.53 25.18 -11.31
CA VAL B 91 40.50 25.31 -10.23
C VAL B 91 39.41 24.25 -10.45
N PHE B 92 38.90 23.69 -9.36
CA PHE B 92 37.68 22.87 -9.36
C PHE B 92 36.95 23.11 -8.04
N GLU B 93 35.64 22.84 -8.03
CA GLU B 93 34.78 23.09 -6.86
C GLU B 93 34.29 21.75 -6.30
N TYR B 94 34.09 21.73 -4.99
CA TYR B 94 33.15 20.84 -4.26
C TYR B 94 32.03 21.74 -3.76
N PRO B 95 30.95 21.95 -4.56
CA PRO B 95 29.82 22.80 -4.15
C PRO B 95 28.91 22.05 -3.19
N PHE B 96 28.17 22.74 -2.33
CA PHE B 96 27.21 22.13 -1.36
C PHE B 96 25.95 21.69 -2.12
N GLY B 97 25.42 20.54 -1.72
CA GLY B 97 24.26 19.92 -2.38
C GLY B 97 23.92 18.60 -1.69
N PRO B 98 22.61 18.29 -1.53
CA PRO B 98 22.22 17.04 -0.88
C PRO B 98 22.61 15.88 -1.79
N SER B 99 22.37 16.05 -3.10
CA SER B 99 22.42 15.01 -4.15
C SER B 99 22.82 15.65 -5.48
N LEU B 100 23.37 14.83 -6.39
CA LEU B 100 23.72 15.18 -7.77
C LEU B 100 22.44 15.45 -8.56
N ASP B 101 22.33 16.62 -9.19
CA ASP B 101 21.24 16.93 -10.17
C ASP B 101 21.37 15.99 -11.38
N VAL B 102 20.36 15.16 -11.62
CA VAL B 102 20.38 14.09 -12.67
C VAL B 102 19.79 14.61 -13.99
N SER B 103 19.47 15.91 -14.09
CA SER B 103 18.65 16.50 -15.20
C SER B 103 19.20 16.14 -16.59
N PHE B 104 20.53 16.18 -16.80
CA PHE B 104 21.14 15.99 -18.15
C PHE B 104 21.78 14.61 -18.26
N PHE B 105 21.54 13.72 -17.29
CA PHE B 105 22.10 12.34 -17.28
C PHE B 105 21.38 11.49 -18.32
N SER B 106 22.13 10.75 -19.13
CA SER B 106 21.66 9.53 -19.85
C SER B 106 20.91 8.63 -18.86
N GLN B 107 19.71 8.17 -19.23
CA GLN B 107 18.92 7.17 -18.49
C GLN B 107 19.80 5.96 -18.16
N THR B 108 20.58 5.47 -19.15
CA THR B 108 21.32 4.19 -19.09
C THR B 108 22.66 4.39 -18.37
N ASP B 109 23.32 5.55 -18.52
CA ASP B 109 24.68 5.79 -17.97
C ASP B 109 24.64 6.49 -16.60
N GLY B 110 23.51 7.07 -16.20
CA GLY B 110 23.38 7.77 -14.90
C GLY B 110 24.56 8.69 -14.65
N ILE B 111 25.23 8.57 -13.50
CA ILE B 111 26.37 9.41 -13.02
C ILE B 111 27.57 9.40 -14.00
N ASN B 112 27.68 8.34 -14.81
CA ASN B 112 28.79 8.12 -15.77
C ASN B 112 28.61 8.98 -17.04
N THR B 113 27.50 9.72 -17.16
CA THR B 113 27.18 10.56 -18.33
C THR B 113 28.30 11.61 -18.51
N TRP B 114 28.63 12.35 -17.45
CA TRP B 114 29.63 13.45 -17.57
C TRP B 114 30.95 12.92 -18.14
N GLY B 115 31.44 11.79 -17.62
CA GLY B 115 32.67 11.12 -18.07
C GLY B 115 32.64 10.78 -19.55
N LYS B 116 31.54 10.25 -20.08
CA LYS B 116 31.41 9.93 -21.52
C LYS B 116 31.50 11.23 -22.33
N LEU B 117 30.83 12.31 -21.88
CA LEU B 117 30.91 13.65 -22.51
C LEU B 117 32.37 14.11 -22.57
N ALA B 118 33.09 13.97 -21.44
CA ALA B 118 34.52 14.36 -21.29
C ALA B 118 35.38 13.60 -22.31
N ASN B 119 35.09 12.31 -22.58
CA ASN B 119 35.86 11.47 -23.53
C ASN B 119 35.54 11.90 -24.97
N LYS B 120 34.26 12.08 -25.28
CA LYS B 120 33.76 12.39 -26.64
C LYS B 120 34.10 13.84 -27.02
N TYR B 121 33.98 14.78 -26.08
CA TYR B 121 34.06 16.24 -26.36
C TYR B 121 34.99 16.91 -25.35
N PRO B 122 36.30 16.57 -25.37
CA PRO B 122 37.25 17.03 -24.35
C PRO B 122 37.32 18.56 -24.22
N GLU B 123 37.33 19.27 -25.35
CA GLU B 123 37.43 20.75 -25.39
C GLU B 123 36.21 21.38 -24.70
N ASP B 124 35.05 20.72 -24.72
CA ASP B 124 33.79 21.26 -24.15
C ASP B 124 33.59 20.84 -22.69
N PHE B 125 34.31 19.81 -22.22
CA PHE B 125 34.07 19.19 -20.89
C PHE B 125 35.38 18.94 -20.15
N PRO B 126 36.18 20.00 -19.88
CA PRO B 126 37.33 19.87 -18.98
C PRO B 126 36.89 19.51 -17.57
N PRO B 127 37.81 19.05 -16.70
CA PRO B 127 37.46 18.63 -15.33
C PRO B 127 36.55 19.59 -14.53
N GLU B 128 36.69 20.91 -14.72
CA GLU B 128 35.89 21.90 -13.96
C GLU B 128 34.41 21.84 -14.35
N THR B 129 34.04 21.11 -15.40
CA THR B 129 32.65 21.05 -15.92
C THR B 129 31.82 19.99 -15.19
N PHE B 130 32.44 19.02 -14.50
CA PHE B 130 31.69 17.98 -13.75
C PHE B 130 30.76 18.67 -12.74
N ALA B 131 31.30 19.58 -11.95
CA ALA B 131 30.55 20.25 -10.86
C ALA B 131 29.37 21.03 -11.47
N ARG B 132 29.62 21.78 -12.54
CA ARG B 132 28.60 22.56 -13.29
C ARG B 132 27.52 21.62 -13.78
N PHE B 133 27.92 20.43 -14.23
CA PHE B 133 27.03 19.47 -14.91
C PHE B 133 26.17 18.73 -13.89
N VAL B 134 26.48 18.77 -12.59
CA VAL B 134 25.70 17.98 -11.58
C VAL B 134 25.18 18.86 -10.46
N ASN B 135 25.65 20.11 -10.34
CA ASN B 135 25.31 21.00 -9.21
C ASN B 135 25.34 22.45 -9.71
N SER B 136 24.22 23.15 -9.54
CA SER B 136 24.01 24.53 -10.03
C SER B 136 24.49 25.52 -8.97
N ASN B 137 24.59 25.07 -7.71
CA ASN B 137 25.21 25.85 -6.62
C ASN B 137 26.58 26.32 -7.13
N THR B 138 27.25 25.47 -7.93
CA THR B 138 28.53 25.75 -8.63
C THR B 138 28.53 27.13 -9.29
N TYR B 139 27.45 27.51 -9.97
CA TYR B 139 27.32 28.79 -10.70
C TYR B 139 27.34 29.98 -9.74
N LEU B 140 26.65 29.88 -8.60
CA LEU B 140 26.62 30.92 -7.55
C LEU B 140 28.07 31.14 -7.06
N ALA B 141 28.74 30.04 -6.72
CA ALA B 141 30.14 30.01 -6.24
C ALA B 141 31.04 30.64 -7.30
N GLU B 142 30.86 30.24 -8.55
CA GLU B 142 31.78 30.62 -9.67
C GLU B 142 31.64 32.11 -9.99
N HIS B 143 30.42 32.67 -10.00
CA HIS B 143 30.17 34.10 -10.35
C HIS B 143 29.95 34.94 -9.09
N ASN B 144 30.18 34.37 -7.89
CA ASN B 144 30.16 35.10 -6.60
C ASN B 144 28.78 35.78 -6.43
N ARG B 145 27.70 35.04 -6.66
CA ARG B 145 26.32 35.52 -6.57
C ARG B 145 25.59 34.73 -5.50
N LEU B 146 24.44 35.22 -5.05
CA LEU B 146 23.59 34.54 -4.05
C LEU B 146 22.12 34.91 -4.29
N THR B 147 21.22 33.99 -3.94
CA THR B 147 19.75 34.12 -4.09
C THR B 147 19.08 33.15 -3.13
N ARG B 148 17.87 33.47 -2.66
CA ARG B 148 17.08 32.53 -1.82
C ARG B 148 16.37 31.50 -2.71
N ASN B 149 16.36 31.73 -4.02
CA ASN B 149 15.91 30.72 -5.01
C ASN B 149 14.42 30.40 -4.75
N LYS B 150 13.64 31.41 -4.33
CA LYS B 150 12.20 31.33 -3.98
C LYS B 150 11.46 30.60 -5.11
N ASP B 151 11.47 31.14 -6.32
CA ASP B 151 11.20 30.42 -7.59
C ASP B 151 12.46 29.60 -7.90
N ASN B 152 12.32 28.28 -8.09
CA ASN B 152 13.46 27.30 -8.12
C ASN B 152 14.25 27.47 -9.41
N LYS B 153 14.70 28.70 -9.72
CA LYS B 153 15.37 29.07 -11.00
C LYS B 153 16.83 28.61 -10.97
N ILE B 154 17.37 28.29 -9.79
CA ILE B 154 18.66 27.53 -9.65
C ILE B 154 18.30 26.10 -9.26
N PRO B 155 18.44 25.13 -10.19
CA PRO B 155 17.95 23.76 -9.96
C PRO B 155 18.60 23.08 -8.76
N ASN B 156 17.79 22.46 -7.89
CA ASN B 156 18.23 21.51 -6.84
C ASN B 156 19.12 22.22 -5.80
N PHE B 157 18.90 23.53 -5.59
CA PHE B 157 19.59 24.38 -4.59
C PHE B 157 18.57 24.87 -3.56
N ASN B 158 18.86 24.64 -2.29
CA ASN B 158 18.00 25.03 -1.13
C ASN B 158 18.84 25.99 -0.26
N PHE B 159 18.57 27.30 -0.34
CA PHE B 159 19.38 28.37 0.29
C PHE B 159 19.72 28.00 1.74
N ASP B 160 18.71 27.70 2.57
CA ASP B 160 18.87 27.38 4.02
C ASP B 160 19.95 26.32 4.25
N TRP B 161 19.87 25.20 3.53
CA TRP B 161 20.61 23.94 3.84
C TRP B 161 21.82 23.73 2.92
N ASP B 162 21.83 24.29 1.70
CA ASP B 162 22.92 24.15 0.70
C ASP B 162 23.84 25.36 0.75
N THR B 163 23.60 26.30 1.67
CA THR B 163 24.54 27.42 1.95
C THR B 163 25.02 27.26 3.39
N ALA B 164 26.33 27.16 3.58
CA ALA B 164 27.02 27.22 4.88
C ALA B 164 27.65 28.61 5.06
N TYR B 165 28.62 28.76 5.97
CA TYR B 165 29.04 30.09 6.53
C TYR B 165 30.55 30.12 6.76
N HIS B 166 31.15 31.29 6.55
CA HIS B 166 32.46 31.72 7.11
C HIS B 166 32.18 32.53 8.38
N ILE B 167 32.81 32.18 9.50
CA ILE B 167 32.54 32.83 10.82
C ILE B 167 33.87 33.15 11.51
N ASP B 168 33.88 34.19 12.33
CA ASP B 168 34.88 34.40 13.40
C ASP B 168 34.40 33.55 14.59
N ALA B 169 35.09 32.45 14.88
CA ALA B 169 34.63 31.41 15.83
C ALA B 169 34.51 31.99 17.25
N GLU B 170 35.40 32.91 17.65
CA GLU B 170 35.42 33.46 19.03
C GLU B 170 34.19 34.34 19.22
N LEU B 171 33.90 35.20 18.24
CA LEU B 171 32.71 36.09 18.27
C LEU B 171 31.43 35.27 18.20
N PHE B 172 31.44 34.15 17.47
CA PHE B 172 30.30 33.22 17.39
C PHE B 172 30.01 32.69 18.79
N GLY B 173 31.06 32.26 19.50
CA GLY B 173 30.97 31.82 20.90
C GLY B 173 30.41 32.91 21.78
N GLN B 174 30.93 34.13 21.65
CA GLN B 174 30.50 35.32 22.42
C GLN B 174 29.01 35.56 22.18
N TYR B 175 28.50 35.28 20.99
CA TYR B 175 27.07 35.48 20.66
C TYR B 175 26.25 34.45 21.43
N LEU B 176 26.60 33.16 21.29
CA LEU B 176 25.91 32.03 21.96
C LEU B 176 25.89 32.28 23.48
N LYS B 177 26.98 32.82 24.01
CA LYS B 177 27.16 33.18 25.45
C LYS B 177 26.06 34.18 25.88
N GLU B 178 26.00 35.33 25.22
CA GLU B 178 25.17 36.48 25.64
C GLU B 178 23.68 36.20 25.36
N LYS B 179 23.38 35.51 24.25
CA LYS B 179 21.98 35.36 23.73
C LYS B 179 21.32 34.07 24.21
N ILE B 180 22.06 32.97 24.37
CA ILE B 180 21.48 31.63 24.69
C ILE B 180 21.97 31.15 26.05
N ALA B 181 23.28 30.99 26.25
CA ALA B 181 23.86 30.27 27.40
C ALA B 181 23.55 31.01 28.71
N LEU B 182 24.01 32.25 28.85
CA LEU B 182 23.87 33.00 30.13
C LEU B 182 22.39 33.19 30.45
N PRO B 183 21.56 33.71 29.53
CA PRO B 183 20.13 33.83 29.79
C PRO B 183 19.48 32.52 30.30
N ASN B 184 19.90 31.36 29.79
CA ASN B 184 19.40 30.02 30.19
C ASN B 184 20.09 29.53 31.49
N GLY B 185 20.86 30.38 32.16
CA GLY B 185 21.35 30.14 33.52
C GLY B 185 22.67 29.36 33.55
N VAL B 186 23.40 29.29 32.44
CA VAL B 186 24.78 28.74 32.45
C VAL B 186 25.60 29.62 33.39
N LYS B 187 26.23 29.02 34.39
CA LYS B 187 27.08 29.69 35.42
C LYS B 187 28.48 29.91 34.84
N HIS B 188 28.84 31.15 34.56
CA HIS B 188 30.17 31.57 34.07
C HIS B 188 31.13 31.65 35.24
N ILE B 189 32.18 30.82 35.25
CA ILE B 189 33.20 30.76 36.32
C ILE B 189 34.56 31.16 35.74
N GLN B 190 35.10 32.28 36.21
CA GLN B 190 36.40 32.83 35.76
C GLN B 190 37.50 32.16 36.57
N GLY B 191 38.42 31.45 35.93
CA GLY B 191 39.46 30.69 36.64
C GLY B 191 40.27 29.79 35.73
N LYS B 192 41.47 29.46 36.19
CA LYS B 192 42.41 28.50 35.55
C LYS B 192 42.25 27.16 36.26
N VAL B 193 41.92 26.10 35.52
CA VAL B 193 41.95 24.69 36.00
C VAL B 193 43.41 24.28 36.17
N THR B 194 43.85 23.99 37.40
CA THR B 194 45.26 23.71 37.76
C THR B 194 45.47 22.21 38.01
N GLY B 195 44.46 21.50 38.52
CA GLY B 195 44.58 20.09 38.90
C GLY B 195 43.24 19.40 39.04
N TYR B 196 43.25 18.20 39.64
CA TYR B 196 42.06 17.32 39.77
C TYR B 196 42.29 16.32 40.90
N GLN B 197 41.22 15.68 41.37
CA GLN B 197 41.22 14.59 42.39
C GLN B 197 40.33 13.48 41.83
N LYS B 198 40.87 12.27 41.70
CA LYS B 198 40.09 11.09 41.26
C LYS B 198 39.27 10.61 42.46
N GLU B 199 38.31 9.72 42.22
CA GLU B 199 37.37 9.25 43.26
C GLU B 199 38.11 8.32 44.23
N SER B 200 38.98 7.45 43.71
CA SER B 200 39.86 6.56 44.50
C SER B 200 41.01 6.07 43.62
N PRO B 201 42.07 5.46 44.21
CA PRO B 201 43.11 4.79 43.44
C PRO B 201 42.62 4.03 42.18
N ASN B 202 41.48 3.33 42.28
CA ASN B 202 40.95 2.43 41.23
C ASN B 202 39.76 3.05 40.49
N ASN B 203 38.99 3.92 41.13
CA ASN B 203 37.89 4.69 40.48
C ASN B 203 38.49 5.97 39.87
N HIS B 204 38.69 5.98 38.54
CA HIS B 204 39.33 7.07 37.79
C HIS B 204 38.37 8.20 37.39
N ASN B 205 37.16 8.26 37.93
CA ASN B 205 36.25 9.43 37.72
C ASN B 205 36.82 10.62 38.49
N PHE B 206 36.76 11.82 37.91
CA PHE B 206 37.04 13.08 38.64
C PHE B 206 36.03 13.16 39.78
N LYS B 207 36.50 13.30 41.01
CA LYS B 207 35.65 13.62 42.18
C LYS B 207 35.36 15.13 42.13
N TYR B 208 36.35 15.90 41.73
CA TYR B 208 36.26 17.35 41.41
C TYR B 208 37.49 17.75 40.60
N ILE B 209 37.47 18.93 39.98
CA ILE B 209 38.69 19.56 39.39
C ILE B 209 39.03 20.78 40.25
N ILE B 210 40.29 21.22 40.20
CA ILE B 210 40.80 22.34 41.04
C ILE B 210 40.95 23.59 40.16
N LEU B 211 40.47 24.72 40.69
CA LEU B 211 40.54 26.07 40.08
C LEU B 211 41.54 26.93 40.85
N ASP B 212 42.55 27.47 40.17
CA ASP B 212 43.55 28.41 40.75
C ASP B 212 44.18 27.79 42.01
N GLN B 213 44.48 26.49 41.97
CA GLN B 213 45.14 25.74 43.08
C GLN B 213 44.37 25.94 44.40
N GLU B 214 43.06 26.20 44.37
CA GLU B 214 42.26 26.49 45.59
C GLU B 214 40.86 25.84 45.52
N THR B 215 40.01 26.27 44.58
CA THR B 215 38.56 25.97 44.54
C THR B 215 38.28 24.66 43.78
N ALA B 216 37.51 23.76 44.41
CA ALA B 216 37.05 22.49 43.83
C ALA B 216 35.71 22.70 43.12
N ILE B 217 35.65 22.39 41.82
CA ILE B 217 34.39 22.38 41.02
C ILE B 217 33.88 20.94 40.97
N PHE B 218 32.68 20.72 41.50
CA PHE B 218 31.94 19.42 41.49
C PHE B 218 30.96 19.39 40.31
N ALA B 219 30.99 18.33 39.52
CA ALA B 219 30.05 18.08 38.41
C ALA B 219 29.94 16.57 38.21
N ASP B 220 28.80 16.11 37.67
CA ASP B 220 28.56 14.68 37.34
C ASP B 220 29.35 14.34 36.07
N LEU B 221 29.44 15.30 35.15
CA LEU B 221 30.14 15.16 33.86
C LEU B 221 30.99 16.41 33.60
N TYR B 222 32.25 16.20 33.22
CA TYR B 222 33.23 17.25 32.86
C TYR B 222 33.43 17.20 31.35
N ILE B 223 33.33 18.35 30.69
CA ILE B 223 33.47 18.44 29.21
C ILE B 223 34.75 19.21 28.92
N ASP B 224 35.65 18.60 28.17
CA ASP B 224 36.96 19.19 27.84
C ASP B 224 36.83 19.98 26.53
N CYS B 225 36.75 21.30 26.62
CA CYS B 225 36.76 22.24 25.47
C CYS B 225 38.04 23.09 25.53
N THR B 226 39.16 22.51 25.96
CA THR B 226 40.45 23.23 26.19
C THR B 226 41.30 23.19 24.90
N GLY B 227 40.77 22.73 23.77
CA GLY B 227 41.49 22.67 22.48
C GLY B 227 42.67 21.70 22.52
N PHE B 228 43.76 22.01 21.79
CA PHE B 228 44.94 21.12 21.59
C PHE B 228 45.55 20.74 22.94
N LYS B 229 45.54 21.63 23.93
CA LYS B 229 45.96 21.31 25.32
C LYS B 229 45.41 19.92 25.71
N SER B 230 44.12 19.69 25.44
CA SER B 230 43.36 18.50 25.89
C SER B 230 43.67 18.24 27.36
N LEU B 231 43.45 19.25 28.22
CA LEU B 231 43.86 19.21 29.64
C LEU B 231 43.15 18.09 30.39
N LEU B 232 41.84 17.90 30.18
CA LEU B 232 41.02 16.93 30.96
C LEU B 232 41.10 15.53 30.34
N LEU B 233 40.87 15.41 29.04
CA LEU B 233 40.82 14.10 28.34
C LEU B 233 42.23 13.53 28.22
N GLY B 234 43.11 14.28 27.56
CA GLY B 234 44.50 13.87 27.24
C GLY B 234 45.38 13.85 28.49
N GLU B 235 45.51 14.97 29.20
CA GLU B 235 46.46 15.11 30.33
C GLU B 235 45.88 14.39 31.56
N PHE B 236 44.80 14.89 32.15
CA PHE B 236 44.29 14.42 33.46
C PHE B 236 43.81 12.97 33.37
N MET B 237 43.00 12.60 32.36
CA MET B 237 42.43 11.23 32.19
C MET B 237 43.43 10.36 31.42
N GLY B 238 44.46 10.97 30.83
CA GLY B 238 45.60 10.27 30.21
C GLY B 238 45.24 9.53 28.93
N GLU B 239 44.24 9.96 28.18
CA GLU B 239 43.82 9.23 26.95
C GLU B 239 44.85 9.46 25.84
N ALA B 240 45.34 8.35 25.27
CA ALA B 240 46.33 8.29 24.19
C ALA B 240 45.85 9.09 22.97
N PHE B 241 46.78 9.47 22.11
CA PHE B 241 46.52 10.21 20.85
C PHE B 241 47.00 9.39 19.65
N SER B 242 46.11 9.01 18.73
CA SER B 242 46.46 8.39 17.42
C SER B 242 46.66 9.50 16.39
N PRO B 243 47.90 9.75 15.91
CA PRO B 243 48.12 10.73 14.84
C PRO B 243 47.68 10.17 13.48
N PHE B 244 47.41 11.03 12.49
CA PHE B 244 47.01 10.64 11.11
C PHE B 244 48.23 10.63 10.15
N SER B 245 49.46 10.68 10.69
CA SER B 245 50.72 10.95 9.94
C SER B 245 51.00 9.86 8.89
N LYS B 246 50.34 8.72 8.98
CA LYS B 246 50.48 7.62 7.98
C LYS B 246 49.77 7.96 6.66
N LYS B 247 48.77 8.84 6.64
CA LYS B 247 48.07 9.25 5.37
C LYS B 247 48.06 10.77 5.15
N LEU B 248 48.21 11.56 6.22
CA LEU B 248 48.24 13.03 6.16
C LEU B 248 49.56 13.52 6.76
N ALA B 249 50.38 14.20 5.96
CA ALA B 249 51.76 14.60 6.32
C ALA B 249 51.76 15.90 7.11
N ASN B 250 50.68 16.68 7.10
CA ASN B 250 50.65 18.06 7.64
C ASN B 250 50.54 18.01 9.16
N ASP B 251 51.51 18.58 9.86
CA ASP B 251 51.63 18.51 11.34
C ASP B 251 51.81 19.93 11.92
N LYS B 252 51.88 20.95 11.06
CA LYS B 252 52.07 22.37 11.47
C LYS B 252 51.03 23.25 10.74
N ALA B 253 50.68 24.38 11.34
CA ALA B 253 49.91 25.46 10.68
C ALA B 253 50.45 26.81 11.14
N MET B 254 50.49 27.79 10.24
CA MET B 254 50.60 29.22 10.58
C MET B 254 49.35 29.90 10.02
N ALA B 255 48.87 30.97 10.66
CA ALA B 255 47.60 31.66 10.33
C ALA B 255 47.82 33.17 10.49
N THR B 256 47.02 33.95 9.77
CA THR B 256 47.14 35.42 9.72
C THR B 256 45.79 36.03 9.32
N ARG B 257 45.71 37.35 9.46
CA ARG B 257 44.57 38.20 9.03
C ARG B 257 45.11 39.11 7.94
N ILE B 258 44.46 39.21 6.78
CA ILE B 258 44.81 40.21 5.75
C ILE B 258 43.64 41.17 5.56
N PRO B 259 43.90 42.49 5.41
CA PRO B 259 42.87 43.45 5.04
C PRO B 259 42.41 43.24 3.60
N TYR B 260 41.16 43.61 3.28
CA TYR B 260 40.62 43.63 1.90
C TYR B 260 41.29 44.77 1.13
N GLU B 261 41.64 44.52 -0.14
CA GLU B 261 42.07 45.55 -1.11
C GLU B 261 40.84 46.03 -1.89
N ASN B 262 40.03 45.10 -2.40
CA ASN B 262 38.74 45.39 -3.08
C ASN B 262 37.67 44.47 -2.48
N ARG B 263 37.06 44.91 -1.39
CA ARG B 263 36.19 44.11 -0.50
C ARG B 263 35.02 43.48 -1.25
N GLU B 264 34.31 44.26 -2.07
CA GLU B 264 33.14 43.79 -2.87
C GLU B 264 33.61 42.64 -3.77
N GLU B 265 34.70 42.81 -4.53
CA GLU B 265 35.23 41.81 -5.49
C GLU B 265 35.78 40.58 -4.77
N GLU B 266 36.38 40.75 -3.60
CA GLU B 266 37.26 39.74 -2.93
C GLU B 266 36.45 38.85 -1.97
N MET B 267 35.38 39.36 -1.38
CA MET B 267 34.58 38.65 -0.34
C MET B 267 33.81 37.51 -1.00
N HIS B 268 34.51 36.40 -1.25
CA HIS B 268 33.99 35.27 -2.06
C HIS B 268 33.02 34.42 -1.25
N ASN B 269 31.92 34.09 -1.94
CA ASN B 269 31.02 32.93 -1.81
C ASN B 269 31.69 31.59 -1.41
N VAL B 270 33.02 31.48 -1.31
CA VAL B 270 33.72 30.16 -1.17
C VAL B 270 34.93 30.24 -0.22
N THR B 271 35.26 29.08 0.38
CA THR B 271 36.59 28.81 1.00
C THR B 271 37.51 28.29 -0.11
N ASP B 272 38.55 29.05 -0.47
CA ASP B 272 39.59 28.64 -1.45
C ASP B 272 40.70 27.89 -0.69
N CYS B 273 41.14 26.78 -1.28
CA CYS B 273 42.26 25.95 -0.80
C CYS B 273 43.31 25.91 -1.92
N HIS B 274 44.42 26.59 -1.70
CA HIS B 274 45.51 26.78 -2.67
C HIS B 274 46.66 25.83 -2.31
N ALA B 275 46.90 24.79 -3.12
CA ALA B 275 47.99 23.82 -2.87
C ALA B 275 49.34 24.53 -3.09
N MET B 276 50.24 24.37 -2.13
CA MET B 276 51.60 25.01 -2.09
C MET B 276 52.65 23.91 -2.24
N LYS B 277 53.94 24.22 -1.98
CA LYS B 277 55.05 23.26 -2.21
C LYS B 277 55.01 22.13 -1.17
N ASN B 278 54.59 22.43 0.07
CA ASN B 278 54.66 21.50 1.24
C ASN B 278 53.33 21.46 1.98
N GLY B 279 52.22 21.80 1.33
CA GLY B 279 50.86 21.76 1.92
C GLY B 279 49.89 22.59 1.11
N TRP B 280 49.07 23.39 1.78
CA TRP B 280 48.01 24.21 1.13
C TRP B 280 47.64 25.39 2.04
N VAL B 281 47.18 26.49 1.44
CA VAL B 281 46.77 27.74 2.14
C VAL B 281 45.25 27.88 2.01
N TRP B 282 44.56 28.12 3.13
CA TRP B 282 43.10 28.41 3.16
C TRP B 282 42.89 29.93 3.04
N ASN B 283 41.80 30.32 2.38
CA ASN B 283 41.31 31.71 2.25
C ASN B 283 39.85 31.72 2.74
N ILE B 284 39.60 32.43 3.85
CA ILE B 284 38.25 32.52 4.48
C ILE B 284 37.83 33.99 4.51
N PRO B 285 36.99 34.43 3.56
CA PRO B 285 36.46 35.79 3.57
C PRO B 285 35.48 36.00 4.72
N LEU B 286 35.73 37.01 5.55
CA LEU B 286 34.77 37.50 6.56
C LEU B 286 34.32 38.91 6.19
N TRP B 287 33.43 39.50 6.98
CA TRP B 287 32.80 40.79 6.66
C TRP B 287 33.88 41.87 6.58
N ASN B 288 34.87 41.83 7.49
CA ASN B 288 35.85 42.93 7.75
C ASN B 288 37.26 42.58 7.29
N ARG B 289 37.53 41.33 6.89
CA ARG B 289 38.92 40.86 6.59
C ARG B 289 38.90 39.51 5.90
N ILE B 290 40.06 39.07 5.39
CA ILE B 290 40.33 37.67 4.93
C ILE B 290 41.16 36.97 6.01
N GLY B 291 40.70 35.82 6.51
CA GLY B 291 41.51 34.89 7.31
C GLY B 291 42.23 33.90 6.41
N THR B 292 43.53 33.68 6.61
CA THR B 292 44.39 32.83 5.73
C THR B 292 45.48 32.14 6.55
N GLY B 293 45.80 30.88 6.21
CA GLY B 293 46.88 30.10 6.87
C GLY B 293 47.47 29.04 5.95
N TYR B 294 48.71 28.63 6.23
CA TYR B 294 49.44 27.52 5.57
C TYR B 294 49.36 26.29 6.49
N CYS B 295 48.77 25.19 6.02
CA CYS B 295 48.96 23.83 6.59
C CYS B 295 50.12 23.17 5.85
N TYR B 296 51.17 22.77 6.56
CA TYR B 296 52.41 22.23 5.95
C TYR B 296 52.96 21.08 6.79
N SER B 297 53.98 20.41 6.23
CA SER B 297 54.63 19.21 6.81
C SER B 297 56.07 19.55 7.17
N SER B 298 56.39 19.52 8.46
CA SER B 298 57.74 19.79 9.01
C SER B 298 58.72 18.75 8.48
N ARG B 299 58.22 17.60 8.08
CA ARG B 299 58.98 16.50 7.41
C ARG B 299 59.66 17.00 6.13
N PHE B 300 59.08 17.99 5.44
CA PHE B 300 59.51 18.39 4.08
C PHE B 300 59.99 19.85 4.04
N VAL B 301 59.76 20.66 5.09
CA VAL B 301 60.10 22.12 5.08
C VAL B 301 60.27 22.63 6.52
N SER B 302 61.22 23.54 6.72
CA SER B 302 61.46 24.29 7.98
C SER B 302 60.34 25.30 8.22
N LYS B 303 60.18 25.75 9.47
CA LYS B 303 59.21 26.79 9.86
C LYS B 303 59.51 28.09 9.08
N ASP B 304 60.79 28.47 9.00
CA ASP B 304 61.26 29.73 8.35
C ASP B 304 60.97 29.70 6.86
N ASP B 305 61.22 28.56 6.21
CA ASP B 305 61.01 28.36 4.75
C ASP B 305 59.50 28.41 4.43
N ALA B 306 58.67 27.73 5.24
CA ALA B 306 57.19 27.72 5.09
C ALA B 306 56.61 29.14 5.19
N GLU B 307 57.18 29.96 6.08
CA GLU B 307 56.70 31.35 6.31
C GLU B 307 57.10 32.24 5.14
N ALA B 308 58.29 32.03 4.58
CA ALA B 308 58.79 32.79 3.41
C ALA B 308 57.89 32.45 2.21
N GLU B 309 57.65 31.16 1.98
CA GLU B 309 56.63 30.62 1.03
C GLU B 309 55.30 31.37 1.18
N PHE B 310 54.76 31.40 2.40
CA PHE B 310 53.39 31.90 2.74
C PHE B 310 53.29 33.39 2.42
N ARG B 311 54.26 34.17 2.88
CA ARG B 311 54.36 35.64 2.64
C ARG B 311 54.46 35.91 1.14
N GLU B 312 55.33 35.17 0.43
CA GLU B 312 55.51 35.28 -1.04
C GLU B 312 54.15 35.06 -1.70
N HIS B 313 53.45 34.00 -1.30
CA HIS B 313 52.13 33.60 -1.85
C HIS B 313 51.10 34.71 -1.63
N LEU B 314 51.17 35.44 -0.51
CA LEU B 314 50.15 36.45 -0.15
C LEU B 314 50.39 37.76 -0.91
N GLY B 315 51.53 37.92 -1.59
CA GLY B 315 51.93 39.18 -2.26
C GLY B 315 52.16 40.30 -1.27
N GLU B 316 51.88 41.56 -1.65
CA GLU B 316 52.22 42.78 -0.86
C GLU B 316 51.73 42.63 0.59
N ARG B 317 50.54 42.06 0.79
CA ARG B 317 49.91 41.89 2.14
C ARG B 317 50.66 40.82 2.96
N GLY B 318 51.52 40.04 2.30
CA GLY B 318 52.42 39.09 2.96
C GLY B 318 53.42 39.77 3.87
N LYS B 319 53.91 40.96 3.50
CA LYS B 319 55.13 41.56 4.12
C LYS B 319 54.87 41.94 5.58
N ASP B 320 53.74 42.59 5.87
CA ASP B 320 53.46 43.15 7.21
C ASP B 320 52.46 42.28 7.97
N ALA B 321 51.96 41.20 7.37
CA ALA B 321 51.02 40.25 8.00
C ALA B 321 51.62 39.71 9.29
N LYS B 322 50.89 39.82 10.40
CA LYS B 322 51.24 39.16 11.69
C LYS B 322 50.83 37.68 11.60
N ILE B 323 51.79 36.77 11.72
CA ILE B 323 51.63 35.30 11.53
C ILE B 323 51.77 34.60 12.88
N PHE B 324 50.78 33.77 13.23
CA PHE B 324 50.72 32.98 14.47
C PHE B 324 50.88 31.50 14.12
N HIS B 325 51.92 30.84 14.64
CA HIS B 325 52.21 29.40 14.47
C HIS B 325 51.43 28.58 15.48
N ILE B 326 50.75 27.55 14.99
CA ILE B 326 49.94 26.62 15.82
C ILE B 326 50.54 25.23 15.65
N ASP B 327 50.65 24.53 16.78
CA ASP B 327 51.07 23.12 16.84
C ASP B 327 49.77 22.30 16.83
N ILE B 328 49.51 21.60 15.71
CA ILE B 328 48.18 20.99 15.45
C ILE B 328 48.26 19.53 15.86
N GLY B 329 47.35 19.10 16.75
CA GLY B 329 47.11 17.68 17.04
C GLY B 329 46.36 17.01 15.89
N HIS B 330 47.07 16.61 14.82
CA HIS B 330 46.46 16.06 13.58
C HIS B 330 46.18 14.55 13.77
N GLY B 331 45.01 14.26 14.33
CA GLY B 331 44.66 12.90 14.80
C GLY B 331 43.46 12.95 15.71
N LYS B 332 43.34 11.93 16.57
CA LYS B 332 42.21 11.76 17.52
C LYS B 332 42.73 11.05 18.76
N ARG B 333 42.13 11.34 19.91
CA ARG B 333 42.24 10.48 21.11
C ARG B 333 41.61 9.13 20.76
N THR B 334 42.06 8.07 21.43
CA THR B 334 41.57 6.68 21.20
C THR B 334 40.11 6.57 21.67
N ARG B 335 39.66 7.52 22.49
CA ARG B 335 38.27 7.64 22.96
C ARG B 335 37.95 9.09 23.28
N ALA B 336 36.71 9.51 23.06
CA ALA B 336 36.19 10.87 23.32
C ALA B 336 35.61 10.94 24.73
N TRP B 337 34.87 9.90 25.13
CA TRP B 337 34.22 9.78 26.46
C TRP B 337 35.00 8.77 27.30
N VAL B 338 35.74 9.25 28.30
CA VAL B 338 36.56 8.42 29.22
C VAL B 338 36.13 8.76 30.64
N ASN B 339 35.75 7.75 31.43
CA ASN B 339 35.14 7.94 32.76
C ASN B 339 34.09 9.04 32.63
N ASN B 340 34.11 10.04 33.52
CA ASN B 340 33.08 11.10 33.61
C ASN B 340 33.58 12.38 32.93
N CYS B 341 34.36 12.24 31.85
CA CYS B 341 34.93 13.37 31.07
C CYS B 341 34.74 13.10 29.57
N VAL B 342 34.26 14.11 28.81
CA VAL B 342 34.03 14.04 27.34
C VAL B 342 34.86 15.11 26.65
N GLY B 343 35.62 14.73 25.62
CA GLY B 343 36.31 15.66 24.72
C GLY B 343 35.37 16.18 23.65
N ILE B 344 35.23 17.51 23.54
CA ILE B 344 34.45 18.21 22.48
C ILE B 344 35.38 19.23 21.82
N GLY B 345 35.59 19.12 20.51
CA GLY B 345 36.47 19.97 19.71
C GLY B 345 37.88 19.40 19.63
N LEU B 346 38.89 20.27 19.64
CA LEU B 346 40.29 19.90 19.34
C LEU B 346 40.89 19.06 20.48
N SER B 347 40.31 19.13 21.68
CA SER B 347 40.68 18.26 22.84
C SER B 347 40.50 16.78 22.48
N TYR B 348 39.55 16.46 21.59
CA TYR B 348 39.30 15.07 21.12
C TYR B 348 40.07 14.80 19.82
N GLY B 349 39.81 15.59 18.78
CA GLY B 349 40.32 15.30 17.42
C GLY B 349 40.36 16.53 16.54
N PHE B 350 41.09 16.43 15.43
CA PHE B 350 41.27 17.52 14.44
C PHE B 350 41.73 16.89 13.13
N ILE B 351 41.08 17.28 12.02
CA ILE B 351 41.58 17.10 10.63
C ILE B 351 41.91 18.49 10.10
N GLU B 352 43.05 18.66 9.42
CA GLU B 352 43.38 19.95 8.75
C GLU B 352 42.15 20.34 7.95
N PRO B 353 41.75 21.63 7.93
CA PRO B 353 40.43 22.04 7.41
C PRO B 353 40.34 22.12 5.87
N LEU B 354 40.88 21.14 5.16
CA LEU B 354 40.83 21.06 3.67
C LEU B 354 39.39 20.77 3.22
N GLU B 355 38.61 20.10 4.08
CA GLU B 355 37.17 19.85 3.82
C GLU B 355 36.34 20.60 4.87
N SER B 356 36.83 21.74 5.33
CA SER B 356 36.14 22.70 6.22
C SER B 356 35.54 21.92 7.38
N THR B 357 36.35 21.05 7.96
CA THR B 357 35.94 20.00 8.92
C THR B 357 36.28 20.49 10.36
N GLY B 358 36.92 21.66 10.48
CA GLY B 358 37.23 22.35 11.74
C GLY B 358 36.22 22.08 12.85
N LEU B 359 34.97 22.50 12.68
CA LEU B 359 33.91 22.43 13.73
C LEU B 359 33.26 21.05 13.79
N LEU B 360 33.65 20.09 12.95
CA LEU B 360 32.96 18.76 12.86
C LEU B 360 33.07 18.03 14.19
N THR B 361 34.31 17.80 14.60
CA THR B 361 34.71 17.24 15.91
C THR B 361 33.85 17.86 17.03
N THR B 362 33.33 19.08 16.84
CA THR B 362 32.59 19.86 17.87
C THR B 362 31.08 19.59 17.80
N HIS B 363 30.37 19.99 16.73
CA HIS B 363 28.87 19.96 16.70
C HIS B 363 28.37 18.51 16.66
N GLU B 364 29.12 17.59 16.05
CA GLU B 364 28.79 16.14 16.04
C GLU B 364 28.77 15.63 17.47
N ASN B 365 29.84 15.84 18.23
CA ASN B 365 29.94 15.38 19.64
C ASN B 365 28.87 16.07 20.49
N ILE B 366 28.57 17.34 20.23
CA ILE B 366 27.55 18.10 20.99
C ILE B 366 26.18 17.45 20.75
N GLU B 367 25.83 17.22 19.47
CA GLU B 367 24.51 16.63 19.07
C GLU B 367 24.39 15.20 19.62
N ASN B 368 25.47 14.43 19.60
CA ASN B 368 25.52 13.03 20.13
C ASN B 368 25.38 13.03 21.67
N LEU B 369 25.92 14.04 22.34
CA LEU B 369 25.80 14.19 23.82
C LEU B 369 24.37 14.57 24.17
N VAL B 370 23.80 15.57 23.49
CA VAL B 370 22.40 16.06 23.67
C VAL B 370 21.46 14.88 23.46
N TYR B 371 21.76 14.03 22.46
CA TYR B 371 20.95 12.85 22.07
C TYR B 371 20.87 11.89 23.26
N LEU B 372 22.02 11.56 23.87
CA LEU B 372 22.09 10.59 24.99
C LEU B 372 21.47 11.18 26.27
N ILE B 373 21.71 12.46 26.55
CA ILE B 373 21.23 13.11 27.80
C ILE B 373 19.69 13.23 27.75
N ASN B 374 19.10 13.47 26.57
CA ASN B 374 17.63 13.62 26.41
C ASN B 374 16.94 12.26 26.27
N GLN B 375 17.71 11.17 26.29
CA GLN B 375 17.18 9.80 26.12
C GLN B 375 16.40 9.41 27.40
N ARG B 376 17.04 9.37 28.58
CA ARG B 376 16.36 8.99 29.86
C ARG B 376 16.77 9.94 30.98
N ASP B 377 16.49 11.23 30.78
CA ASP B 377 16.64 12.32 31.79
C ASP B 377 18.07 12.38 32.31
N GLY B 378 19.07 12.12 31.47
CA GLY B 378 20.50 12.26 31.84
C GLY B 378 21.11 10.94 32.29
N TYR B 379 20.30 9.87 32.36
CA TYR B 379 20.81 8.49 32.55
C TYR B 379 21.36 7.98 31.23
N VAL B 380 22.55 7.38 31.31
CA VAL B 380 23.39 6.86 30.20
C VAL B 380 24.08 5.58 30.70
N THR B 381 24.15 4.56 29.84
CA THR B 381 24.85 3.28 30.13
C THR B 381 26.25 3.35 29.50
N GLN B 382 27.16 2.48 29.97
CA GLN B 382 28.50 2.30 29.36
C GLN B 382 28.32 1.91 27.89
N ALA B 383 27.31 1.09 27.57
CA ALA B 383 26.97 0.68 26.18
C ALA B 383 26.78 1.93 25.30
N GLU B 384 26.05 2.94 25.81
CA GLU B 384 25.73 4.19 25.05
C GLU B 384 27.02 5.02 24.88
N ARG B 385 27.82 5.13 25.94
CA ARG B 385 29.10 5.89 25.91
C ARG B 385 30.08 5.23 24.93
N ASP B 386 30.14 3.89 24.93
CA ASP B 386 30.92 3.08 23.96
C ASP B 386 30.39 3.35 22.55
N GLY B 387 29.07 3.44 22.39
CA GLY B 387 28.40 3.81 21.12
C GLY B 387 28.78 5.19 20.66
N PHE B 388 28.83 6.17 21.58
CA PHE B 388 29.26 7.58 21.35
C PHE B 388 30.69 7.59 20.80
N ASN B 389 31.59 6.84 21.46
CA ASN B 389 33.02 6.72 21.09
C ASN B 389 33.09 6.11 19.68
N TYR B 390 32.36 5.03 19.42
CA TYR B 390 32.36 4.36 18.10
C TYR B 390 31.86 5.33 17.03
N THR B 391 30.70 5.95 17.24
CA THR B 391 30.09 6.85 16.23
C THR B 391 31.08 7.94 15.84
N CYS B 392 31.73 8.57 16.81
CA CYS B 392 32.48 9.82 16.56
C CYS B 392 33.89 9.46 16.07
N ASP B 393 34.40 8.31 16.48
CA ASP B 393 35.64 7.68 15.92
C ASP B 393 35.43 7.34 14.45
N HIS B 394 34.36 6.61 14.10
CA HIS B 394 34.03 6.23 12.70
C HIS B 394 34.06 7.48 11.81
N GLN B 395 33.46 8.57 12.30
CA GLN B 395 33.25 9.81 11.52
C GLN B 395 34.59 10.45 11.18
N ILE B 396 35.45 10.63 12.19
CA ILE B 396 36.75 11.33 12.00
C ILE B 396 37.68 10.46 11.16
N ASP B 397 37.54 9.13 11.22
CA ASP B 397 38.32 8.19 10.35
C ASP B 397 37.86 8.34 8.90
N SER B 398 36.52 8.39 8.67
CA SER B 398 35.90 8.63 7.36
C SER B 398 36.46 9.92 6.76
N PHE B 399 36.36 11.03 7.49
CA PHE B 399 36.70 12.38 6.99
C PHE B 399 38.21 12.46 6.73
N SER B 400 39.04 11.84 7.58
CA SER B 400 40.52 11.87 7.43
C SER B 400 40.93 11.13 6.15
N ASP B 401 40.28 9.99 5.84
CA ASP B 401 40.46 9.25 4.55
C ASP B 401 40.04 10.13 3.37
N PHE B 402 38.89 10.79 3.47
CA PHE B 402 38.36 11.67 2.39
C PHE B 402 39.37 12.78 2.11
N VAL B 403 39.88 13.41 3.16
CA VAL B 403 40.89 14.52 3.06
C VAL B 403 42.16 13.93 2.40
N ALA B 404 42.59 12.73 2.80
CA ALA B 404 43.79 12.07 2.24
C ALA B 404 43.63 11.87 0.73
N MET B 405 42.41 11.62 0.24
CA MET B 405 42.14 11.35 -1.20
C MET B 405 42.43 12.60 -2.05
N HIS B 406 42.29 13.80 -1.48
CA HIS B 406 42.61 15.10 -2.15
C HIS B 406 44.09 15.15 -2.57
N TYR B 407 44.96 14.54 -1.78
CA TYR B 407 46.43 14.48 -2.01
C TYR B 407 46.74 13.30 -2.92
N ALA B 408 46.19 12.14 -2.58
CA ALA B 408 46.57 10.82 -3.13
C ALA B 408 46.45 10.81 -4.67
N TYR B 409 45.43 11.49 -5.20
CA TYR B 409 45.02 11.42 -6.62
C TYR B 409 45.55 12.64 -7.40
N SER B 410 46.26 13.57 -6.76
CA SER B 410 46.87 14.74 -7.43
C SER B 410 47.84 14.26 -8.51
N MET B 411 48.07 15.11 -9.52
CA MET B 411 49.08 14.86 -10.57
C MET B 411 50.44 15.44 -10.12
N ARG B 412 50.46 16.26 -9.07
CA ARG B 412 51.67 16.99 -8.62
C ARG B 412 52.75 16.02 -8.15
N THR B 413 53.94 16.13 -8.73
CA THR B 413 55.18 15.47 -8.30
C THR B 413 56.32 16.48 -8.37
N ASP B 414 56.03 17.77 -8.26
CA ASP B 414 56.99 18.86 -8.55
C ASP B 414 57.86 19.17 -7.33
N THR B 415 57.49 18.71 -6.13
CA THR B 415 58.30 18.84 -4.90
C THR B 415 58.37 17.49 -4.22
N PRO B 416 59.32 17.28 -3.29
CA PRO B 416 59.39 16.03 -2.54
C PRO B 416 58.10 15.77 -1.77
N TYR B 417 57.44 16.83 -1.29
CA TYR B 417 56.15 16.71 -0.54
C TYR B 417 55.11 16.05 -1.43
N TRP B 418 54.95 16.52 -2.66
CA TRP B 418 53.91 16.05 -3.60
C TRP B 418 54.33 14.70 -4.19
N LYS B 419 55.64 14.48 -4.39
CA LYS B 419 56.15 13.15 -4.81
C LYS B 419 55.76 12.13 -3.73
N TRP B 420 55.85 12.50 -2.45
CA TRP B 420 55.47 11.59 -1.33
C TRP B 420 53.97 11.29 -1.38
N CYS B 421 53.16 12.34 -1.51
CA CYS B 421 51.67 12.27 -1.44
C CYS B 421 51.11 11.39 -2.55
N THR B 422 51.70 11.44 -3.75
CA THR B 422 51.11 10.91 -5.02
C THR B 422 51.79 9.63 -5.49
N GLN B 423 53.03 9.36 -5.05
CA GLN B 423 53.88 8.31 -5.67
C GLN B 423 54.45 7.34 -4.64
N MET B 424 54.51 7.71 -3.35
CA MET B 424 55.23 6.90 -2.32
C MET B 424 54.26 6.42 -1.24
N CYS B 425 53.50 7.31 -0.63
CA CYS B 425 52.53 6.97 0.45
C CYS B 425 51.54 5.90 -0.03
N ASN B 426 51.40 4.80 0.73
CA ASN B 426 50.42 3.71 0.51
C ASN B 426 49.18 3.95 1.38
N TYR B 427 48.05 4.24 0.74
CA TYR B 427 46.81 4.66 1.43
C TYR B 427 45.92 3.46 1.75
N MET B 428 46.28 2.26 1.26
CA MET B 428 45.43 1.05 1.31
C MET B 428 46.21 -0.11 1.93
N PRO B 429 46.98 0.10 3.02
CA PRO B 429 47.89 -0.93 3.52
C PRO B 429 47.16 -2.23 3.93
N GLU B 430 45.98 -2.09 4.53
CA GLU B 430 45.16 -3.19 5.08
C GLU B 430 44.48 -3.99 3.97
N SER B 431 44.46 -3.47 2.74
CA SER B 431 43.62 -3.97 1.62
C SER B 431 44.07 -5.36 1.14
N MET B 432 45.35 -5.71 1.29
CA MET B 432 45.88 -7.03 0.83
C MET B 432 45.64 -8.12 1.89
N GLY B 433 45.20 -7.75 3.08
CA GLY B 433 44.92 -8.70 4.17
C GLY B 433 43.62 -9.46 3.91
N PRO B 434 43.30 -10.50 4.72
CA PRO B 434 42.12 -11.34 4.50
C PRO B 434 40.79 -10.79 5.05
N HIS B 435 40.84 -9.77 5.91
CA HIS B 435 39.68 -9.21 6.68
C HIS B 435 39.10 -7.96 6.01
N ARG B 436 37.78 -7.76 6.07
CA ARG B 436 37.09 -6.54 5.57
C ARG B 436 37.27 -5.40 6.55
N GLN B 437 37.59 -4.20 6.06
CA GLN B 437 37.92 -3.00 6.86
C GLN B 437 36.63 -2.23 7.18
N LYS B 438 36.54 -1.65 8.39
CA LYS B 438 35.49 -0.67 8.77
C LYS B 438 35.54 0.49 7.78
N GLN B 439 36.72 1.03 7.54
CA GLN B 439 36.95 2.16 6.61
C GLN B 439 37.46 1.57 5.29
N SER B 440 36.59 1.38 4.29
CA SER B 440 36.94 0.65 3.05
C SER B 440 36.60 1.45 1.78
N THR B 441 36.65 2.78 1.82
CA THR B 441 36.30 3.64 0.65
C THR B 441 37.44 3.57 -0.37
N TRP B 442 38.72 3.56 0.05
CA TRP B 442 39.88 3.31 -0.86
C TRP B 442 39.64 2.01 -1.67
N GLN B 443 39.35 0.91 -0.97
CA GLN B 443 39.10 -0.42 -1.60
C GLN B 443 37.91 -0.34 -2.55
N ASP B 444 36.83 0.33 -2.12
CA ASP B 444 35.52 0.31 -2.81
C ASP B 444 35.59 1.20 -4.07
N LEU B 445 36.27 2.34 -3.94
CA LEU B 445 36.50 3.28 -5.06
C LEU B 445 37.34 2.58 -6.13
N SER B 446 38.35 1.81 -5.70
CA SER B 446 39.31 1.11 -6.58
C SER B 446 38.55 0.06 -7.37
N THR B 447 37.70 -0.71 -6.67
CA THR B 447 36.79 -1.74 -7.24
C THR B 447 35.83 -1.10 -8.27
N ASP B 448 35.24 0.04 -7.92
CA ASP B 448 34.19 0.67 -8.76
C ASP B 448 34.84 1.21 -10.06
N THR B 449 36.02 1.84 -9.95
CA THR B 449 36.69 2.56 -11.05
C THR B 449 37.45 1.57 -11.93
N ILE B 450 38.51 0.93 -11.41
CA ILE B 450 39.37 -0.01 -12.19
C ILE B 450 38.57 -1.30 -12.47
N GLY B 451 37.84 -1.82 -11.47
CA GLY B 451 37.14 -3.11 -11.57
C GLY B 451 35.92 -3.06 -12.49
N LEU B 452 34.98 -2.15 -12.18
CA LEU B 452 33.62 -2.04 -12.78
C LEU B 452 33.49 -0.83 -13.73
N ASN B 453 34.50 0.03 -13.83
CA ASN B 453 34.57 1.20 -14.76
C ASN B 453 33.33 2.09 -14.56
N THR B 454 32.99 2.41 -13.31
CA THR B 454 31.74 3.11 -12.96
C THR B 454 31.97 4.01 -11.75
N TRP B 455 31.23 5.11 -11.68
CA TRP B 455 30.99 5.87 -10.43
C TRP B 455 29.63 5.47 -9.87
N HIS B 456 29.29 6.02 -8.72
CA HIS B 456 28.08 5.70 -7.93
C HIS B 456 27.77 6.92 -7.07
N ILE B 457 26.49 7.20 -6.80
CA ILE B 457 26.06 8.31 -5.91
C ILE B 457 26.58 8.03 -4.49
N ASN B 458 26.91 6.77 -4.18
CA ASN B 458 27.56 6.34 -2.91
C ASN B 458 28.94 6.99 -2.70
N HIS B 459 29.50 7.70 -3.69
CA HIS B 459 30.79 8.44 -3.57
C HIS B 459 30.56 9.88 -3.08
N ASN B 460 29.41 10.18 -2.49
CA ASN B 460 28.99 11.56 -2.12
C ASN B 460 30.22 12.39 -1.71
N GLY B 461 30.87 13.05 -2.67
CA GLY B 461 31.97 13.99 -2.40
C GLY B 461 33.24 13.59 -3.11
N ILE B 462 33.60 12.31 -3.03
CA ILE B 462 34.76 11.72 -3.75
C ILE B 462 34.63 12.07 -5.24
N SER B 463 33.42 12.01 -5.80
CA SER B 463 33.18 12.24 -7.24
C SER B 463 33.74 13.61 -7.66
N PHE B 464 33.50 14.66 -6.87
CA PHE B 464 33.94 16.04 -7.21
C PHE B 464 35.48 16.14 -7.19
N ILE B 465 36.11 15.43 -6.26
CA ILE B 465 37.58 15.47 -6.01
C ILE B 465 38.32 14.73 -7.14
N ILE B 466 37.97 13.48 -7.42
CA ILE B 466 38.65 12.68 -8.49
C ILE B 466 38.30 13.23 -9.89
N ALA B 467 37.10 13.79 -10.07
CA ALA B 467 36.70 14.53 -11.30
C ALA B 467 37.66 15.70 -11.51
N GLY B 468 37.85 16.53 -10.48
CA GLY B 468 38.71 17.74 -10.51
C GLY B 468 40.15 17.40 -10.73
N HIS B 469 40.58 16.21 -10.28
CA HIS B 469 41.98 15.72 -10.47
C HIS B 469 42.15 15.12 -11.86
N GLY B 470 41.07 15.04 -12.65
CA GLY B 470 41.08 14.67 -14.08
C GLY B 470 40.84 13.19 -14.29
N LEU B 471 40.14 12.52 -13.39
CA LEU B 471 39.74 11.10 -13.56
C LEU B 471 38.30 11.00 -14.07
N ARG B 472 37.99 9.92 -14.79
CA ARG B 472 36.69 9.59 -15.41
C ARG B 472 36.33 8.14 -15.12
N PRO B 473 35.04 7.78 -14.97
CA PRO B 473 34.66 6.40 -14.67
C PRO B 473 35.11 5.42 -15.77
N GLN B 474 34.94 5.81 -17.03
CA GLN B 474 35.56 5.13 -18.20
C GLN B 474 36.59 6.08 -18.78
N SER B 475 37.86 5.67 -18.81
CA SER B 475 39.02 6.55 -19.09
C SER B 475 39.12 6.82 -20.59
N TYR B 476 38.54 5.95 -21.44
CA TYR B 476 38.56 6.04 -22.92
C TYR B 476 37.22 5.58 -23.50
N ASP B 477 36.86 6.18 -24.65
CA ASP B 477 35.49 6.08 -25.22
C ASP B 477 35.25 4.67 -25.81
N LYS B 478 36.31 4.06 -26.35
CA LYS B 478 36.23 2.73 -27.00
C LYS B 478 35.66 1.70 -26.01
N LEU B 479 35.86 1.95 -24.73
CA LEU B 479 35.41 1.09 -23.60
C LEU B 479 33.88 1.14 -23.49
N SER B 480 33.33 2.37 -23.49
CA SER B 480 31.89 2.70 -23.52
C SER B 480 31.23 2.04 -24.74
N GLU B 481 31.80 2.25 -25.92
CA GLU B 481 31.35 1.71 -27.24
C GLU B 481 31.08 0.20 -27.12
N VAL B 482 32.02 -0.52 -26.52
CA VAL B 482 32.04 -2.02 -26.48
C VAL B 482 30.93 -2.51 -25.55
N LEU B 483 30.57 -1.77 -24.52
CA LEU B 483 29.49 -2.13 -23.55
C LEU B 483 28.10 -1.90 -24.19
N LEU B 484 27.96 -0.97 -25.15
CA LEU B 484 26.71 -0.76 -25.94
C LEU B 484 26.48 -1.91 -26.93
N LYS B 485 27.54 -2.63 -27.31
CA LYS B 485 27.50 -3.61 -28.42
C LYS B 485 26.64 -4.82 -28.05
N ARG B 486 26.52 -5.16 -26.76
CA ARG B 486 25.70 -6.33 -26.32
C ARG B 486 24.27 -6.19 -26.88
N ASN B 487 23.53 -5.14 -26.49
CA ASN B 487 22.10 -4.94 -26.85
C ASN B 487 21.99 -3.93 -28.01
N ASN B 488 22.92 -4.01 -28.97
CA ASN B 488 22.97 -3.21 -30.22
C ASN B 488 22.53 -1.77 -29.97
N GLU B 489 23.14 -1.08 -29.00
CA GLU B 489 22.77 0.32 -28.62
C GLU B 489 23.78 1.29 -29.25
N SER B 490 23.42 2.57 -29.23
CA SER B 490 24.13 3.69 -29.89
C SER B 490 24.23 4.88 -28.92
N ASP B 491 25.30 5.66 -29.07
CA ASP B 491 25.63 6.84 -28.24
C ASP B 491 25.24 8.13 -28.97
N TYR B 492 24.68 8.07 -30.19
CA TYR B 492 24.46 9.27 -31.02
C TYR B 492 23.74 10.35 -30.19
N TYR B 493 22.86 10.01 -29.25
CA TYR B 493 22.06 10.96 -28.43
C TYR B 493 22.95 11.86 -27.53
N TYR B 494 24.25 11.55 -27.43
CA TYR B 494 25.23 12.35 -26.66
C TYR B 494 25.45 13.69 -27.36
N GLU B 495 25.38 13.73 -28.69
CA GLU B 495 25.44 14.99 -29.50
C GLU B 495 24.38 15.95 -28.99
N ASP B 496 23.18 15.46 -28.66
CA ASP B 496 22.04 16.26 -28.16
C ASP B 496 22.28 16.64 -26.70
N ILE B 497 22.80 15.72 -25.88
CA ILE B 497 23.12 16.03 -24.45
C ILE B 497 24.13 17.16 -24.45
N ARG B 498 25.16 17.06 -25.30
CA ARG B 498 26.24 18.08 -25.44
C ARG B 498 25.64 19.44 -25.79
N LYS B 499 25.01 19.55 -26.96
CA LYS B 499 24.42 20.80 -27.51
C LYS B 499 23.44 21.37 -26.48
N ASP B 500 22.52 20.56 -25.95
CA ASP B 500 21.47 20.99 -25.00
C ASP B 500 22.11 21.50 -23.72
N TRP B 501 23.09 20.79 -23.17
CA TRP B 501 23.76 21.21 -21.92
C TRP B 501 24.56 22.51 -22.16
N LEU B 502 25.40 22.56 -23.19
CA LEU B 502 26.22 23.75 -23.51
C LEU B 502 25.29 24.97 -23.62
N LYS B 503 24.12 24.78 -24.22
CA LYS B 503 23.10 25.85 -24.31
C LYS B 503 22.65 26.22 -22.90
N HIS B 504 22.31 25.21 -22.08
CA HIS B 504 21.79 25.41 -20.70
C HIS B 504 22.83 26.16 -19.87
N TYR B 505 24.12 25.82 -20.01
CA TYR B 505 25.22 26.47 -19.28
C TYR B 505 25.24 27.96 -19.68
N GLU B 506 25.35 28.27 -20.99
CA GLU B 506 25.50 29.65 -21.47
C GLU B 506 24.35 30.51 -20.93
N SER B 507 23.12 29.99 -20.89
CA SER B 507 21.93 30.75 -20.43
C SER B 507 21.88 30.79 -18.89
N MET B 508 22.47 29.80 -18.22
CA MET B 508 22.50 29.72 -16.73
C MET B 508 23.47 30.80 -16.22
N VAL B 509 24.59 31.02 -16.92
CA VAL B 509 25.61 32.04 -16.55
C VAL B 509 24.97 33.41 -16.71
N GLU B 510 24.22 33.61 -17.80
CA GLU B 510 23.52 34.89 -18.11
C GLU B 510 22.52 35.20 -16.99
N TYR B 511 21.75 34.21 -16.52
CA TYR B 511 20.71 34.40 -15.48
C TYR B 511 21.40 34.73 -14.15
N VAL B 512 22.45 33.98 -13.82
CA VAL B 512 23.20 34.07 -12.54
C VAL B 512 23.83 35.46 -12.44
N LYS B 513 24.19 36.07 -13.59
CA LYS B 513 24.79 37.43 -13.64
C LYS B 513 23.74 38.52 -13.34
N THR B 514 22.44 38.22 -13.39
CA THR B 514 21.36 39.17 -13.00
C THR B 514 21.14 39.12 -11.49
N LEU B 515 21.70 38.11 -10.81
CA LEU B 515 21.51 37.91 -9.34
C LEU B 515 22.42 38.88 -8.59
N PRO B 516 22.06 39.27 -7.35
CA PRO B 516 22.97 40.04 -6.50
C PRO B 516 24.28 39.28 -6.21
N THR B 517 25.38 40.01 -6.07
CA THR B 517 26.70 39.50 -5.64
C THR B 517 26.62 39.14 -4.17
N HIS B 518 27.48 38.23 -3.71
CA HIS B 518 27.64 37.82 -2.29
C HIS B 518 27.59 39.05 -1.37
N TYR B 519 28.38 40.08 -1.69
CA TYR B 519 28.52 41.31 -0.86
C TYR B 519 27.18 42.04 -0.83
N GLU B 520 26.60 42.27 -2.01
CA GLU B 520 25.28 42.94 -2.17
C GLU B 520 24.23 42.18 -1.35
N PHE B 521 24.18 40.85 -1.46
CA PHE B 521 23.18 40.01 -0.74
C PHE B 521 23.34 40.23 0.75
N LEU B 522 24.57 40.13 1.27
CA LEU B 522 24.88 40.29 2.72
C LEU B 522 24.43 41.68 3.17
N ARG B 523 24.79 42.70 2.38
CA ARG B 523 24.55 44.13 2.70
C ARG B 523 23.03 44.36 2.83
N ASP B 524 22.24 43.83 1.89
CA ASP B 524 20.79 44.12 1.73
C ASP B 524 19.97 43.19 2.62
N GLU B 525 20.35 41.91 2.74
CA GLU B 525 19.52 40.86 3.43
C GLU B 525 19.92 40.69 4.90
N ILE B 526 21.20 40.82 5.25
CA ILE B 526 21.73 40.37 6.58
C ILE B 526 22.22 41.57 7.38
N TYR B 527 23.17 42.34 6.85
CA TYR B 527 23.86 43.43 7.57
C TYR B 527 22.96 44.67 7.56
N GLY B 528 22.48 45.10 6.38
CA GLY B 528 21.73 46.36 6.22
C GLY B 528 22.68 47.55 6.08
N SER B 529 23.97 47.29 5.80
CA SER B 529 25.06 48.28 5.94
C SER B 529 26.42 47.71 5.49
N ALA B 530 27.51 48.40 5.89
CA ALA B 530 28.86 47.85 6.24
C ALA B 530 29.24 48.27 7.66
N VAL C 2 32.83 -41.52 3.38
CA VAL C 2 31.69 -42.40 2.98
C VAL C 2 30.45 -42.05 3.84
N LYS C 3 29.27 -42.31 3.31
CA LYS C 3 28.01 -41.62 3.70
C LYS C 3 27.51 -42.11 5.07
N ILE C 4 26.77 -41.25 5.75
CA ILE C 4 26.06 -41.54 7.03
C ILE C 4 24.89 -42.48 6.76
N GLU C 5 25.02 -43.76 7.10
CA GLU C 5 23.91 -44.76 6.99
C GLU C 5 23.32 -45.02 8.38
N SER C 6 24.15 -45.03 9.42
CA SER C 6 23.71 -45.33 10.81
C SER C 6 24.12 -44.20 11.75
N VAL C 7 23.32 -43.97 12.77
CA VAL C 7 23.49 -42.87 13.75
C VAL C 7 23.33 -43.46 15.16
N ALA C 8 24.23 -43.11 16.06
CA ALA C 8 24.17 -43.41 17.51
C ALA C 8 23.99 -42.09 18.27
N ILE C 9 22.81 -41.85 18.84
CA ILE C 9 22.53 -40.69 19.73
C ILE C 9 22.84 -41.10 21.17
N VAL C 10 23.75 -40.41 21.84
CA VAL C 10 24.05 -40.65 23.28
C VAL C 10 23.32 -39.58 24.08
N GLY C 11 22.44 -40.00 24.99
CA GLY C 11 21.58 -39.13 25.82
C GLY C 11 20.12 -39.25 25.43
N GLY C 12 19.24 -39.30 26.41
CA GLY C 12 17.79 -39.46 26.18
C GLY C 12 16.93 -38.45 26.93
N GLY C 13 17.28 -37.16 26.86
CA GLY C 13 16.38 -36.09 27.34
C GLY C 13 15.43 -35.67 26.25
N SER C 14 14.94 -34.44 26.29
CA SER C 14 14.32 -33.74 25.14
C SER C 14 15.26 -33.85 23.93
N SER C 15 16.50 -33.36 24.06
CA SER C 15 17.50 -33.30 22.96
C SER C 15 17.66 -34.67 22.29
N GLY C 16 17.82 -35.74 23.07
CA GLY C 16 18.03 -37.10 22.54
C GLY C 16 16.84 -37.53 21.70
N TRP C 17 15.64 -37.42 22.24
CA TRP C 17 14.39 -37.93 21.62
C TRP C 17 13.91 -36.98 20.51
N MET C 18 14.15 -35.68 20.66
CA MET C 18 13.87 -34.67 19.61
C MET C 18 14.69 -35.04 18.37
N THR C 19 15.97 -35.42 18.58
CA THR C 19 16.90 -35.84 17.51
C THR C 19 16.44 -37.17 16.92
N ALA C 20 16.19 -38.17 17.78
CA ALA C 20 15.76 -39.52 17.36
C ALA C 20 14.47 -39.41 16.51
N ALA C 21 13.46 -38.67 16.98
CA ALA C 21 12.14 -38.52 16.32
C ALA C 21 12.33 -37.89 14.94
N ALA C 22 12.96 -36.72 14.88
CA ALA C 22 13.25 -35.94 13.65
C ALA C 22 13.95 -36.83 12.61
N LEU C 23 15.07 -37.44 12.98
CA LEU C 23 15.89 -38.30 12.09
C LEU C 23 15.05 -39.50 11.63
N SER C 24 14.33 -40.17 12.54
CA SER C 24 13.56 -41.39 12.24
C SER C 24 12.45 -41.10 11.21
N LYS C 25 11.86 -39.90 11.27
CA LYS C 25 10.70 -39.49 10.43
C LYS C 25 11.19 -38.84 9.13
N LEU C 26 12.12 -37.88 9.20
CA LEU C 26 12.57 -37.04 8.05
C LEU C 26 13.75 -37.69 7.30
N CYS C 27 14.41 -38.69 7.88
CA CYS C 27 15.59 -39.39 7.28
C CYS C 27 15.39 -40.89 7.40
N PRO C 28 14.34 -41.43 6.73
CA PRO C 28 13.97 -42.84 6.85
C PRO C 28 15.10 -43.81 6.43
N GLN C 29 16.01 -43.35 5.55
CA GLN C 29 17.18 -44.14 5.05
C GLN C 29 18.12 -44.50 6.21
N LEU C 30 18.11 -43.74 7.31
CA LEU C 30 19.03 -43.95 8.47
C LEU C 30 18.58 -45.13 9.33
N GLU C 31 19.55 -45.94 9.76
CA GLU C 31 19.49 -46.81 10.97
C GLU C 31 19.85 -45.92 12.17
N ILE C 32 19.00 -45.87 13.20
CA ILE C 32 19.18 -44.98 14.38
C ILE C 32 19.13 -45.81 15.66
N ALA C 33 20.09 -45.58 16.56
CA ALA C 33 20.08 -46.09 17.94
C ALA C 33 20.21 -44.90 18.90
N LEU C 34 19.53 -44.97 20.06
CA LEU C 34 19.68 -44.00 21.16
C LEU C 34 20.13 -44.72 22.43
N ILE C 35 21.30 -44.31 22.95
CA ILE C 35 21.92 -44.86 24.17
C ILE C 35 21.54 -43.94 25.34
N GLU C 36 20.89 -44.51 26.35
CA GLU C 36 20.33 -43.79 27.50
C GLU C 36 20.77 -44.56 28.76
N ASP C 37 21.27 -43.85 29.77
CA ASP C 37 21.78 -44.42 31.04
C ASP C 37 20.63 -44.55 32.01
N PRO C 38 20.17 -45.76 32.37
CA PRO C 38 19.15 -45.93 33.40
C PRO C 38 19.47 -45.19 34.71
N ASN C 39 20.74 -45.17 35.13
CA ASN C 39 21.21 -44.49 36.38
C ASN C 39 21.43 -42.98 36.16
N ILE C 40 20.55 -42.30 35.41
CA ILE C 40 20.55 -40.81 35.27
C ILE C 40 19.11 -40.33 35.37
N LYS C 41 18.76 -39.82 36.55
CA LYS C 41 17.38 -39.73 37.10
C LYS C 41 17.48 -39.21 38.54
N GLY C 46 10.30 -27.74 33.53
CA GLY C 46 9.49 -26.82 32.71
C GLY C 46 10.37 -25.86 31.92
N GLU C 47 10.05 -25.60 30.65
CA GLU C 47 10.83 -24.70 29.75
C GLU C 47 9.89 -24.04 28.73
N SER C 48 10.14 -22.79 28.38
CA SER C 48 9.37 -22.05 27.33
C SER C 48 10.12 -22.15 25.99
N THR C 49 9.37 -22.05 24.89
CA THR C 49 9.85 -22.24 23.50
C THR C 49 9.73 -20.90 22.75
N LEU C 50 10.26 -20.84 21.53
CA LEU C 50 10.07 -19.71 20.59
C LEU C 50 9.00 -20.07 19.55
N GLY C 51 8.67 -19.13 18.66
CA GLY C 51 7.90 -19.38 17.43
C GLY C 51 8.58 -20.48 16.60
N HIS C 52 9.91 -20.44 16.49
CA HIS C 52 10.70 -21.41 15.68
C HIS C 52 10.27 -22.85 15.99
N PHE C 53 9.87 -23.14 17.25
CA PHE C 53 9.39 -24.46 17.74
C PHE C 53 8.21 -24.96 16.91
N ASN C 54 7.38 -24.05 16.40
CA ASN C 54 6.20 -24.39 15.56
C ASN C 54 6.65 -25.10 14.28
N LYS C 55 7.76 -24.65 13.68
CA LYS C 55 8.34 -25.28 12.45
C LYS C 55 8.71 -26.74 12.77
N PHE C 56 9.36 -26.96 13.92
CA PHE C 56 9.75 -28.33 14.39
C PHE C 56 8.47 -29.17 14.52
N LEU C 57 7.46 -28.66 15.25
CA LEU C 57 6.18 -29.37 15.46
C LEU C 57 5.53 -29.70 14.11
N HIS C 58 5.52 -28.76 13.18
CA HIS C 58 4.89 -28.89 11.84
C HIS C 58 5.65 -29.94 11.02
N LEU C 59 6.98 -29.96 11.12
CA LEU C 59 7.86 -30.95 10.43
C LEU C 59 7.58 -32.36 10.96
N LEU C 60 7.16 -32.50 12.22
CA LEU C 60 6.87 -33.82 12.85
C LEU C 60 5.37 -34.11 12.84
N ASP C 61 4.54 -33.23 12.26
CA ASP C 61 3.06 -33.40 12.09
C ASP C 61 2.34 -33.43 13.44
N LEU C 62 2.88 -32.79 14.47
CA LEU C 62 2.35 -32.85 15.85
C LEU C 62 1.23 -31.82 16.01
N LYS C 63 0.00 -32.27 16.26
CA LYS C 63 -1.19 -31.40 16.53
C LYS C 63 -1.26 -31.06 18.03
N ASP C 64 -1.49 -29.79 18.37
CA ASP C 64 -1.58 -29.26 19.78
C ASP C 64 -2.42 -30.20 20.65
N GLU C 65 -3.57 -30.66 20.15
CA GLU C 65 -4.56 -31.49 20.87
C GLU C 65 -3.86 -32.74 21.43
N ASP C 66 -2.89 -33.29 20.69
CA ASP C 66 -2.32 -34.65 20.94
C ASP C 66 -1.18 -34.60 21.96
N TRP C 67 -0.21 -33.70 21.76
CA TRP C 67 1.07 -33.69 22.51
C TRP C 67 0.97 -32.78 23.74
N MET C 68 0.17 -31.71 23.72
CA MET C 68 0.17 -30.69 24.81
C MET C 68 -0.23 -31.34 26.14
N PRO C 69 -1.35 -32.10 26.21
CA PRO C 69 -1.76 -32.69 27.50
C PRO C 69 -0.77 -33.72 28.03
N ALA C 70 -0.03 -34.40 27.14
CA ALA C 70 0.92 -35.47 27.48
C ALA C 70 2.15 -34.90 28.21
N CYS C 71 2.37 -33.59 28.18
CA CYS C 71 3.53 -32.96 28.88
C CYS C 71 3.14 -31.63 29.57
N ASN C 72 1.92 -31.56 30.12
CA ASN C 72 1.40 -30.45 30.95
C ASN C 72 1.69 -29.10 30.26
N ALA C 73 1.57 -29.06 28.94
CA ALA C 73 1.91 -27.88 28.14
C ALA C 73 0.82 -26.83 28.32
N THR C 74 1.20 -25.56 28.26
CA THR C 74 0.28 -24.40 28.13
C THR C 74 0.79 -23.53 26.99
N TYR C 75 0.03 -22.49 26.62
CA TYR C 75 0.32 -21.58 25.48
C TYR C 75 1.12 -20.37 25.96
N LYS C 76 1.87 -19.77 25.05
CA LYS C 76 2.80 -18.63 25.30
C LYS C 76 2.76 -17.64 24.13
N ASN C 77 2.36 -16.39 24.40
CA ASN C 77 2.12 -15.35 23.35
C ASN C 77 3.18 -14.26 23.42
N SER C 78 3.96 -14.20 24.50
CA SER C 78 4.93 -13.11 24.77
C SER C 78 5.95 -13.54 25.84
N ILE C 79 7.14 -12.94 25.80
CA ILE C 79 8.05 -12.86 26.98
C ILE C 79 7.80 -11.52 27.66
N ARG C 80 7.50 -11.56 28.96
CA ARG C 80 7.23 -10.36 29.79
C ARG C 80 8.48 -10.06 30.62
N PHE C 81 8.89 -8.79 30.69
CA PHE C 81 10.03 -8.30 31.49
C PHE C 81 9.51 -7.38 32.60
N THR C 82 9.39 -7.96 33.80
CA THR C 82 9.08 -7.22 35.06
C THR C 82 10.40 -6.85 35.72
N ASN C 83 10.52 -5.59 36.15
CA ASN C 83 11.56 -5.08 37.10
C ASN C 83 12.91 -4.85 36.39
N PHE C 84 12.96 -4.86 35.05
CA PHE C 84 14.22 -4.90 34.27
C PHE C 84 14.71 -3.50 33.89
N ARG C 85 13.80 -2.53 33.68
CA ARG C 85 14.20 -1.17 33.24
C ARG C 85 14.84 -0.41 34.40
N GLU C 86 14.14 -0.34 35.53
CA GLU C 86 14.41 0.63 36.62
C GLU C 86 14.30 -0.02 38.00
N GLY C 87 13.86 -1.28 38.09
CA GLY C 87 13.71 -2.04 39.35
C GLY C 87 12.58 -1.55 40.23
N LYS C 88 11.44 -1.20 39.63
CA LYS C 88 10.26 -0.62 40.35
C LYS C 88 8.95 -1.26 39.86
N GLY C 89 8.99 -2.54 39.48
CA GLY C 89 7.79 -3.33 39.09
C GLY C 89 7.29 -3.01 37.69
N GLU C 90 7.93 -2.10 36.96
CA GLU C 90 7.57 -1.75 35.57
C GLU C 90 7.68 -2.98 34.67
N VAL C 91 6.82 -3.06 33.65
CA VAL C 91 6.66 -4.25 32.77
C VAL C 91 6.73 -3.81 31.31
N PHE C 92 7.31 -4.64 30.45
CA PHE C 92 7.23 -4.50 28.99
C PHE C 92 7.26 -5.89 28.38
N GLU C 93 6.77 -6.02 27.15
CA GLU C 93 6.64 -7.31 26.46
C GLU C 93 7.57 -7.34 25.25
N TYR C 94 8.04 -8.55 24.94
CA TYR C 94 8.47 -8.97 23.58
C TYR C 94 7.45 -9.99 23.10
N PRO C 95 6.36 -9.55 22.43
CA PRO C 95 5.31 -10.45 21.95
C PRO C 95 5.74 -11.15 20.66
N PHE C 96 5.18 -12.32 20.35
CA PHE C 96 5.49 -13.09 19.12
C PHE C 96 4.80 -12.48 17.90
N GLY C 97 5.51 -12.44 16.78
CA GLY C 97 5.00 -11.83 15.54
C GLY C 97 5.96 -11.97 14.38
N PRO C 98 5.46 -12.17 13.16
CA PRO C 98 6.33 -12.41 12.00
C PRO C 98 7.08 -11.11 11.70
N SER C 99 6.38 -9.98 11.82
CA SER C 99 6.77 -8.61 11.42
C SER C 99 6.09 -7.60 12.34
N LEU C 100 6.64 -6.39 12.40
CA LEU C 100 6.02 -5.21 13.07
C LEU C 100 4.80 -4.78 12.25
N ASP C 101 3.62 -4.70 12.88
CA ASP C 101 2.38 -4.18 12.22
C ASP C 101 2.57 -2.70 11.92
N VAL C 102 2.51 -2.32 10.63
CA VAL C 102 2.82 -0.94 10.14
C VAL C 102 1.55 -0.07 10.09
N SER C 103 0.41 -0.56 10.58
CA SER C 103 -0.94 0.04 10.35
C SER C 103 -0.99 1.53 10.71
N PHE C 104 -0.39 1.96 11.83
CA PHE C 104 -0.51 3.35 12.35
C PHE C 104 0.80 4.12 12.13
N PHE C 105 1.73 3.57 11.35
CA PHE C 105 3.04 4.20 11.05
C PHE C 105 2.83 5.34 10.05
N SER C 106 3.43 6.51 10.32
CA SER C 106 3.73 7.55 9.32
C SER C 106 4.42 6.90 8.11
N GLN C 107 3.96 7.21 6.89
CA GLN C 107 4.61 6.76 5.63
C GLN C 107 6.10 7.14 5.67
N THR C 108 6.41 8.37 6.09
CA THR C 108 7.78 8.98 6.01
C THR C 108 8.66 8.52 7.19
N ASP C 109 8.09 8.30 8.38
CA ASP C 109 8.87 7.96 9.60
C ASP C 109 8.92 6.45 9.85
N GLY C 110 8.07 5.64 9.20
CA GLY C 110 8.05 4.17 9.38
C GLY C 110 8.11 3.78 10.85
N ILE C 111 9.06 2.92 11.22
CA ILE C 111 9.27 2.36 12.58
C ILE C 111 9.50 3.46 13.64
N ASN C 112 9.97 4.64 13.22
CA ASN C 112 10.30 5.79 14.12
C ASN C 112 9.03 6.52 14.56
N THR C 113 7.86 6.15 14.04
CA THR C 113 6.56 6.80 14.36
C THR C 113 6.32 6.73 15.88
N TRP C 114 6.41 5.55 16.48
CA TRP C 114 6.09 5.39 17.92
C TRP C 114 6.96 6.35 18.76
N GLY C 115 8.26 6.41 18.49
CA GLY C 115 9.22 7.28 19.18
C GLY C 115 8.81 8.75 19.12
N LYS C 116 8.39 9.25 17.95
CA LYS C 116 7.93 10.66 17.80
C LYS C 116 6.69 10.87 18.67
N LEU C 117 5.74 9.92 18.67
CA LEU C 117 4.52 9.96 19.52
C LEU C 117 4.93 10.07 21.00
N ALA C 118 5.90 9.24 21.42
CA ALA C 118 6.46 9.20 22.79
C ALA C 118 7.01 10.58 23.19
N ASN C 119 7.68 11.28 22.26
CA ASN C 119 8.28 12.63 22.51
C ASN C 119 7.17 13.68 22.61
N LYS C 120 6.24 13.66 21.67
CA LYS C 120 5.15 14.67 21.55
C LYS C 120 4.13 14.48 22.68
N TYR C 121 3.78 13.24 23.01
CA TYR C 121 2.65 12.90 23.92
C TYR C 121 3.10 11.88 24.98
N PRO C 122 4.03 12.28 25.88
CA PRO C 122 4.67 11.37 26.82
C PRO C 122 3.67 10.59 27.69
N GLU C 123 2.67 11.30 28.20
CA GLU C 123 1.66 10.71 29.14
C GLU C 123 0.88 9.61 28.42
N ASP C 124 0.71 9.71 27.10
CA ASP C 124 -0.12 8.77 26.30
C ASP C 124 0.72 7.61 25.75
N PHE C 125 2.05 7.74 25.73
CA PHE C 125 2.94 6.76 25.07
C PHE C 125 4.14 6.42 25.96
N PRO C 126 3.92 5.89 27.18
CA PRO C 126 5.00 5.34 27.97
C PRO C 126 5.63 4.14 27.28
N PRO C 127 6.83 3.69 27.72
CA PRO C 127 7.55 2.60 27.05
C PRO C 127 6.72 1.33 26.74
N GLU C 128 5.78 0.97 27.61
CA GLU C 128 4.96 -0.27 27.42
C GLU C 128 4.03 -0.13 26.21
N THR C 129 3.90 1.05 25.60
CA THR C 129 2.97 1.29 24.47
C THR C 129 3.61 0.93 23.12
N PHE C 130 4.95 0.83 23.03
CA PHE C 130 5.62 0.46 21.75
C PHE C 130 5.07 -0.88 21.26
N ALA C 131 5.04 -1.89 22.13
CA ALA C 131 4.62 -3.27 21.79
C ALA C 131 3.16 -3.24 21.33
N ARG C 132 2.30 -2.56 22.09
CA ARG C 132 0.86 -2.39 21.75
C ARG C 132 0.73 -1.75 20.37
N PHE C 133 1.60 -0.78 20.07
CA PHE C 133 1.52 0.07 18.86
C PHE C 133 2.02 -0.70 17.63
N VAL C 134 2.71 -1.82 17.80
CA VAL C 134 3.33 -2.52 16.62
C VAL C 134 2.92 -4.00 16.59
N ASN C 135 2.31 -4.53 17.66
CA ASN C 135 1.95 -5.96 17.76
C ASN C 135 0.71 -6.11 18.65
N SER C 136 -0.34 -6.73 18.13
CA SER C 136 -1.65 -6.88 18.82
C SER C 136 -1.64 -8.15 19.66
N ASN C 137 -0.73 -9.09 19.36
CA ASN C 137 -0.49 -10.28 20.21
C ASN C 137 -0.28 -9.78 21.63
N THR C 138 0.37 -8.61 21.78
CA THR C 138 0.60 -7.88 23.05
C THR C 138 -0.67 -7.86 23.92
N TYR C 139 -1.83 -7.58 23.33
CA TYR C 139 -3.13 -7.45 24.04
C TYR C 139 -3.55 -8.80 24.63
N LEU C 140 -3.40 -9.89 23.88
CA LEU C 140 -3.70 -11.29 24.35
C LEU C 140 -2.84 -11.56 25.58
N ALA C 141 -1.53 -11.32 25.46
CA ALA C 141 -0.53 -11.52 26.54
C ALA C 141 -0.94 -10.66 27.73
N GLU C 142 -1.29 -9.41 27.51
CA GLU C 142 -1.53 -8.42 28.60
C GLU C 142 -2.81 -8.77 29.38
N HIS C 143 -3.88 -9.19 28.70
CA HIS C 143 -5.18 -9.52 29.35
C HIS C 143 -5.33 -11.04 29.54
N ASN C 144 -4.29 -11.82 29.27
CA ASN C 144 -4.26 -13.29 29.53
C ASN C 144 -5.42 -13.97 28.77
N ARG C 145 -5.61 -13.62 27.50
CA ARG C 145 -6.68 -14.14 26.62
C ARG C 145 -6.06 -14.88 25.44
N LEU C 146 -6.86 -15.71 24.77
CA LEU C 146 -6.41 -16.50 23.60
C LEU C 146 -7.59 -16.70 22.64
N THR C 147 -7.28 -16.79 21.35
CA THR C 147 -8.26 -16.93 20.24
C THR C 147 -7.52 -17.48 19.03
N ARG C 148 -8.24 -18.22 18.17
CA ARG C 148 -7.70 -18.74 16.89
C ARG C 148 -7.71 -17.62 15.85
N ASN C 149 -8.41 -16.51 16.12
CA ASN C 149 -8.38 -15.28 15.27
C ASN C 149 -8.88 -15.65 13.87
N LYS C 150 -9.88 -16.54 13.79
CA LYS C 150 -10.53 -17.06 12.56
C LYS C 150 -10.82 -15.90 11.59
N ASP C 151 -11.68 -14.99 12.00
CA ASP C 151 -11.80 -13.61 11.44
C ASP C 151 -10.64 -12.82 12.04
N ASN C 152 -9.82 -12.18 11.21
CA ASN C 152 -8.54 -11.55 11.62
C ASN C 152 -8.79 -10.30 12.45
N LYS C 153 -9.58 -10.43 13.53
CA LYS C 153 -10.02 -9.30 14.40
C LYS C 153 -8.87 -8.85 15.31
N ILE C 154 -7.84 -9.69 15.48
CA ILE C 154 -6.53 -9.29 16.08
C ILE C 154 -5.53 -9.13 14.92
N PRO C 155 -5.15 -7.89 14.55
CA PRO C 155 -4.34 -7.65 13.36
C PRO C 155 -2.97 -8.33 13.42
N ASN C 156 -2.58 -9.00 12.34
CA ASN C 156 -1.19 -9.50 12.11
C ASN C 156 -0.82 -10.58 13.14
N PHE C 157 -1.80 -11.32 13.65
CA PHE C 157 -1.63 -12.45 14.59
C PHE C 157 -2.15 -13.73 13.94
N ASN C 158 -1.33 -14.78 13.90
CA ASN C 158 -1.65 -16.11 13.33
C ASN C 158 -1.48 -17.13 14.45
N PHE C 159 -2.58 -17.64 15.00
CA PHE C 159 -2.61 -18.52 16.21
C PHE C 159 -1.54 -19.61 16.09
N ASP C 160 -1.55 -20.40 14.99
CA ASP C 160 -0.62 -21.54 14.79
C ASP C 160 0.83 -21.12 15.00
N TRP C 161 1.26 -20.03 14.38
CA TRP C 161 2.69 -19.67 14.20
C TRP C 161 3.16 -18.57 15.16
N ASP C 162 2.25 -17.71 15.65
CA ASP C 162 2.56 -16.57 16.56
C ASP C 162 2.26 -16.95 18.01
N THR C 163 1.80 -18.18 18.26
CA THR C 163 1.66 -18.74 19.63
C THR C 163 2.65 -19.90 19.78
N ALA C 164 3.53 -19.79 20.77
CA ALA C 164 4.47 -20.84 21.20
C ALA C 164 3.92 -21.49 22.48
N TYR C 165 4.77 -22.18 23.24
CA TYR C 165 4.34 -23.16 24.26
C TYR C 165 5.26 -23.11 25.49
N HIS C 166 4.67 -23.32 26.66
CA HIS C 166 5.34 -23.78 27.90
C HIS C 166 5.20 -25.30 27.98
N ILE C 167 6.29 -26.04 28.15
CA ILE C 167 6.28 -27.53 28.12
C ILE C 167 7.13 -28.06 29.28
N ASP C 168 6.80 -29.25 29.77
CA ASP C 168 7.72 -30.12 30.55
C ASP C 168 8.58 -30.85 29.51
N ALA C 169 9.85 -30.51 29.38
CA ALA C 169 10.73 -30.97 28.29
C ALA C 169 10.95 -32.49 28.38
N GLU C 170 11.01 -33.07 29.57
CA GLU C 170 11.28 -34.53 29.77
C GLU C 170 10.06 -35.30 29.24
N LEU C 171 8.85 -34.88 29.62
CA LEU C 171 7.59 -35.52 29.18
C LEU C 171 7.42 -35.33 27.67
N PHE C 172 7.86 -34.19 27.13
CA PHE C 172 7.83 -33.93 25.67
C PHE C 172 8.70 -34.96 24.96
N GLY C 173 9.91 -35.21 25.48
CA GLY C 173 10.83 -36.25 24.98
C GLY C 173 10.18 -37.62 25.05
N GLN C 174 9.56 -37.94 26.19
CA GLN C 174 8.87 -39.24 26.41
C GLN C 174 7.76 -39.40 25.36
N TYR C 175 7.12 -38.32 24.93
CA TYR C 175 6.04 -38.37 23.93
C TYR C 175 6.65 -38.73 22.57
N LEU C 176 7.68 -37.98 22.15
CA LEU C 176 8.39 -38.17 20.86
C LEU C 176 8.90 -39.62 20.79
N LYS C 177 9.37 -40.14 21.92
CA LYS C 177 9.88 -41.53 22.09
C LYS C 177 8.78 -42.53 21.71
N GLU C 178 7.64 -42.47 22.40
CA GLU C 178 6.55 -43.49 22.30
C GLU C 178 5.80 -43.35 20.98
N LYS C 179 5.62 -42.13 20.46
CA LYS C 179 4.71 -41.84 19.31
C LYS C 179 5.45 -41.82 17.98
N ILE C 180 6.71 -41.36 17.94
CA ILE C 180 7.46 -41.18 16.66
C ILE C 180 8.69 -42.08 16.61
N ALA C 181 9.63 -41.94 17.56
CA ALA C 181 10.99 -42.56 17.48
C ALA C 181 10.88 -44.09 17.50
N LEU C 182 10.33 -44.68 18.57
CA LEU C 182 10.32 -46.15 18.73
C LEU C 182 9.49 -46.77 17.61
N PRO C 183 8.25 -46.32 17.34
CA PRO C 183 7.47 -46.85 16.22
C PRO C 183 8.24 -46.85 14.89
N ASN C 184 9.07 -45.83 14.63
CA ASN C 184 9.90 -45.71 13.40
C ASN C 184 11.18 -46.55 13.51
N GLY C 185 11.32 -47.37 14.56
CA GLY C 185 12.39 -48.37 14.66
C GLY C 185 13.68 -47.81 15.23
N VAL C 186 13.65 -46.67 15.92
CA VAL C 186 14.83 -46.20 16.70
C VAL C 186 15.12 -47.29 17.75
N LYS C 187 16.34 -47.82 17.76
CA LYS C 187 16.81 -48.90 18.66
C LYS C 187 17.21 -48.27 20.00
N HIS C 188 16.43 -48.53 21.05
CA HIS C 188 16.66 -48.05 22.43
C HIS C 188 17.70 -48.95 23.08
N ILE C 189 18.87 -48.42 23.45
CA ILE C 189 19.98 -49.17 24.09
C ILE C 189 20.22 -48.62 25.50
N GLN C 190 19.98 -49.44 26.51
CA GLN C 190 20.14 -49.08 27.95
C GLN C 190 21.61 -49.31 28.32
N GLY C 191 22.32 -48.28 28.74
CA GLY C 191 23.76 -48.43 29.05
C GLY C 191 24.42 -47.10 29.37
N LYS C 192 25.54 -47.18 30.08
CA LYS C 192 26.46 -46.06 30.36
C LYS C 192 27.60 -46.13 29.33
N VAL C 193 27.80 -45.06 28.57
CA VAL C 193 29.00 -44.88 27.69
C VAL C 193 30.18 -44.59 28.60
N THR C 194 31.19 -45.49 28.62
CA THR C 194 32.35 -45.44 29.55
C THR C 194 33.60 -44.96 28.82
N GLY C 195 33.75 -45.26 27.53
CA GLY C 195 34.98 -44.94 26.76
C GLY C 195 34.76 -44.99 25.27
N TYR C 196 35.85 -44.97 24.50
CA TYR C 196 35.87 -44.87 23.01
C TYR C 196 37.19 -45.36 22.45
N GLN C 197 37.24 -45.65 21.15
CA GLN C 197 38.50 -45.93 20.41
C GLN C 197 38.46 -45.17 19.09
N LYS C 198 39.47 -44.34 18.83
CA LYS C 198 39.63 -43.62 17.54
C LYS C 198 40.08 -44.61 16.47
N GLU C 199 40.03 -44.21 15.21
CA GLU C 199 40.24 -45.12 14.05
C GLU C 199 41.74 -45.46 13.96
N SER C 200 42.60 -44.46 14.12
CA SER C 200 44.08 -44.60 13.96
C SER C 200 44.79 -43.39 14.55
N PRO C 201 46.12 -43.46 14.79
CA PRO C 201 46.92 -42.29 15.14
C PRO C 201 46.49 -40.96 14.49
N ASN C 202 46.15 -40.98 13.21
CA ASN C 202 45.90 -39.76 12.38
C ASN C 202 44.42 -39.59 12.10
N ASN C 203 43.66 -40.70 12.03
CA ASN C 203 42.18 -40.66 11.88
C ASN C 203 41.54 -40.56 13.26
N HIS C 204 41.07 -39.37 13.64
CA HIS C 204 40.49 -39.07 14.98
C HIS C 204 38.96 -39.34 15.00
N ASN C 205 38.40 -40.02 14.01
CA ASN C 205 36.99 -40.47 14.05
C ASN C 205 36.85 -41.58 15.09
N PHE C 206 35.76 -41.61 15.87
CA PHE C 206 35.39 -42.77 16.71
C PHE C 206 35.27 -43.98 15.78
N LYS C 207 36.01 -45.05 16.04
CA LYS C 207 35.81 -46.36 15.37
C LYS C 207 34.59 -47.04 16.02
N TYR C 208 34.46 -46.87 17.33
CA TYR C 208 33.28 -47.26 18.13
C TYR C 208 33.35 -46.52 19.48
N ILE C 209 32.26 -46.50 20.23
CA ILE C 209 32.24 -46.06 21.65
C ILE C 209 31.96 -47.31 22.50
N ILE C 210 32.37 -47.29 23.77
CA ILE C 210 32.26 -48.45 24.70
C ILE C 210 31.10 -48.21 25.67
N LEU C 211 30.27 -49.24 25.86
CA LEU C 211 29.10 -49.29 26.77
C LEU C 211 29.41 -50.19 27.98
N ASP C 212 29.32 -49.67 29.19
CA ASP C 212 29.51 -50.43 30.46
C ASP C 212 30.85 -51.17 30.44
N GLN C 213 31.90 -50.51 29.93
CA GLN C 213 33.29 -51.03 29.85
C GLN C 213 33.32 -52.40 29.16
N GLU C 214 32.38 -52.71 28.26
CA GLU C 214 32.28 -54.04 27.60
C GLU C 214 31.89 -53.92 26.12
N THR C 215 30.70 -53.40 25.82
CA THR C 215 30.06 -53.47 24.47
C THR C 215 30.47 -52.28 23.60
N ALA C 216 30.95 -52.55 22.39
CA ALA C 216 31.30 -51.53 21.37
C ALA C 216 30.07 -51.21 20.51
N ILE C 217 29.65 -49.95 20.48
CA ILE C 217 28.58 -49.41 19.60
C ILE C 217 29.26 -48.81 18.36
N PHE C 218 28.93 -49.35 17.19
CA PHE C 218 29.41 -48.91 15.86
C PHE C 218 28.33 -48.00 15.25
N ALA C 219 28.72 -46.83 14.76
CA ALA C 219 27.86 -45.89 14.01
C ALA C 219 28.74 -45.07 13.07
N ASP C 220 28.19 -44.58 11.96
CA ASP C 220 28.88 -43.69 11.00
C ASP C 220 28.97 -42.30 11.63
N LEU C 221 27.95 -41.90 12.36
CA LEU C 221 27.83 -40.58 13.04
C LEU C 221 27.35 -40.78 14.48
N TYR C 222 28.04 -40.14 15.42
CA TYR C 222 27.70 -40.13 16.87
C TYR C 222 27.17 -38.75 17.21
N ILE C 223 26.02 -38.69 17.85
CA ILE C 223 25.36 -37.41 18.25
C ILE C 223 25.44 -37.30 19.78
N ASP C 224 26.04 -36.23 20.27
CA ASP C 224 26.19 -35.98 21.72
C ASP C 224 24.98 -35.20 22.23
N CYS C 225 24.06 -35.88 22.91
CA CYS C 225 22.89 -35.27 23.61
C CYS C 225 23.05 -35.50 25.12
N THR C 226 24.27 -35.45 25.64
CA THR C 226 24.59 -35.75 27.06
C THR C 226 24.52 -34.47 27.92
N GLY C 227 24.04 -33.35 27.38
CA GLY C 227 23.89 -32.07 28.13
C GLY C 227 25.24 -31.49 28.55
N PHE C 228 25.30 -30.78 29.70
CA PHE C 228 26.49 -30.03 30.16
C PHE C 228 27.72 -30.95 30.24
N LYS C 229 27.54 -32.22 30.61
CA LYS C 229 28.61 -33.25 30.57
C LYS C 229 29.44 -33.09 29.29
N SER C 230 28.77 -32.97 28.15
CA SER C 230 29.37 -32.97 26.79
C SER C 230 30.39 -34.11 26.71
N LEU C 231 29.96 -35.34 26.98
CA LEU C 231 30.85 -36.53 27.09
C LEU C 231 31.56 -36.80 25.75
N LEU C 232 30.87 -36.72 24.62
CA LEU C 232 31.44 -37.13 23.30
C LEU C 232 32.17 -35.93 22.66
N LEU C 233 31.54 -34.77 22.59
CA LEU C 233 32.11 -33.58 21.90
C LEU C 233 33.25 -33.01 22.75
N GLY C 234 32.92 -32.62 23.99
CA GLY C 234 33.83 -31.95 24.93
C GLY C 234 34.90 -32.88 25.46
N GLU C 235 34.52 -33.99 26.10
CA GLU C 235 35.47 -34.91 26.77
C GLU C 235 36.20 -35.74 25.71
N PHE C 236 35.51 -36.66 25.03
CA PHE C 236 36.14 -37.68 24.15
C PHE C 236 36.82 -37.02 22.95
N MET C 237 36.17 -36.09 22.24
CA MET C 237 36.73 -35.41 21.02
C MET C 237 37.54 -34.18 21.47
N GLY C 238 37.42 -33.79 22.74
CA GLY C 238 38.29 -32.77 23.37
C GLY C 238 38.02 -31.37 22.86
N GLU C 239 36.81 -31.05 22.39
CA GLU C 239 36.54 -29.70 21.83
C GLU C 239 36.45 -28.68 22.97
N ALA C 240 37.23 -27.61 22.85
CA ALA C 240 37.34 -26.47 23.80
C ALA C 240 35.96 -25.83 24.01
N PHE C 241 35.80 -25.10 25.12
CA PHE C 241 34.56 -24.36 25.48
C PHE C 241 34.87 -22.85 25.58
N SER C 242 34.22 -22.02 24.75
CA SER C 242 34.25 -20.54 24.87
C SER C 242 33.13 -20.06 25.78
N PRO C 243 33.44 -19.56 27.00
CA PRO C 243 32.39 -19.04 27.90
C PRO C 243 31.91 -17.66 27.44
N PHE C 244 30.70 -17.23 27.84
CA PHE C 244 30.11 -15.91 27.50
C PHE C 244 30.30 -14.92 28.66
N SER C 245 31.18 -15.21 29.62
CA SER C 245 31.36 -14.43 30.88
C SER C 245 31.79 -12.98 30.60
N LYS C 246 32.27 -12.69 29.39
CA LYS C 246 32.68 -11.34 28.95
C LYS C 246 31.46 -10.43 28.75
N LYS C 247 30.26 -10.97 28.47
CA LYS C 247 29.01 -10.19 28.19
C LYS C 247 27.88 -10.56 29.16
N LEU C 248 27.87 -11.81 29.63
CA LEU C 248 26.81 -12.36 30.50
C LEU C 248 27.48 -12.89 31.78
N ALA C 249 27.10 -12.30 32.92
CA ALA C 249 27.70 -12.55 34.25
C ALA C 249 27.11 -13.81 34.90
N ASN C 250 25.97 -14.31 34.43
CA ASN C 250 25.20 -15.38 35.11
C ASN C 250 25.86 -16.73 34.81
N ASP C 251 26.28 -17.42 35.87
CA ASP C 251 27.04 -18.69 35.78
C ASP C 251 26.36 -19.77 36.63
N LYS C 252 25.29 -19.42 37.34
CA LYS C 252 24.54 -20.33 38.24
C LYS C 252 23.05 -20.22 37.94
N ALA C 253 22.32 -21.30 38.22
CA ALA C 253 20.85 -21.33 38.26
C ALA C 253 20.41 -22.23 39.40
N MET C 254 19.37 -21.82 40.11
CA MET C 254 18.56 -22.72 40.98
C MET C 254 17.14 -22.71 40.43
N ALA C 255 16.43 -23.84 40.55
CA ALA C 255 15.11 -24.05 39.91
C ALA C 255 14.22 -24.82 40.88
N THR C 256 12.91 -24.64 40.76
CA THR C 256 11.91 -25.22 41.68
C THR C 256 10.57 -25.36 40.98
N ARG C 257 9.67 -26.08 41.64
CA ARG C 257 8.28 -26.33 41.23
C ARG C 257 7.42 -25.68 42.32
N ILE C 258 6.48 -24.83 41.95
CA ILE C 258 5.56 -24.15 42.91
C ILE C 258 4.14 -24.56 42.54
N PRO C 259 3.30 -24.95 43.53
CA PRO C 259 1.89 -25.24 43.27
C PRO C 259 1.12 -23.94 42.99
N TYR C 260 0.04 -24.02 42.21
CA TYR C 260 -0.89 -22.91 41.93
C TYR C 260 -1.71 -22.61 43.19
N GLU C 261 -1.89 -21.32 43.50
CA GLU C 261 -2.82 -20.84 44.56
C GLU C 261 -4.18 -20.55 43.91
N ASN C 262 -4.17 -19.80 42.80
CA ASN C 262 -5.37 -19.52 41.97
C ASN C 262 -5.02 -19.80 40.51
N ARG C 263 -5.16 -21.06 40.11
CA ARG C 263 -4.66 -21.64 38.84
C ARG C 263 -5.22 -20.89 37.63
N GLU C 264 -6.52 -20.61 37.60
CA GLU C 264 -7.19 -19.87 36.52
C GLU C 264 -6.50 -18.51 36.33
N GLU C 265 -6.34 -17.74 37.41
CA GLU C 265 -5.76 -16.36 37.39
C GLU C 265 -4.26 -16.39 37.06
N GLU C 266 -3.55 -17.42 37.52
CA GLU C 266 -2.05 -17.45 37.58
C GLU C 266 -1.44 -18.06 36.31
N MET C 267 -2.14 -18.97 35.65
CA MET C 267 -1.62 -19.72 34.47
C MET C 267 -1.55 -18.76 33.27
N HIS C 268 -0.49 -17.95 33.23
CA HIS C 268 -0.33 -16.84 32.26
C HIS C 268 0.08 -17.37 30.89
N ASN C 269 -0.60 -16.80 29.89
CA ASN C 269 -0.23 -16.59 28.46
C ASN C 269 1.26 -16.27 28.19
N VAL C 270 2.12 -16.08 29.21
CA VAL C 270 3.50 -15.53 29.00
C VAL C 270 4.53 -16.23 29.91
N THR C 271 5.79 -16.22 29.47
CA THR C 271 6.98 -16.43 30.34
C THR C 271 7.36 -15.05 30.92
N ASP C 272 7.22 -14.89 32.24
CA ASP C 272 7.65 -13.66 32.96
C ASP C 272 9.12 -13.83 33.36
N CYS C 273 9.90 -12.77 33.16
CA CYS C 273 11.32 -12.64 33.57
C CYS C 273 11.41 -11.46 34.52
N HIS C 274 11.59 -11.75 35.80
CA HIS C 274 11.61 -10.77 36.91
C HIS C 274 13.06 -10.49 37.30
N ALA C 275 13.58 -9.30 37.02
CA ALA C 275 14.97 -8.91 37.35
C ALA C 275 15.09 -8.79 38.88
N MET C 276 16.11 -9.44 39.43
CA MET C 276 16.42 -9.51 40.89
C MET C 276 17.72 -8.72 41.16
N LYS C 277 18.29 -8.84 42.36
CA LYS C 277 19.50 -8.05 42.76
C LYS C 277 20.74 -8.52 41.99
N ASN C 278 20.84 -9.82 41.66
CA ASN C 278 22.06 -10.45 41.07
C ASN C 278 21.70 -11.32 39.86
N GLY C 279 20.57 -11.06 39.22
CA GLY C 279 20.13 -11.80 38.01
C GLY C 279 18.64 -11.60 37.77
N TRP C 280 17.93 -12.69 37.47
CA TRP C 280 16.48 -12.64 37.11
C TRP C 280 15.86 -14.01 37.37
N VAL C 281 14.56 -14.02 37.67
CA VAL C 281 13.75 -15.25 37.95
C VAL C 281 12.78 -15.45 36.80
N TRP C 282 12.74 -16.67 36.24
CA TRP C 282 11.76 -17.08 35.20
C TRP C 282 10.52 -17.66 35.89
N ASN C 283 9.36 -17.42 35.28
CA ASN C 283 8.04 -17.99 35.68
C ASN C 283 7.46 -18.67 34.44
N ILE C 284 7.33 -20.00 34.49
CA ILE C 284 6.83 -20.83 33.37
C ILE C 284 5.57 -21.56 33.85
N PRO C 285 4.37 -21.06 33.51
CA PRO C 285 3.13 -21.72 33.86
C PRO C 285 2.96 -23.01 33.05
N LEU C 286 2.76 -24.14 33.74
CA LEU C 286 2.35 -25.42 33.12
C LEU C 286 0.94 -25.75 33.61
N TRP C 287 0.40 -26.86 33.14
CA TRP C 287 -1.00 -27.23 33.40
C TRP C 287 -1.19 -27.43 34.91
N ASN C 288 -0.22 -28.08 35.58
CA ASN C 288 -0.35 -28.62 36.96
C ASN C 288 0.48 -27.82 37.97
N ARG C 289 1.32 -26.89 37.52
CA ARG C 289 2.28 -26.19 38.41
C ARG C 289 2.91 -24.99 37.69
N ILE C 290 3.62 -24.15 38.46
CA ILE C 290 4.55 -23.10 37.94
C ILE C 290 5.97 -23.62 38.11
N GLY C 291 6.74 -23.64 37.01
CA GLY C 291 8.20 -23.82 37.03
C GLY C 291 8.88 -22.47 37.16
N THR C 292 9.83 -22.33 38.09
CA THR C 292 10.49 -21.04 38.44
C THR C 292 11.93 -21.28 38.86
N GLY C 293 12.85 -20.38 38.46
CA GLY C 293 14.27 -20.44 38.84
C GLY C 293 14.91 -19.07 38.84
N TYR C 294 16.01 -18.92 39.59
CA TYR C 294 16.88 -17.73 39.64
C TYR C 294 18.12 -18.04 38.78
N CYS C 295 18.37 -17.26 37.73
CA CYS C 295 19.71 -17.15 37.07
C CYS C 295 20.47 -16.02 37.75
N TYR C 296 21.65 -16.31 38.30
CA TYR C 296 22.44 -15.33 39.09
C TYR C 296 23.93 -15.49 38.80
N SER C 297 24.70 -14.54 39.31
CA SER C 297 26.17 -14.45 39.15
C SER C 297 26.85 -14.69 40.50
N SER C 298 27.59 -15.79 40.63
CA SER C 298 28.33 -16.19 41.85
C SER C 298 29.40 -15.13 42.17
N ARG C 299 29.81 -14.37 41.15
CA ARG C 299 30.71 -13.20 41.28
C ARG C 299 30.15 -12.14 42.24
N PHE C 300 28.83 -12.02 42.34
CA PHE C 300 28.17 -10.90 43.05
C PHE C 300 27.36 -11.38 44.26
N VAL C 301 27.11 -12.68 44.41
CA VAL C 301 26.21 -13.22 45.48
C VAL C 301 26.58 -14.67 45.79
N SER C 302 26.52 -15.03 47.07
CA SER C 302 26.68 -16.40 47.59
C SER C 302 25.46 -17.25 47.21
N LYS C 303 25.63 -18.59 47.21
CA LYS C 303 24.53 -19.56 46.95
C LYS C 303 23.43 -19.35 47.99
N ASP C 304 23.80 -19.21 49.28
CA ASP C 304 22.86 -19.08 50.42
C ASP C 304 22.05 -17.79 50.30
N ASP C 305 22.71 -16.68 49.94
CA ASP C 305 22.08 -15.35 49.78
C ASP C 305 21.11 -15.38 48.60
N ALA C 306 21.50 -15.96 47.46
CA ALA C 306 20.67 -16.07 46.22
C ALA C 306 19.40 -16.87 46.53
N GLU C 307 19.51 -17.90 47.36
CA GLU C 307 18.38 -18.80 47.70
C GLU C 307 17.43 -18.08 48.65
N ALA C 308 17.94 -17.28 49.58
CA ALA C 308 17.14 -16.49 50.53
C ALA C 308 16.35 -15.43 49.73
N GLU C 309 17.05 -14.70 48.84
CA GLU C 309 16.46 -13.82 47.81
C GLU C 309 15.27 -14.51 47.12
N PHE C 310 15.53 -15.69 46.55
CA PHE C 310 14.60 -16.44 45.66
C PHE C 310 13.33 -16.84 46.43
N ARG C 311 13.53 -17.43 47.62
CA ARG C 311 12.43 -17.87 48.52
C ARG C 311 11.59 -16.65 48.93
N GLU C 312 12.24 -15.55 49.33
CA GLU C 312 11.55 -14.28 49.71
C GLU C 312 10.69 -13.82 48.53
N HIS C 313 11.25 -13.81 47.33
CA HIS C 313 10.58 -13.39 46.07
C HIS C 313 9.35 -14.26 45.80
N LEU C 314 9.39 -15.55 46.13
CA LEU C 314 8.28 -16.51 45.82
C LEU C 314 7.14 -16.38 46.84
N GLY C 315 7.33 -15.63 47.93
CA GLY C 315 6.35 -15.52 49.03
C GLY C 315 6.19 -16.83 49.78
N GLU C 316 5.00 -17.08 50.32
CA GLU C 316 4.72 -18.21 51.28
C GLU C 316 5.22 -19.52 50.68
N ARG C 317 5.02 -19.74 49.37
CA ARG C 317 5.36 -21.07 48.76
C ARG C 317 6.88 -21.10 48.47
N GLY C 318 7.61 -20.02 48.73
CA GLY C 318 9.09 -20.02 48.79
C GLY C 318 9.62 -20.93 49.89
N LYS C 319 8.94 -21.01 51.03
CA LYS C 319 9.52 -21.57 52.28
C LYS C 319 9.72 -23.09 52.15
N ASP C 320 8.76 -23.82 51.58
CA ASP C 320 8.81 -25.32 51.54
C ASP C 320 9.20 -25.81 50.14
N ALA C 321 9.39 -24.90 49.18
CA ALA C 321 9.81 -25.23 47.80
C ALA C 321 11.12 -26.03 47.82
N LYS C 322 11.17 -27.18 47.17
CA LYS C 322 12.41 -27.95 46.91
C LYS C 322 13.17 -27.29 45.75
N ILE C 323 14.41 -26.83 46.00
CA ILE C 323 15.26 -26.07 45.04
C ILE C 323 16.42 -26.96 44.58
N PHE C 324 16.64 -27.05 43.26
CA PHE C 324 17.70 -27.85 42.61
C PHE C 324 18.70 -26.88 41.96
N HIS C 325 19.96 -26.89 42.43
CA HIS C 325 21.04 -25.98 41.98
C HIS C 325 21.75 -26.62 40.79
N ILE C 326 21.91 -25.89 39.69
CA ILE C 326 22.56 -26.38 38.44
C ILE C 326 23.75 -25.48 38.12
N ASP C 327 24.85 -26.09 37.70
CA ASP C 327 26.06 -25.40 37.20
C ASP C 327 25.90 -25.35 35.68
N ILE C 328 25.71 -24.15 35.14
CA ILE C 328 25.32 -23.92 33.72
C ILE C 328 26.57 -23.59 32.92
N GLY C 329 26.85 -24.38 31.86
CA GLY C 329 27.90 -24.10 30.87
C GLY C 329 27.49 -22.97 29.94
N HIS C 330 27.66 -21.72 30.39
CA HIS C 330 27.14 -20.49 29.72
C HIS C 330 28.12 -20.06 28.62
N GLY C 331 27.97 -20.64 27.44
CA GLY C 331 28.93 -20.52 26.33
C GLY C 331 28.64 -21.55 25.24
N LYS C 332 29.66 -21.87 24.44
CA LYS C 332 29.60 -22.80 23.30
C LYS C 332 30.95 -23.50 23.16
N ARG C 333 30.93 -24.73 22.67
CA ARG C 333 32.13 -25.40 22.09
C ARG C 333 32.55 -24.60 20.87
N THR C 334 33.84 -24.62 20.55
CA THR C 334 34.44 -23.86 19.42
C THR C 334 33.94 -24.46 18.10
N ARG C 335 33.40 -25.68 18.13
CA ARG C 335 32.76 -26.36 16.98
C ARG C 335 31.72 -27.35 17.47
N ALA C 336 30.65 -27.54 16.70
CA ALA C 336 29.54 -28.47 17.02
C ALA C 336 29.81 -29.85 16.40
N TRP C 337 30.31 -29.85 15.16
CA TRP C 337 30.60 -31.06 14.36
C TRP C 337 32.12 -31.23 14.31
N VAL C 338 32.64 -32.20 15.06
CA VAL C 338 34.10 -32.50 15.15
C VAL C 338 34.25 -33.98 14.79
N ASN C 339 35.08 -34.27 13.77
CA ASN C 339 35.18 -35.61 13.15
C ASN C 339 33.75 -36.13 12.97
N ASN C 340 33.46 -37.36 13.41
CA ASN C 340 32.18 -38.07 13.14
C ASN C 340 31.28 -37.97 14.37
N CYS C 341 31.34 -36.84 15.09
CA CYS C 341 30.53 -36.56 16.31
C CYS C 341 29.95 -35.15 16.23
N VAL C 342 28.64 -35.00 16.52
CA VAL C 342 27.89 -33.71 16.47
C VAL C 342 27.28 -33.45 17.85
N GLY C 343 27.50 -32.25 18.39
CA GLY C 343 26.84 -31.75 19.60
C GLY C 343 25.45 -31.21 19.27
N ILE C 344 24.42 -31.72 19.95
CA ILE C 344 23.02 -31.23 19.87
C ILE C 344 22.55 -30.93 21.29
N GLY C 345 22.12 -29.68 21.55
CA GLY C 345 21.66 -29.23 22.88
C GLY C 345 22.81 -28.68 23.72
N LEU C 346 22.78 -28.92 25.04
CA LEU C 346 23.69 -28.27 26.01
C LEU C 346 25.12 -28.81 25.85
N SER C 347 25.29 -30.00 25.25
CA SER C 347 26.62 -30.58 24.93
C SER C 347 27.39 -29.65 24.01
N TYR C 348 26.69 -28.88 23.17
CA TYR C 348 27.31 -27.89 22.25
C TYR C 348 27.33 -26.50 22.90
N GLY C 349 26.16 -25.96 23.27
CA GLY C 349 26.03 -24.56 23.74
C GLY C 349 24.78 -24.32 24.58
N PHE C 350 24.74 -23.18 25.26
CA PHE C 350 23.65 -22.76 26.16
C PHE C 350 23.73 -21.25 26.37
N ILE C 351 22.61 -20.56 26.20
CA ILE C 351 22.37 -19.15 26.66
C ILE C 351 21.32 -19.23 27.78
N GLU C 352 21.52 -18.51 28.88
CA GLU C 352 20.49 -18.42 29.96
C GLU C 352 19.18 -18.07 29.26
N PRO C 353 18.04 -18.66 29.69
CA PRO C 353 16.79 -18.60 28.92
C PRO C 353 15.99 -17.29 29.07
N LEU C 354 16.66 -16.14 29.05
CA LEU C 354 16.03 -14.80 29.14
C LEU C 354 15.26 -14.52 27.85
N GLU C 355 15.66 -15.12 26.73
CA GLU C 355 14.94 -15.00 25.44
C GLU C 355 14.40 -16.38 25.05
N SER C 356 14.08 -17.22 26.04
CA SER C 356 13.39 -18.52 25.86
C SER C 356 14.11 -19.29 24.74
N THR C 357 15.44 -19.32 24.84
CA THR C 357 16.36 -19.75 23.78
C THR C 357 16.80 -21.20 24.08
N GLY C 358 16.40 -21.74 25.23
CA GLY C 358 16.71 -23.10 25.72
C GLY C 358 16.83 -24.11 24.59
N LEU C 359 15.75 -24.34 23.84
CA LEU C 359 15.68 -25.42 22.81
C LEU C 359 16.35 -25.01 21.49
N LEU C 360 16.84 -23.76 21.37
CA LEU C 360 17.39 -23.22 20.09
C LEU C 360 18.60 -24.05 19.66
N THR C 361 19.61 -24.10 20.54
CA THR C 361 20.83 -24.92 20.38
C THR C 361 20.44 -26.32 19.86
N THR C 362 19.21 -26.78 20.13
CA THR C 362 18.74 -28.16 19.83
C THR C 362 18.07 -28.23 18.44
N HIS C 363 16.89 -27.61 18.23
CA HIS C 363 16.06 -27.84 17.01
C HIS C 363 16.75 -27.23 15.78
N GLU C 364 17.52 -26.16 15.94
CA GLU C 364 18.25 -25.55 14.79
C GLU C 364 19.32 -26.56 14.34
N ASN C 365 20.14 -27.11 15.24
CA ASN C 365 21.16 -28.12 14.87
C ASN C 365 20.48 -29.38 14.29
N ILE C 366 19.31 -29.78 14.81
CA ILE C 366 18.58 -30.97 14.31
C ILE C 366 18.15 -30.71 12.86
N GLU C 367 17.52 -29.57 12.61
CA GLU C 367 17.00 -29.18 11.26
C GLU C 367 18.18 -29.04 10.28
N ASN C 368 19.31 -28.50 10.72
CA ASN C 368 20.55 -28.32 9.88
C ASN C 368 21.19 -29.69 9.57
N LEU C 369 21.09 -30.65 10.50
CA LEU C 369 21.58 -32.03 10.29
C LEU C 369 20.66 -32.76 9.28
N VAL C 370 19.34 -32.69 9.50
CA VAL C 370 18.30 -33.30 8.62
C VAL C 370 18.48 -32.73 7.20
N TYR C 371 18.80 -31.44 7.11
CA TYR C 371 18.99 -30.71 5.82
C TYR C 371 20.15 -31.35 5.06
N LEU C 372 21.29 -31.54 5.71
CA LEU C 372 22.51 -32.11 5.07
C LEU C 372 22.32 -33.60 4.75
N ILE C 373 21.69 -34.36 5.64
CA ILE C 373 21.53 -35.83 5.45
C ILE C 373 20.58 -36.09 4.28
N ASN C 374 19.54 -35.26 4.08
CA ASN C 374 18.54 -35.44 2.99
C ASN C 374 19.05 -34.84 1.68
N GLN C 375 20.23 -34.23 1.68
CA GLN C 375 20.83 -33.58 0.50
C GLN C 375 21.24 -34.66 -0.54
N ARG C 376 22.16 -35.58 -0.20
CA ARG C 376 22.59 -36.68 -1.13
C ARG C 376 22.67 -38.01 -0.38
N ASP C 377 21.53 -38.45 0.15
CA ASP C 377 21.30 -39.79 0.75
C ASP C 377 22.32 -40.05 1.86
N GLY C 378 22.63 -39.02 2.66
CA GLY C 378 23.50 -39.17 3.84
C GLY C 378 24.95 -38.83 3.55
N TYR C 379 25.30 -38.59 2.28
CA TYR C 379 26.64 -38.11 1.89
C TYR C 379 26.73 -36.61 2.20
N VAL C 380 27.86 -36.25 2.83
CA VAL C 380 28.22 -34.92 3.38
C VAL C 380 29.71 -34.70 3.14
N THR C 381 30.08 -33.48 2.72
CA THR C 381 31.48 -33.06 2.52
C THR C 381 31.96 -32.32 3.77
N GLN C 382 33.27 -32.20 3.93
CA GLN C 382 33.89 -31.37 4.99
C GLN C 382 33.38 -29.93 4.85
N ALA C 383 33.23 -29.44 3.62
CA ALA C 383 32.70 -28.09 3.31
C ALA C 383 31.34 -27.91 3.98
N GLU C 384 30.45 -28.91 3.90
CA GLU C 384 29.07 -28.84 4.47
C GLU C 384 29.15 -28.84 6.00
N ARG C 385 29.99 -29.69 6.57
CA ARG C 385 30.18 -29.80 8.05
C ARG C 385 30.76 -28.49 8.60
N ASP C 386 31.72 -27.90 7.87
CA ASP C 386 32.30 -26.56 8.18
C ASP C 386 31.19 -25.50 8.10
N GLY C 387 30.31 -25.60 7.10
CA GLY C 387 29.12 -24.75 6.93
C GLY C 387 28.17 -24.87 8.10
N PHE C 388 27.94 -26.11 8.56
CA PHE C 388 27.09 -26.44 9.74
C PHE C 388 27.62 -25.74 10.98
N ASN C 389 28.94 -25.85 11.21
CA ASN C 389 29.66 -25.24 12.34
C ASN C 389 29.51 -23.71 12.23
N TYR C 390 29.74 -23.13 11.06
CA TYR C 390 29.63 -21.68 10.85
C TYR C 390 28.21 -21.22 11.18
N THR C 391 27.20 -21.85 10.56
CA THR C 391 25.80 -21.41 10.70
C THR C 391 25.41 -21.40 12.18
N CYS C 392 25.75 -22.46 12.93
CA CYS C 392 25.18 -22.64 14.27
C CYS C 392 26.02 -21.87 15.30
N ASP C 393 27.30 -21.65 15.01
CA ASP C 393 28.18 -20.72 15.76
C ASP C 393 27.68 -19.28 15.62
N HIS C 394 27.46 -18.82 14.38
CA HIS C 394 26.92 -17.46 14.09
C HIS C 394 25.66 -17.21 14.93
N GLN C 395 24.77 -18.19 14.97
CA GLN C 395 23.43 -18.08 15.58
C GLN C 395 23.56 -17.87 17.08
N ILE C 396 24.34 -18.72 17.76
CA ILE C 396 24.46 -18.66 19.24
C ILE C 396 25.22 -17.38 19.65
N ASP C 397 26.12 -16.89 18.80
CA ASP C 397 26.82 -15.61 19.04
C ASP C 397 25.80 -14.45 18.92
N SER C 398 24.97 -14.46 17.88
CA SER C 398 23.87 -13.48 17.66
C SER C 398 22.98 -13.44 18.90
N PHE C 399 22.46 -14.58 19.32
CA PHE C 399 21.45 -14.68 20.41
C PHE C 399 22.09 -14.26 21.74
N SER C 400 23.36 -14.61 21.98
CA SER C 400 24.07 -14.26 23.25
C SER C 400 24.26 -12.74 23.34
N ASP C 401 24.59 -12.08 22.23
CA ASP C 401 24.67 -10.60 22.12
C ASP C 401 23.28 -9.99 22.40
N PHE C 402 22.22 -10.54 21.80
CA PHE C 402 20.84 -10.04 21.98
C PHE C 402 20.46 -10.11 23.48
N VAL C 403 20.75 -11.23 24.12
CA VAL C 403 20.46 -11.46 25.56
C VAL C 403 21.27 -10.43 26.38
N ALA C 404 22.53 -10.20 26.03
CA ALA C 404 23.40 -9.22 26.70
C ALA C 404 22.79 -7.81 26.66
N MET C 405 22.10 -7.47 25.58
CA MET C 405 21.52 -6.12 25.36
C MET C 405 20.40 -5.85 26.39
N HIS C 406 19.72 -6.89 26.88
CA HIS C 406 18.65 -6.78 27.92
C HIS C 406 19.23 -6.19 29.22
N TYR C 407 20.50 -6.50 29.51
CA TYR C 407 21.22 -6.02 30.72
C TYR C 407 21.83 -4.64 30.43
N ALA C 408 22.50 -4.54 29.29
CA ALA C 408 23.41 -3.44 28.94
C ALA C 408 22.70 -2.09 29.02
N TYR C 409 21.44 -2.07 28.62
CA TYR C 409 20.65 -0.83 28.40
C TYR C 409 19.69 -0.59 29.56
N SER C 410 19.69 -1.44 30.59
CA SER C 410 18.87 -1.23 31.82
C SER C 410 19.24 0.11 32.48
N MET C 411 18.31 0.69 33.23
CA MET C 411 18.57 1.90 34.04
C MET C 411 19.09 1.49 35.44
N ARG C 412 18.98 0.22 35.80
CA ARG C 412 19.32 -0.28 37.16
C ARG C 412 20.80 -0.08 37.47
N THR C 413 21.10 0.59 38.59
CA THR C 413 22.44 0.71 39.19
C THR C 413 22.33 0.51 40.70
N ASP C 414 21.30 -0.19 41.17
CA ASP C 414 20.91 -0.24 42.60
C ASP C 414 21.70 -1.31 43.36
N THR C 415 22.34 -2.25 42.67
CA THR C 415 23.26 -3.25 43.29
C THR C 415 24.56 -3.27 42.51
N PRO C 416 25.64 -3.84 43.07
CA PRO C 416 26.90 -3.95 42.33
C PRO C 416 26.71 -4.76 41.03
N TYR C 417 25.80 -5.75 41.03
CA TYR C 417 25.51 -6.59 39.83
C TYR C 417 25.03 -5.68 38.70
N TRP C 418 24.06 -4.83 38.98
CA TRP C 418 23.40 -3.95 37.97
C TRP C 418 24.33 -2.78 37.62
N LYS C 419 25.12 -2.29 38.59
CA LYS C 419 26.15 -1.26 38.32
C LYS C 419 27.14 -1.87 37.32
N TRP C 420 27.50 -3.15 37.44
CA TRP C 420 28.45 -3.82 36.53
C TRP C 420 27.83 -3.91 35.13
N CYS C 421 26.59 -4.38 35.05
CA CYS C 421 25.89 -4.67 33.77
C CYS C 421 25.74 -3.40 32.94
N THR C 422 25.47 -2.24 33.58
CA THR C 422 24.99 -0.99 32.94
C THR C 422 26.07 0.08 32.85
N GLN C 423 27.11 0.02 33.70
CA GLN C 423 28.05 1.17 33.89
C GLN C 423 29.51 0.75 33.77
N MET C 424 29.86 -0.54 33.88
CA MET C 424 31.27 -1.01 33.88
C MET C 424 31.54 -1.91 32.67
N CYS C 425 30.74 -2.95 32.45
CA CYS C 425 30.96 -3.95 31.36
C CYS C 425 31.01 -3.26 29.99
N ASN C 426 32.08 -3.51 29.22
CA ASN C 426 32.27 -3.03 27.82
C ASN C 426 31.83 -4.12 26.83
N TYR C 427 30.74 -3.88 26.11
CA TYR C 427 30.08 -4.88 25.26
C TYR C 427 30.61 -4.80 23.82
N MET C 428 31.44 -3.78 23.51
CA MET C 428 31.88 -3.47 22.13
C MET C 428 33.41 -3.41 22.05
N PRO C 429 34.16 -4.34 22.69
CA PRO C 429 35.61 -4.22 22.79
C PRO C 429 36.32 -4.17 21.42
N GLU C 430 35.83 -4.95 20.44
CA GLU C 430 36.45 -5.13 19.11
C GLU C 430 36.19 -3.87 18.23
N SER C 431 35.26 -3.01 18.63
CA SER C 431 34.60 -2.00 17.75
C SER C 431 35.57 -0.89 17.34
N MET C 432 36.60 -0.60 18.14
CA MET C 432 37.58 0.49 17.84
C MET C 432 38.67 0.00 16.89
N GLY C 433 38.72 -1.30 16.59
CA GLY C 433 39.72 -1.89 15.68
C GLY C 433 39.46 -1.53 14.21
N PRO C 434 40.40 -1.85 13.30
CA PRO C 434 40.26 -1.50 11.88
C PRO C 434 39.37 -2.44 11.03
N HIS C 435 39.07 -3.64 11.54
CA HIS C 435 38.36 -4.73 10.81
C HIS C 435 36.87 -4.74 11.18
N ARG C 436 36.02 -5.09 10.22
CA ARG C 436 34.57 -5.34 10.43
C ARG C 436 34.39 -6.69 11.13
N GLN C 437 33.52 -6.73 12.13
CA GLN C 437 33.23 -7.91 12.97
C GLN C 437 32.12 -8.74 12.28
N LYS C 438 32.18 -10.07 12.39
CA LYS C 438 31.03 -10.94 12.04
C LYS C 438 29.82 -10.51 12.87
N GLN C 439 29.99 -10.36 14.18
CA GLN C 439 28.94 -9.98 15.13
C GLN C 439 29.08 -8.48 15.43
N SER C 440 28.29 -7.65 14.74
CA SER C 440 28.44 -6.17 14.76
C SER C 440 27.08 -5.50 15.04
N THR C 441 26.19 -6.12 15.80
CA THR C 441 24.86 -5.54 16.11
C THR C 441 25.05 -4.39 17.12
N TRP C 442 25.91 -4.55 18.14
CA TRP C 442 26.28 -3.42 19.05
C TRP C 442 26.74 -2.19 18.25
N GLN C 443 27.68 -2.38 17.33
CA GLN C 443 28.27 -1.32 16.48
C GLN C 443 27.15 -0.69 15.63
N ASP C 444 26.29 -1.54 15.05
CA ASP C 444 25.30 -1.12 14.02
C ASP C 444 24.14 -0.40 14.70
N LEU C 445 23.72 -0.89 15.88
CA LEU C 445 22.65 -0.25 16.68
C LEU C 445 23.14 1.13 17.14
N SER C 446 24.42 1.24 17.50
CA SER C 446 25.03 2.49 18.02
C SER C 446 25.05 3.52 16.89
N THR C 447 25.47 3.09 15.70
CA THR C 447 25.46 3.87 14.44
C THR C 447 24.04 4.31 14.08
N ASP C 448 23.05 3.42 14.18
CA ASP C 448 21.65 3.71 13.75
C ASP C 448 21.04 4.74 14.69
N THR C 449 21.27 4.60 16.01
CA THR C 449 20.61 5.41 17.06
C THR C 449 21.36 6.74 17.20
N ILE C 450 22.61 6.73 17.67
CA ILE C 450 23.38 7.97 17.94
C ILE C 450 23.78 8.62 16.60
N GLY C 451 24.21 7.83 15.62
CA GLY C 451 24.71 8.33 14.32
C GLY C 451 23.60 8.88 13.43
N LEU C 452 22.58 8.05 13.13
CA LEU C 452 21.51 8.29 12.12
C LEU C 452 20.14 8.60 12.76
N ASN C 453 20.02 8.53 14.09
CA ASN C 453 18.81 8.87 14.88
C ASN C 453 17.59 8.09 14.36
N THR C 454 17.74 6.78 14.14
CA THR C 454 16.72 5.92 13.49
C THR C 454 16.75 4.52 14.08
N TRP C 455 15.60 3.85 14.08
CA TRP C 455 15.46 2.39 14.18
C TRP C 455 15.26 1.82 12.78
N HIS C 456 15.19 0.49 12.68
CA HIS C 456 15.12 -0.25 11.40
C HIS C 456 14.44 -1.59 11.70
N ILE C 457 13.70 -2.14 10.74
CA ILE C 457 13.09 -3.49 10.87
C ILE C 457 14.20 -4.54 11.01
N ASN C 458 15.44 -4.22 10.59
CA ASN C 458 16.66 -5.06 10.77
C ASN C 458 16.99 -5.30 12.25
N HIS C 459 16.32 -4.62 13.19
CA HIS C 459 16.52 -4.80 14.65
C HIS C 459 15.55 -5.85 15.21
N ASN C 460 14.97 -6.71 14.37
CA ASN C 460 13.89 -7.66 14.76
C ASN C 460 14.13 -8.15 16.20
N GLY C 461 13.59 -7.45 17.19
CA GLY C 461 13.62 -7.90 18.59
C GLY C 461 14.28 -6.89 19.49
N ILE C 462 15.43 -6.36 19.07
CA ILE C 462 16.17 -5.27 19.77
C ILE C 462 15.20 -4.12 20.03
N SER C 463 14.34 -3.80 19.06
CA SER C 463 13.42 -2.65 19.14
C SER C 463 12.53 -2.77 20.39
N PHE C 464 11.99 -3.95 20.68
CA PHE C 464 11.10 -4.17 21.85
C PHE C 464 11.85 -3.95 23.17
N ILE C 465 13.11 -4.38 23.20
CA ILE C 465 13.97 -4.38 24.42
C ILE C 465 14.38 -2.94 24.76
N ILE C 466 14.98 -2.21 23.81
CA ILE C 466 15.47 -0.82 24.05
C ILE C 466 14.28 0.13 24.20
N ALA C 467 13.15 -0.14 23.53
CA ALA C 467 11.87 0.58 23.74
C ALA C 467 11.42 0.44 25.21
N GLY C 468 11.37 -0.80 25.71
CA GLY C 468 10.97 -1.15 27.08
C GLY C 468 11.90 -0.55 28.13
N HIS C 469 13.16 -0.36 27.77
CA HIS C 469 14.18 0.22 28.67
C HIS C 469 14.09 1.76 28.63
N GLY C 470 13.22 2.30 27.77
CA GLY C 470 12.88 3.74 27.74
C GLY C 470 13.72 4.52 26.74
N LEU C 471 14.22 3.87 25.70
CA LEU C 471 15.03 4.54 24.65
C LEU C 471 14.13 4.80 23.43
N ARG C 472 14.46 5.83 22.65
CA ARG C 472 13.72 6.29 21.45
C ARG C 472 14.71 6.56 20.31
N PRO C 473 14.31 6.36 19.03
CA PRO C 473 15.22 6.61 17.91
C PRO C 473 15.70 8.06 17.84
N GLN C 474 14.78 9.01 18.04
CA GLN C 474 15.07 10.44 18.30
C GLN C 474 14.67 10.73 19.74
N SER C 475 15.62 11.17 20.56
CA SER C 475 15.46 11.27 22.03
C SER C 475 14.64 12.52 22.40
N TYR C 476 14.58 13.53 21.52
CA TYR C 476 13.86 14.82 21.77
C TYR C 476 13.19 15.33 20.50
N ASP C 477 12.06 16.02 20.61
CA ASP C 477 11.17 16.36 19.47
C ASP C 477 11.80 17.43 18.57
N LYS C 478 12.56 18.36 19.15
CA LYS C 478 13.20 19.49 18.40
C LYS C 478 14.11 18.89 17.31
N LEU C 479 14.61 17.68 17.53
CA LEU C 479 15.53 16.93 16.64
C LEU C 479 14.76 16.47 15.40
N SER C 480 13.58 15.88 15.61
CA SER C 480 12.59 15.50 14.57
C SER C 480 12.22 16.71 13.72
N GLU C 481 11.81 17.80 14.36
CA GLU C 481 11.43 19.11 13.73
C GLU C 481 12.47 19.52 12.68
N VAL C 482 13.75 19.48 13.07
CA VAL C 482 14.90 20.03 12.30
C VAL C 482 15.14 19.15 11.06
N LEU C 483 14.88 17.84 11.16
CA LEU C 483 15.08 16.86 10.04
C LEU C 483 13.95 17.00 9.01
N LEU C 484 12.76 17.46 9.40
CA LEU C 484 11.63 17.77 8.48
C LEU C 484 11.93 19.02 7.66
N LYS C 485 12.78 19.92 8.17
CA LYS C 485 12.96 21.29 7.63
C LYS C 485 13.64 21.22 6.25
N ARG C 486 14.48 20.20 5.98
CA ARG C 486 15.22 20.09 4.69
C ARG C 486 14.20 20.09 3.55
N ASN C 487 13.31 19.09 3.50
CA ASN C 487 12.34 18.86 2.38
C ASN C 487 10.97 19.40 2.77
N ASN C 488 10.93 20.55 3.47
CA ASN C 488 9.71 21.33 3.83
C ASN C 488 8.56 20.38 4.22
N GLU C 489 8.80 19.46 5.16
CA GLU C 489 7.79 18.48 5.65
C GLU C 489 7.19 18.97 6.98
N SER C 490 6.07 18.39 7.41
CA SER C 490 5.25 18.84 8.57
C SER C 490 4.80 17.62 9.38
N ASP C 491 4.66 17.80 10.71
CA ASP C 491 4.29 16.73 11.67
C ASP C 491 2.81 16.85 12.07
N TYR C 492 2.06 17.82 11.54
CA TYR C 492 0.69 18.16 12.01
C TYR C 492 -0.13 16.88 12.27
N TYR C 493 -0.03 15.95 11.31
CA TYR C 493 -0.84 14.70 11.18
C TYR C 493 -0.60 13.75 12.35
N TYR C 494 0.39 14.02 13.22
CA TYR C 494 0.68 13.22 14.43
C TYR C 494 -0.46 13.37 15.45
N GLU C 495 -1.10 14.55 15.50
CA GLU C 495 -2.31 14.77 16.34
C GLU C 495 -3.36 13.70 16.01
N ASP C 496 -3.52 13.40 14.72
CA ASP C 496 -4.52 12.42 14.21
C ASP C 496 -4.03 10.99 14.49
N ILE C 497 -2.73 10.71 14.31
CA ILE C 497 -2.17 9.36 14.61
C ILE C 497 -2.43 9.08 16.09
N ARG C 498 -2.18 10.08 16.96
CA ARG C 498 -2.39 9.98 18.42
C ARG C 498 -3.85 9.63 18.73
N LYS C 499 -4.78 10.52 18.37
CA LYS C 499 -6.23 10.40 18.65
C LYS C 499 -6.72 9.07 18.06
N ASP C 500 -6.40 8.77 16.80
CA ASP C 500 -6.87 7.57 16.07
C ASP C 500 -6.37 6.31 16.79
N TRP C 501 -5.08 6.28 17.14
CA TRP C 501 -4.48 5.09 17.79
C TRP C 501 -5.08 4.92 19.20
N LEU C 502 -5.12 5.97 20.02
CA LEU C 502 -5.67 5.89 21.40
C LEU C 502 -7.09 5.34 21.33
N LYS C 503 -7.86 5.74 20.31
CA LYS C 503 -9.22 5.20 20.09
C LYS C 503 -9.09 3.70 19.79
N HIS C 504 -8.20 3.32 18.86
CA HIS C 504 -8.02 1.92 18.43
C HIS C 504 -7.62 1.05 19.63
N TYR C 505 -6.75 1.56 20.50
CA TYR C 505 -6.29 0.84 21.73
C TYR C 505 -7.52 0.59 22.61
N GLU C 506 -8.25 1.65 22.99
CA GLU C 506 -9.37 1.53 23.97
C GLU C 506 -10.37 0.49 23.45
N SER C 507 -10.64 0.43 22.15
CA SER C 507 -11.63 -0.51 21.56
C SER C 507 -11.02 -1.90 21.41
N MET C 508 -9.69 -1.98 21.27
CA MET C 508 -8.97 -3.29 21.13
C MET C 508 -8.96 -4.01 22.48
N VAL C 509 -8.83 -3.25 23.58
CA VAL C 509 -8.87 -3.79 24.97
C VAL C 509 -10.27 -4.34 25.23
N GLU C 510 -11.31 -3.58 24.82
CA GLU C 510 -12.74 -3.95 25.00
C GLU C 510 -13.00 -5.28 24.26
N TYR C 511 -12.50 -5.44 23.04
CA TYR C 511 -12.76 -6.66 22.23
C TYR C 511 -12.05 -7.86 22.88
N VAL C 512 -10.79 -7.65 23.27
CA VAL C 512 -9.91 -8.69 23.83
C VAL C 512 -10.53 -9.22 25.14
N LYS C 513 -11.24 -8.36 25.86
CA LYS C 513 -11.93 -8.73 27.13
C LYS C 513 -13.14 -9.65 26.90
N THR C 514 -13.66 -9.72 25.67
CA THR C 514 -14.77 -10.65 25.31
C THR C 514 -14.21 -12.04 24.99
N LEU C 515 -12.88 -12.16 24.80
CA LEU C 515 -12.22 -13.43 24.39
C LEU C 515 -12.08 -14.34 25.60
N PRO C 516 -12.04 -15.67 25.40
CA PRO C 516 -11.71 -16.60 26.49
C PRO C 516 -10.31 -16.33 27.08
N THR C 517 -10.15 -16.58 28.38
CA THR C 517 -8.86 -16.55 29.11
C THR C 517 -8.04 -17.75 28.69
N HIS C 518 -6.72 -17.65 28.82
CA HIS C 518 -5.73 -18.73 28.58
C HIS C 518 -6.25 -20.07 29.15
N TYR C 519 -6.68 -20.08 30.42
CA TYR C 519 -7.11 -21.31 31.13
C TYR C 519 -8.38 -21.84 30.45
N GLU C 520 -9.37 -20.97 30.22
CA GLU C 520 -10.65 -21.31 29.55
C GLU C 520 -10.31 -21.95 28.18
N PHE C 521 -9.43 -21.32 27.39
CA PHE C 521 -9.08 -21.81 26.03
C PHE C 521 -8.50 -23.22 26.15
N LEU C 522 -7.52 -23.41 27.03
CA LEU C 522 -6.85 -24.73 27.25
C LEU C 522 -7.90 -25.77 27.66
N ARG C 523 -8.77 -25.42 28.59
CA ARG C 523 -9.80 -26.31 29.16
C ARG C 523 -10.74 -26.79 28.05
N ASP C 524 -11.19 -25.88 27.18
CA ASP C 524 -12.23 -26.12 26.16
C ASP C 524 -11.60 -26.71 24.89
N GLU C 525 -10.43 -26.25 24.46
CA GLU C 525 -9.80 -26.59 23.16
C GLU C 525 -8.83 -27.78 23.27
N ILE C 526 -8.08 -27.90 24.37
CA ILE C 526 -6.92 -28.83 24.44
C ILE C 526 -7.17 -29.96 25.46
N TYR C 527 -7.51 -29.68 26.71
CA TYR C 527 -7.78 -30.74 27.73
C TYR C 527 -9.30 -30.96 27.77
N MET D 1 -39.76 -27.33 -23.49
CA MET D 1 -38.68 -27.42 -24.51
C MET D 1 -38.53 -26.02 -25.14
N VAL D 2 -37.88 -25.09 -24.43
CA VAL D 2 -37.79 -23.63 -24.79
C VAL D 2 -36.34 -23.15 -24.81
N LYS D 3 -35.40 -23.93 -24.28
CA LYS D 3 -33.96 -23.55 -24.16
C LYS D 3 -33.28 -23.42 -25.54
N ILE D 4 -32.33 -22.51 -25.62
CA ILE D 4 -31.65 -22.10 -26.88
C ILE D 4 -30.64 -23.19 -27.25
N GLU D 5 -30.95 -24.03 -28.24
CA GLU D 5 -30.02 -25.09 -28.74
C GLU D 5 -29.40 -24.64 -30.06
N SER D 6 -30.18 -23.97 -30.92
CA SER D 6 -29.72 -23.48 -32.24
C SER D 6 -29.91 -21.97 -32.34
N VAL D 7 -29.03 -21.32 -33.08
CA VAL D 7 -28.99 -19.84 -33.24
C VAL D 7 -28.82 -19.53 -34.73
N ALA D 8 -29.62 -18.59 -35.24
CA ALA D 8 -29.52 -18.02 -36.59
C ALA D 8 -29.10 -16.55 -36.46
N ILE D 9 -27.88 -16.22 -36.86
CA ILE D 9 -27.37 -14.82 -36.93
C ILE D 9 -27.67 -14.29 -38.34
N VAL D 10 -28.41 -13.20 -38.44
CA VAL D 10 -28.66 -12.51 -39.74
C VAL D 10 -27.73 -11.31 -39.81
N GLY D 11 -26.86 -11.28 -40.82
CA GLY D 11 -25.86 -10.23 -41.05
C GLY D 11 -24.46 -10.76 -40.89
N GLY D 12 -23.54 -10.35 -41.76
CA GLY D 12 -22.17 -10.87 -41.78
C GLY D 12 -21.12 -9.78 -41.86
N GLY D 13 -21.25 -8.72 -41.06
CA GLY D 13 -20.17 -7.72 -40.90
C GLY D 13 -19.22 -8.17 -39.81
N SER D 14 -18.52 -7.22 -39.18
CA SER D 14 -17.87 -7.42 -37.86
C SER D 14 -18.88 -8.04 -36.89
N SER D 15 -20.03 -7.38 -36.66
CA SER D 15 -21.06 -7.80 -35.66
C SER D 15 -21.46 -9.27 -35.88
N GLY D 16 -21.75 -9.65 -37.12
CA GLY D 16 -22.20 -11.02 -37.44
C GLY D 16 -21.16 -12.03 -37.05
N TRP D 17 -19.93 -11.83 -37.52
CA TRP D 17 -18.82 -12.81 -37.34
C TRP D 17 -18.24 -12.75 -35.93
N MET D 18 -18.25 -11.58 -35.30
CA MET D 18 -17.88 -11.40 -33.88
C MET D 18 -18.82 -12.27 -33.03
N THR D 19 -20.12 -12.25 -33.34
CA THR D 19 -21.18 -13.05 -32.65
C THR D 19 -20.96 -14.54 -32.95
N ALA D 20 -20.81 -14.90 -34.23
CA ALA D 20 -20.62 -16.30 -34.67
C ALA D 20 -19.39 -16.89 -33.97
N ALA D 21 -18.24 -16.18 -33.99
CA ALA D 21 -16.96 -16.65 -33.42
C ALA D 21 -17.10 -16.87 -31.91
N ALA D 22 -17.56 -15.85 -31.17
CA ALA D 22 -17.77 -15.86 -29.71
C ALA D 22 -18.65 -17.06 -29.32
N LEU D 23 -19.84 -17.17 -29.92
CA LEU D 23 -20.82 -18.24 -29.61
C LEU D 23 -20.20 -19.61 -29.94
N SER D 24 -19.56 -19.75 -31.11
CA SER D 24 -18.99 -21.05 -31.58
C SER D 24 -17.91 -21.54 -30.61
N LYS D 25 -17.13 -20.62 -30.01
CA LYS D 25 -15.98 -20.93 -29.13
C LYS D 25 -16.44 -21.05 -27.66
N LEU D 26 -17.21 -20.08 -27.16
CA LEU D 26 -17.60 -19.99 -25.71
C LEU D 26 -18.91 -20.74 -25.41
N CYS D 27 -19.67 -21.13 -26.42
CA CYS D 27 -20.97 -21.84 -26.28
C CYS D 27 -20.98 -23.05 -27.22
N PRO D 28 -20.06 -24.02 -27.03
CA PRO D 28 -19.91 -25.15 -27.95
C PRO D 28 -21.18 -25.99 -28.12
N GLN D 29 -22.06 -25.98 -27.10
CA GLN D 29 -23.35 -26.73 -27.08
C GLN D 29 -24.29 -26.21 -28.18
N LEU D 30 -24.11 -24.96 -28.66
CA LEU D 30 -24.99 -24.33 -29.67
C LEU D 30 -24.68 -24.87 -31.08
N GLU D 31 -25.73 -25.15 -31.84
CA GLU D 31 -25.73 -25.21 -33.33
C GLU D 31 -25.91 -23.77 -33.82
N ILE D 32 -25.01 -23.29 -34.69
CA ILE D 32 -25.00 -21.87 -35.14
C ILE D 32 -25.01 -21.82 -36.68
N ALA D 33 -25.86 -20.97 -37.23
CA ALA D 33 -25.86 -20.58 -38.66
C ALA D 33 -25.75 -19.06 -38.76
N LEU D 34 -25.03 -18.57 -39.78
CA LEU D 34 -24.97 -17.12 -40.12
C LEU D 34 -25.48 -16.91 -41.55
N ILE D 35 -26.53 -16.10 -41.69
CA ILE D 35 -27.17 -15.72 -42.97
C ILE D 35 -26.58 -14.38 -43.40
N GLU D 36 -25.96 -14.35 -44.57
CA GLU D 36 -25.23 -13.19 -45.13
C GLU D 36 -25.74 -13.02 -46.57
N ASP D 37 -26.06 -11.77 -46.94
CA ASP D 37 -26.57 -11.39 -48.29
C ASP D 37 -25.35 -11.14 -49.18
N PRO D 38 -25.12 -11.99 -50.20
CA PRO D 38 -24.03 -11.77 -51.16
C PRO D 38 -23.98 -10.35 -51.72
N ASN D 39 -25.14 -9.72 -52.01
CA ASN D 39 -25.25 -8.36 -52.61
C ASN D 39 -25.00 -7.24 -51.58
N ILE D 40 -23.77 -7.15 -51.08
CA ILE D 40 -23.34 -6.15 -50.04
C ILE D 40 -21.92 -5.63 -50.39
N GLY D 44 -15.32 -2.15 -45.96
CA GLY D 44 -14.15 -2.27 -45.06
C GLY D 44 -13.64 -0.91 -44.60
N VAL D 45 -14.39 -0.23 -43.73
CA VAL D 45 -14.01 1.08 -43.16
C VAL D 45 -13.16 0.85 -41.91
N GLY D 46 -12.16 1.70 -41.67
CA GLY D 46 -11.40 1.73 -40.41
C GLY D 46 -12.25 2.17 -39.24
N GLU D 47 -12.07 1.57 -38.06
CA GLU D 47 -12.67 2.07 -36.78
C GLU D 47 -11.80 1.69 -35.58
N SER D 48 -11.83 2.55 -34.56
CA SER D 48 -11.06 2.45 -33.30
C SER D 48 -11.91 1.74 -32.24
N THR D 49 -11.23 1.06 -31.31
CA THR D 49 -11.82 0.20 -30.24
C THR D 49 -11.55 0.84 -28.89
N LEU D 50 -12.14 0.27 -27.83
CA LEU D 50 -11.89 0.61 -26.41
C LEU D 50 -10.93 -0.43 -25.82
N GLY D 51 -10.52 -0.22 -24.56
CA GLY D 51 -9.86 -1.24 -23.72
C GLY D 51 -10.73 -2.50 -23.65
N HIS D 52 -12.04 -2.33 -23.48
CA HIS D 52 -13.01 -3.45 -23.31
C HIS D 52 -12.83 -4.47 -24.44
N PHE D 53 -12.40 -4.06 -25.65
CA PHE D 53 -12.09 -4.93 -26.82
C PHE D 53 -11.05 -6.01 -26.45
N ASN D 54 -10.13 -5.70 -25.55
CA ASN D 54 -9.05 -6.62 -25.09
C ASN D 54 -9.70 -7.83 -24.42
N LYS D 55 -10.76 -7.63 -23.63
CA LYS D 55 -11.51 -8.74 -22.98
C LYS D 55 -12.05 -9.71 -24.04
N PHE D 56 -12.65 -9.15 -25.09
CA PHE D 56 -13.18 -9.93 -26.24
C PHE D 56 -12.03 -10.74 -26.85
N LEU D 57 -10.93 -10.07 -27.19
CA LEU D 57 -9.75 -10.73 -27.82
C LEU D 57 -9.24 -11.86 -26.91
N HIS D 58 -9.14 -11.60 -25.60
CA HIS D 58 -8.62 -12.55 -24.60
C HIS D 58 -9.57 -13.76 -24.49
N LEU D 59 -10.88 -13.53 -24.54
CA LEU D 59 -11.92 -14.58 -24.48
C LEU D 59 -11.79 -15.51 -25.70
N LEU D 60 -11.34 -14.97 -26.85
CA LEU D 60 -11.20 -15.75 -28.11
C LEU D 60 -9.76 -16.22 -28.32
N ASP D 61 -8.84 -15.92 -27.38
CA ASP D 61 -7.41 -16.34 -27.38
C ASP D 61 -6.64 -15.72 -28.56
N LEU D 62 -7.06 -14.56 -29.05
CA LEU D 62 -6.50 -13.91 -30.26
C LEU D 62 -5.23 -13.14 -29.88
N LYS D 63 -4.09 -13.56 -30.41
CA LYS D 63 -2.76 -12.92 -30.19
C LYS D 63 -2.55 -11.82 -31.23
N ASP D 64 -2.11 -10.64 -30.80
CA ASP D 64 -1.87 -9.43 -31.65
C ASP D 64 -1.12 -9.84 -32.94
N GLU D 65 -0.08 -10.68 -32.81
CA GLU D 65 0.81 -11.11 -33.92
C GLU D 65 -0.02 -11.69 -35.06
N ASP D 66 -1.10 -12.40 -34.74
CA ASP D 66 -1.86 -13.26 -35.68
C ASP D 66 -2.92 -12.47 -36.44
N TRP D 67 -3.75 -11.70 -35.73
CA TRP D 67 -4.97 -11.05 -36.30
C TRP D 67 -4.68 -9.64 -36.81
N MET D 68 -3.72 -8.91 -36.21
CA MET D 68 -3.50 -7.47 -36.53
C MET D 68 -3.13 -7.33 -38.01
N PRO D 69 -2.14 -8.07 -38.55
CA PRO D 69 -1.75 -7.88 -39.94
C PRO D 69 -2.86 -8.27 -40.92
N ALA D 70 -3.73 -9.21 -40.54
CA ALA D 70 -4.82 -9.74 -41.40
C ALA D 70 -5.91 -8.67 -41.63
N CYS D 71 -5.93 -7.58 -40.86
CA CYS D 71 -6.94 -6.50 -41.04
C CYS D 71 -6.30 -5.11 -40.83
N ASN D 72 -5.06 -4.93 -41.30
CA ASN D 72 -4.34 -3.63 -41.37
C ASN D 72 -4.44 -2.89 -40.04
N ALA D 73 -4.40 -3.62 -38.93
CA ALA D 73 -4.61 -3.06 -37.59
C ALA D 73 -3.35 -2.27 -37.19
N THR D 74 -3.55 -1.22 -36.40
CA THR D 74 -2.47 -0.50 -35.68
C THR D 74 -2.91 -0.36 -34.21
N TYR D 75 -2.01 0.15 -33.37
CA TYR D 75 -2.21 0.29 -31.90
C TYR D 75 -2.78 1.68 -31.58
N LYS D 76 -3.47 1.77 -30.45
CA LYS D 76 -4.20 2.99 -29.98
C LYS D 76 -4.07 3.11 -28.46
N ASN D 77 -3.46 4.20 -27.99
CA ASN D 77 -3.11 4.41 -26.55
C ASN D 77 -3.99 5.52 -25.93
N SER D 78 -4.68 6.31 -26.77
CA SER D 78 -5.45 7.50 -26.33
C SER D 78 -6.46 7.93 -27.41
N ILE D 79 -7.54 8.58 -26.99
CA ILE D 79 -8.36 9.47 -27.88
C ILE D 79 -7.86 10.89 -27.70
N ARG D 80 -7.51 11.55 -28.80
CA ARG D 80 -7.00 12.95 -28.83
C ARG D 80 -8.14 13.86 -29.28
N PHE D 81 -8.33 15.00 -28.61
CA PHE D 81 -9.36 16.01 -28.93
C PHE D 81 -8.66 17.31 -29.34
N THR D 82 -8.56 17.50 -30.66
CA THR D 82 -8.12 18.76 -31.30
C THR D 82 -9.36 19.63 -31.58
N ASN D 83 -9.27 20.91 -31.23
CA ASN D 83 -10.17 22.00 -31.69
C ASN D 83 -11.50 22.00 -30.91
N PHE D 84 -11.63 21.26 -29.81
CA PHE D 84 -12.93 21.01 -29.11
C PHE D 84 -13.22 22.03 -28.01
N ARG D 85 -12.20 22.57 -27.34
CA ARG D 85 -12.40 23.50 -26.19
C ARG D 85 -12.86 24.86 -26.71
N GLU D 86 -12.09 25.44 -27.63
CA GLU D 86 -12.14 26.88 -27.98
C GLU D 86 -12.07 27.09 -29.50
N GLY D 87 -11.83 26.03 -30.29
CA GLY D 87 -11.76 26.08 -31.77
C GLY D 87 -10.51 26.78 -32.29
N LYS D 88 -9.35 26.56 -31.64
CA LYS D 88 -8.08 27.27 -31.95
C LYS D 88 -6.90 26.27 -31.96
N GLY D 89 -7.14 25.03 -32.36
CA GLY D 89 -6.09 24.00 -32.53
C GLY D 89 -5.62 23.39 -31.22
N GLU D 90 -6.15 23.81 -30.08
CA GLU D 90 -5.81 23.27 -28.74
C GLU D 90 -6.16 21.78 -28.69
N VAL D 91 -5.37 21.01 -27.93
CA VAL D 91 -5.41 19.52 -27.87
C VAL D 91 -5.46 19.07 -26.41
N PHE D 92 -6.19 17.99 -26.14
CA PHE D 92 -6.15 17.27 -24.85
C PHE D 92 -6.42 15.78 -25.13
N GLU D 93 -6.03 14.90 -24.21
CA GLU D 93 -6.14 13.44 -24.38
C GLU D 93 -7.14 12.87 -23.36
N TYR D 94 -7.81 11.79 -23.77
CA TYR D 94 -8.38 10.75 -22.88
C TYR D 94 -7.57 9.49 -23.09
N PRO D 95 -6.46 9.29 -22.33
CA PRO D 95 -5.61 8.11 -22.50
C PRO D 95 -6.22 6.88 -21.81
N PHE D 96 -5.85 5.67 -22.24
CA PHE D 96 -6.36 4.40 -21.65
C PHE D 96 -5.65 4.12 -20.33
N GLY D 97 -6.38 3.61 -19.35
CA GLY D 97 -5.83 3.30 -18.02
C GLY D 97 -6.88 2.72 -17.07
N PRO D 98 -6.48 1.78 -16.19
CA PRO D 98 -7.43 1.18 -15.25
C PRO D 98 -7.86 2.24 -14.24
N SER D 99 -6.90 3.07 -13.80
CA SER D 99 -7.02 3.97 -12.64
C SER D 99 -6.27 5.27 -12.93
N LEU D 100 -6.64 6.36 -12.25
CA LEU D 100 -5.81 7.58 -12.11
C LEU D 100 -4.59 7.23 -11.25
N ASP D 101 -3.39 7.48 -11.76
CA ASP D 101 -2.13 7.32 -11.00
C ASP D 101 -2.11 8.39 -9.90
N VAL D 102 -2.09 7.97 -8.63
CA VAL D 102 -2.21 8.86 -7.43
C VAL D 102 -0.81 9.31 -6.95
N SER D 103 0.27 8.98 -7.67
CA SER D 103 1.68 9.14 -7.22
C SER D 103 1.98 10.54 -6.70
N PHE D 104 1.52 11.60 -7.38
CA PHE D 104 1.87 13.02 -7.06
C PHE D 104 0.69 13.74 -6.38
N PHE D 105 -0.34 12.99 -5.98
CA PHE D 105 -1.54 13.56 -5.31
C PHE D 105 -1.19 13.92 -3.86
N SER D 106 -1.56 15.11 -3.41
CA SER D 106 -1.79 15.44 -1.97
C SER D 106 -2.65 14.34 -1.33
N GLN D 107 -2.23 13.84 -0.18
CA GLN D 107 -3.01 12.86 0.65
C GLN D 107 -4.41 13.43 0.87
N THR D 108 -4.51 14.72 1.23
CA THR D 108 -5.76 15.39 1.70
C THR D 108 -6.63 15.83 0.52
N ASP D 109 -6.05 16.23 -0.62
CA ASP D 109 -6.81 16.77 -1.77
C ASP D 109 -7.09 15.68 -2.82
N GLY D 110 -6.41 14.54 -2.79
CA GLY D 110 -6.62 13.45 -3.75
C GLY D 110 -6.64 13.96 -5.18
N ILE D 111 -7.70 13.62 -5.92
CA ILE D 111 -7.92 13.95 -7.37
C ILE D 111 -7.92 15.49 -7.61
N ASN D 112 -8.23 16.29 -6.57
CA ASN D 112 -8.34 17.77 -6.67
C ASN D 112 -6.96 18.42 -6.64
N THR D 113 -5.88 17.64 -6.49
CA THR D 113 -4.48 18.13 -6.46
C THR D 113 -4.19 18.86 -7.77
N TRP D 114 -4.44 18.24 -8.92
CA TRP D 114 -4.10 18.86 -10.23
C TRP D 114 -4.73 20.25 -10.34
N GLY D 115 -6.02 20.38 -10.02
CA GLY D 115 -6.78 21.64 -10.05
C GLY D 115 -6.13 22.72 -9.20
N LYS D 116 -5.70 22.40 -7.97
CA LYS D 116 -5.02 23.38 -7.08
C LYS D 116 -3.70 23.82 -7.73
N LEU D 117 -2.94 22.89 -8.33
CA LEU D 117 -1.68 23.20 -9.07
C LEU D 117 -2.00 24.18 -10.20
N ALA D 118 -3.06 23.91 -10.96
CA ALA D 118 -3.54 24.74 -12.09
C ALA D 118 -3.83 26.18 -11.62
N ASN D 119 -4.41 26.34 -10.42
CA ASN D 119 -4.76 27.67 -9.85
C ASN D 119 -3.48 28.39 -9.38
N LYS D 120 -2.61 27.68 -8.67
CA LYS D 120 -1.37 28.22 -8.06
C LYS D 120 -0.32 28.52 -9.13
N TYR D 121 -0.18 27.66 -10.14
CA TYR D 121 0.93 27.70 -11.13
C TYR D 121 0.36 27.55 -12.55
N PRO D 122 -0.43 28.55 -13.01
CA PRO D 122 -1.15 28.45 -14.27
C PRO D 122 -0.24 28.16 -15.47
N GLU D 123 0.91 28.83 -15.54
CA GLU D 123 1.87 28.71 -16.66
C GLU D 123 2.39 27.28 -16.74
N ASP D 124 2.50 26.58 -15.61
CA ASP D 124 3.09 25.22 -15.54
C ASP D 124 2.03 24.13 -15.71
N PHE D 125 0.75 24.45 -15.55
CA PHE D 125 -0.34 23.43 -15.52
C PHE D 125 -1.54 23.87 -16.37
N PRO D 126 -1.35 24.09 -17.68
CA PRO D 126 -2.48 24.28 -18.59
C PRO D 126 -3.33 23.00 -18.67
N PRO D 127 -4.58 23.09 -19.21
CA PRO D 127 -5.49 21.94 -19.26
C PRO D 127 -4.90 20.60 -19.75
N GLU D 128 -3.96 20.63 -20.71
CA GLU D 128 -3.38 19.40 -21.30
C GLU D 128 -2.51 18.67 -20.27
N THR D 129 -2.23 19.27 -19.11
CA THR D 129 -1.32 18.68 -18.09
C THR D 129 -2.09 17.74 -17.14
N PHE D 130 -3.43 17.82 -17.05
CA PHE D 130 -4.22 16.91 -16.18
C PHE D 130 -3.92 15.46 -16.56
N ALA D 131 -4.02 15.12 -17.84
CA ALA D 131 -3.82 13.74 -18.35
C ALA D 131 -2.40 13.25 -18.02
N ARG D 132 -1.40 14.10 -18.28
CA ARG D 132 0.02 13.82 -17.98
C ARG D 132 0.17 13.55 -16.49
N PHE D 133 -0.54 14.32 -15.67
CA PHE D 133 -0.40 14.32 -14.20
C PHE D 133 -1.08 13.11 -13.59
N VAL D 134 -1.94 12.39 -14.31
CA VAL D 134 -2.67 11.24 -13.71
C VAL D 134 -2.48 9.96 -14.51
N ASN D 135 -1.94 10.03 -15.73
CA ASN D 135 -1.81 8.85 -16.64
C ASN D 135 -0.57 9.04 -17.53
N SER D 136 0.33 8.06 -17.49
CA SER D 136 1.63 8.07 -18.18
C SER D 136 1.46 7.52 -19.61
N ASN D 137 0.39 6.76 -19.83
CA ASN D 137 0.02 6.30 -21.21
C ASN D 137 -0.03 7.55 -22.10
N THR D 138 -0.46 8.68 -21.53
CA THR D 138 -0.47 10.04 -22.14
C THR D 138 0.83 10.32 -22.91
N TYR D 139 1.98 10.02 -22.31
CA TYR D 139 3.32 10.30 -22.88
C TYR D 139 3.56 9.46 -24.15
N LEU D 140 3.18 8.19 -24.14
CA LEU D 140 3.29 7.28 -25.31
C LEU D 140 2.48 7.90 -26.46
N ALA D 141 1.24 8.25 -26.17
CA ALA D 141 0.29 8.87 -27.12
C ALA D 141 0.90 10.16 -27.66
N GLU D 142 1.43 10.99 -26.77
CA GLU D 142 1.89 12.36 -27.12
C GLU D 142 3.15 12.31 -28.00
N HIS D 143 4.09 11.40 -27.73
CA HIS D 143 5.36 11.28 -28.51
C HIS D 143 5.30 10.12 -29.51
N ASN D 144 4.12 9.51 -29.69
CA ASN D 144 3.87 8.47 -30.74
C ASN D 144 4.87 7.32 -30.55
N ARG D 145 5.02 6.85 -29.32
CA ARG D 145 5.95 5.75 -28.96
C ARG D 145 5.14 4.59 -28.37
N LEU D 146 5.76 3.42 -28.32
CA LEU D 146 5.12 2.19 -27.78
C LEU D 146 6.19 1.29 -27.16
N THR D 147 5.80 0.55 -26.13
CA THR D 147 6.67 -0.36 -25.35
C THR D 147 5.78 -1.36 -24.63
N ARG D 148 6.28 -2.57 -24.38
CA ARG D 148 5.58 -3.60 -23.58
C ARG D 148 5.73 -3.28 -22.09
N ASN D 149 6.64 -2.37 -21.72
CA ASN D 149 6.78 -1.84 -20.34
C ASN D 149 7.10 -3.02 -19.41
N LYS D 150 7.91 -3.97 -19.88
CA LYS D 150 8.34 -5.21 -19.19
C LYS D 150 8.79 -4.86 -17.77
N ASP D 151 9.84 -4.05 -17.63
CA ASP D 151 10.16 -3.27 -16.41
C ASP D 151 9.20 -2.08 -16.39
N ASN D 152 8.44 -1.91 -15.30
CA ASN D 152 7.28 -0.97 -15.20
C ASN D 152 7.76 0.48 -15.20
N LYS D 153 8.58 0.87 -16.17
CA LYS D 153 9.26 2.20 -16.27
C LYS D 153 8.25 3.28 -16.70
N ILE D 154 7.12 2.87 -17.28
CA ILE D 154 5.95 3.76 -17.52
C ILE D 154 4.91 3.41 -16.45
N PRO D 155 4.71 4.28 -15.44
CA PRO D 155 3.88 3.95 -14.28
C PRO D 155 2.43 3.63 -14.65
N ASN D 156 1.88 2.54 -14.12
CA ASN D 156 0.43 2.22 -14.13
C ASN D 156 -0.06 2.00 -15.58
N PHE D 157 0.81 1.52 -16.46
CA PHE D 157 0.52 1.16 -17.87
C PHE D 157 0.78 -0.33 -18.07
N ASN D 158 -0.21 -1.06 -18.59
CA ASN D 158 -0.15 -2.52 -18.89
C ASN D 158 -0.42 -2.68 -20.39
N PHE D 159 0.62 -2.96 -21.18
CA PHE D 159 0.57 -3.00 -22.67
C PHE D 159 -0.67 -3.76 -23.15
N ASP D 160 -0.85 -5.01 -22.71
CA ASP D 160 -1.96 -5.91 -23.14
C ASP D 160 -3.32 -5.22 -23.01
N TRP D 161 -3.60 -4.60 -21.86
CA TRP D 161 -4.96 -4.16 -21.47
C TRP D 161 -5.18 -2.65 -21.62
N ASP D 162 -4.11 -1.84 -21.55
CA ASP D 162 -4.17 -0.36 -21.64
C ASP D 162 -3.83 0.11 -23.05
N THR D 163 -3.58 -0.81 -23.98
CA THR D 163 -3.44 -0.51 -25.42
C THR D 163 -4.58 -1.19 -26.16
N ALA D 164 -5.38 -0.40 -26.87
CA ALA D 164 -6.45 -0.85 -27.80
C ALA D 164 -5.93 -0.73 -29.23
N TYR D 165 -6.83 -0.73 -30.22
CA TYR D 165 -6.50 -1.02 -31.64
C TYR D 165 -7.33 -0.13 -32.58
N HIS D 166 -6.73 0.27 -33.69
CA HIS D 166 -7.39 0.71 -34.96
C HIS D 166 -7.47 -0.52 -35.88
N ILE D 167 -8.64 -0.86 -36.40
CA ILE D 167 -8.87 -2.08 -37.22
C ILE D 167 -9.72 -1.71 -38.45
N ASP D 168 -9.53 -2.45 -39.54
CA ASP D 168 -10.52 -2.58 -40.65
C ASP D 168 -11.56 -3.62 -40.20
N ALA D 169 -12.77 -3.17 -39.87
CA ALA D 169 -13.82 -4.01 -39.21
C ALA D 169 -14.22 -5.17 -40.11
N GLU D 170 -14.28 -4.97 -41.43
CA GLU D 170 -14.76 -6.02 -42.38
C GLU D 170 -13.74 -7.15 -42.42
N LEU D 171 -12.46 -6.79 -42.54
CA LEU D 171 -11.32 -7.77 -42.57
C LEU D 171 -11.24 -8.48 -41.21
N PHE D 172 -11.52 -7.77 -40.12
CA PHE D 172 -11.54 -8.37 -38.76
C PHE D 172 -12.61 -9.47 -38.72
N GLY D 173 -13.81 -9.18 -39.24
CA GLY D 173 -14.90 -10.16 -39.38
C GLY D 173 -14.47 -11.35 -40.23
N GLN D 174 -13.85 -11.07 -41.37
CA GLN D 174 -13.34 -12.11 -42.31
C GLN D 174 -12.34 -13.00 -41.57
N TYR D 175 -11.56 -12.46 -40.64
CA TYR D 175 -10.55 -13.23 -39.87
C TYR D 175 -11.29 -14.18 -38.93
N LEU D 176 -12.20 -13.64 -38.12
CA LEU D 176 -13.00 -14.42 -37.14
C LEU D 176 -13.72 -15.56 -37.86
N LYS D 177 -14.22 -15.27 -39.07
CA LYS D 177 -14.92 -16.23 -39.95
C LYS D 177 -14.01 -17.44 -40.24
N GLU D 178 -12.84 -17.19 -40.84
CA GLU D 178 -11.94 -18.24 -41.39
C GLU D 178 -11.24 -19.00 -40.26
N LYS D 179 -10.89 -18.32 -39.16
CA LYS D 179 -10.00 -18.86 -38.09
C LYS D 179 -10.80 -19.50 -36.95
N ILE D 180 -11.97 -18.95 -36.59
CA ILE D 180 -12.74 -19.39 -35.38
C ILE D 180 -14.10 -19.94 -35.80
N ALA D 181 -14.96 -19.15 -36.47
CA ALA D 181 -16.38 -19.47 -36.69
C ALA D 181 -16.54 -20.72 -37.56
N LEU D 182 -16.04 -20.68 -38.79
CA LEU D 182 -16.24 -21.80 -39.76
C LEU D 182 -15.59 -23.07 -39.21
N PRO D 183 -14.31 -23.06 -38.80
CA PRO D 183 -13.71 -24.25 -38.21
C PRO D 183 -14.55 -24.87 -37.06
N ASN D 184 -15.20 -24.03 -36.23
CA ASN D 184 -16.05 -24.47 -35.10
C ASN D 184 -17.47 -24.84 -35.57
N GLY D 185 -17.68 -24.91 -36.90
CA GLY D 185 -18.89 -25.52 -37.48
C GLY D 185 -20.03 -24.53 -37.62
N VAL D 186 -19.77 -23.22 -37.57
CA VAL D 186 -20.81 -22.22 -37.92
C VAL D 186 -21.18 -22.46 -39.39
N LYS D 187 -22.47 -22.68 -39.66
CA LYS D 187 -23.04 -22.94 -41.00
C LYS D 187 -23.25 -21.59 -41.71
N HIS D 188 -22.46 -21.32 -42.75
CA HIS D 188 -22.56 -20.11 -43.60
C HIS D 188 -23.70 -20.31 -44.62
N ILE D 189 -24.73 -19.49 -44.56
CA ILE D 189 -25.91 -19.55 -45.49
C ILE D 189 -25.98 -18.25 -46.30
N GLN D 190 -25.80 -18.34 -47.61
CA GLN D 190 -25.87 -17.18 -48.56
C GLN D 190 -27.34 -16.95 -48.91
N GLY D 191 -27.87 -15.76 -48.62
CA GLY D 191 -29.28 -15.46 -48.92
C GLY D 191 -29.70 -14.10 -48.38
N LYS D 192 -30.79 -13.58 -48.95
CA LYS D 192 -31.50 -12.36 -48.48
C LYS D 192 -32.68 -12.82 -47.63
N VAL D 193 -32.76 -12.36 -46.38
CA VAL D 193 -33.95 -12.52 -45.50
C VAL D 193 -35.03 -11.58 -46.02
N THR D 194 -36.16 -12.14 -46.48
CA THR D 194 -37.25 -11.37 -47.17
C THR D 194 -38.44 -11.20 -46.22
N GLY D 195 -38.70 -12.15 -45.32
CA GLY D 195 -39.89 -12.14 -44.46
C GLY D 195 -39.80 -13.07 -43.28
N TYR D 196 -40.93 -13.31 -42.60
CA TYR D 196 -41.00 -14.08 -41.33
C TYR D 196 -42.43 -14.58 -41.10
N GLN D 197 -42.60 -15.55 -40.19
CA GLN D 197 -43.92 -16.03 -39.71
C GLN D 197 -43.87 -16.16 -38.19
N LYS D 198 -44.77 -15.50 -37.47
CA LYS D 198 -44.86 -15.60 -35.99
C LYS D 198 -45.50 -16.94 -35.64
N GLU D 199 -45.45 -17.34 -34.38
CA GLU D 199 -45.80 -18.72 -33.95
C GLU D 199 -47.31 -18.88 -33.98
N SER D 200 -48.05 -17.89 -33.48
CA SER D 200 -49.52 -17.92 -33.34
C SER D 200 -50.05 -16.51 -33.12
N PRO D 201 -51.39 -16.28 -33.27
CA PRO D 201 -51.99 -14.99 -32.94
C PRO D 201 -51.40 -14.29 -31.71
N ASN D 202 -51.15 -15.04 -30.62
CA ASN D 202 -50.71 -14.49 -29.31
C ASN D 202 -49.24 -14.72 -29.05
N ASN D 203 -48.66 -15.79 -29.62
CA ASN D 203 -47.20 -16.05 -29.54
C ASN D 203 -46.46 -15.30 -30.65
N HIS D 204 -45.82 -14.18 -30.30
CA HIS D 204 -45.08 -13.28 -31.23
C HIS D 204 -43.62 -13.72 -31.46
N ASN D 205 -43.23 -14.93 -31.06
CA ASN D 205 -41.90 -15.50 -31.42
C ASN D 205 -41.88 -15.81 -32.92
N PHE D 206 -40.77 -15.57 -33.59
CA PHE D 206 -40.54 -16.09 -34.96
C PHE D 206 -40.67 -17.61 -34.90
N LYS D 207 -41.55 -18.18 -35.72
CA LYS D 207 -41.62 -19.65 -35.93
C LYS D 207 -40.50 -20.03 -36.90
N TYR D 208 -40.26 -19.16 -37.88
CA TYR D 208 -39.11 -19.21 -38.82
C TYR D 208 -38.98 -17.83 -39.49
N ILE D 209 -37.84 -17.57 -40.14
CA ILE D 209 -37.68 -16.40 -41.06
C ILE D 209 -37.57 -16.96 -42.47
N ILE D 210 -37.87 -16.15 -43.48
CA ILE D 210 -37.88 -16.56 -44.92
C ILE D 210 -36.64 -16.00 -45.63
N LEU D 211 -35.98 -16.86 -46.41
CA LEU D 211 -34.78 -16.57 -47.24
C LEU D 211 -35.17 -16.57 -48.73
N ASP D 212 -34.93 -15.46 -49.44
CA ASP D 212 -35.18 -15.32 -50.91
C ASP D 212 -36.63 -15.72 -51.22
N GLN D 213 -37.57 -15.31 -50.38
CA GLN D 213 -39.03 -15.57 -50.56
C GLN D 213 -39.30 -17.07 -50.78
N GLU D 214 -38.46 -17.98 -50.26
CA GLU D 214 -38.57 -19.44 -50.54
C GLU D 214 -38.22 -20.29 -49.30
N THR D 215 -36.99 -20.20 -48.78
CA THR D 215 -36.46 -21.11 -47.73
C THR D 215 -36.77 -20.58 -46.33
N ALA D 216 -37.37 -21.41 -45.47
CA ALA D 216 -37.63 -21.12 -44.03
C ALA D 216 -36.44 -21.57 -43.19
N ILE D 217 -35.83 -20.64 -42.45
CA ILE D 217 -34.74 -20.89 -41.47
C ILE D 217 -35.39 -21.00 -40.08
N PHE D 218 -35.26 -22.17 -39.45
CA PHE D 218 -35.72 -22.48 -38.07
C PHE D 218 -34.54 -22.30 -37.11
N ALA D 219 -34.76 -21.57 -36.03
CA ALA D 219 -33.76 -21.38 -34.94
C ALA D 219 -34.54 -21.10 -33.65
N ASP D 220 -33.96 -21.45 -32.50
CA ASP D 220 -34.55 -21.18 -31.17
C ASP D 220 -34.37 -19.69 -30.86
N LEU D 221 -33.25 -19.11 -31.29
CA LEU D 221 -32.93 -17.67 -31.14
C LEU D 221 -32.41 -17.09 -32.45
N TYR D 222 -32.94 -15.93 -32.83
CA TYR D 222 -32.54 -15.15 -34.03
C TYR D 222 -31.78 -13.91 -33.56
N ILE D 223 -30.59 -13.69 -34.11
CA ILE D 223 -29.72 -12.56 -33.71
C ILE D 223 -29.68 -11.59 -34.89
N ASP D 224 -30.06 -10.35 -34.65
CA ASP D 224 -30.12 -9.29 -35.70
C ASP D 224 -28.77 -8.57 -35.73
N CYS D 225 -27.93 -8.87 -36.70
CA CYS D 225 -26.66 -8.17 -37.00
C CYS D 225 -26.77 -7.47 -38.36
N THR D 226 -27.95 -6.93 -38.70
CA THR D 226 -28.25 -6.34 -40.02
C THR D 226 -27.92 -4.83 -40.02
N GLY D 227 -27.29 -4.30 -38.98
CA GLY D 227 -26.92 -2.88 -38.87
C GLY D 227 -28.14 -1.97 -38.78
N PHE D 228 -28.04 -0.75 -39.31
CA PHE D 228 -29.05 0.35 -39.19
C PHE D 228 -30.40 -0.13 -39.71
N LYS D 229 -30.43 -0.98 -40.76
CA LYS D 229 -31.67 -1.64 -41.26
C LYS D 229 -32.51 -2.09 -40.06
N SER D 230 -31.87 -2.76 -39.11
CA SER D 230 -32.53 -3.45 -37.96
C SER D 230 -33.73 -4.23 -38.48
N LEU D 231 -33.48 -5.15 -39.43
CA LEU D 231 -34.56 -5.88 -40.15
C LEU D 231 -35.38 -6.74 -39.18
N LEU D 232 -34.74 -7.45 -38.24
CA LEU D 232 -35.43 -8.44 -37.35
C LEU D 232 -35.99 -7.73 -36.12
N LEU D 233 -35.17 -6.93 -35.43
CA LEU D 233 -35.58 -6.29 -34.16
C LEU D 233 -36.56 -5.14 -34.45
N GLY D 234 -36.12 -4.18 -35.25
CA GLY D 234 -36.86 -2.96 -35.60
C GLY D 234 -38.05 -3.23 -36.51
N GLU D 235 -37.82 -3.81 -37.69
CA GLU D 235 -38.87 -4.01 -38.72
C GLU D 235 -39.77 -5.18 -38.30
N PHE D 236 -39.27 -6.41 -38.30
CA PHE D 236 -40.11 -7.63 -38.12
C PHE D 236 -40.75 -7.66 -36.73
N MET D 237 -39.98 -7.43 -35.65
CA MET D 237 -40.50 -7.49 -34.24
C MET D 237 -41.07 -6.11 -33.86
N GLY D 238 -40.82 -5.10 -34.68
CA GLY D 238 -41.47 -3.78 -34.57
C GLY D 238 -41.00 -2.98 -33.36
N GLU D 239 -39.79 -3.21 -32.85
CA GLU D 239 -39.32 -2.50 -31.63
C GLU D 239 -39.01 -1.04 -31.98
N ALA D 240 -39.63 -0.11 -31.24
CA ALA D 240 -39.51 1.35 -31.39
C ALA D 240 -38.05 1.77 -31.29
N PHE D 241 -37.72 2.95 -31.82
CA PHE D 241 -36.37 3.55 -31.77
C PHE D 241 -36.42 4.88 -31.02
N SER D 242 -35.71 4.97 -29.88
CA SER D 242 -35.50 6.25 -29.15
C SER D 242 -34.26 6.96 -29.70
N PRO D 243 -34.41 8.10 -30.43
CA PRO D 243 -33.26 8.83 -30.94
C PRO D 243 -32.59 9.62 -29.79
N PHE D 244 -31.32 10.00 -29.95
CA PHE D 244 -30.55 10.79 -28.95
C PHE D 244 -30.56 12.28 -29.31
N SER D 245 -31.41 12.71 -30.25
CA SER D 245 -31.41 14.07 -30.85
C SER D 245 -31.65 15.17 -29.81
N LYS D 246 -32.17 14.82 -28.63
CA LYS D 246 -32.40 15.77 -27.52
C LYS D 246 -31.07 16.21 -26.88
N LYS D 247 -29.99 15.41 -26.96
CA LYS D 247 -28.67 15.77 -26.37
C LYS D 247 -27.52 15.71 -27.40
N LEU D 248 -27.69 14.93 -28.47
CA LEU D 248 -26.68 14.78 -29.55
C LEU D 248 -27.32 15.17 -30.88
N ALA D 249 -26.77 16.20 -31.54
CA ALA D 249 -27.32 16.82 -32.76
C ALA D 249 -26.92 16.03 -34.01
N ASN D 250 -25.89 15.19 -33.94
CA ASN D 250 -25.28 14.57 -35.15
C ASN D 250 -26.16 13.40 -35.62
N ASP D 251 -26.64 13.47 -36.86
CA ASP D 251 -27.56 12.46 -37.45
C ASP D 251 -27.01 11.95 -38.80
N LYS D 252 -25.87 12.49 -39.25
CA LYS D 252 -25.23 12.12 -40.54
C LYS D 252 -23.75 11.82 -40.32
N ALA D 253 -23.18 10.99 -41.19
CA ALA D 253 -21.72 10.79 -41.33
C ALA D 253 -21.38 10.65 -42.82
N MET D 254 -20.25 11.21 -43.22
CA MET D 254 -19.54 10.85 -44.46
C MET D 254 -18.17 10.31 -44.05
N ALA D 255 -17.64 9.36 -44.81
CA ALA D 255 -16.39 8.64 -44.50
C ALA D 255 -15.59 8.45 -45.78
N THR D 256 -14.27 8.35 -45.65
CA THR D 256 -13.34 8.24 -46.78
C THR D 256 -12.05 7.55 -46.32
N ARG D 257 -11.25 7.18 -47.31
CA ARG D 257 -9.95 6.52 -47.20
C ARG D 257 -8.94 7.49 -47.79
N ILE D 258 -7.90 7.85 -47.05
CA ILE D 258 -6.84 8.78 -47.52
C ILE D 258 -5.52 8.04 -47.52
N PRO D 259 -4.70 8.16 -48.58
CA PRO D 259 -3.37 7.55 -48.60
C PRO D 259 -2.41 8.31 -47.67
N TYR D 260 -1.40 7.63 -47.12
CA TYR D 260 -0.32 8.25 -46.30
C TYR D 260 0.58 9.07 -47.21
N GLU D 261 0.98 10.26 -46.75
CA GLU D 261 2.03 11.11 -47.37
C GLU D 261 3.38 10.77 -46.73
N ASN D 262 3.43 10.74 -45.40
CA ASN D 262 4.62 10.32 -44.62
C ASN D 262 4.16 9.32 -43.55
N ARG D 263 4.11 8.06 -43.94
CA ARG D 263 3.46 6.95 -43.20
C ARG D 263 4.04 6.79 -41.78
N GLU D 264 5.37 6.81 -41.64
CA GLU D 264 6.07 6.68 -40.34
C GLU D 264 5.59 7.80 -39.42
N GLU D 265 5.62 9.06 -39.88
CA GLU D 265 5.26 10.26 -39.08
C GLU D 265 3.76 10.29 -38.75
N GLU D 266 2.92 9.81 -39.68
CA GLU D 266 1.45 10.07 -39.68
C GLU D 266 0.69 8.96 -38.92
N MET D 267 1.20 7.73 -38.92
CA MET D 267 0.53 6.54 -38.33
C MET D 267 0.56 6.67 -36.80
N HIS D 268 -0.36 7.47 -36.27
CA HIS D 268 -0.39 7.84 -34.83
C HIS D 268 -0.96 6.70 -33.98
N ASN D 269 -0.28 6.48 -32.87
CA ASN D 269 -0.70 5.91 -31.56
C ASN D 269 -2.13 6.27 -31.10
N VAL D 270 -2.89 7.13 -31.79
CA VAL D 270 -4.17 7.69 -31.25
C VAL D 270 -5.24 7.82 -32.35
N THR D 271 -6.51 7.79 -31.93
CA THR D 271 -7.67 8.31 -32.70
C THR D 271 -7.79 9.80 -32.39
N ASP D 272 -7.57 10.67 -33.39
CA ASP D 272 -7.78 12.14 -33.28
C ASP D 272 -9.25 12.44 -33.62
N CYS D 273 -9.87 13.31 -32.82
CA CYS D 273 -11.23 13.86 -33.01
C CYS D 273 -11.10 15.38 -33.14
N HIS D 274 -11.29 15.88 -34.36
CA HIS D 274 -11.12 17.30 -34.72
C HIS D 274 -12.50 17.95 -34.82
N ALA D 275 -12.85 18.85 -33.89
CA ALA D 275 -14.14 19.56 -33.90
C ALA D 275 -14.18 20.52 -35.09
N MET D 276 -15.27 20.47 -35.87
CA MET D 276 -15.53 21.26 -37.09
C MET D 276 -16.67 22.24 -36.82
N LYS D 277 -17.24 22.87 -37.86
CA LYS D 277 -18.27 23.93 -37.72
C LYS D 277 -19.61 23.31 -37.28
N ASN D 278 -19.92 22.09 -37.73
CA ASN D 278 -21.24 21.42 -37.52
C ASN D 278 -21.06 19.98 -37.03
N GLY D 279 -19.92 19.67 -36.42
CA GLY D 279 -19.63 18.34 -35.86
C GLY D 279 -18.16 18.15 -35.60
N TRP D 280 -17.61 16.98 -35.97
CA TRP D 280 -16.20 16.62 -35.73
C TRP D 280 -15.76 15.55 -36.74
N VAL D 281 -14.48 15.51 -37.05
CA VAL D 281 -13.85 14.54 -38.00
C VAL D 281 -12.95 13.60 -37.20
N TRP D 282 -13.11 12.29 -37.43
CA TRP D 282 -12.25 11.24 -36.84
C TRP D 282 -11.08 10.98 -37.80
N ASN D 283 -9.91 10.67 -37.22
CA ASN D 283 -8.69 10.22 -37.93
C ASN D 283 -8.28 8.87 -37.32
N ILE D 284 -8.34 7.81 -38.12
CA ILE D 284 -8.01 6.42 -37.70
C ILE D 284 -6.87 5.93 -38.57
N PRO D 285 -5.62 5.94 -38.06
CA PRO D 285 -4.48 5.37 -38.78
C PRO D 285 -4.57 3.85 -38.83
N LEU D 286 -4.52 3.28 -40.03
CA LEU D 286 -4.35 1.82 -40.27
C LEU D 286 -2.99 1.60 -40.92
N TRP D 287 -2.66 0.34 -41.19
CA TRP D 287 -1.31 -0.04 -41.68
C TRP D 287 -1.08 0.63 -43.03
N ASN D 288 -2.09 0.63 -43.90
CA ASN D 288 -1.97 0.95 -45.36
C ASN D 288 -2.62 2.29 -45.71
N ARG D 289 -3.33 2.94 -44.77
CA ARG D 289 -4.12 4.16 -45.07
C ARG D 289 -4.60 4.83 -43.79
N ILE D 290 -5.13 6.05 -43.92
CA ILE D 290 -5.90 6.76 -42.87
C ILE D 290 -7.38 6.65 -43.22
N GLY D 291 -8.20 6.15 -42.29
CA GLY D 291 -9.67 6.26 -42.33
C GLY D 291 -10.11 7.55 -41.65
N THR D 292 -10.99 8.32 -42.29
CA THR D 292 -11.43 9.65 -41.82
C THR D 292 -12.89 9.89 -42.23
N GLY D 293 -13.66 10.52 -41.35
CA GLY D 293 -15.07 10.89 -41.61
C GLY D 293 -15.51 12.09 -40.81
N TYR D 294 -16.53 12.80 -41.31
CA TYR D 294 -17.22 13.92 -40.65
C TYR D 294 -18.53 13.37 -40.06
N CYS D 295 -18.71 13.46 -38.74
CA CYS D 295 -20.03 13.37 -38.07
C CYS D 295 -20.59 14.78 -37.95
N TYR D 296 -21.78 15.02 -38.51
CA TYR D 296 -22.38 16.37 -38.59
C TYR D 296 -23.89 16.29 -38.39
N SER D 297 -24.50 17.48 -38.24
CA SER D 297 -25.93 17.67 -37.96
C SER D 297 -26.61 18.31 -39.18
N SER D 298 -27.50 17.58 -39.84
CA SER D 298 -28.27 18.03 -41.04
C SER D 298 -29.14 19.23 -40.65
N ARG D 299 -29.47 19.33 -39.38
CA ARG D 299 -30.17 20.48 -38.75
C ARG D 299 -29.44 21.81 -38.99
N PHE D 300 -28.12 21.79 -39.10
CA PHE D 300 -27.29 23.02 -39.10
C PHE D 300 -26.50 23.18 -40.42
N VAL D 301 -26.46 22.16 -41.28
CA VAL D 301 -25.62 22.19 -42.53
C VAL D 301 -26.19 21.20 -43.56
N SER D 302 -26.13 21.57 -44.84
CA SER D 302 -26.45 20.72 -46.01
C SER D 302 -25.37 19.65 -46.20
N LYS D 303 -25.70 18.56 -46.91
CA LYS D 303 -24.76 17.49 -47.27
C LYS D 303 -23.62 18.09 -48.10
N ASP D 304 -23.94 18.95 -49.08
CA ASP D 304 -22.96 19.56 -50.02
C ASP D 304 -21.97 20.45 -49.26
N ASP D 305 -22.48 21.25 -48.32
CA ASP D 305 -21.70 22.19 -47.49
C ASP D 305 -20.76 21.41 -46.56
N ALA D 306 -21.27 20.35 -45.91
CA ALA D 306 -20.50 19.47 -44.99
C ALA D 306 -19.32 18.82 -45.74
N GLU D 307 -19.54 18.44 -47.01
CA GLU D 307 -18.52 17.75 -47.85
C GLU D 307 -17.45 18.75 -48.29
N ALA D 308 -17.84 19.99 -48.59
CA ALA D 308 -16.90 21.06 -48.97
C ALA D 308 -16.00 21.38 -47.77
N GLU D 309 -16.63 21.57 -46.60
CA GLU D 309 -15.96 21.64 -45.27
C GLU D 309 -14.90 20.52 -45.14
N PHE D 310 -15.33 19.27 -45.31
CA PHE D 310 -14.55 18.04 -45.03
C PHE D 310 -13.33 17.96 -45.96
N ARG D 311 -13.55 18.18 -47.26
CA ARG D 311 -12.49 18.18 -48.31
C ARG D 311 -11.48 19.29 -47.99
N GLU D 312 -11.96 20.50 -47.68
CA GLU D 312 -11.10 21.66 -47.31
C GLU D 312 -10.22 21.24 -46.12
N HIS D 313 -10.83 20.65 -45.09
CA HIS D 313 -10.16 20.20 -43.85
C HIS D 313 -9.07 19.17 -44.18
N LEU D 314 -9.28 18.31 -45.17
CA LEU D 314 -8.34 17.19 -45.50
C LEU D 314 -7.14 17.70 -46.32
N GLY D 315 -7.18 18.95 -46.81
CA GLY D 315 -6.15 19.51 -47.70
C GLY D 315 -6.10 18.81 -49.05
N GLU D 316 -4.92 18.70 -49.66
CA GLU D 316 -4.72 18.24 -51.07
C GLU D 316 -5.45 16.89 -51.27
N ARG D 317 -5.38 15.98 -50.28
CA ARG D 317 -5.96 14.62 -50.38
C ARG D 317 -7.49 14.69 -50.25
N GLY D 318 -8.04 15.84 -49.87
CA GLY D 318 -9.49 16.12 -49.91
C GLY D 318 -10.06 16.04 -51.31
N LYS D 319 -9.31 16.48 -52.33
CA LYS D 319 -9.87 16.79 -53.68
C LYS D 319 -10.32 15.51 -54.38
N ASP D 320 -9.53 14.43 -54.34
CA ASP D 320 -9.81 13.19 -55.14
C ASP D 320 -10.38 12.09 -54.23
N ALA D 321 -10.47 12.34 -52.92
CA ALA D 321 -11.00 11.36 -51.94
C ALA D 321 -12.41 10.92 -52.35
N LYS D 322 -12.66 9.62 -52.44
CA LYS D 322 -14.03 9.05 -52.62
C LYS D 322 -14.71 9.04 -51.25
N ILE D 323 -15.85 9.73 -51.13
CA ILE D 323 -16.60 9.95 -49.85
C ILE D 323 -17.92 9.16 -49.92
N PHE D 324 -18.21 8.38 -48.88
CA PHE D 324 -19.41 7.53 -48.72
C PHE D 324 -20.28 8.09 -47.60
N HIS D 325 -21.50 8.51 -47.93
CA HIS D 325 -22.49 9.11 -47.00
C HIS D 325 -23.29 8.00 -46.33
N ILE D 326 -23.40 8.06 -45.01
CA ILE D 326 -24.15 7.06 -44.19
C ILE D 326 -25.21 7.82 -43.40
N ASP D 327 -26.41 7.25 -43.33
CA ASP D 327 -27.51 7.74 -42.47
C ASP D 327 -27.42 6.95 -41.16
N ILE D 328 -27.06 7.61 -40.07
CA ILE D 328 -26.73 6.95 -38.77
C ILE D 328 -27.97 6.96 -37.87
N GLY D 329 -28.41 5.79 -37.42
CA GLY D 329 -29.45 5.62 -36.40
C GLY D 329 -28.91 5.95 -35.02
N HIS D 330 -28.86 7.25 -34.69
CA HIS D 330 -28.20 7.80 -33.48
C HIS D 330 -29.17 7.70 -32.30
N GLY D 331 -29.16 6.55 -31.62
CA GLY D 331 -30.16 6.19 -30.61
C GLY D 331 -30.10 4.71 -30.29
N LYS D 332 -31.19 4.19 -29.76
CA LYS D 332 -31.34 2.77 -29.33
C LYS D 332 -32.79 2.35 -29.54
N ARG D 333 -32.99 1.07 -29.83
CA ARG D 333 -34.31 0.41 -29.67
C ARG D 333 -34.67 0.45 -28.18
N THR D 334 -35.96 0.45 -27.87
CA THR D 334 -36.49 0.50 -26.48
C THR D 334 -36.15 -0.82 -25.76
N ARG D 335 -35.81 -1.86 -26.50
CA ARG D 335 -35.35 -3.17 -25.99
C ARG D 335 -34.45 -3.85 -27.02
N ALA D 336 -33.45 -4.60 -26.55
CA ALA D 336 -32.48 -5.36 -27.39
C ALA D 336 -33.00 -6.77 -27.64
N TRP D 337 -33.55 -7.42 -26.60
CA TRP D 337 -34.07 -8.80 -26.63
C TRP D 337 -35.60 -8.72 -26.63
N VAL D 338 -36.22 -8.98 -27.77
CA VAL D 338 -37.70 -8.96 -27.94
C VAL D 338 -38.12 -10.33 -28.48
N ASN D 339 -39.02 -11.00 -27.77
CA ASN D 339 -39.37 -12.42 -28.02
C ASN D 339 -38.06 -13.18 -28.21
N ASN D 340 -37.94 -13.98 -29.27
CA ASN D 340 -36.81 -14.90 -29.54
C ASN D 340 -35.86 -14.26 -30.56
N CYS D 341 -35.68 -12.93 -30.49
CA CYS D 341 -34.79 -12.14 -31.37
C CYS D 341 -33.98 -11.16 -30.52
N VAL D 342 -32.66 -11.08 -30.74
CA VAL D 342 -31.72 -10.18 -30.01
C VAL D 342 -31.01 -9.27 -31.02
N GLY D 343 -31.01 -7.97 -30.77
CA GLY D 343 -30.21 -6.99 -31.52
C GLY D 343 -28.79 -6.95 -31.01
N ILE D 344 -27.81 -7.15 -31.90
CA ILE D 344 -26.35 -7.05 -31.62
C ILE D 344 -25.75 -6.08 -32.66
N GLY D 345 -25.13 -4.99 -32.18
CA GLY D 345 -24.53 -3.94 -33.02
C GLY D 345 -25.55 -2.85 -33.35
N LEU D 346 -25.50 -2.32 -34.56
CA LEU D 346 -26.23 -1.07 -34.96
C LEU D 346 -27.73 -1.37 -35.06
N SER D 347 -28.14 -2.63 -35.23
CA SER D 347 -29.55 -3.07 -35.22
C SER D 347 -30.20 -2.71 -33.89
N TYR D 348 -29.43 -2.67 -32.81
CA TYR D 348 -29.94 -2.30 -31.46
C TYR D 348 -29.71 -0.81 -31.20
N GLY D 349 -28.45 -0.35 -31.27
CA GLY D 349 -28.09 1.02 -30.90
C GLY D 349 -26.77 1.48 -31.49
N PHE D 350 -26.49 2.77 -31.37
CA PHE D 350 -25.29 3.42 -31.94
C PHE D 350 -25.13 4.78 -31.26
N ILE D 351 -23.92 5.06 -30.77
CA ILE D 351 -23.44 6.41 -30.39
C ILE D 351 -22.37 6.81 -31.41
N GLU D 352 -22.41 8.04 -31.91
CA GLU D 352 -21.34 8.55 -32.80
C GLU D 352 -20.01 8.24 -32.11
N PRO D 353 -18.96 7.82 -32.86
CA PRO D 353 -17.76 7.25 -32.25
C PRO D 353 -16.76 8.27 -31.69
N LEU D 354 -17.25 9.31 -31.00
CA LEU D 354 -16.43 10.35 -30.35
C LEU D 354 -15.68 9.73 -29.17
N GLU D 355 -16.23 8.67 -28.57
CA GLU D 355 -15.57 7.92 -27.47
C GLU D 355 -15.25 6.51 -27.94
N SER D 356 -15.01 6.34 -29.24
CA SER D 356 -14.56 5.08 -29.87
C SER D 356 -15.45 3.95 -29.37
N THR D 357 -16.76 4.21 -29.41
CA THR D 357 -17.80 3.39 -28.74
C THR D 357 -18.48 2.52 -29.80
N GLY D 358 -18.11 2.70 -31.08
CA GLY D 358 -18.57 1.90 -32.24
C GLY D 358 -18.92 0.47 -31.87
N LEU D 359 -17.93 -0.31 -31.43
CA LEU D 359 -18.07 -1.78 -31.19
C LEU D 359 -18.74 -2.08 -29.84
N LEU D 360 -19.05 -1.08 -29.01
CA LEU D 360 -19.55 -1.27 -27.61
C LEU D 360 -20.88 -2.02 -27.66
N THR D 361 -21.86 -1.42 -28.34
CA THR D 361 -23.19 -1.99 -28.61
C THR D 361 -23.04 -3.47 -29.00
N THR D 362 -21.88 -3.89 -29.55
CA THR D 362 -21.65 -5.25 -30.10
C THR D 362 -21.07 -6.19 -29.02
N HIS D 363 -19.82 -5.98 -28.55
CA HIS D 363 -19.12 -6.98 -27.69
C HIS D 363 -19.79 -7.05 -26.31
N GLU D 364 -20.37 -5.97 -25.80
CA GLU D 364 -21.11 -5.96 -24.52
C GLU D 364 -22.30 -6.93 -24.64
N ASN D 365 -23.13 -6.75 -25.67
CA ASN D 365 -24.32 -7.62 -25.88
C ASN D 365 -23.87 -9.07 -26.14
N ILE D 366 -22.76 -9.28 -26.85
CA ILE D 366 -22.23 -10.65 -27.13
C ILE D 366 -21.85 -11.31 -25.81
N GLU D 367 -21.07 -10.62 -24.97
CA GLU D 367 -20.57 -11.13 -23.65
C GLU D 367 -21.76 -11.42 -22.73
N ASN D 368 -22.78 -10.54 -22.73
CA ASN D 368 -24.00 -10.69 -21.89
C ASN D 368 -24.86 -11.87 -22.39
N LEU D 369 -24.88 -12.13 -23.71
CA LEU D 369 -25.59 -13.28 -24.30
C LEU D 369 -24.87 -14.58 -23.95
N VAL D 370 -23.54 -14.62 -24.15
CA VAL D 370 -22.67 -15.80 -23.81
C VAL D 370 -22.85 -16.12 -22.33
N TYR D 371 -22.95 -15.08 -21.49
CA TYR D 371 -23.07 -15.20 -20.03
C TYR D 371 -24.37 -15.96 -19.70
N LEU D 372 -25.49 -15.56 -20.30
CA LEU D 372 -26.82 -16.18 -20.03
C LEU D 372 -26.90 -17.60 -20.64
N ILE D 373 -26.35 -17.81 -21.82
CA ILE D 373 -26.44 -19.13 -22.51
C ILE D 373 -25.58 -20.16 -21.74
N ASN D 374 -24.45 -19.76 -21.15
CA ASN D 374 -23.54 -20.67 -20.39
C ASN D 374 -24.02 -20.84 -18.94
N GLN D 375 -25.10 -20.19 -18.56
CA GLN D 375 -25.65 -20.23 -17.18
C GLN D 375 -26.25 -21.64 -16.94
N ARG D 376 -27.27 -22.06 -17.69
CA ARG D 376 -27.92 -23.40 -17.53
C ARG D 376 -28.14 -24.05 -18.91
N ASP D 377 -27.05 -24.27 -19.63
CA ASP D 377 -27.00 -25.04 -20.90
C ASP D 377 -27.99 -24.46 -21.92
N GLY D 378 -28.12 -23.14 -21.98
CA GLY D 378 -28.93 -22.46 -23.00
C GLY D 378 -30.33 -22.14 -22.50
N TYR D 379 -30.70 -22.61 -21.32
CA TYR D 379 -31.97 -22.21 -20.65
C TYR D 379 -31.81 -20.80 -20.06
N VAL D 380 -32.83 -19.99 -20.32
CA VAL D 380 -32.94 -18.54 -19.99
C VAL D 380 -34.40 -18.25 -19.59
N THR D 381 -34.58 -17.44 -18.54
CA THR D 381 -35.92 -17.00 -18.07
C THR D 381 -36.19 -15.61 -18.64
N GLN D 382 -37.46 -15.21 -18.64
CA GLN D 382 -37.89 -13.83 -19.01
C GLN D 382 -37.16 -12.84 -18.09
N ALA D 383 -37.02 -13.18 -16.80
CA ALA D 383 -36.30 -12.35 -15.81
C ALA D 383 -34.89 -12.03 -16.31
N GLU D 384 -34.17 -13.02 -16.84
CA GLU D 384 -32.78 -12.86 -17.33
C GLU D 384 -32.76 -11.97 -18.59
N ARG D 385 -33.70 -12.19 -19.52
CA ARG D 385 -33.81 -11.41 -20.78
C ARG D 385 -34.15 -9.95 -20.45
N ASP D 386 -35.05 -9.73 -19.48
CA ASP D 386 -35.40 -8.39 -18.95
C ASP D 386 -34.14 -7.75 -18.34
N GLY D 387 -33.35 -8.55 -17.60
CA GLY D 387 -32.05 -8.13 -17.03
C GLY D 387 -31.06 -7.72 -18.10
N PHE D 388 -31.00 -8.49 -19.19
CA PHE D 388 -30.14 -8.22 -20.39
C PHE D 388 -30.51 -6.86 -20.99
N ASN D 389 -31.81 -6.63 -21.17
CA ASN D 389 -32.35 -5.36 -21.72
C ASN D 389 -31.98 -4.21 -20.79
N TYR D 390 -32.19 -4.38 -19.48
CA TYR D 390 -31.87 -3.32 -18.49
C TYR D 390 -30.37 -3.00 -18.56
N THR D 391 -29.52 -4.02 -18.45
CA THR D 391 -28.05 -3.82 -18.38
C THR D 391 -27.60 -3.04 -19.61
N CYS D 392 -28.04 -3.40 -20.79
CA CYS D 392 -27.43 -2.90 -22.05
C CYS D 392 -28.07 -1.56 -22.41
N ASP D 393 -29.32 -1.33 -22.00
CA ASP D 393 -30.00 -0.01 -22.04
C ASP D 393 -29.28 0.98 -21.13
N HIS D 394 -29.07 0.63 -19.86
CA HIS D 394 -28.34 1.48 -18.88
C HIS D 394 -27.01 1.95 -19.48
N GLN D 395 -26.28 1.03 -20.13
CA GLN D 395 -24.90 1.26 -20.63
C GLN D 395 -24.93 2.30 -21.75
N ILE D 396 -25.80 2.12 -22.73
CA ILE D 396 -25.84 3.02 -23.93
C ILE D 396 -26.36 4.40 -23.50
N ASP D 397 -27.21 4.46 -22.48
CA ASP D 397 -27.69 5.75 -21.91
C ASP D 397 -26.53 6.47 -21.21
N SER D 398 -25.75 5.74 -20.39
CA SER D 398 -24.53 6.24 -19.73
C SER D 398 -23.59 6.84 -20.78
N PHE D 399 -23.23 6.05 -21.80
CA PHE D 399 -22.21 6.44 -22.80
C PHE D 399 -22.70 7.63 -23.64
N SER D 400 -24.01 7.68 -23.96
CA SER D 400 -24.59 8.78 -24.77
C SER D 400 -24.54 10.10 -23.99
N ASP D 401 -24.81 10.06 -22.67
CA ASP D 401 -24.66 11.22 -21.76
C ASP D 401 -23.18 11.67 -21.72
N PHE D 402 -22.25 10.72 -21.59
CA PHE D 402 -20.80 11.01 -21.53
C PHE D 402 -20.37 11.74 -22.81
N VAL D 403 -20.81 11.23 -23.97
CA VAL D 403 -20.49 11.82 -25.30
C VAL D 403 -21.08 13.22 -25.35
N ALA D 404 -22.31 13.40 -24.86
CA ALA D 404 -22.99 14.71 -24.84
C ALA D 404 -22.17 15.73 -24.05
N MET D 405 -21.49 15.30 -22.99
CA MET D 405 -20.71 16.21 -22.09
C MET D 405 -19.53 16.83 -22.86
N HIS D 406 -18.98 16.14 -23.87
CA HIS D 406 -17.87 16.64 -24.73
C HIS D 406 -18.29 17.94 -25.45
N TYR D 407 -19.57 18.05 -25.79
CA TYR D 407 -20.17 19.22 -26.50
C TYR D 407 -20.59 20.26 -25.46
N ALA D 408 -21.29 19.82 -24.43
CA ALA D 408 -22.05 20.66 -23.47
C ALA D 408 -21.11 21.68 -22.80
N TYR D 409 -19.88 21.28 -22.52
CA TYR D 409 -18.90 22.04 -21.70
C TYR D 409 -17.87 22.76 -22.59
N SER D 410 -17.97 22.64 -23.91
CA SER D 410 -17.09 23.37 -24.86
C SER D 410 -17.25 24.89 -24.64
N MET D 411 -16.22 25.65 -25.00
CA MET D 411 -16.25 27.13 -25.00
C MET D 411 -16.75 27.64 -26.36
N ARG D 412 -16.82 26.78 -27.37
CA ARG D 412 -17.17 27.19 -28.76
C ARG D 412 -18.59 27.74 -28.85
N THR D 413 -18.73 28.95 -29.38
CA THR D 413 -20.02 29.58 -29.76
C THR D 413 -19.88 30.24 -31.13
N ASP D 414 -18.97 29.77 -31.95
CA ASP D 414 -18.51 30.46 -33.19
C ASP D 414 -19.43 30.12 -34.37
N THR D 415 -20.25 29.07 -34.28
CA THR D 415 -21.27 28.72 -35.30
C THR D 415 -22.59 28.48 -34.59
N PRO D 416 -23.72 28.49 -35.32
CA PRO D 416 -25.02 28.14 -34.72
C PRO D 416 -25.01 26.73 -34.12
N TYR D 417 -24.27 25.79 -34.70
CA TYR D 417 -24.15 24.40 -34.19
C TYR D 417 -23.57 24.44 -32.77
N TRP D 418 -22.46 25.16 -32.57
CA TRP D 418 -21.73 25.23 -31.27
C TRP D 418 -22.49 26.13 -30.30
N LYS D 419 -23.15 27.18 -30.79
CA LYS D 419 -24.04 28.01 -29.94
C LYS D 419 -25.16 27.11 -29.40
N TRP D 420 -25.69 26.19 -30.20
CA TRP D 420 -26.77 25.26 -29.75
C TRP D 420 -26.22 24.32 -28.68
N CYS D 421 -25.06 23.72 -28.93
CA CYS D 421 -24.44 22.68 -28.06
C CYS D 421 -24.13 23.26 -26.67
N THR D 422 -23.68 24.52 -26.59
CA THR D 422 -23.04 25.12 -25.39
C THR D 422 -23.97 26.12 -24.68
N GLN D 423 -24.97 26.67 -25.36
CA GLN D 423 -25.73 27.86 -24.85
C GLN D 423 -27.25 27.63 -24.90
N MET D 424 -27.77 26.71 -25.70
CA MET D 424 -29.24 26.53 -25.89
C MET D 424 -29.72 25.17 -25.39
N CYS D 425 -29.11 24.08 -25.81
CA CYS D 425 -29.48 22.70 -25.40
C CYS D 425 -29.46 22.55 -23.86
N ASN D 426 -30.57 22.07 -23.29
CA ASN D 426 -30.76 21.73 -21.85
C ASN D 426 -30.49 20.23 -21.66
N TYR D 427 -29.40 19.87 -20.98
CA TYR D 427 -28.95 18.47 -20.88
C TYR D 427 -29.51 17.79 -19.63
N MET D 428 -30.21 18.54 -18.77
CA MET D 428 -30.65 18.10 -17.41
C MET D 428 -32.15 18.34 -17.25
N PRO D 429 -32.99 18.04 -18.27
CA PRO D 429 -34.40 18.46 -18.23
C PRO D 429 -35.16 17.87 -17.03
N GLU D 430 -34.87 16.62 -16.67
CA GLU D 430 -35.58 15.87 -15.60
C GLU D 430 -35.14 16.35 -14.20
N SER D 431 -34.07 17.13 -14.11
CA SER D 431 -33.33 17.42 -12.85
C SER D 431 -34.16 18.25 -11.86
N MET D 432 -35.10 19.08 -12.34
CA MET D 432 -35.92 19.96 -11.46
C MET D 432 -37.12 19.18 -10.90
N GLY D 433 -37.37 17.96 -11.38
CA GLY D 433 -38.49 17.12 -10.92
C GLY D 433 -38.26 16.57 -9.52
N PRO D 434 -39.28 15.91 -8.92
CA PRO D 434 -39.17 15.40 -7.55
C PRO D 434 -38.46 14.05 -7.40
N HIS D 435 -38.29 13.29 -8.49
CA HIS D 435 -37.80 11.89 -8.51
C HIS D 435 -36.31 11.83 -8.85
N ARG D 436 -35.59 10.84 -8.30
CA ARG D 436 -34.22 10.47 -8.73
C ARG D 436 -34.27 9.75 -10.08
N GLN D 437 -33.35 10.14 -10.97
CA GLN D 437 -33.20 9.61 -12.35
C GLN D 437 -32.26 8.41 -12.28
N LYS D 438 -32.52 7.38 -13.09
CA LYS D 438 -31.55 6.28 -13.33
C LYS D 438 -30.23 6.87 -13.83
N GLN D 439 -30.29 7.76 -14.81
CA GLN D 439 -29.09 8.44 -15.39
C GLN D 439 -29.00 9.82 -14.75
N SER D 440 -28.10 9.96 -13.77
CA SER D 440 -27.99 11.20 -12.95
C SER D 440 -26.55 11.72 -12.90
N THR D 441 -25.75 11.52 -13.95
CA THR D 441 -24.33 11.98 -13.94
C THR D 441 -24.30 13.50 -14.11
N TRP D 442 -25.14 14.09 -14.98
CA TRP D 442 -25.30 15.57 -15.10
C TRP D 442 -25.59 16.17 -13.70
N GLN D 443 -26.60 15.63 -13.01
CA GLN D 443 -27.02 16.11 -11.67
C GLN D 443 -25.86 15.97 -10.68
N ASP D 444 -25.16 14.84 -10.73
CA ASP D 444 -24.14 14.44 -9.71
C ASP D 444 -22.87 15.26 -9.93
N LEU D 445 -22.48 15.47 -11.19
CA LEU D 445 -21.30 16.29 -11.56
C LEU D 445 -21.56 17.73 -11.13
N SER D 446 -22.80 18.22 -11.30
CA SER D 446 -23.21 19.61 -10.99
C SER D 446 -23.09 19.82 -9.49
N THR D 447 -23.63 18.84 -8.72
CA THR D 447 -23.55 18.78 -7.23
C THR D 447 -22.10 18.73 -6.77
N ASP D 448 -21.26 17.91 -7.40
CA ASP D 448 -19.86 17.70 -6.96
C ASP D 448 -19.05 18.97 -7.20
N THR D 449 -19.25 19.64 -8.35
CA THR D 449 -18.42 20.79 -8.81
C THR D 449 -18.93 22.08 -8.13
N ILE D 450 -20.13 22.53 -8.47
CA ILE D 450 -20.71 23.80 -7.95
C ILE D 450 -21.07 23.63 -6.46
N GLY D 451 -21.65 22.49 -6.08
CA GLY D 451 -22.13 22.23 -4.71
C GLY D 451 -21.00 22.00 -3.71
N LEU D 452 -20.14 21.03 -3.98
CA LEU D 452 -19.08 20.50 -3.07
C LEU D 452 -17.65 20.92 -3.48
N ASN D 453 -17.48 21.57 -4.63
CA ASN D 453 -16.19 22.09 -5.16
C ASN D 453 -15.14 20.97 -5.22
N THR D 454 -15.52 19.81 -5.75
CA THR D 454 -14.67 18.58 -5.74
C THR D 454 -14.90 17.77 -7.02
N TRP D 455 -13.87 17.05 -7.45
CA TRP D 455 -13.98 15.89 -8.37
C TRP D 455 -13.93 14.61 -7.56
N HIS D 456 -14.07 13.47 -8.22
CA HIS D 456 -14.17 12.14 -7.59
C HIS D 456 -13.69 11.11 -8.60
N ILE D 457 -13.09 10.00 -8.15
CA ILE D 457 -12.69 8.83 -9.00
C ILE D 457 -13.95 8.26 -9.66
N ASN D 458 -15.13 8.49 -9.06
CA ASN D 458 -16.45 8.09 -9.61
C ASN D 458 -16.75 8.75 -10.97
N HIS D 459 -15.95 9.74 -11.41
CA HIS D 459 -16.13 10.44 -12.71
C HIS D 459 -15.29 9.76 -13.81
N ASN D 460 -14.91 8.49 -13.63
CA ASN D 460 -14.02 7.75 -14.56
C ASN D 460 -14.26 8.20 -16.00
N GLY D 461 -13.55 9.23 -16.45
CA GLY D 461 -13.56 9.67 -17.87
C GLY D 461 -14.00 11.11 -18.01
N ILE D 462 -15.07 11.49 -17.30
CA ILE D 462 -15.60 12.88 -17.26
C ILE D 462 -14.44 13.81 -16.88
N SER D 463 -13.60 13.39 -15.94
CA SER D 463 -12.50 14.24 -15.40
C SER D 463 -11.58 14.68 -16.54
N PHE D 464 -11.22 13.80 -17.48
CA PHE D 464 -10.31 14.13 -18.60
C PHE D 464 -10.95 15.17 -19.53
N ILE D 465 -12.25 15.05 -19.74
CA ILE D 465 -13.03 15.87 -20.71
C ILE D 465 -13.21 17.30 -20.17
N ILE D 466 -13.74 17.45 -18.95
CA ILE D 466 -13.98 18.79 -18.35
C ILE D 466 -12.64 19.47 -17.98
N ALA D 467 -11.60 18.69 -17.64
CA ALA D 467 -10.23 19.20 -17.46
C ALA D 467 -9.74 19.83 -18.78
N GLY D 468 -9.86 19.10 -19.89
CA GLY D 468 -9.43 19.53 -21.23
C GLY D 468 -10.23 20.73 -21.73
N HIS D 469 -11.47 20.88 -21.27
CA HIS D 469 -12.34 22.04 -21.63
C HIS D 469 -12.00 23.24 -20.74
N GLY D 470 -11.10 23.07 -19.76
CA GLY D 470 -10.54 24.16 -18.94
C GLY D 470 -11.30 24.37 -17.65
N LEU D 471 -11.94 23.34 -17.12
CA LEU D 471 -12.64 23.40 -15.82
C LEU D 471 -11.76 22.81 -14.72
N ARG D 472 -11.95 23.27 -13.49
CA ARG D 472 -11.22 22.84 -12.27
C ARG D 472 -12.22 22.59 -11.14
N PRO D 473 -11.95 21.64 -10.20
CA PRO D 473 -12.87 21.37 -9.10
C PRO D 473 -13.11 22.59 -8.21
N GLN D 474 -12.03 23.32 -7.89
CA GLN D 474 -12.06 24.67 -7.27
C GLN D 474 -11.54 25.66 -8.33
N SER D 475 -12.36 26.63 -8.73
CA SER D 475 -12.11 27.48 -9.91
C SER D 475 -11.08 28.57 -9.58
N TYR D 476 -10.91 28.91 -8.30
CA TYR D 476 -9.97 29.97 -7.82
C TYR D 476 -9.31 29.56 -6.50
N ASP D 477 -8.08 30.00 -6.28
CA ASP D 477 -7.20 29.46 -5.20
C ASP D 477 -7.68 29.96 -3.82
N LYS D 478 -8.25 31.17 -3.77
CA LYS D 478 -8.74 31.80 -2.51
C LYS D 478 -9.76 30.87 -1.85
N LEU D 479 -10.45 30.06 -2.66
CA LEU D 479 -11.51 29.10 -2.25
C LEU D 479 -10.87 27.95 -1.47
N SER D 480 -9.81 27.37 -2.03
CA SER D 480 -8.94 26.33 -1.43
C SER D 480 -8.39 26.81 -0.08
N GLU D 481 -7.78 28.01 -0.08
CA GLU D 481 -7.18 28.69 1.10
C GLU D 481 -8.15 28.67 2.28
N VAL D 482 -9.40 29.05 2.02
CA VAL D 482 -10.46 29.29 3.04
C VAL D 482 -10.88 27.95 3.67
N LEU D 483 -10.86 26.85 2.91
CA LEU D 483 -11.25 25.50 3.39
C LEU D 483 -10.14 24.91 4.28
N LEU D 484 -8.87 25.31 4.10
CA LEU D 484 -7.75 24.89 4.99
C LEU D 484 -7.83 25.60 6.34
N LYS D 485 -8.49 26.77 6.38
CA LYS D 485 -8.41 27.70 7.53
C LYS D 485 -9.13 27.09 8.75
N ARG D 486 -10.14 26.24 8.54
CA ARG D 486 -10.92 25.66 9.68
C ARG D 486 -9.95 24.94 10.64
N ASN D 487 -9.27 23.89 10.15
CA ASN D 487 -8.39 23.00 10.96
C ASN D 487 -6.92 23.41 10.77
N ASN D 488 -6.66 24.73 10.70
CA ASN D 488 -5.30 25.36 10.64
C ASN D 488 -4.35 24.52 9.76
N GLU D 489 -4.74 24.21 8.52
CA GLU D 489 -3.94 23.41 7.56
C GLU D 489 -3.22 24.34 6.58
N SER D 490 -2.21 23.84 5.86
CA SER D 490 -1.29 24.64 5.01
C SER D 490 -1.06 23.94 3.67
N ASP D 491 -0.87 24.73 2.62
CA ASP D 491 -0.65 24.28 1.22
C ASP D 491 0.82 24.37 0.83
N TYR D 492 1.71 24.80 1.73
CA TYR D 492 3.15 25.05 1.45
C TYR D 492 3.72 24.00 0.51
N TYR D 493 3.40 22.74 0.82
CA TYR D 493 3.97 21.50 0.20
C TYR D 493 3.62 21.39 -1.30
N TYR D 494 2.76 22.26 -1.82
CA TYR D 494 2.41 22.33 -3.27
C TYR D 494 3.62 22.80 -4.08
N GLU D 495 4.45 23.69 -3.49
CA GLU D 495 5.73 24.13 -4.12
C GLU D 495 6.57 22.90 -4.48
N ASP D 496 6.59 21.91 -3.58
CA ASP D 496 7.37 20.65 -3.73
C ASP D 496 6.69 19.73 -4.73
N ILE D 497 5.36 19.62 -4.69
CA ILE D 497 4.61 18.79 -5.68
C ILE D 497 4.91 19.34 -7.07
N ARG D 498 4.87 20.66 -7.23
CA ARG D 498 5.13 21.36 -8.51
C ARG D 498 6.55 21.00 -9.01
N LYS D 499 7.58 21.38 -8.25
CA LYS D 499 9.00 21.20 -8.63
C LYS D 499 9.25 19.71 -8.90
N ASP D 500 8.83 18.82 -7.99
CA ASP D 500 9.04 17.36 -8.10
C ASP D 500 8.38 16.82 -9.38
N TRP D 501 7.12 17.22 -9.63
CA TRP D 501 6.37 16.72 -10.81
C TRP D 501 7.01 17.26 -12.10
N LEU D 502 7.26 18.57 -12.19
CA LEU D 502 7.87 19.18 -13.40
C LEU D 502 9.18 18.44 -13.72
N LYS D 503 9.94 18.08 -12.69
CA LYS D 503 11.18 17.29 -12.86
C LYS D 503 10.79 15.92 -13.46
N HIS D 504 9.80 15.25 -12.86
CA HIS D 504 9.37 13.90 -13.27
C HIS D 504 8.88 13.91 -14.72
N TYR D 505 8.16 14.96 -15.12
CA TYR D 505 7.64 15.15 -16.50
C TYR D 505 8.85 15.23 -17.45
N GLU D 506 9.77 16.17 -17.21
CA GLU D 506 10.92 16.46 -18.13
C GLU D 506 11.69 15.16 -18.35
N SER D 507 11.88 14.34 -17.31
CA SER D 507 12.67 13.08 -17.41
C SER D 507 11.82 11.97 -18.04
N MET D 508 10.50 12.03 -17.89
CA MET D 508 9.56 11.02 -18.47
C MET D 508 9.53 11.19 -19.99
N VAL D 509 9.55 12.44 -20.47
CA VAL D 509 9.55 12.77 -21.93
C VAL D 509 10.88 12.26 -22.52
N GLU D 510 11.98 12.49 -21.81
CA GLU D 510 13.35 12.07 -22.24
C GLU D 510 13.40 10.54 -22.36
N TYR D 511 12.82 9.79 -21.42
CA TYR D 511 12.84 8.30 -21.43
C TYR D 511 11.99 7.81 -22.59
N VAL D 512 10.80 8.40 -22.76
CA VAL D 512 9.79 8.01 -23.79
C VAL D 512 10.40 8.22 -25.18
N LYS D 513 11.29 9.20 -25.32
CA LYS D 513 12.00 9.50 -26.61
C LYS D 513 13.04 8.43 -26.95
N THR D 514 13.46 7.59 -26.02
CA THR D 514 14.39 6.45 -26.27
C THR D 514 13.58 5.23 -26.74
N LEU D 515 12.25 5.25 -26.61
CA LEU D 515 11.36 4.11 -26.98
C LEU D 515 11.16 4.08 -28.48
N PRO D 516 10.89 2.90 -29.08
CA PRO D 516 10.47 2.83 -30.48
C PRO D 516 9.19 3.62 -30.76
N THR D 517 9.09 4.18 -31.97
CA THR D 517 7.87 4.85 -32.49
C THR D 517 6.83 3.78 -32.79
N HIS D 518 5.55 4.17 -32.77
CA HIS D 518 4.39 3.31 -33.13
C HIS D 518 4.71 2.47 -34.37
N TYR D 519 5.20 3.11 -35.45
CA TYR D 519 5.46 2.46 -36.74
C TYR D 519 6.57 1.42 -36.57
N GLU D 520 7.69 1.84 -35.96
CA GLU D 520 8.84 0.95 -35.65
C GLU D 520 8.35 -0.27 -34.86
N PHE D 521 7.56 -0.06 -33.80
CA PHE D 521 7.05 -1.16 -32.93
C PHE D 521 6.26 -2.14 -33.80
N LEU D 522 5.30 -1.64 -34.59
CA LEU D 522 4.42 -2.48 -35.44
C LEU D 522 5.29 -3.27 -36.42
N ARG D 523 6.25 -2.59 -37.05
CA ARG D 523 7.13 -3.17 -38.10
C ARG D 523 7.93 -4.33 -37.51
N ASP D 524 8.50 -4.13 -36.32
CA ASP D 524 9.46 -5.07 -35.69
C ASP D 524 8.72 -6.16 -34.92
N GLU D 525 7.63 -5.83 -34.22
CA GLU D 525 6.93 -6.75 -33.27
C GLU D 525 5.77 -7.51 -33.94
N ILE D 526 5.05 -6.88 -34.88
CA ILE D 526 3.74 -7.45 -35.37
C ILE D 526 3.87 -7.83 -36.85
N TYR D 527 4.23 -6.87 -37.70
CA TYR D 527 4.30 -7.02 -39.17
C TYR D 527 5.74 -7.41 -39.45
N GLY D 528 6.16 -7.51 -40.71
CA GLY D 528 7.57 -7.70 -41.11
C GLY D 528 8.34 -6.39 -41.27
N SER D 529 9.59 -6.45 -41.74
CA SER D 529 10.47 -5.27 -41.99
C SER D 529 9.67 -4.17 -42.69
N LYS E 3 -52.90 11.26 22.85
CA LYS E 3 -52.17 10.05 23.30
C LYS E 3 -53.02 8.80 23.13
N ILE E 4 -52.44 7.70 22.64
CA ILE E 4 -53.00 6.32 22.74
C ILE E 4 -52.84 5.85 24.19
N GLU E 5 -53.92 5.82 24.97
CA GLU E 5 -53.91 5.33 26.37
C GLU E 5 -54.59 3.95 26.42
N SER E 6 -55.62 3.73 25.60
CA SER E 6 -56.36 2.45 25.55
C SER E 6 -56.35 1.91 24.12
N VAL E 7 -56.35 0.58 24.01
CA VAL E 7 -56.30 -0.14 22.71
C VAL E 7 -57.37 -1.23 22.72
N ALA E 8 -58.14 -1.33 21.63
CA ALA E 8 -59.12 -2.40 21.38
C ALA E 8 -58.63 -3.24 20.18
N ILE E 9 -58.21 -4.48 20.43
CA ILE E 9 -57.81 -5.46 19.39
C ILE E 9 -59.05 -6.26 19.01
N VAL E 10 -59.43 -6.23 17.73
CA VAL E 10 -60.54 -7.09 17.21
C VAL E 10 -59.90 -8.29 16.52
N GLY E 11 -60.24 -9.50 17.00
CA GLY E 11 -59.71 -10.78 16.50
C GLY E 11 -58.85 -11.46 17.54
N GLY E 12 -59.00 -12.77 17.68
CA GLY E 12 -58.33 -13.56 18.72
C GLY E 12 -57.66 -14.81 18.17
N GLY E 13 -56.94 -14.70 17.05
CA GLY E 13 -56.07 -15.79 16.56
C GLY E 13 -54.70 -15.66 17.20
N SER E 14 -53.68 -16.20 16.52
CA SER E 14 -52.26 -15.85 16.77
C SER E 14 -52.12 -14.32 16.79
N SER E 15 -52.47 -13.63 15.69
CA SER E 15 -52.28 -12.17 15.50
C SER E 15 -52.88 -11.39 16.68
N GLY E 16 -54.11 -11.72 17.09
CA GLY E 16 -54.80 -11.02 18.18
C GLY E 16 -54.03 -11.12 19.47
N TRP E 17 -53.67 -12.34 19.87
CA TRP E 17 -53.04 -12.64 21.17
C TRP E 17 -51.56 -12.28 21.14
N MET E 18 -50.91 -12.41 19.99
CA MET E 18 -49.51 -11.96 19.79
C MET E 18 -49.45 -10.44 20.06
N THR E 19 -50.43 -9.69 19.54
CA THR E 19 -50.57 -8.23 19.73
C THR E 19 -50.88 -7.92 21.20
N ALA E 20 -51.89 -8.59 21.76
CA ALA E 20 -52.31 -8.39 23.17
C ALA E 20 -51.12 -8.64 24.11
N ALA E 21 -50.41 -9.76 23.95
CA ALA E 21 -49.28 -10.18 24.81
C ALA E 21 -48.16 -9.14 24.73
N ALA E 22 -47.68 -8.82 23.52
CA ALA E 22 -46.60 -7.85 23.25
C ALA E 22 -46.94 -6.49 23.89
N LEU E 23 -48.11 -5.94 23.58
CA LEU E 23 -48.55 -4.62 24.09
C LEU E 23 -48.65 -4.68 25.62
N SER E 24 -49.24 -5.74 26.19
CA SER E 24 -49.49 -5.87 27.65
C SER E 24 -48.14 -5.87 28.40
N LYS E 25 -47.11 -6.47 27.81
CA LYS E 25 -45.78 -6.65 28.45
C LYS E 25 -44.87 -5.46 28.13
N LEU E 26 -44.75 -5.03 26.87
CA LEU E 26 -43.79 -3.98 26.41
C LEU E 26 -44.39 -2.55 26.51
N CYS E 27 -45.71 -2.42 26.69
CA CYS E 27 -46.43 -1.11 26.79
C CYS E 27 -47.35 -1.13 28.00
N PRO E 28 -46.80 -1.29 29.22
CA PRO E 28 -47.60 -1.46 30.44
C PRO E 28 -48.53 -0.27 30.71
N GLN E 29 -48.20 0.93 30.20
CA GLN E 29 -49.00 2.17 30.36
C GLN E 29 -50.38 2.00 29.69
N LEU E 30 -50.52 1.10 28.70
CA LEU E 30 -51.77 0.89 27.92
C LEU E 30 -52.79 0.11 28.75
N GLU E 31 -54.06 0.54 28.68
CA GLU E 31 -55.28 -0.28 28.92
C GLU E 31 -55.56 -1.03 27.62
N ILE E 32 -55.67 -2.37 27.68
CA ILE E 32 -55.87 -3.23 26.47
C ILE E 32 -57.13 -4.08 26.62
N ALA E 33 -57.95 -4.14 25.58
CA ALA E 33 -59.08 -5.10 25.44
C ALA E 33 -58.89 -5.88 24.14
N LEU E 34 -59.26 -7.17 24.14
CA LEU E 34 -59.32 -8.00 22.92
C LEU E 34 -60.74 -8.55 22.74
N ILE E 35 -61.35 -8.23 21.60
CA ILE E 35 -62.72 -8.67 21.20
C ILE E 35 -62.56 -9.89 20.30
N GLU E 36 -63.13 -11.02 20.71
CA GLU E 36 -63.03 -12.33 20.04
C GLU E 36 -64.46 -12.86 19.94
N ASP E 37 -64.84 -13.40 18.77
CA ASP E 37 -66.18 -14.01 18.53
C ASP E 37 -66.11 -15.48 18.94
N PRO E 38 -66.80 -15.89 20.03
CA PRO E 38 -66.81 -17.30 20.43
C PRO E 38 -67.19 -18.25 19.28
N ASN E 39 -68.12 -17.85 18.41
CA ASN E 39 -68.68 -18.69 17.33
C ASN E 39 -67.79 -18.65 16.08
N ILE E 40 -66.48 -18.44 16.18
CA ILE E 40 -65.52 -18.32 15.03
C ILE E 40 -64.13 -18.69 15.58
N GLY E 44 -56.82 -24.40 14.38
CA GLY E 44 -55.37 -24.39 14.67
C GLY E 44 -54.57 -25.07 13.58
N VAL E 45 -54.18 -24.32 12.55
CA VAL E 45 -53.36 -24.83 11.40
C VAL E 45 -51.88 -24.74 11.78
N GLY E 46 -51.06 -25.71 11.37
CA GLY E 46 -49.59 -25.67 11.56
C GLY E 46 -48.96 -24.61 10.66
N GLU E 47 -47.95 -23.89 11.16
CA GLU E 47 -47.27 -22.79 10.43
C GLU E 47 -45.80 -22.71 10.85
N SER E 48 -44.91 -22.42 9.91
CA SER E 48 -43.45 -22.28 10.17
C SER E 48 -43.12 -20.79 10.32
N THR E 49 -42.06 -20.49 11.08
CA THR E 49 -41.63 -19.13 11.47
C THR E 49 -40.29 -18.82 10.82
N LEU E 50 -39.84 -17.57 10.92
CA LEU E 50 -38.49 -17.11 10.52
C LEU E 50 -37.61 -17.01 11.78
N GLY E 51 -36.33 -16.67 11.58
CA GLY E 51 -35.41 -16.21 12.63
C GLY E 51 -36.02 -15.03 13.38
N HIS E 52 -36.61 -14.07 12.65
CA HIS E 52 -37.29 -12.84 13.16
C HIS E 52 -38.09 -13.19 14.44
N PHE E 53 -38.78 -14.35 14.43
CA PHE E 53 -39.67 -14.86 15.50
C PHE E 53 -38.93 -14.95 16.84
N ASN E 54 -37.62 -15.25 16.79
CA ASN E 54 -36.77 -15.39 18.00
C ASN E 54 -36.73 -14.04 18.75
N LYS E 55 -36.65 -12.92 18.02
CA LYS E 55 -36.66 -11.56 18.63
C LYS E 55 -37.95 -11.37 19.42
N PHE E 56 -39.09 -11.73 18.81
CA PHE E 56 -40.42 -11.65 19.46
C PHE E 56 -40.40 -12.48 20.74
N LEU E 57 -39.98 -13.75 20.65
CA LEU E 57 -39.94 -14.68 21.80
C LEU E 57 -39.06 -14.08 22.91
N HIS E 58 -37.89 -13.54 22.55
CA HIS E 58 -36.90 -12.99 23.49
C HIS E 58 -37.49 -11.73 24.16
N LEU E 59 -38.21 -10.90 23.40
CA LEU E 59 -38.88 -9.66 23.91
C LEU E 59 -39.94 -10.04 24.95
N LEU E 60 -40.56 -11.22 24.83
CA LEU E 60 -41.62 -11.70 25.75
C LEU E 60 -41.07 -12.65 26.81
N ASP E 61 -39.75 -12.92 26.81
CA ASP E 61 -39.02 -13.79 27.78
C ASP E 61 -39.51 -15.24 27.72
N LEU E 62 -39.97 -15.70 26.56
CA LEU E 62 -40.55 -17.06 26.38
C LEU E 62 -39.43 -18.07 26.19
N LYS E 63 -39.28 -19.02 27.11
CA LYS E 63 -38.27 -20.11 27.05
C LYS E 63 -38.89 -21.30 26.28
N ASP E 64 -38.14 -21.89 25.34
CA ASP E 64 -38.55 -23.04 24.50
C ASP E 64 -39.22 -24.13 25.35
N GLU E 65 -38.65 -24.44 26.52
CA GLU E 65 -39.13 -25.52 27.43
C GLU E 65 -40.61 -25.31 27.74
N ASP E 66 -41.05 -24.06 27.88
CA ASP E 66 -42.36 -23.69 28.46
C ASP E 66 -43.46 -23.69 27.40
N TRP E 67 -43.24 -23.01 26.28
CA TRP E 67 -44.30 -22.72 25.26
C TRP E 67 -44.36 -23.82 24.19
N MET E 68 -43.24 -24.47 23.85
CA MET E 68 -43.19 -25.41 22.71
C MET E 68 -44.16 -26.57 22.92
N PRO E 69 -44.16 -27.28 24.07
CA PRO E 69 -45.06 -28.41 24.25
C PRO E 69 -46.54 -28.00 24.25
N ALA E 70 -46.85 -26.77 24.68
CA ALA E 70 -48.22 -26.25 24.79
C ALA E 70 -48.86 -26.03 23.42
N CYS E 71 -48.09 -26.04 22.33
CA CYS E 71 -48.65 -25.87 20.95
C CYS E 71 -47.96 -26.80 19.95
N ASN E 72 -47.63 -28.03 20.38
CA ASN E 72 -47.10 -29.13 19.54
C ASN E 72 -45.97 -28.63 18.65
N ALA E 73 -45.13 -27.75 19.19
CA ALA E 73 -44.06 -27.07 18.42
C ALA E 73 -42.93 -28.08 18.19
N THR E 74 -42.26 -27.95 17.06
CA THR E 74 -40.95 -28.61 16.77
C THR E 74 -39.99 -27.52 16.27
N TYR E 75 -38.73 -27.90 16.06
CA TYR E 75 -37.63 -26.99 15.66
C TYR E 75 -37.51 -26.99 14.13
N LYS E 76 -36.93 -25.90 13.61
CA LYS E 76 -36.79 -25.65 12.15
C LYS E 76 -35.45 -24.95 11.89
N ASN E 77 -34.58 -25.59 11.09
CA ASN E 77 -33.19 -25.12 10.85
C ASN E 77 -33.02 -24.62 9.42
N SER E 78 -34.00 -24.90 8.54
CA SER E 78 -33.90 -24.61 7.09
C SER E 78 -35.28 -24.67 6.43
N ILE E 79 -35.45 -23.94 5.32
CA ILE E 79 -36.52 -24.19 4.31
C ILE E 79 -35.90 -25.05 3.21
N ARG E 80 -36.51 -26.19 2.91
CA ARG E 80 -36.08 -27.14 1.86
C ARG E 80 -36.96 -26.93 0.62
N PHE E 81 -36.36 -26.87 -0.56
CA PHE E 81 -37.06 -26.73 -1.86
C PHE E 81 -36.83 -27.99 -2.70
N THR E 82 -37.82 -28.88 -2.65
CA THR E 82 -37.91 -30.08 -3.51
C THR E 82 -38.69 -29.71 -4.77
N ASN E 83 -38.17 -30.10 -5.93
CA ASN E 83 -38.87 -30.15 -7.24
C ASN E 83 -38.97 -28.75 -7.88
N PHE E 84 -38.25 -27.74 -7.38
CA PHE E 84 -38.44 -26.31 -7.75
C PHE E 84 -37.55 -25.89 -8.93
N ARG E 85 -36.35 -26.47 -9.08
CA ARG E 85 -35.41 -26.05 -10.15
C ARG E 85 -35.90 -26.57 -11.50
N GLU E 86 -36.16 -27.88 -11.59
CA GLU E 86 -36.25 -28.61 -12.87
C GLU E 86 -37.42 -29.62 -12.86
N GLY E 87 -38.09 -29.81 -11.72
CA GLY E 87 -39.24 -30.73 -11.55
C GLY E 87 -38.85 -32.19 -11.62
N LYS E 88 -37.73 -32.58 -11.01
CA LYS E 88 -37.17 -33.97 -11.06
C LYS E 88 -36.68 -34.40 -9.68
N GLY E 89 -37.32 -33.94 -8.61
CA GLY E 89 -37.03 -34.36 -7.21
C GLY E 89 -35.77 -33.73 -6.64
N GLU E 90 -35.08 -32.88 -7.40
CA GLU E 90 -33.87 -32.15 -6.93
C GLU E 90 -34.23 -31.27 -5.73
N VAL E 91 -33.28 -31.10 -4.81
CA VAL E 91 -33.47 -30.42 -3.50
C VAL E 91 -32.37 -29.38 -3.31
N PHE E 92 -32.72 -28.25 -2.70
CA PHE E 92 -31.74 -27.25 -2.20
C PHE E 92 -32.34 -26.62 -0.94
N GLU E 93 -31.47 -26.04 -0.11
CA GLU E 93 -31.87 -25.47 1.20
C GLU E 93 -31.66 -23.95 1.16
N TYR E 94 -32.51 -23.26 1.91
CA TYR E 94 -32.24 -21.92 2.49
C TYR E 94 -32.14 -22.13 4.00
N PRO E 95 -30.94 -22.43 4.54
CA PRO E 95 -30.75 -22.63 5.98
C PRO E 95 -30.71 -21.30 6.73
N PHE E 96 -31.02 -21.29 8.03
CA PHE E 96 -31.00 -20.07 8.88
C PHE E 96 -29.57 -19.71 9.25
N GLY E 97 -29.27 -18.41 9.25
CA GLY E 97 -27.91 -17.95 9.57
C GLY E 97 -27.79 -16.43 9.54
N PRO E 98 -26.96 -15.85 10.44
CA PRO E 98 -26.87 -14.41 10.55
C PRO E 98 -26.19 -13.87 9.28
N SER E 99 -25.16 -14.59 8.82
CA SER E 99 -24.20 -14.24 7.75
C SER E 99 -23.72 -15.53 7.09
N LEU E 100 -23.24 -15.42 5.85
CA LEU E 100 -22.51 -16.47 5.12
C LEU E 100 -21.16 -16.72 5.82
N ASP E 101 -20.88 -17.97 6.19
CA ASP E 101 -19.56 -18.39 6.73
C ASP E 101 -18.49 -18.22 5.63
N VAL E 102 -17.50 -17.36 5.85
CA VAL E 102 -16.46 -16.95 4.86
C VAL E 102 -15.23 -17.87 4.94
N SER E 103 -15.26 -18.91 5.77
CA SER E 103 -14.06 -19.73 6.15
C SER E 103 -13.29 -20.23 4.93
N PHE E 104 -13.97 -20.71 3.87
CA PHE E 104 -13.34 -21.37 2.70
C PHE E 104 -13.35 -20.43 1.48
N PHE E 105 -13.69 -19.16 1.67
CA PHE E 105 -13.73 -18.15 0.58
C PHE E 105 -12.31 -17.74 0.20
N SER E 106 -11.99 -17.70 -1.09
CA SER E 106 -10.88 -16.90 -1.67
C SER E 106 -10.95 -15.47 -1.11
N GLN E 107 -9.83 -14.94 -0.63
CA GLN E 107 -9.70 -13.53 -0.18
C GLN E 107 -10.21 -12.61 -1.29
N THR E 108 -9.82 -12.86 -2.55
CA THR E 108 -10.02 -11.97 -3.71
C THR E 108 -11.42 -12.15 -4.30
N ASP E 109 -11.99 -13.36 -4.27
CA ASP E 109 -13.30 -13.66 -4.91
C ASP E 109 -14.45 -13.60 -3.90
N GLY E 110 -14.20 -13.60 -2.60
CA GLY E 110 -15.25 -13.54 -1.56
C GLY E 110 -16.37 -14.53 -1.86
N ILE E 111 -17.62 -14.05 -1.88
CA ILE E 111 -18.87 -14.84 -2.10
C ILE E 111 -18.86 -15.59 -3.45
N ASN E 112 -18.07 -15.12 -4.43
CA ASN E 112 -17.99 -15.70 -5.80
C ASN E 112 -17.12 -16.96 -5.81
N THR E 113 -16.51 -17.33 -4.68
CA THR E 113 -15.64 -18.54 -4.56
C THR E 113 -16.45 -19.78 -4.96
N TRP E 114 -17.62 -19.98 -4.35
CA TRP E 114 -18.40 -21.23 -4.61
C TRP E 114 -18.68 -21.39 -6.12
N GLY E 115 -19.11 -20.32 -6.78
CA GLY E 115 -19.39 -20.30 -8.24
C GLY E 115 -18.19 -20.73 -9.07
N LYS E 116 -16.98 -20.24 -8.76
CA LYS E 116 -15.75 -20.64 -9.48
C LYS E 116 -15.49 -22.13 -9.25
N LEU E 117 -15.67 -22.63 -8.03
CA LEU E 117 -15.56 -24.09 -7.68
C LEU E 117 -16.53 -24.90 -8.56
N ALA E 118 -17.78 -24.44 -8.66
CA ALA E 118 -18.86 -25.06 -9.45
C ALA E 118 -18.44 -25.16 -10.93
N ASN E 119 -17.77 -24.14 -11.48
CA ASN E 119 -17.33 -24.11 -12.89
C ASN E 119 -16.15 -25.07 -13.08
N LYS E 120 -15.17 -25.02 -12.18
CA LYS E 120 -13.91 -25.79 -12.26
C LYS E 120 -14.17 -27.27 -11.96
N TYR E 121 -15.01 -27.59 -10.98
CA TYR E 121 -15.21 -28.95 -10.45
C TYR E 121 -16.69 -29.28 -10.36
N PRO E 122 -17.39 -29.38 -11.51
CA PRO E 122 -18.85 -29.52 -11.53
C PRO E 122 -19.34 -30.74 -10.75
N GLU E 123 -18.65 -31.89 -10.91
CA GLU E 123 -18.99 -33.17 -10.26
C GLU E 123 -18.95 -33.02 -8.74
N ASP E 124 -18.07 -32.15 -8.21
CA ASP E 124 -17.86 -32.00 -6.75
C ASP E 124 -18.76 -30.90 -6.17
N PHE E 125 -19.31 -30.00 -7.00
CA PHE E 125 -20.02 -28.79 -6.54
C PHE E 125 -21.33 -28.58 -7.30
N PRO E 126 -22.27 -29.54 -7.24
CA PRO E 126 -23.63 -29.30 -7.76
C PRO E 126 -24.32 -28.19 -6.96
N PRO E 127 -25.43 -27.63 -7.47
CA PRO E 127 -26.14 -26.53 -6.80
C PRO E 127 -26.40 -26.69 -5.29
N GLU E 128 -26.65 -27.91 -4.81
CA GLU E 128 -26.99 -28.17 -3.39
C GLU E 128 -25.76 -27.92 -2.50
N THR E 129 -24.57 -27.71 -3.07
CA THR E 129 -23.31 -27.56 -2.31
C THR E 129 -23.09 -26.10 -1.89
N PHE E 130 -23.74 -25.12 -2.51
CA PHE E 130 -23.60 -23.68 -2.12
C PHE E 130 -23.94 -23.53 -0.64
N ALA E 131 -25.09 -24.05 -0.21
CA ALA E 131 -25.60 -23.91 1.17
C ALA E 131 -24.61 -24.56 2.14
N ARG E 132 -24.14 -25.78 1.83
CA ARG E 132 -23.15 -26.52 2.63
C ARG E 132 -21.88 -25.68 2.74
N PHE E 133 -21.50 -25.01 1.66
CA PHE E 133 -20.21 -24.30 1.52
C PHE E 133 -20.27 -22.97 2.27
N VAL E 134 -21.44 -22.47 2.66
CA VAL E 134 -21.52 -21.11 3.31
C VAL E 134 -22.24 -21.19 4.65
N ASN E 135 -22.93 -22.29 4.95
CA ASN E 135 -23.76 -22.41 6.18
C ASN E 135 -23.76 -23.86 6.64
N SER E 136 -23.38 -24.08 7.90
CA SER E 136 -23.21 -25.42 8.51
C SER E 136 -24.55 -25.87 9.11
N ASN E 137 -25.44 -24.91 9.38
CA ASN E 137 -26.82 -25.21 9.81
C ASN E 137 -27.41 -26.18 8.78
N THR E 138 -27.02 -26.04 7.51
CA THR E 138 -27.36 -26.92 6.36
C THR E 138 -27.21 -28.41 6.74
N TYR E 139 -26.12 -28.77 7.42
CA TYR E 139 -25.81 -30.17 7.81
C TYR E 139 -26.84 -30.70 8.81
N LEU E 140 -27.23 -29.88 9.79
CA LEU E 140 -28.25 -30.24 10.81
C LEU E 140 -29.55 -30.56 10.08
N ALA E 141 -29.96 -29.64 9.20
CA ALA E 141 -31.17 -29.75 8.37
C ALA E 141 -31.09 -31.02 7.53
N GLU E 142 -29.96 -31.26 6.89
CA GLU E 142 -29.79 -32.35 5.90
C GLU E 142 -29.82 -33.72 6.60
N HIS E 143 -29.20 -33.87 7.77
CA HIS E 143 -29.14 -35.16 8.51
C HIS E 143 -30.16 -35.19 9.67
N ASN E 144 -31.05 -34.20 9.74
CA ASN E 144 -32.18 -34.18 10.70
C ASN E 144 -31.63 -34.31 12.15
N ARG E 145 -30.60 -33.53 12.46
CA ARG E 145 -29.94 -33.54 13.79
C ARG E 145 -30.06 -32.16 14.41
N LEU E 146 -29.89 -32.09 15.73
CA LEU E 146 -29.94 -30.82 16.47
C LEU E 146 -28.97 -30.88 17.67
N THR E 147 -28.45 -29.73 18.04
CA THR E 147 -27.46 -29.52 19.11
C THR E 147 -27.53 -28.05 19.54
N ARG E 148 -27.19 -27.76 20.79
CA ARG E 148 -27.07 -26.38 21.32
C ARG E 148 -25.71 -25.80 20.90
N ASN E 149 -24.79 -26.64 20.40
CA ASN E 149 -23.50 -26.23 19.82
C ASN E 149 -22.69 -25.48 20.91
N LYS E 150 -22.78 -25.95 22.16
CA LYS E 150 -22.13 -25.36 23.36
C LYS E 150 -20.64 -25.13 23.06
N ASP E 151 -19.89 -26.20 22.75
CA ASP E 151 -18.61 -26.11 22.02
C ASP E 151 -18.94 -25.85 20.54
N ASN E 152 -18.39 -24.79 19.94
CA ASN E 152 -18.82 -24.23 18.63
C ASN E 152 -18.37 -25.17 17.51
N LYS E 153 -18.68 -26.46 17.61
CA LYS E 153 -18.21 -27.53 16.70
C LYS E 153 -18.99 -27.49 15.38
N ILE E 154 -20.14 -26.81 15.34
CA ILE E 154 -20.85 -26.42 14.09
C ILE E 154 -20.57 -24.94 13.85
N PRO E 155 -19.74 -24.59 12.84
CA PRO E 155 -19.30 -23.22 12.63
C PRO E 155 -20.45 -22.24 12.36
N ASN E 156 -20.43 -21.10 13.03
CA ASN E 156 -21.27 -19.90 12.73
C ASN E 156 -22.75 -20.24 12.96
N PHE E 157 -23.05 -21.17 13.88
CA PHE E 157 -24.43 -21.59 14.24
C PHE E 157 -24.66 -21.28 15.71
N ASN E 158 -25.73 -20.53 16.00
CA ASN E 158 -26.15 -20.13 17.37
C ASN E 158 -27.57 -20.67 17.59
N PHE E 159 -27.71 -21.74 18.36
CA PHE E 159 -28.98 -22.49 18.54
C PHE E 159 -30.16 -21.54 18.78
N ASP E 160 -30.07 -20.65 19.76
CA ASP E 160 -31.16 -19.70 20.16
C ASP E 160 -31.69 -18.93 18.94
N TRP E 161 -30.80 -18.36 18.12
CA TRP E 161 -31.13 -17.34 17.09
C TRP E 161 -31.17 -17.92 15.67
N ASP E 162 -30.43 -19.01 15.41
CA ASP E 162 -30.33 -19.66 14.07
C ASP E 162 -31.27 -20.85 13.96
N THR E 163 -32.03 -21.14 15.01
CA THR E 163 -33.11 -22.17 14.96
C THR E 163 -34.44 -21.46 15.19
N ALA E 164 -35.35 -21.63 14.23
CA ALA E 164 -36.76 -21.19 14.33
C ALA E 164 -37.63 -22.42 14.65
N TYR E 165 -38.95 -22.32 14.40
CA TYR E 165 -39.96 -23.22 14.98
C TYR E 165 -41.07 -23.52 13.97
N HIS E 166 -41.58 -24.76 14.04
CA HIS E 166 -42.91 -25.16 13.53
C HIS E 166 -43.89 -25.10 14.71
N ILE E 167 -45.02 -24.41 14.57
CA ILE E 167 -45.99 -24.18 15.67
C ILE E 167 -47.41 -24.42 15.14
N ASP E 168 -48.30 -24.84 16.03
CA ASP E 168 -49.78 -24.68 15.86
C ASP E 168 -50.09 -23.24 16.29
N ALA E 169 -50.43 -22.36 15.34
CA ALA E 169 -50.60 -20.91 15.57
C ALA E 169 -51.70 -20.63 16.59
N GLU E 170 -52.80 -21.39 16.56
CA GLU E 170 -53.98 -21.13 17.42
C GLU E 170 -53.59 -21.44 18.87
N LEU E 171 -52.94 -22.58 19.09
CA LEU E 171 -52.49 -23.02 20.44
C LEU E 171 -51.42 -22.05 20.95
N PHE E 172 -50.57 -21.53 20.06
CA PHE E 172 -49.55 -20.52 20.42
C PHE E 172 -50.25 -19.26 20.96
N GLY E 173 -51.30 -18.81 20.26
CA GLY E 173 -52.15 -17.69 20.71
C GLY E 173 -52.78 -17.98 22.06
N GLN E 174 -53.33 -19.18 22.23
CA GLN E 174 -53.96 -19.63 23.49
C GLN E 174 -52.93 -19.57 24.62
N TYR E 175 -51.65 -19.84 24.33
CA TYR E 175 -50.57 -19.81 25.34
C TYR E 175 -50.33 -18.36 25.76
N LEU E 176 -50.09 -17.49 24.78
CA LEU E 176 -49.84 -16.04 25.01
C LEU E 176 -50.99 -15.46 25.83
N LYS E 177 -52.22 -15.88 25.53
CA LYS E 177 -53.47 -15.47 26.22
C LYS E 177 -53.37 -15.79 27.72
N GLU E 178 -53.17 -17.06 28.07
CA GLU E 178 -53.27 -17.59 29.46
C GLU E 178 -52.07 -17.13 30.28
N LYS E 179 -50.88 -17.06 29.67
CA LYS E 179 -49.59 -16.88 30.39
C LYS E 179 -49.15 -15.42 30.45
N ILE E 180 -49.42 -14.62 29.41
CA ILE E 180 -48.91 -13.22 29.31
C ILE E 180 -50.07 -12.22 29.30
N ALA E 181 -50.98 -12.29 28.33
CA ALA E 181 -51.99 -11.25 28.05
C ALA E 181 -52.97 -11.12 29.23
N LEU E 182 -53.70 -12.16 29.59
CA LEU E 182 -54.75 -12.07 30.62
C LEU E 182 -54.11 -11.71 31.96
N PRO E 183 -53.06 -12.41 32.43
CA PRO E 183 -52.38 -12.02 33.67
C PRO E 183 -51.99 -10.54 33.70
N ASN E 184 -51.56 -9.97 32.58
CA ASN E 184 -51.15 -8.53 32.46
C ASN E 184 -52.39 -7.63 32.27
N GLY E 185 -53.60 -8.16 32.46
CA GLY E 185 -54.82 -7.36 32.58
C GLY E 185 -55.47 -7.04 31.23
N VAL E 186 -55.12 -7.75 30.16
CA VAL E 186 -55.86 -7.62 28.88
C VAL E 186 -57.29 -8.07 29.16
N LYS E 187 -58.26 -7.19 28.88
CA LYS E 187 -59.72 -7.41 29.08
C LYS E 187 -60.25 -8.20 27.90
N HIS E 188 -60.64 -9.46 28.16
CA HIS E 188 -61.22 -10.39 27.15
C HIS E 188 -62.69 -10.04 27.01
N ILE E 189 -63.12 -9.63 25.82
CA ILE E 189 -64.55 -9.33 25.50
C ILE E 189 -65.03 -10.33 24.45
N GLN E 190 -65.98 -11.19 24.83
CA GLN E 190 -66.65 -12.18 23.94
C GLN E 190 -67.77 -11.45 23.19
N GLY E 191 -67.70 -11.44 21.87
CA GLY E 191 -68.67 -10.69 21.06
C GLY E 191 -68.30 -10.62 19.59
N LYS E 192 -69.32 -10.39 18.76
CA LYS E 192 -69.22 -10.16 17.30
C LYS E 192 -69.26 -8.65 17.09
N VAL E 193 -68.23 -8.09 16.44
CA VAL E 193 -68.23 -6.69 15.93
C VAL E 193 -69.17 -6.62 14.74
N THR E 194 -70.27 -5.85 14.85
CA THR E 194 -71.34 -5.77 13.82
C THR E 194 -71.23 -4.46 13.04
N GLY E 195 -70.75 -3.38 13.66
CA GLY E 195 -70.73 -2.04 13.03
C GLY E 195 -69.81 -1.06 13.72
N TYR E 196 -69.92 0.22 13.38
CA TYR E 196 -69.04 1.31 13.85
C TYR E 196 -69.72 2.66 13.70
N GLN E 197 -69.21 3.68 14.38
CA GLN E 197 -69.64 5.09 14.19
C GLN E 197 -68.40 5.96 14.13
N LYS E 198 -68.24 6.73 13.05
CA LYS E 198 -67.15 7.70 12.89
C LYS E 198 -67.44 8.90 13.80
N GLU E 199 -66.47 9.78 13.99
CA GLU E 199 -66.52 10.88 14.98
C GLU E 199 -67.47 11.96 14.47
N SER E 200 -67.39 12.28 13.18
CA SER E 200 -68.28 13.26 12.50
C SER E 200 -68.24 13.03 10.99
N PRO E 201 -69.18 13.63 10.23
CA PRO E 201 -69.09 13.64 8.77
C PRO E 201 -67.68 13.77 8.19
N ASN E 202 -66.82 14.62 8.77
CA ASN E 202 -65.46 14.94 8.25
C ASN E 202 -64.35 14.25 9.03
N ASN E 203 -64.56 13.99 10.32
CA ASN E 203 -63.61 13.24 11.18
C ASN E 203 -63.89 11.73 11.03
N HIS E 204 -63.07 11.03 10.26
CA HIS E 204 -63.23 9.59 9.93
C HIS E 204 -62.61 8.65 10.97
N ASN E 205 -62.23 9.12 12.15
CA ASN E 205 -61.79 8.24 13.27
C ASN E 205 -63.02 7.52 13.81
N PHE E 206 -62.89 6.23 14.16
CA PHE E 206 -63.93 5.49 14.92
C PHE E 206 -64.14 6.25 16.23
N LYS E 207 -65.37 6.64 16.52
CA LYS E 207 -65.77 7.16 17.85
C LYS E 207 -65.91 5.95 18.78
N TYR E 208 -66.44 4.86 18.24
CA TYR E 208 -66.56 3.53 18.89
C TYR E 208 -66.85 2.50 17.79
N ILE E 209 -66.71 1.21 18.12
CA ILE E 209 -67.21 0.09 17.27
C ILE E 209 -68.37 -0.57 18.03
N ILE E 210 -69.27 -1.25 17.32
CA ILE E 210 -70.50 -1.86 17.89
C ILE E 210 -70.32 -3.38 17.99
N LEU E 211 -70.68 -3.92 19.16
CA LEU E 211 -70.65 -5.36 19.51
C LEU E 211 -72.09 -5.91 19.56
N ASP E 212 -72.38 -6.96 18.78
CA ASP E 212 -73.68 -7.68 18.80
C ASP E 212 -74.83 -6.69 18.62
N GLN E 213 -74.66 -5.72 17.71
CA GLN E 213 -75.65 -4.67 17.36
C GLN E 213 -76.19 -3.97 18.62
N GLU E 214 -75.40 -3.86 19.70
CA GLU E 214 -75.85 -3.27 21.00
C GLU E 214 -74.74 -2.43 21.63
N THR E 215 -73.63 -3.06 22.03
CA THR E 215 -72.60 -2.48 22.93
C THR E 215 -71.53 -1.73 22.14
N ALA E 216 -71.25 -0.49 22.52
CA ALA E 216 -70.20 0.38 21.95
C ALA E 216 -68.90 0.16 22.73
N ILE E 217 -67.84 -0.26 22.04
CA ILE E 217 -66.45 -0.36 22.59
C ILE E 217 -65.70 0.93 22.23
N PHE E 218 -65.27 1.68 23.25
CA PHE E 218 -64.46 2.92 23.12
C PHE E 218 -62.99 2.58 23.32
N ALA E 219 -62.14 3.02 22.40
CA ALA E 219 -60.67 2.91 22.49
C ALA E 219 -60.04 4.08 21.75
N ASP E 220 -58.82 4.47 22.10
CA ASP E 220 -58.05 5.54 21.41
C ASP E 220 -57.53 5.00 20.09
N LEU E 221 -57.17 3.71 20.08
CA LEU E 221 -56.64 3.01 18.87
C LEU E 221 -57.32 1.65 18.73
N TYR E 222 -57.77 1.33 17.54
CA TYR E 222 -58.41 0.03 17.18
C TYR E 222 -57.43 -0.76 16.33
N ILE E 223 -57.17 -2.01 16.69
CA ILE E 223 -56.23 -2.89 15.96
C ILE E 223 -57.06 -3.98 15.27
N ASP E 224 -56.91 -4.08 13.96
CA ASP E 224 -57.64 -5.09 13.15
C ASP E 224 -56.82 -6.37 13.06
N CYS E 225 -57.19 -7.39 13.82
CA CYS E 225 -56.62 -8.76 13.75
C CYS E 225 -57.68 -9.75 13.26
N THR E 226 -58.55 -9.32 12.33
CA THR E 226 -59.71 -10.12 11.84
C THR E 226 -59.33 -10.98 10.63
N GLY E 227 -58.03 -11.07 10.29
CA GLY E 227 -57.53 -11.85 9.16
C GLY E 227 -58.02 -11.32 7.82
N PHE E 228 -58.24 -12.20 6.83
CA PHE E 228 -58.58 -11.87 5.42
C PHE E 228 -59.83 -11.00 5.37
N LYS E 229 -60.80 -11.22 6.27
CA LYS E 229 -62.00 -10.35 6.42
C LYS E 229 -61.58 -8.89 6.33
N SER E 230 -60.52 -8.52 7.05
CA SER E 230 -60.07 -7.12 7.23
C SER E 230 -61.28 -6.24 7.52
N LEU E 231 -62.05 -6.57 8.56
CA LEU E 231 -63.33 -5.91 8.90
C LEU E 231 -63.12 -4.42 9.20
N LEU E 232 -62.10 -4.05 9.97
CA LEU E 232 -61.91 -2.65 10.45
C LEU E 232 -61.14 -1.83 9.42
N LEU E 233 -60.01 -2.33 8.93
CA LEU E 233 -59.12 -1.59 8.00
C LEU E 233 -59.77 -1.55 6.61
N GLY E 234 -60.05 -2.73 6.06
CA GLY E 234 -60.58 -2.91 4.69
C GLY E 234 -62.04 -2.47 4.56
N GLU E 235 -62.94 -3.05 5.35
CA GLU E 235 -64.40 -2.82 5.23
C GLU E 235 -64.74 -1.46 5.85
N PHE E 236 -64.63 -1.31 7.17
CA PHE E 236 -65.12 -0.12 7.92
C PHE E 236 -64.36 1.15 7.50
N MET E 237 -63.02 1.13 7.45
CA MET E 237 -62.19 2.32 7.09
C MET E 237 -62.01 2.37 5.57
N GLY E 238 -62.39 1.31 4.87
CA GLY E 238 -62.48 1.31 3.40
C GLY E 238 -61.12 1.35 2.71
N GLU E 239 -60.05 0.85 3.33
CA GLU E 239 -58.71 0.91 2.70
C GLU E 239 -58.64 -0.11 1.56
N ALA E 240 -58.25 0.36 0.37
CA ALA E 240 -58.06 -0.42 -0.87
C ALA E 240 -57.09 -1.58 -0.64
N PHE E 241 -57.15 -2.60 -1.49
CA PHE E 241 -56.26 -3.79 -1.46
C PHE E 241 -55.49 -3.87 -2.79
N SER E 242 -54.15 -3.80 -2.75
CA SER E 242 -53.26 -4.09 -3.91
C SER E 242 -52.94 -5.59 -3.93
N PRO E 243 -53.46 -6.37 -4.92
CA PRO E 243 -53.07 -7.78 -5.05
C PRO E 243 -51.65 -7.89 -5.63
N PHE E 244 -50.99 -9.03 -5.44
CA PHE E 244 -49.64 -9.33 -5.96
C PHE E 244 -49.72 -10.16 -7.25
N SER E 245 -50.90 -10.25 -7.89
CA SER E 245 -51.20 -11.18 -9.02
C SER E 245 -50.33 -10.87 -10.25
N LYS E 246 -49.69 -9.69 -10.31
CA LYS E 246 -48.76 -9.30 -11.39
C LYS E 246 -47.44 -10.08 -11.29
N LYS E 247 -47.02 -10.57 -10.11
CA LYS E 247 -45.75 -11.34 -9.95
C LYS E 247 -45.95 -12.71 -9.27
N LEU E 248 -47.02 -12.87 -8.51
CA LEU E 248 -47.36 -14.13 -7.80
C LEU E 248 -48.75 -14.60 -8.23
N ALA E 249 -48.83 -15.78 -8.85
CA ALA E 249 -50.06 -16.30 -9.50
C ALA E 249 -51.00 -16.96 -8.49
N ASN E 250 -50.51 -17.32 -7.31
CA ASN E 250 -51.23 -18.20 -6.35
C ASN E 250 -52.28 -17.35 -5.61
N ASP E 251 -53.54 -17.75 -5.71
CA ASP E 251 -54.69 -17.01 -5.13
C ASP E 251 -55.55 -17.94 -4.27
N LYS E 252 -55.22 -19.23 -4.22
CA LYS E 252 -55.97 -20.26 -3.46
C LYS E 252 -55.00 -21.09 -2.61
N ALA E 253 -55.50 -21.63 -1.51
CA ALA E 253 -54.81 -22.67 -0.70
C ALA E 253 -55.85 -23.69 -0.24
N MET E 254 -55.45 -24.96 -0.20
CA MET E 254 -56.14 -26.01 0.59
C MET E 254 -55.10 -26.53 1.60
N ALA E 255 -55.55 -26.95 2.78
CA ALA E 255 -54.70 -27.38 3.91
C ALA E 255 -55.32 -28.60 4.58
N THR E 256 -54.49 -29.42 5.20
CA THR E 256 -54.91 -30.70 5.84
C THR E 256 -53.92 -31.08 6.93
N ARG E 257 -54.33 -32.06 7.72
CA ARG E 257 -53.59 -32.65 8.85
C ARG E 257 -53.36 -34.12 8.45
N ILE E 258 -52.12 -34.61 8.44
CA ILE E 258 -51.82 -36.04 8.16
C ILE E 258 -51.14 -36.64 9.39
N PRO E 259 -51.54 -37.86 9.81
CA PRO E 259 -50.86 -38.56 10.89
C PRO E 259 -49.47 -39.06 10.45
N TYR E 260 -48.54 -39.19 11.40
CA TYR E 260 -47.19 -39.75 11.17
C TYR E 260 -47.29 -41.25 10.92
N GLU E 261 -46.52 -41.76 9.95
CA GLU E 261 -46.33 -43.21 9.70
C GLU E 261 -45.10 -43.69 10.48
N ASN E 262 -43.98 -42.98 10.36
CA ASN E 262 -42.73 -43.22 11.15
C ASN E 262 -42.27 -41.88 11.72
N ARG E 263 -42.82 -41.54 12.89
CA ARG E 263 -42.74 -40.20 13.53
C ARG E 263 -41.29 -39.75 13.74
N GLU E 264 -40.44 -40.63 14.28
CA GLU E 264 -39.01 -40.35 14.53
C GLU E 264 -38.34 -39.93 13.21
N GLU E 265 -38.50 -40.72 12.15
CA GLU E 265 -37.84 -40.49 10.82
C GLU E 265 -38.43 -39.25 10.13
N GLU E 266 -39.73 -39.00 10.30
CA GLU E 266 -40.52 -38.05 9.47
C GLU E 266 -40.51 -36.63 10.04
N MET E 267 -40.40 -36.49 11.37
CA MET E 267 -40.48 -35.19 12.07
C MET E 267 -39.21 -34.39 11.78
N HIS E 268 -39.17 -33.77 10.60
CA HIS E 268 -37.98 -33.09 10.04
C HIS E 268 -37.76 -31.73 10.70
N ASN E 269 -36.50 -31.51 11.04
CA ASN E 269 -35.74 -30.25 11.18
C ASN E 269 -36.11 -29.12 10.21
N VAL E 270 -36.98 -29.32 9.20
CA VAL E 270 -37.17 -28.33 8.09
C VAL E 270 -38.66 -28.23 7.67
N THR E 271 -39.03 -27.08 7.12
CA THR E 271 -40.24 -26.88 6.27
C THR E 271 -39.85 -27.24 4.84
N ASP E 272 -40.42 -28.32 4.29
CA ASP E 272 -40.26 -28.71 2.86
C ASP E 272 -41.32 -27.99 2.02
N CYS E 273 -40.89 -27.47 0.88
CA CYS E 273 -41.73 -26.81 -0.15
C CYS E 273 -41.55 -27.59 -1.45
N HIS E 274 -42.57 -28.36 -1.81
CA HIS E 274 -42.57 -29.28 -2.97
C HIS E 274 -43.32 -28.63 -4.13
N ALA E 275 -42.63 -28.21 -5.20
CA ALA E 275 -43.24 -27.56 -6.37
C ALA E 275 -44.10 -28.60 -7.11
N MET E 276 -45.34 -28.24 -7.41
CA MET E 276 -46.37 -29.08 -8.08
C MET E 276 -46.64 -28.49 -9.48
N LYS E 277 -47.72 -28.92 -10.16
CA LYS E 277 -48.02 -28.51 -11.55
C LYS E 277 -48.49 -27.05 -11.59
N ASN E 278 -49.20 -26.59 -10.55
CA ASN E 278 -49.88 -25.27 -10.54
C ASN E 278 -49.60 -24.52 -9.23
N GLY E 279 -48.50 -24.86 -8.54
CA GLY E 279 -48.08 -24.21 -7.29
C GLY E 279 -47.07 -25.05 -6.54
N TRP E 280 -47.24 -25.17 -5.23
CA TRP E 280 -46.31 -25.90 -4.34
C TRP E 280 -47.04 -26.33 -3.07
N VAL E 281 -46.59 -27.42 -2.46
CA VAL E 281 -47.16 -28.01 -1.21
C VAL E 281 -46.14 -27.81 -0.08
N TRP E 282 -46.60 -27.26 1.05
CA TRP E 282 -45.79 -27.11 2.29
C TRP E 282 -45.95 -28.38 3.14
N ASN E 283 -44.88 -28.74 3.84
CA ASN E 283 -44.83 -29.84 4.83
C ASN E 283 -44.29 -29.25 6.13
N ILE E 284 -45.12 -29.21 7.17
CA ILE E 284 -44.78 -28.63 8.50
C ILE E 284 -44.91 -29.74 9.54
N PRO E 285 -43.79 -30.35 9.97
CA PRO E 285 -43.81 -31.33 11.05
C PRO E 285 -44.12 -30.67 12.39
N LEU E 286 -45.15 -31.15 13.07
CA LEU E 286 -45.46 -30.78 14.48
C LEU E 286 -45.26 -32.03 15.35
N TRP E 287 -45.46 -31.89 16.64
CA TRP E 287 -45.18 -32.97 17.61
C TRP E 287 -46.08 -34.17 17.29
N ASN E 288 -47.36 -33.91 16.97
CA ASN E 288 -48.43 -34.94 16.93
C ASN E 288 -48.88 -35.25 15.50
N ARG E 289 -48.41 -34.50 14.49
CA ARG E 289 -48.92 -34.61 13.11
C ARG E 289 -48.03 -33.85 12.14
N ILE E 290 -48.24 -34.05 10.84
CA ILE E 290 -47.74 -33.20 9.73
C ILE E 290 -48.88 -32.30 9.26
N GLY E 291 -48.66 -30.98 9.26
CA GLY E 291 -49.51 -29.99 8.56
C GLY E 291 -49.03 -29.81 7.14
N THR E 292 -49.94 -29.88 6.16
CA THR E 292 -49.61 -29.84 4.71
C THR E 292 -50.73 -29.13 3.94
N GLY E 293 -50.35 -28.33 2.93
CA GLY E 293 -51.30 -27.64 2.05
C GLY E 293 -50.73 -27.37 0.67
N TYR E 294 -51.60 -27.19 -0.31
CA TYR E 294 -51.30 -26.80 -1.70
C TYR E 294 -51.61 -25.30 -1.82
N CYS E 295 -50.62 -24.46 -2.15
CA CYS E 295 -50.82 -23.10 -2.71
C CYS E 295 -50.85 -23.21 -4.23
N TYR E 296 -51.93 -22.79 -4.87
CA TYR E 296 -52.13 -22.96 -6.34
C TYR E 296 -52.81 -21.72 -6.92
N SER E 297 -52.87 -21.69 -8.25
CA SER E 297 -53.42 -20.58 -9.07
C SER E 297 -54.68 -21.06 -9.78
N SER E 298 -55.84 -20.50 -9.42
CA SER E 298 -57.17 -20.84 -9.99
C SER E 298 -57.16 -20.49 -11.48
N ARG E 299 -56.28 -19.56 -11.88
CA ARG E 299 -56.14 -19.22 -13.32
C ARG E 299 -55.60 -20.39 -14.14
N PHE E 300 -54.95 -21.39 -13.55
CA PHE E 300 -54.31 -22.51 -14.30
C PHE E 300 -54.93 -23.86 -13.94
N VAL E 301 -55.73 -23.97 -12.87
CA VAL E 301 -56.26 -25.28 -12.39
C VAL E 301 -57.57 -25.07 -11.61
N SER E 302 -58.52 -25.98 -11.78
CA SER E 302 -59.78 -26.07 -11.00
C SER E 302 -59.50 -26.49 -9.56
N LYS E 303 -60.43 -26.20 -8.66
CA LYS E 303 -60.37 -26.63 -7.23
C LYS E 303 -60.31 -28.17 -7.17
N ASP E 304 -61.15 -28.85 -7.96
CA ASP E 304 -61.31 -30.33 -7.98
C ASP E 304 -60.01 -30.98 -8.48
N ASP E 305 -59.40 -30.41 -9.53
CA ASP E 305 -58.13 -30.90 -10.13
C ASP E 305 -56.98 -30.71 -9.14
N ALA E 306 -56.88 -29.55 -8.50
CA ALA E 306 -55.84 -29.21 -7.50
C ALA E 306 -55.90 -30.19 -6.33
N GLU E 307 -57.12 -30.59 -5.92
CA GLU E 307 -57.34 -31.51 -4.78
C GLU E 307 -56.94 -32.93 -5.16
N ALA E 308 -57.22 -33.34 -6.39
CA ALA E 308 -56.85 -34.67 -6.92
C ALA E 308 -55.32 -34.76 -6.99
N GLU E 309 -54.68 -33.73 -7.57
CA GLU E 309 -53.21 -33.49 -7.53
C GLU E 309 -52.67 -33.71 -6.10
N PHE E 310 -53.22 -32.98 -5.13
CA PHE E 310 -52.74 -32.88 -3.73
C PHE E 310 -52.83 -34.24 -3.04
N ARG E 311 -53.97 -34.91 -3.16
CA ARG E 311 -54.24 -36.25 -2.60
C ARG E 311 -53.28 -37.27 -3.23
N GLU E 312 -53.12 -37.24 -4.55
CA GLU E 312 -52.18 -38.13 -5.29
C GLU E 312 -50.77 -37.93 -4.71
N HIS E 313 -50.35 -36.67 -4.56
CA HIS E 313 -49.02 -36.28 -4.03
C HIS E 313 -48.82 -36.83 -2.61
N LEU E 314 -49.87 -36.87 -1.79
CA LEU E 314 -49.78 -37.27 -0.35
C LEU E 314 -49.72 -38.80 -0.22
N GLY E 315 -49.96 -39.57 -1.29
CA GLY E 315 -50.03 -41.04 -1.26
C GLY E 315 -51.21 -41.54 -0.45
N GLU E 316 -51.08 -42.70 0.21
CA GLU E 316 -52.16 -43.41 0.95
C GLU E 316 -52.91 -42.43 1.88
N ARG E 317 -52.18 -41.55 2.57
CA ARG E 317 -52.75 -40.60 3.56
C ARG E 317 -53.50 -39.47 2.86
N GLY E 318 -53.36 -39.37 1.53
CA GLY E 318 -54.17 -38.45 0.69
C GLY E 318 -55.64 -38.81 0.71
N LYS E 319 -55.98 -40.09 0.77
CA LYS E 319 -57.35 -40.59 0.45
C LYS E 319 -58.35 -40.14 1.52
N ASP E 320 -58.01 -40.24 2.81
CA ASP E 320 -58.94 -39.98 3.94
C ASP E 320 -58.68 -38.61 4.56
N ALA E 321 -57.67 -37.88 4.11
CA ALA E 321 -57.31 -36.55 4.63
C ALA E 321 -58.52 -35.60 4.49
N LYS E 322 -58.93 -34.95 5.57
CA LYS E 322 -59.93 -33.86 5.53
C LYS E 322 -59.21 -32.58 5.09
N ILE E 323 -59.66 -31.98 3.98
CA ILE E 323 -59.04 -30.80 3.31
C ILE E 323 -59.93 -29.56 3.51
N PHE E 324 -59.34 -28.46 3.96
CA PHE E 324 -60.01 -27.15 4.23
C PHE E 324 -59.50 -26.12 3.21
N HIS E 325 -60.39 -25.59 2.36
CA HIS E 325 -60.07 -24.59 1.31
C HIS E 325 -60.11 -23.19 1.90
N ILE E 326 -59.07 -22.41 1.65
CA ILE E 326 -58.94 -21.00 2.13
C ILE E 326 -58.78 -20.09 0.90
N ASP E 327 -59.46 -18.96 0.93
CA ASP E 327 -59.35 -17.91 -0.12
C ASP E 327 -58.37 -16.88 0.41
N ILE E 328 -57.19 -16.80 -0.18
CA ILE E 328 -56.04 -16.03 0.38
C ILE E 328 -55.99 -14.64 -0.27
N GLY E 329 -56.05 -13.58 0.54
CA GLY E 329 -55.80 -12.18 0.13
C GLY E 329 -54.32 -11.94 -0.12
N HIS E 330 -53.84 -12.32 -1.31
CA HIS E 330 -52.40 -12.35 -1.69
C HIS E 330 -51.99 -10.96 -2.17
N GLY E 331 -51.61 -10.11 -1.21
CA GLY E 331 -51.38 -8.67 -1.44
C GLY E 331 -51.28 -7.90 -0.12
N LYS E 332 -51.56 -6.60 -0.18
CA LYS E 332 -51.51 -5.67 0.97
C LYS E 332 -52.56 -4.58 0.77
N ARG E 333 -53.10 -4.05 1.86
CA ARG E 333 -53.80 -2.76 1.88
C ARG E 333 -52.80 -1.66 1.49
N THR E 334 -53.29 -0.58 0.89
CA THR E 334 -52.46 0.56 0.43
C THR E 334 -51.86 1.27 1.65
N ARG E 335 -52.41 1.04 2.83
CA ARG E 335 -51.91 1.58 4.12
C ARG E 335 -52.32 0.64 5.25
N ALA E 336 -51.48 0.52 6.27
CA ALA E 336 -51.71 -0.32 7.47
C ALA E 336 -52.39 0.50 8.56
N TRP E 337 -51.94 1.75 8.75
CA TRP E 337 -52.47 2.69 9.76
C TRP E 337 -53.33 3.73 9.04
N VAL E 338 -54.65 3.64 9.20
CA VAL E 338 -55.64 4.58 8.59
C VAL E 338 -56.50 5.13 9.71
N ASN E 339 -56.57 6.45 9.84
CA ASN E 339 -57.18 7.13 11.00
C ASN E 339 -56.67 6.42 12.27
N ASN E 340 -57.57 6.06 13.18
CA ASN E 340 -57.24 5.50 14.52
C ASN E 340 -57.42 3.98 14.49
N CYS E 341 -57.12 3.34 13.35
CA CYS E 341 -57.19 1.87 13.16
C CYS E 341 -55.91 1.38 12.48
N VAL E 342 -55.30 0.30 13.01
CA VAL E 342 -54.05 -0.33 12.47
C VAL E 342 -54.36 -1.79 12.10
N GLY E 343 -53.98 -2.19 10.90
CA GLY E 343 -54.03 -3.60 10.44
C GLY E 343 -52.80 -4.35 10.93
N ILE E 344 -52.99 -5.45 11.66
CA ILE E 344 -51.92 -6.39 12.10
C ILE E 344 -52.29 -7.80 11.65
N GLY E 345 -51.41 -8.43 10.85
CA GLY E 345 -51.62 -9.77 10.28
C GLY E 345 -52.29 -9.71 8.93
N LEU E 346 -53.17 -10.67 8.64
CA LEU E 346 -53.72 -10.87 7.28
C LEU E 346 -54.71 -9.74 6.93
N SER E 347 -55.25 -9.03 7.92
CA SER E 347 -56.10 -7.83 7.75
C SER E 347 -55.33 -6.75 6.97
N TYR E 348 -54.00 -6.70 7.11
CA TYR E 348 -53.14 -5.74 6.37
C TYR E 348 -52.60 -6.38 5.09
N GLY E 349 -51.88 -7.50 5.21
CA GLY E 349 -51.20 -8.14 4.08
C GLY E 349 -50.89 -9.62 4.30
N PHE E 350 -50.49 -10.30 3.23
CA PHE E 350 -50.17 -11.75 3.23
C PHE E 350 -49.31 -12.06 1.99
N ILE E 351 -48.20 -12.76 2.19
CA ILE E 351 -47.43 -13.46 1.13
C ILE E 351 -47.59 -14.96 1.34
N GLU E 352 -47.86 -15.73 0.29
CA GLU E 352 -47.92 -17.21 0.39
C GLU E 352 -46.66 -17.64 1.14
N PRO E 353 -46.74 -18.64 2.05
CA PRO E 353 -45.65 -18.95 2.97
C PRO E 353 -44.50 -19.79 2.39
N LEU E 354 -44.07 -19.48 1.16
CA LEU E 354 -42.93 -20.15 0.49
C LEU E 354 -41.62 -19.76 1.20
N GLU E 355 -41.58 -18.60 1.84
CA GLU E 355 -40.42 -18.14 2.63
C GLU E 355 -40.83 -18.03 4.11
N SER E 356 -41.78 -18.86 4.53
CA SER E 356 -42.24 -18.99 5.94
C SER E 356 -42.50 -17.58 6.47
N THR E 357 -43.20 -16.77 5.67
CA THR E 357 -43.33 -15.30 5.84
C THR E 357 -44.71 -15.00 6.43
N GLY E 358 -45.55 -16.04 6.59
CA GLY E 358 -46.89 -15.98 7.20
C GLY E 358 -46.99 -14.95 8.31
N LEU E 359 -46.21 -15.08 9.38
CA LEU E 359 -46.36 -14.22 10.59
C LEU E 359 -45.57 -12.92 10.45
N LEU E 360 -44.93 -12.65 9.31
CA LEU E 360 -44.07 -11.44 9.10
C LEU E 360 -44.93 -10.18 9.26
N THR E 361 -45.94 -10.09 8.40
CA THR E 361 -47.01 -9.05 8.42
C THR E 361 -47.43 -8.76 9.88
N THR E 362 -47.26 -9.72 10.80
CA THR E 362 -47.75 -9.64 12.21
C THR E 362 -46.66 -9.07 13.13
N HIS E 363 -45.53 -9.77 13.37
CA HIS E 363 -44.48 -9.37 14.34
C HIS E 363 -43.84 -8.03 13.98
N GLU E 364 -43.65 -7.77 12.69
CA GLU E 364 -43.07 -6.51 12.15
C GLU E 364 -43.96 -5.35 12.60
N ASN E 365 -45.26 -5.42 12.28
CA ASN E 365 -46.23 -4.35 12.62
C ASN E 365 -46.34 -4.22 14.14
N ILE E 366 -46.28 -5.33 14.88
CA ILE E 366 -46.37 -5.31 16.37
C ILE E 366 -45.17 -4.54 16.92
N GLU E 367 -43.96 -4.90 16.48
CA GLU E 367 -42.67 -4.31 16.94
C GLU E 367 -42.64 -2.81 16.59
N ASN E 368 -43.12 -2.45 15.39
CA ASN E 368 -43.14 -1.05 14.90
C ASN E 368 -44.17 -0.23 15.69
N LEU E 369 -45.29 -0.85 16.09
CA LEU E 369 -46.34 -0.19 16.91
C LEU E 369 -45.80 0.04 18.33
N VAL E 370 -45.21 -0.99 18.94
CA VAL E 370 -44.60 -0.95 20.31
C VAL E 370 -43.53 0.15 20.32
N TYR E 371 -42.78 0.27 19.22
CA TYR E 371 -41.68 1.24 19.07
C TYR E 371 -42.25 2.66 19.16
N LEU E 372 -43.32 2.95 18.42
CA LEU E 372 -43.93 4.31 18.39
C LEU E 372 -44.65 4.62 19.72
N ILE E 373 -45.34 3.64 20.31
CA ILE E 373 -46.13 3.86 21.56
C ILE E 373 -45.16 4.14 22.72
N ASN E 374 -43.98 3.50 22.75
CA ASN E 374 -42.99 3.66 23.85
C ASN E 374 -42.12 4.90 23.61
N GLN E 375 -42.32 5.61 22.50
CA GLN E 375 -41.50 6.77 22.10
C GLN E 375 -41.80 7.95 23.05
N ARG E 376 -43.04 8.46 23.11
CA ARG E 376 -43.44 9.56 24.04
C ARG E 376 -44.79 9.23 24.71
N ASP E 377 -44.81 8.13 25.46
CA ASP E 377 -45.91 7.71 26.36
C ASP E 377 -47.22 7.60 25.58
N GLY E 378 -47.17 7.12 24.34
CA GLY E 378 -48.37 6.86 23.55
C GLY E 378 -48.71 8.00 22.61
N TYR E 379 -48.02 9.15 22.73
CA TYR E 379 -48.11 10.25 21.73
C TYR E 379 -47.35 9.85 20.47
N VAL E 380 -48.01 10.10 19.34
CA VAL E 380 -47.59 9.78 17.94
C VAL E 380 -48.02 10.92 17.02
N THR E 381 -47.18 11.31 16.07
CA THR E 381 -47.48 12.34 15.05
C THR E 381 -47.94 11.64 13.77
N GLN E 382 -48.59 12.37 12.88
CA GLN E 382 -48.97 11.88 11.53
C GLN E 382 -47.68 11.47 10.81
N ALA E 383 -46.59 12.21 10.97
CA ALA E 383 -45.27 11.92 10.37
C ALA E 383 -44.83 10.49 10.76
N GLU E 384 -45.00 10.10 12.03
CA GLU E 384 -44.60 8.76 12.54
C GLU E 384 -45.52 7.68 11.94
N ARG E 385 -46.82 7.93 11.87
CA ARG E 385 -47.82 6.98 11.30
C ARG E 385 -47.55 6.79 9.80
N ASP E 386 -47.22 7.88 9.10
CA ASP E 386 -46.80 7.85 7.66
C ASP E 386 -45.51 7.02 7.55
N GLY E 387 -44.58 7.19 8.50
CA GLY E 387 -43.35 6.40 8.60
C GLY E 387 -43.63 4.93 8.81
N PHE E 388 -44.60 4.59 9.67
CA PHE E 388 -45.09 3.22 9.98
C PHE E 388 -45.58 2.56 8.68
N ASN E 389 -46.41 3.28 7.94
CA ASN E 389 -46.99 2.81 6.66
C ASN E 389 -45.84 2.57 5.68
N TYR E 390 -44.92 3.52 5.55
CA TYR E 390 -43.76 3.37 4.63
C TYR E 390 -42.94 2.13 5.01
N THR E 391 -42.54 2.02 6.28
CA THR E 391 -41.65 0.93 6.73
C THR E 391 -42.29 -0.42 6.41
N CYS E 392 -43.57 -0.59 6.69
CA CYS E 392 -44.19 -1.93 6.68
C CYS E 392 -44.65 -2.26 5.25
N ASP E 393 -44.97 -1.23 4.44
CA ASP E 393 -45.18 -1.35 2.99
C ASP E 393 -43.88 -1.80 2.30
N HIS E 394 -42.76 -1.09 2.55
CA HIS E 394 -41.44 -1.44 2.00
C HIS E 394 -41.14 -2.92 2.23
N GLN E 395 -41.41 -3.41 3.44
CA GLN E 395 -41.02 -4.76 3.90
C GLN E 395 -41.78 -5.81 3.11
N ILE E 396 -43.11 -5.67 3.02
CA ILE E 396 -43.96 -6.68 2.36
C ILE E 396 -43.70 -6.65 0.85
N ASP E 397 -43.33 -5.51 0.29
CA ASP E 397 -42.94 -5.39 -1.14
C ASP E 397 -41.62 -6.12 -1.38
N SER E 398 -40.64 -5.91 -0.50
CA SER E 398 -39.32 -6.62 -0.51
C SER E 398 -39.56 -8.13 -0.51
N PHE E 399 -40.31 -8.63 0.46
CA PHE E 399 -40.49 -10.09 0.67
C PHE E 399 -41.31 -10.70 -0.47
N SER E 400 -42.28 -9.97 -1.03
CA SER E 400 -43.12 -10.46 -2.14
C SER E 400 -42.25 -10.60 -3.41
N ASP E 401 -41.34 -9.65 -3.65
CA ASP E 401 -40.33 -9.73 -4.75
C ASP E 401 -39.42 -10.95 -4.53
N PHE E 402 -38.92 -11.15 -3.31
CA PHE E 402 -38.03 -12.29 -2.96
C PHE E 402 -38.75 -13.62 -3.27
N VAL E 403 -40.01 -13.74 -2.86
CA VAL E 403 -40.83 -14.96 -3.08
C VAL E 403 -41.02 -15.13 -4.60
N ALA E 404 -41.26 -14.05 -5.33
CA ALA E 404 -41.45 -14.09 -6.80
C ALA E 404 -40.19 -14.64 -7.48
N MET E 405 -39.00 -14.36 -6.93
CA MET E 405 -37.70 -14.79 -7.54
C MET E 405 -37.58 -16.32 -7.51
N HIS E 406 -38.20 -17.01 -6.54
CA HIS E 406 -38.23 -18.49 -6.44
C HIS E 406 -38.85 -19.12 -7.70
N TYR E 407 -39.85 -18.44 -8.27
CA TYR E 407 -40.59 -18.88 -9.48
C TYR E 407 -39.83 -18.43 -10.73
N ALA E 408 -39.42 -17.16 -10.74
CA ALA E 408 -38.94 -16.43 -11.94
C ALA E 408 -37.75 -17.14 -12.57
N TYR E 409 -36.89 -17.71 -11.72
CA TYR E 409 -35.56 -18.26 -12.10
C TYR E 409 -35.62 -19.79 -12.20
N SER E 410 -36.77 -20.42 -11.97
CA SER E 410 -36.95 -21.88 -12.14
C SER E 410 -36.65 -22.26 -13.59
N MET E 411 -36.25 -23.52 -13.81
CA MET E 411 -36.04 -24.09 -15.16
C MET E 411 -37.35 -24.72 -15.66
N ARG E 412 -38.35 -24.88 -14.79
CA ARG E 412 -39.62 -25.56 -15.14
C ARG E 412 -40.39 -24.79 -16.22
N THR E 413 -40.72 -25.49 -17.31
CA THR E 413 -41.66 -25.00 -18.36
C THR E 413 -42.62 -26.13 -18.74
N ASP E 414 -42.84 -27.08 -17.83
CA ASP E 414 -43.50 -28.38 -18.11
C ASP E 414 -45.03 -28.25 -18.05
N THR E 415 -45.56 -27.20 -17.43
CA THR E 415 -47.02 -26.92 -17.38
C THR E 415 -47.23 -25.47 -17.78
N PRO E 416 -48.45 -25.07 -18.15
CA PRO E 416 -48.72 -23.68 -18.49
C PRO E 416 -48.42 -22.76 -17.29
N TYR E 417 -48.63 -23.24 -16.07
CA TYR E 417 -48.33 -22.47 -14.83
C TYR E 417 -46.85 -22.09 -14.80
N TRP E 418 -45.96 -23.07 -15.01
CA TRP E 418 -44.49 -22.88 -14.93
C TRP E 418 -43.99 -22.14 -16.18
N LYS E 419 -44.61 -22.39 -17.34
CA LYS E 419 -44.30 -21.61 -18.57
C LYS E 419 -44.61 -20.13 -18.29
N TRP E 420 -45.70 -19.83 -17.57
CA TRP E 420 -46.08 -18.44 -17.24
C TRP E 420 -45.03 -17.83 -16.30
N CYS E 421 -44.66 -18.56 -15.25
CA CYS E 421 -43.77 -18.09 -14.15
C CYS E 421 -42.39 -17.76 -14.71
N THR E 422 -41.89 -18.54 -15.67
CA THR E 422 -40.44 -18.55 -16.08
C THR E 422 -40.23 -17.87 -17.44
N GLN E 423 -41.26 -17.75 -18.28
CA GLN E 423 -41.08 -17.38 -19.71
C GLN E 423 -42.00 -16.24 -20.14
N MET E 424 -43.10 -15.96 -19.41
CA MET E 424 -44.13 -14.97 -19.86
C MET E 424 -44.20 -13.79 -18.88
N CYS E 425 -44.36 -14.04 -17.60
CA CYS E 425 -44.45 -12.98 -16.55
C CYS E 425 -43.21 -12.06 -16.59
N ASN E 426 -43.44 -10.74 -16.68
CA ASN E 426 -42.40 -9.69 -16.60
C ASN E 426 -42.30 -9.15 -15.18
N TYR E 427 -41.19 -9.40 -14.51
CA TYR E 427 -41.02 -9.09 -13.06
C TYR E 427 -40.41 -7.69 -12.86
N MET E 428 -39.99 -7.03 -13.95
CA MET E 428 -39.20 -5.77 -13.91
C MET E 428 -39.88 -4.69 -14.76
N PRO E 429 -41.22 -4.55 -14.73
CA PRO E 429 -41.92 -3.69 -15.69
C PRO E 429 -41.47 -2.22 -15.62
N GLU E 430 -41.20 -1.70 -14.42
CA GLU E 430 -40.85 -0.28 -14.18
C GLU E 430 -39.40 0.02 -14.63
N SER E 431 -38.59 -1.02 -14.86
CA SER E 431 -37.10 -0.93 -14.91
C SER E 431 -36.63 -0.15 -16.15
N MET E 432 -37.41 -0.10 -17.24
CA MET E 432 -37.03 0.58 -18.50
C MET E 432 -37.33 2.08 -18.43
N GLY E 433 -38.01 2.54 -17.38
CA GLY E 433 -38.31 3.97 -17.19
C GLY E 433 -37.07 4.79 -16.82
N PRO E 434 -37.17 6.14 -16.78
CA PRO E 434 -36.05 6.99 -16.40
C PRO E 434 -35.81 7.15 -14.88
N HIS E 435 -36.78 6.76 -14.04
CA HIS E 435 -36.77 6.96 -12.56
C HIS E 435 -36.27 5.72 -11.84
N ARG E 436 -35.55 5.93 -10.72
CA ARG E 436 -35.08 4.84 -9.82
C ARG E 436 -36.25 4.36 -8.96
N GLN E 437 -36.39 3.04 -8.83
CA GLN E 437 -37.50 2.39 -8.09
C GLN E 437 -37.09 2.22 -6.62
N LYS E 438 -38.03 2.40 -5.70
CA LYS E 438 -37.84 2.02 -4.27
C LYS E 438 -37.52 0.52 -4.20
N GLN E 439 -38.27 -0.32 -4.92
CA GLN E 439 -38.03 -1.78 -5.00
C GLN E 439 -37.25 -2.09 -6.27
N SER E 440 -35.92 -2.24 -6.15
CA SER E 440 -34.97 -2.38 -7.26
C SER E 440 -34.05 -3.58 -7.04
N THR E 441 -34.51 -4.67 -6.40
CA THR E 441 -33.66 -5.88 -6.21
C THR E 441 -33.55 -6.62 -7.56
N TRP E 442 -34.63 -6.75 -8.33
CA TRP E 442 -34.60 -7.31 -9.72
C TRP E 442 -33.56 -6.55 -10.54
N GLN E 443 -33.62 -5.22 -10.56
CA GLN E 443 -32.71 -4.33 -11.33
C GLN E 443 -31.28 -4.56 -10.86
N ASP E 444 -31.08 -4.63 -9.54
CA ASP E 444 -29.72 -4.63 -8.90
C ASP E 444 -29.09 -6.00 -9.08
N LEU E 445 -29.87 -7.07 -8.95
CA LEU E 445 -29.40 -8.46 -9.16
C LEU E 445 -29.00 -8.62 -10.63
N SER E 446 -29.76 -8.02 -11.55
CA SER E 446 -29.53 -8.10 -13.02
C SER E 446 -28.21 -7.41 -13.34
N THR E 447 -28.00 -6.22 -12.76
CA THR E 447 -26.75 -5.42 -12.85
C THR E 447 -25.57 -6.19 -12.28
N ASP E 448 -25.74 -6.83 -11.13
CA ASP E 448 -24.64 -7.52 -10.42
C ASP E 448 -24.21 -8.75 -11.23
N THR E 449 -25.17 -9.50 -11.76
CA THR E 449 -24.94 -10.83 -12.41
C THR E 449 -24.50 -10.61 -13.86
N ILE E 450 -25.38 -10.09 -14.72
CA ILE E 450 -25.08 -9.89 -16.16
C ILE E 450 -24.07 -8.75 -16.33
N GLY E 451 -24.23 -7.65 -15.57
CA GLY E 451 -23.41 -6.43 -15.72
C GLY E 451 -21.99 -6.60 -15.19
N LEU E 452 -21.86 -7.00 -13.91
CA LEU E 452 -20.60 -7.05 -13.13
C LEU E 452 -20.12 -8.49 -12.87
N ASN E 453 -20.89 -9.52 -13.27
CA ASN E 453 -20.53 -10.96 -13.14
C ASN E 453 -20.15 -11.30 -11.69
N THR E 454 -20.96 -10.86 -10.72
CA THR E 454 -20.66 -10.97 -9.27
C THR E 454 -21.93 -11.18 -8.46
N TRP E 455 -21.82 -11.86 -7.32
CA TRP E 455 -22.80 -11.82 -6.21
C TRP E 455 -22.27 -10.86 -5.14
N HIS E 456 -23.03 -10.67 -4.07
CA HIS E 456 -22.76 -9.72 -2.97
C HIS E 456 -23.46 -10.26 -1.73
N ILE E 457 -22.89 -10.06 -0.54
CA ILE E 457 -23.53 -10.46 0.75
C ILE E 457 -24.80 -9.62 0.94
N ASN E 458 -24.95 -8.50 0.23
CA ASN E 458 -26.19 -7.68 0.14
C ASN E 458 -27.39 -8.46 -0.44
N HIS E 459 -27.18 -9.66 -0.99
CA HIS E 459 -28.25 -10.53 -1.54
C HIS E 459 -28.73 -11.50 -0.46
N ASN E 460 -28.53 -11.22 0.83
CA ASN E 460 -28.75 -12.27 1.88
C ASN E 460 -30.10 -12.94 1.63
N GLY E 461 -30.02 -14.10 0.99
CA GLY E 461 -31.19 -14.98 0.79
C GLY E 461 -31.36 -15.29 -0.69
N ILE E 462 -31.32 -14.26 -1.54
CA ILE E 462 -31.35 -14.42 -3.02
C ILE E 462 -30.29 -15.43 -3.44
N SER E 463 -29.10 -15.35 -2.83
CA SER E 463 -27.93 -16.18 -3.19
C SER E 463 -28.30 -17.66 -3.09
N PHE E 464 -28.99 -18.09 -2.04
CA PHE E 464 -29.35 -19.52 -1.82
C PHE E 464 -30.32 -19.99 -2.91
N ILE E 465 -31.23 -19.11 -3.32
CA ILE E 465 -32.35 -19.43 -4.26
C ILE E 465 -31.81 -19.56 -5.68
N ILE E 466 -31.07 -18.56 -6.18
CA ILE E 466 -30.53 -18.58 -7.57
C ILE E 466 -29.40 -19.62 -7.66
N ALA E 467 -28.64 -19.87 -6.58
CA ALA E 467 -27.66 -20.97 -6.49
C ALA E 467 -28.38 -22.32 -6.71
N GLY E 468 -29.46 -22.55 -5.96
CA GLY E 468 -30.27 -23.78 -6.01
C GLY E 468 -30.93 -23.99 -7.36
N HIS E 469 -31.23 -22.89 -8.07
CA HIS E 469 -31.86 -22.93 -9.42
C HIS E 469 -30.78 -23.16 -10.49
N GLY E 470 -29.50 -23.18 -10.08
CA GLY E 470 -28.37 -23.56 -10.95
C GLY E 470 -27.72 -22.37 -11.61
N LEU E 471 -27.80 -21.18 -11.01
CA LEU E 471 -27.12 -19.98 -11.52
C LEU E 471 -25.81 -19.75 -10.73
N ARG E 472 -24.84 -19.11 -11.38
CA ARG E 472 -23.49 -18.80 -10.86
C ARG E 472 -23.14 -17.35 -11.18
N PRO E 473 -22.34 -16.65 -10.34
CA PRO E 473 -21.98 -15.26 -10.60
C PRO E 473 -21.21 -15.11 -11.93
N GLN E 474 -20.25 -16.00 -12.18
CA GLN E 474 -19.60 -16.18 -13.51
C GLN E 474 -20.07 -17.53 -14.06
N SER E 475 -20.74 -17.53 -15.22
CA SER E 475 -21.44 -18.73 -15.75
C SER E 475 -20.44 -19.71 -16.36
N TYR E 476 -19.24 -19.25 -16.74
CA TYR E 476 -18.18 -20.09 -17.39
C TYR E 476 -16.80 -19.67 -16.92
N ASP E 477 -15.88 -20.63 -16.86
CA ASP E 477 -14.57 -20.47 -16.17
C ASP E 477 -13.64 -19.57 -16.98
N LYS E 478 -13.74 -19.62 -18.31
CA LYS E 478 -12.88 -18.84 -19.23
C LYS E 478 -13.00 -17.34 -18.90
N LEU E 479 -14.15 -16.95 -18.35
CA LEU E 479 -14.50 -15.55 -17.97
C LEU E 479 -13.65 -15.13 -16.77
N SER E 480 -13.60 -15.99 -15.74
CA SER E 480 -12.76 -15.86 -14.53
C SER E 480 -11.29 -15.74 -14.92
N GLU E 481 -10.80 -16.67 -15.75
CA GLU E 481 -9.42 -16.76 -16.29
C GLU E 481 -8.97 -15.39 -16.82
N VAL E 482 -9.82 -14.76 -17.64
CA VAL E 482 -9.52 -13.53 -18.42
C VAL E 482 -9.39 -12.34 -17.46
N LEU E 483 -10.14 -12.32 -16.35
CA LEU E 483 -10.12 -11.22 -15.35
C LEU E 483 -8.85 -11.30 -14.48
N LEU E 484 -8.27 -12.50 -14.31
CA LEU E 484 -6.96 -12.69 -13.60
C LEU E 484 -5.81 -12.18 -14.45
N LYS E 485 -5.97 -12.13 -15.78
CA LYS E 485 -4.85 -11.89 -16.73
C LYS E 485 -4.36 -10.45 -16.62
N ARG E 486 -5.22 -9.51 -16.22
CA ARG E 486 -4.83 -8.08 -16.07
C ARG E 486 -3.61 -7.97 -15.15
N ASN E 487 -3.73 -8.36 -13.88
CA ASN E 487 -2.66 -8.20 -12.85
C ASN E 487 -1.95 -9.54 -12.65
N ASN E 488 -1.69 -10.27 -13.74
CA ASN E 488 -0.90 -11.55 -13.78
C ASN E 488 -1.20 -12.42 -12.54
N GLU E 489 -2.47 -12.71 -12.25
CA GLU E 489 -2.93 -13.52 -11.08
C GLU E 489 -3.26 -14.95 -11.52
N SER E 490 -3.44 -15.87 -10.58
CA SER E 490 -3.59 -17.33 -10.82
C SER E 490 -4.69 -17.91 -9.94
N ASP E 491 -5.38 -18.95 -10.44
CA ASP E 491 -6.49 -19.64 -9.76
C ASP E 491 -6.03 -20.98 -9.17
N TYR E 492 -4.74 -21.35 -9.32
CA TYR E 492 -4.29 -22.73 -9.01
C TYR E 492 -4.69 -23.08 -7.57
N TYR E 493 -4.77 -22.12 -6.63
CA TYR E 493 -5.08 -22.32 -5.19
C TYR E 493 -6.51 -22.88 -4.99
N TYR E 494 -7.33 -22.91 -6.05
CA TYR E 494 -8.70 -23.46 -5.99
C TYR E 494 -8.63 -24.99 -5.82
N GLU E 495 -7.58 -25.64 -6.36
CA GLU E 495 -7.29 -27.09 -6.14
C GLU E 495 -7.27 -27.38 -4.64
N ASP E 496 -6.66 -26.48 -3.86
CA ASP E 496 -6.48 -26.62 -2.40
C ASP E 496 -7.81 -26.29 -1.71
N ILE E 497 -8.53 -25.27 -2.16
CA ILE E 497 -9.85 -24.92 -1.58
C ILE E 497 -10.76 -26.14 -1.75
N ARG E 498 -10.74 -26.75 -2.94
CA ARG E 498 -11.55 -27.94 -3.29
C ARG E 498 -11.21 -29.10 -2.35
N LYS E 499 -9.97 -29.58 -2.36
CA LYS E 499 -9.48 -30.72 -1.55
C LYS E 499 -9.77 -30.46 -0.07
N ASP E 500 -9.41 -29.27 0.43
CA ASP E 500 -9.55 -28.89 1.87
C ASP E 500 -11.03 -28.91 2.24
N TRP E 501 -11.89 -28.30 1.40
CA TRP E 501 -13.34 -28.22 1.69
C TRP E 501 -13.96 -29.63 1.64
N LEU E 502 -13.71 -30.40 0.58
CA LEU E 502 -14.28 -31.77 0.43
C LEU E 502 -13.90 -32.58 1.67
N LYS E 503 -12.68 -32.40 2.17
CA LYS E 503 -12.23 -33.07 3.42
C LYS E 503 -13.11 -32.57 4.57
N HIS E 504 -13.27 -31.25 4.70
CA HIS E 504 -14.04 -30.63 5.81
C HIS E 504 -15.50 -31.12 5.78
N TYR E 505 -16.08 -31.22 4.59
CA TYR E 505 -17.47 -31.73 4.40
C TYR E 505 -17.55 -33.17 4.92
N GLU E 506 -16.70 -34.08 4.42
CA GLU E 506 -16.76 -35.53 4.73
C GLU E 506 -16.71 -35.69 6.26
N SER E 507 -15.86 -34.92 6.95
CA SER E 507 -15.68 -35.03 8.42
C SER E 507 -16.82 -34.32 9.16
N MET E 508 -17.43 -33.30 8.55
CA MET E 508 -18.55 -32.54 9.15
C MET E 508 -19.80 -33.42 9.16
N VAL E 509 -20.01 -34.23 8.12
CA VAL E 509 -21.16 -35.17 8.02
C VAL E 509 -20.99 -36.24 9.11
N GLU E 510 -19.76 -36.74 9.28
CA GLU E 510 -19.42 -37.79 10.29
C GLU E 510 -19.71 -37.24 11.68
N TYR E 511 -19.35 -36.00 11.99
CA TYR E 511 -19.56 -35.38 13.34
C TYR E 511 -21.06 -35.22 13.59
N VAL E 512 -21.77 -34.70 12.58
CA VAL E 512 -23.22 -34.37 12.66
C VAL E 512 -24.01 -35.67 12.89
N LYS E 513 -23.51 -36.80 12.41
CA LYS E 513 -24.14 -38.14 12.59
C LYS E 513 -23.99 -38.64 14.04
N THR E 514 -23.08 -38.07 14.84
CA THR E 514 -22.94 -38.43 16.29
C THR E 514 -23.94 -37.61 17.11
N LEU E 515 -24.56 -36.58 16.52
CA LEU E 515 -25.50 -35.68 17.24
C LEU E 515 -26.85 -36.37 17.39
N PRO E 516 -27.65 -36.01 18.42
CA PRO E 516 -29.04 -36.48 18.51
C PRO E 516 -29.87 -36.02 17.30
N THR E 517 -30.86 -36.84 16.91
CA THR E 517 -31.87 -36.51 15.87
C THR E 517 -32.83 -35.47 16.43
N HIS E 518 -33.47 -34.70 15.55
CA HIS E 518 -34.51 -33.69 15.89
C HIS E 518 -35.48 -34.26 16.94
N TYR E 519 -36.01 -35.47 16.71
CA TYR E 519 -37.02 -36.11 17.58
C TYR E 519 -36.40 -36.38 18.95
N GLU E 520 -35.22 -37.01 18.96
CA GLU E 520 -34.46 -37.32 20.20
C GLU E 520 -34.24 -36.01 20.99
N PHE E 521 -33.78 -34.94 20.33
CA PHE E 521 -33.49 -33.64 20.98
C PHE E 521 -34.78 -33.13 21.64
N LEU E 522 -35.89 -33.09 20.90
CA LEU E 522 -37.20 -32.59 21.39
C LEU E 522 -37.63 -33.42 22.61
N ARG E 523 -37.52 -34.75 22.49
CA ARG E 523 -37.96 -35.72 23.52
C ARG E 523 -37.18 -35.47 24.83
N ASP E 524 -35.86 -35.29 24.73
CA ASP E 524 -34.93 -35.20 25.88
C ASP E 524 -34.87 -33.78 26.43
N GLU E 525 -34.86 -32.76 25.58
CA GLU E 525 -34.62 -31.34 25.97
C GLU E 525 -35.92 -30.56 26.22
N ILE E 526 -37.01 -30.84 25.50
CA ILE E 526 -38.23 -29.97 25.53
C ILE E 526 -39.41 -30.74 26.14
N TYR E 527 -39.77 -31.88 25.56
CA TYR E 527 -41.02 -32.62 25.90
C TYR E 527 -40.74 -33.56 27.08
N GLY E 528 -40.21 -33.04 28.18
CA GLY E 528 -39.74 -33.86 29.32
C GLY E 528 -38.89 -35.04 28.87
N LYS F 3 -19.56 35.70 -23.09
CA LYS F 3 -19.01 35.59 -21.72
C LYS F 3 -19.32 36.85 -20.90
N ILE F 4 -19.48 36.67 -19.59
CA ILE F 4 -19.87 37.74 -18.63
C ILE F 4 -18.65 38.62 -18.37
N GLU F 5 -18.61 39.83 -18.94
CA GLU F 5 -17.52 40.83 -18.69
C GLU F 5 -18.04 41.92 -17.74
N SER F 6 -19.31 42.29 -17.87
CA SER F 6 -19.92 43.36 -17.03
C SER F 6 -21.17 42.81 -16.34
N VAL F 7 -21.46 43.34 -15.15
CA VAL F 7 -22.59 42.90 -14.28
C VAL F 7 -23.33 44.14 -13.79
N ALA F 8 -24.66 44.11 -13.86
CA ALA F 8 -25.59 45.11 -13.27
C ALA F 8 -26.38 44.45 -12.14
N ILE F 9 -26.11 44.81 -10.90
CA ILE F 9 -26.88 44.36 -9.70
C ILE F 9 -28.00 45.37 -9.46
N VAL F 10 -29.25 44.94 -9.46
CA VAL F 10 -30.41 45.81 -9.11
C VAL F 10 -30.82 45.48 -7.67
N GLY F 11 -30.76 46.49 -6.79
CA GLY F 11 -31.07 46.38 -5.36
C GLY F 11 -29.84 46.62 -4.52
N GLY F 12 -29.98 47.36 -3.42
CA GLY F 12 -28.83 47.76 -2.57
C GLY F 12 -29.05 47.48 -1.09
N GLY F 13 -29.60 46.31 -0.74
CA GLY F 13 -29.67 45.88 0.66
C GLY F 13 -28.40 45.14 1.03
N SER F 14 -28.47 44.23 2.01
CA SER F 14 -27.43 43.20 2.24
C SER F 14 -27.13 42.48 0.92
N SER F 15 -28.16 41.87 0.30
CA SER F 15 -28.03 41.03 -0.92
C SER F 15 -27.26 41.79 -2.01
N GLY F 16 -27.63 43.04 -2.27
CA GLY F 16 -27.02 43.85 -3.33
C GLY F 16 -25.53 44.04 -3.09
N TRP F 17 -25.17 44.50 -1.89
CA TRP F 17 -23.78 44.88 -1.53
C TRP F 17 -22.95 43.63 -1.23
N MET F 18 -23.57 42.58 -0.69
CA MET F 18 -22.90 41.27 -0.50
C MET F 18 -22.44 40.74 -1.86
N THR F 19 -23.31 40.86 -2.88
CA THR F 19 -23.02 40.44 -4.28
C THR F 19 -21.95 41.36 -4.87
N ALA F 20 -22.13 42.67 -4.76
CA ALA F 20 -21.17 43.68 -5.30
C ALA F 20 -19.77 43.44 -4.71
N ALA F 21 -19.66 43.31 -3.38
CA ALA F 21 -18.40 43.12 -2.64
C ALA F 21 -17.69 41.84 -3.10
N ALA F 22 -18.38 40.70 -3.03
CA ALA F 22 -17.88 39.36 -3.44
C ALA F 22 -17.35 39.41 -4.87
N LEU F 23 -18.17 39.86 -5.82
CA LEU F 23 -17.80 39.92 -7.26
C LEU F 23 -16.60 40.85 -7.44
N SER F 24 -16.60 42.03 -6.81
CA SER F 24 -15.55 43.07 -6.97
C SER F 24 -14.20 42.53 -6.50
N LYS F 25 -14.20 41.70 -5.45
CA LYS F 25 -12.97 41.18 -4.80
C LYS F 25 -12.54 39.85 -5.45
N LEU F 26 -13.46 38.89 -5.62
CA LEU F 26 -13.14 37.51 -6.09
C LEU F 26 -13.20 37.40 -7.62
N CYS F 27 -13.75 38.39 -8.33
CA CYS F 27 -13.86 38.40 -9.81
C CYS F 27 -13.38 39.76 -10.33
N PRO F 28 -12.08 40.08 -10.12
CA PRO F 28 -11.51 41.38 -10.49
C PRO F 28 -11.65 41.73 -11.97
N GLN F 29 -11.74 40.71 -12.85
CA GLN F 29 -11.91 40.86 -14.32
C GLN F 29 -13.24 41.58 -14.64
N LEU F 30 -14.24 41.52 -13.75
CA LEU F 30 -15.60 42.05 -14.01
C LEU F 30 -15.64 43.57 -13.85
N GLU F 31 -16.35 44.23 -14.77
CA GLU F 31 -16.94 45.58 -14.58
C GLU F 31 -18.27 45.40 -13.85
N ILE F 32 -18.48 46.08 -12.72
CA ILE F 32 -19.70 45.91 -11.86
C ILE F 32 -20.36 47.26 -11.63
N ALA F 33 -21.68 47.32 -11.77
CA ALA F 33 -22.54 48.46 -11.37
C ALA F 33 -23.62 47.94 -10.43
N LEU F 34 -23.99 48.74 -9.43
CA LEU F 34 -25.14 48.46 -8.53
C LEU F 34 -26.13 49.62 -8.62
N ILE F 35 -27.37 49.29 -9.01
CA ILE F 35 -28.51 50.25 -9.15
C ILE F 35 -29.34 50.15 -7.88
N GLU F 36 -29.47 51.26 -7.16
CA GLU F 36 -30.15 51.34 -5.85
C GLU F 36 -31.12 52.52 -5.96
N ASP F 37 -32.36 52.32 -5.52
CA ASP F 37 -33.41 53.37 -5.49
C ASP F 37 -33.30 54.06 -4.14
N PRO F 38 -32.89 55.36 -4.06
CA PRO F 38 -33.17 56.15 -2.84
C PRO F 38 -34.67 56.01 -2.45
N ASN F 39 -35.24 56.75 -1.49
CA ASN F 39 -36.71 56.96 -1.36
C ASN F 39 -37.47 55.64 -1.13
N ILE F 40 -36.85 54.59 -0.55
CA ILE F 40 -37.46 53.22 -0.53
C ILE F 40 -37.41 52.50 0.84
N GLY F 44 -33.12 49.00 8.71
CA GLY F 44 -32.24 47.85 8.95
C GLY F 44 -32.76 46.93 10.05
N VAL F 45 -33.33 45.79 9.68
CA VAL F 45 -33.81 44.76 10.64
C VAL F 45 -32.65 43.81 10.99
N GLY F 46 -32.67 43.30 12.22
CA GLY F 46 -31.75 42.25 12.68
C GLY F 46 -32.00 40.94 11.96
N GLU F 47 -30.94 40.18 11.72
CA GLU F 47 -30.99 38.79 11.19
C GLU F 47 -29.82 37.97 11.74
N SER F 48 -30.05 36.68 12.02
CA SER F 48 -29.00 35.73 12.43
C SER F 48 -28.50 34.96 11.20
N THR F 49 -27.24 34.51 11.29
CA THR F 49 -26.49 33.82 10.21
C THR F 49 -26.25 32.37 10.63
N LEU F 50 -25.74 31.56 9.70
CA LEU F 50 -25.24 30.19 9.95
C LEU F 50 -23.72 30.20 10.05
N GLY F 51 -23.11 29.05 10.34
CA GLY F 51 -21.66 28.83 10.22
C GLY F 51 -21.18 29.16 8.83
N HIS F 52 -21.96 28.77 7.80
CA HIS F 52 -21.57 28.97 6.37
C HIS F 52 -21.19 30.43 6.12
N PHE F 53 -21.76 31.40 6.85
CA PHE F 53 -21.46 32.86 6.79
C PHE F 53 -19.97 33.12 7.04
N ASN F 54 -19.33 32.30 7.87
CA ASN F 54 -17.89 32.43 8.20
C ASN F 54 -17.05 32.25 6.91
N LYS F 55 -17.43 31.32 6.04
CA LYS F 55 -16.76 31.08 4.74
C LYS F 55 -16.81 32.36 3.90
N PHE F 56 -17.98 32.99 3.83
CA PHE F 56 -18.20 34.28 3.10
C PHE F 56 -17.24 35.32 3.69
N LEU F 57 -17.27 35.51 5.02
CA LEU F 57 -16.44 36.51 5.71
C LEU F 57 -14.96 36.23 5.41
N HIS F 58 -14.53 34.97 5.48
CA HIS F 58 -13.12 34.55 5.27
C HIS F 58 -12.72 34.82 3.82
N LEU F 59 -13.62 34.57 2.86
CA LEU F 59 -13.40 34.84 1.40
C LEU F 59 -13.21 36.34 1.16
N LEU F 60 -13.82 37.20 1.98
CA LEU F 60 -13.74 38.68 1.85
C LEU F 60 -12.69 39.26 2.80
N ASP F 61 -12.00 38.42 3.60
CA ASP F 61 -10.91 38.79 4.56
C ASP F 61 -11.44 39.71 5.67
N LEU F 62 -12.71 39.59 6.04
CA LEU F 62 -13.37 40.47 7.04
C LEU F 62 -13.07 39.97 8.45
N LYS F 63 -12.33 40.75 9.25
CA LYS F 63 -12.02 40.45 10.67
C LYS F 63 -13.16 40.98 11.57
N ASP F 64 -13.60 40.16 12.52
CA ASP F 64 -14.69 40.46 13.48
C ASP F 64 -14.51 41.86 14.08
N GLU F 65 -13.28 42.21 14.48
CA GLU F 65 -12.96 43.51 15.14
C GLU F 65 -13.46 44.68 14.29
N ASP F 66 -13.39 44.56 12.96
CA ASP F 66 -13.57 45.68 12.01
C ASP F 66 -15.04 45.90 11.65
N TRP F 67 -15.75 44.83 11.27
CA TRP F 67 -17.11 44.92 10.67
C TRP F 67 -18.21 44.82 11.75
N MET F 68 -17.98 44.10 12.84
CA MET F 68 -19.05 43.82 13.84
C MET F 68 -19.57 45.13 14.44
N PRO F 69 -18.73 46.05 14.93
CA PRO F 69 -19.24 47.28 15.53
C PRO F 69 -19.96 48.19 14.53
N ALA F 70 -19.59 48.12 13.25
CA ALA F 70 -20.15 48.96 12.17
C ALA F 70 -21.61 48.58 11.88
N CYS F 71 -22.09 47.43 12.35
CA CYS F 71 -23.50 47.00 12.14
C CYS F 71 -24.11 46.35 13.38
N ASN F 72 -23.78 46.86 14.57
CA ASN F 72 -24.37 46.45 15.88
C ASN F 72 -24.41 44.93 16.00
N ALA F 73 -23.37 44.25 15.50
CA ALA F 73 -23.33 42.78 15.43
C ALA F 73 -23.05 42.25 16.83
N THR F 74 -23.60 41.06 17.14
CA THR F 74 -23.23 40.25 18.33
C THR F 74 -22.94 38.84 17.83
N TYR F 75 -22.47 37.97 18.73
CA TYR F 75 -22.05 36.58 18.44
C TYR F 75 -23.24 35.63 18.68
N LYS F 76 -23.17 34.47 18.03
CA LYS F 76 -24.24 33.44 18.03
C LYS F 76 -23.62 32.03 18.02
N ASN F 77 -23.88 31.23 19.05
CA ASN F 77 -23.24 29.90 19.26
C ASN F 77 -24.25 28.77 19.05
N SER F 78 -25.55 29.09 19.00
CA SER F 78 -26.64 28.08 18.95
C SER F 78 -27.94 28.73 18.49
N ILE F 79 -28.84 27.93 17.89
CA ILE F 79 -30.29 28.24 17.81
C ILE F 79 -30.98 27.56 19.00
N ARG F 80 -31.72 28.34 19.79
CA ARG F 80 -32.46 27.84 20.96
C ARG F 80 -33.94 27.70 20.58
N PHE F 81 -34.56 26.58 20.95
CA PHE F 81 -36.00 26.31 20.73
C PHE F 81 -36.71 26.24 22.07
N THR F 82 -37.36 27.34 22.42
CA THR F 82 -38.28 27.45 23.58
C THR F 82 -39.70 27.13 23.09
N ASN F 83 -40.41 26.27 23.83
CA ASN F 83 -41.88 26.09 23.78
C ASN F 83 -42.30 25.22 22.59
N PHE F 84 -41.37 24.54 21.93
CA PHE F 84 -41.63 23.85 20.63
C PHE F 84 -42.04 22.38 20.82
N ARG F 85 -41.57 21.70 21.86
CA ARG F 85 -41.87 20.26 22.04
C ARG F 85 -43.31 20.08 22.52
N GLU F 86 -43.67 20.78 23.60
CA GLU F 86 -44.87 20.48 24.41
C GLU F 86 -45.62 21.77 24.81
N GLY F 87 -45.08 22.95 24.53
CA GLY F 87 -45.68 24.27 24.83
C GLY F 87 -45.69 24.60 26.30
N LYS F 88 -44.61 24.28 27.04
CA LYS F 88 -44.52 24.45 28.52
C LYS F 88 -43.17 25.03 28.91
N GLY F 89 -42.58 25.89 28.07
CA GLY F 89 -41.35 26.62 28.39
C GLY F 89 -40.09 25.76 28.26
N GLU F 90 -40.22 24.49 27.88
CA GLU F 90 -39.08 23.57 27.68
C GLU F 90 -38.19 24.13 26.56
N VAL F 91 -36.88 23.88 26.67
CA VAL F 91 -35.84 24.46 25.79
C VAL F 91 -34.93 23.33 25.31
N PHE F 92 -34.48 23.41 24.08
CA PHE F 92 -33.39 22.56 23.53
C PHE F 92 -32.61 23.40 22.53
N GLU F 93 -31.37 23.00 22.26
CA GLU F 93 -30.46 23.76 21.39
C GLU F 93 -30.18 22.93 20.14
N TYR F 94 -29.94 23.65 19.04
CA TYR F 94 -29.13 23.21 17.89
C TYR F 94 -27.86 24.04 17.89
N PRO F 95 -26.80 23.60 18.60
CA PRO F 95 -25.54 24.36 18.71
C PRO F 95 -24.71 24.16 17.44
N PHE F 96 -23.82 25.11 17.14
CA PHE F 96 -22.91 25.04 15.95
C PHE F 96 -21.76 24.08 16.26
N GLY F 97 -21.35 23.30 15.27
CA GLY F 97 -20.31 22.28 15.42
C GLY F 97 -20.06 21.53 14.13
N PRO F 98 -18.78 21.21 13.81
CA PRO F 98 -18.46 20.56 12.55
C PRO F 98 -19.04 19.14 12.56
N SER F 99 -18.94 18.47 13.71
CA SER F 99 -19.22 17.02 13.93
C SER F 99 -19.74 16.80 15.35
N LEU F 100 -20.44 15.68 15.58
CA LEU F 100 -20.85 15.20 16.91
C LEU F 100 -19.58 14.75 17.66
N ASP F 101 -19.33 15.28 18.85
CA ASP F 101 -18.24 14.80 19.75
C ASP F 101 -18.58 13.38 20.20
N VAL F 102 -17.73 12.41 19.85
CA VAL F 102 -17.93 10.94 20.08
C VAL F 102 -17.33 10.51 21.42
N SER F 103 -16.82 11.43 22.24
CA SER F 103 -15.95 11.14 23.42
C SER F 103 -16.60 10.11 24.37
N PHE F 104 -17.90 10.22 24.66
CA PHE F 104 -18.59 9.39 25.68
C PHE F 104 -19.49 8.34 25.00
N PHE F 105 -19.34 8.16 23.69
CA PHE F 105 -20.10 7.14 22.92
C PHE F 105 -19.57 5.74 23.24
N SER F 106 -20.46 4.79 23.54
CA SER F 106 -20.21 3.33 23.42
C SER F 106 -19.60 3.04 22.04
N GLN F 107 -18.51 2.27 22.01
CA GLN F 107 -17.89 1.76 20.76
C GLN F 107 -18.97 1.10 19.88
N THR F 108 -19.83 0.27 20.48
CA THR F 108 -20.80 -0.62 19.75
C THR F 108 -22.07 0.17 19.38
N ASP F 109 -22.51 1.13 20.20
CA ASP F 109 -23.79 1.85 19.99
C ASP F 109 -23.58 3.19 19.25
N GLY F 110 -22.36 3.71 19.17
CA GLY F 110 -22.05 5.00 18.50
C GLY F 110 -23.03 6.08 18.89
N ILE F 111 -23.66 6.74 17.92
CA ILE F 111 -24.63 7.87 18.08
C ILE F 111 -25.83 7.48 18.95
N ASN F 112 -26.17 6.20 19.02
CA ASN F 112 -27.34 5.65 19.76
C ASN F 112 -27.07 5.59 21.27
N THR F 113 -25.84 5.93 21.71
CA THR F 113 -25.44 5.88 23.14
C THR F 113 -26.38 6.79 23.96
N TRP F 114 -26.55 8.04 23.55
CA TRP F 114 -27.35 9.02 24.34
C TRP F 114 -28.77 8.46 24.59
N GLY F 115 -29.42 7.94 23.54
CA GLY F 115 -30.76 7.32 23.60
C GLY F 115 -30.83 6.20 24.64
N LYS F 116 -29.85 5.30 24.68
CA LYS F 116 -29.82 4.19 25.68
C LYS F 116 -29.71 4.78 27.09
N LEU F 117 -28.86 5.81 27.29
CA LEU F 117 -28.72 6.54 28.57
C LEU F 117 -30.09 7.10 28.99
N ALA F 118 -30.78 7.75 28.06
CA ALA F 118 -32.12 8.34 28.24
C ALA F 118 -33.13 7.28 28.72
N ASN F 119 -33.08 6.05 28.17
CA ASN F 119 -34.00 4.94 28.52
C ASN F 119 -33.65 4.41 29.92
N LYS F 120 -32.36 4.17 30.18
CA LYS F 120 -31.85 3.58 31.44
C LYS F 120 -31.96 4.57 32.60
N TYR F 121 -31.65 5.85 32.37
CA TYR F 121 -31.50 6.88 33.43
C TYR F 121 -32.28 8.14 33.07
N PRO F 122 -33.62 8.05 33.01
CA PRO F 122 -34.46 9.12 32.48
C PRO F 122 -34.26 10.46 33.21
N GLU F 123 -34.19 10.41 34.54
CA GLU F 123 -34.07 11.60 35.41
C GLU F 123 -32.75 12.33 35.10
N ASP F 124 -31.71 11.60 34.68
CA ASP F 124 -30.35 12.18 34.45
C ASP F 124 -30.19 12.63 32.99
N PHE F 125 -31.04 12.17 32.06
CA PHE F 125 -30.86 12.42 30.61
C PHE F 125 -32.16 12.84 29.95
N PRO F 126 -32.77 13.97 30.38
CA PRO F 126 -33.90 14.55 29.67
C PRO F 126 -33.46 15.01 28.28
N PRO F 127 -34.43 15.29 27.36
CA PRO F 127 -34.10 15.68 25.98
C PRO F 127 -33.02 16.76 25.80
N GLU F 128 -32.95 17.75 26.70
CA GLU F 128 -31.97 18.86 26.60
C GLU F 128 -30.54 18.37 26.81
N THR F 129 -30.33 17.10 27.21
CA THR F 129 -28.97 16.56 27.50
C THR F 129 -28.32 16.00 26.24
N PHE F 130 -29.06 15.70 25.17
CA PHE F 130 -28.46 15.18 23.90
C PHE F 130 -27.42 16.18 23.39
N ALA F 131 -27.78 17.46 23.31
CA ALA F 131 -26.91 18.53 22.78
C ALA F 131 -25.64 18.64 23.66
N ARG F 132 -25.82 18.67 24.98
CA ARG F 132 -24.72 18.70 25.97
C ARG F 132 -23.80 17.49 25.76
N PHE F 133 -24.39 16.35 25.46
CA PHE F 133 -23.70 15.04 25.39
C PHE F 133 -22.94 14.91 24.08
N VAL F 134 -23.18 15.75 23.08
CA VAL F 134 -22.50 15.59 21.74
C VAL F 134 -21.82 16.88 21.31
N ASN F 135 -22.08 18.01 21.98
CA ASN F 135 -21.56 19.34 21.57
C ASN F 135 -21.39 20.23 22.82
N SER F 136 -20.19 20.73 23.04
CA SER F 136 -19.80 21.53 24.24
C SER F 136 -20.08 23.00 23.96
N ASN F 137 -20.19 23.39 22.69
CA ASN F 137 -20.63 24.74 22.30
C ASN F 137 -21.94 25.02 23.05
N THR F 138 -22.77 23.98 23.23
CA THR F 138 -24.04 23.97 24.02
C THR F 138 -23.86 24.72 25.36
N TYR F 139 -22.77 24.48 26.07
CA TYR F 139 -22.51 25.06 27.42
C TYR F 139 -22.30 26.57 27.33
N LEU F 140 -21.56 27.04 26.32
CA LEU F 140 -21.35 28.49 26.05
C LEU F 140 -22.71 29.15 25.84
N ALA F 141 -23.52 28.57 24.96
CA ALA F 141 -24.88 29.02 24.61
C ALA F 141 -25.72 29.04 25.90
N GLU F 142 -25.65 27.97 26.70
CA GLU F 142 -26.53 27.76 27.87
C GLU F 142 -26.20 28.77 28.99
N HIS F 143 -24.92 29.05 29.24
CA HIS F 143 -24.48 29.97 30.33
C HIS F 143 -24.10 31.34 29.76
N ASN F 144 -24.37 31.60 28.48
CA ASN F 144 -24.19 32.92 27.83
C ASN F 144 -22.74 33.39 28.01
N ARG F 145 -21.79 32.49 27.72
CA ARG F 145 -20.34 32.75 27.84
C ARG F 145 -19.69 32.59 26.47
N LEU F 146 -18.49 33.12 26.32
CA LEU F 146 -17.71 33.06 25.06
C LEU F 146 -16.22 33.03 25.38
N THR F 147 -15.45 32.35 24.52
CA THR F 147 -14.00 32.15 24.64
C THR F 147 -13.45 31.81 23.26
N ARG F 148 -12.19 32.15 22.99
CA ARG F 148 -11.48 31.78 21.75
C ARG F 148 -11.01 30.32 21.85
N ASN F 149 -11.03 29.73 23.05
CA ASN F 149 -10.74 28.30 23.27
C ASN F 149 -9.31 28.00 22.79
N LYS F 150 -8.40 28.97 22.99
CA LYS F 150 -6.96 28.90 22.57
C LYS F 150 -6.36 27.56 23.01
N ASP F 151 -6.35 27.30 24.33
CA ASP F 151 -6.22 25.95 24.90
C ASP F 151 -7.59 25.28 24.76
N ASN F 152 -7.63 24.11 24.14
CA ASN F 152 -8.89 23.45 23.64
C ASN F 152 -9.70 22.92 24.82
N LYS F 153 -9.96 23.76 25.83
CA LYS F 153 -10.60 23.40 27.13
C LYS F 153 -12.10 23.17 26.92
N ILE F 154 -12.67 23.69 25.84
CA ILE F 154 -14.06 23.34 25.37
C ILE F 154 -13.91 22.39 24.19
N PRO F 155 -14.23 21.08 24.38
CA PRO F 155 -13.98 20.06 23.36
C PRO F 155 -14.69 20.33 22.03
N ASN F 156 -13.96 20.21 20.92
CA ASN F 156 -14.51 20.16 19.54
C ASN F 156 -15.19 21.48 19.19
N PHE F 157 -14.74 22.60 19.76
CA PHE F 157 -15.27 23.97 19.50
C PHE F 157 -14.14 24.82 18.92
N ASN F 158 -14.38 25.44 17.77
CA ASN F 158 -13.43 26.32 17.04
C ASN F 158 -14.07 27.70 16.93
N PHE F 159 -13.63 28.67 17.73
CA PHE F 159 -14.25 30.02 17.86
C PHE F 159 -14.57 30.59 16.46
N ASP F 160 -13.57 30.68 15.58
CA ASP F 160 -13.69 31.30 14.22
C ASP F 160 -14.87 30.72 13.45
N TRP F 161 -14.99 29.38 13.43
CA TRP F 161 -15.88 28.65 12.48
C TRP F 161 -17.16 28.12 13.15
N ASP F 162 -17.16 27.88 14.45
CA ASP F 162 -18.31 27.33 15.23
C ASP F 162 -19.07 28.47 15.93
N THR F 163 -18.64 29.72 15.75
CA THR F 163 -19.39 30.92 16.20
C THR F 163 -19.81 31.71 14.98
N ALA F 164 -21.12 31.93 14.82
CA ALA F 164 -21.76 32.79 13.81
C ALA F 164 -22.18 34.11 14.49
N TYR F 165 -23.10 34.87 13.87
CA TYR F 165 -23.31 36.31 14.16
C TYR F 165 -24.80 36.67 14.07
N HIS F 166 -25.24 37.59 14.95
CA HIS F 166 -26.45 38.43 14.80
C HIS F 166 -26.01 39.77 14.20
N ILE F 167 -26.63 40.21 13.11
CA ILE F 167 -26.22 41.45 12.38
C ILE F 167 -27.46 42.29 12.05
N ASP F 168 -27.29 43.61 11.98
CA ASP F 168 -28.19 44.54 11.23
C ASP F 168 -27.77 44.44 9.77
N ALA F 169 -28.60 43.80 8.93
CA ALA F 169 -28.24 43.43 7.54
C ALA F 169 -27.98 44.67 6.69
N GLU F 170 -28.72 45.77 6.90
CA GLU F 170 -28.61 46.99 6.07
C GLU F 170 -27.25 47.66 6.36
N LEU F 171 -26.90 47.77 7.63
CA LEU F 171 -25.60 48.36 8.07
C LEU F 171 -24.45 47.47 7.59
N PHE F 172 -24.65 46.14 7.57
CA PHE F 172 -23.65 45.19 7.05
C PHE F 172 -23.39 45.49 5.57
N GLY F 173 -24.47 45.68 4.81
CA GLY F 173 -24.39 46.10 3.40
C GLY F 173 -23.63 47.41 3.25
N GLN F 174 -23.98 48.41 4.07
CA GLN F 174 -23.33 49.74 4.07
C GLN F 174 -21.83 49.58 4.32
N TYR F 175 -21.43 48.60 5.13
CA TYR F 175 -20.00 48.36 5.43
C TYR F 175 -19.31 47.82 4.17
N LEU F 176 -19.86 46.75 3.61
CA LEU F 176 -19.34 46.09 2.37
C LEU F 176 -19.20 47.14 1.27
N LYS F 177 -20.17 48.05 1.18
CA LYS F 177 -20.21 49.16 0.20
C LYS F 177 -18.96 50.04 0.34
N GLU F 178 -18.75 50.62 1.53
CA GLU F 178 -17.70 51.65 1.77
C GLU F 178 -16.30 51.00 1.76
N LYS F 179 -16.15 49.77 2.27
CA LYS F 179 -14.85 49.13 2.57
C LYS F 179 -14.36 48.25 1.40
N ILE F 180 -15.27 47.56 0.70
CA ILE F 180 -14.88 46.56 -0.34
C ILE F 180 -15.38 47.00 -1.72
N ALA F 181 -16.70 47.18 -1.89
CA ALA F 181 -17.33 47.34 -3.22
C ALA F 181 -16.84 48.62 -3.91
N LEU F 182 -17.10 49.78 -3.32
CA LEU F 182 -16.78 51.08 -3.97
C LEU F 182 -15.28 51.18 -4.20
N PRO F 183 -14.41 50.96 -3.18
CA PRO F 183 -12.97 50.98 -3.41
C PRO F 183 -12.52 50.11 -4.60
N ASN F 184 -13.15 48.93 -4.80
CA ASN F 184 -12.84 47.99 -5.91
C ASN F 184 -13.55 48.41 -7.21
N GLY F 185 -14.13 49.60 -7.25
CA GLY F 185 -14.60 50.23 -8.50
C GLY F 185 -16.01 49.82 -8.89
N VAL F 186 -16.79 49.26 -7.97
CA VAL F 186 -18.24 49.06 -8.22
C VAL F 186 -18.86 50.44 -8.46
N LYS F 187 -19.52 50.63 -9.60
CA LYS F 187 -20.20 51.88 -10.02
C LYS F 187 -21.58 51.94 -9.36
N HIS F 188 -21.75 52.87 -8.42
CA HIS F 188 -23.02 53.14 -7.70
C HIS F 188 -23.90 54.01 -8.58
N ILE F 189 -25.06 53.50 -9.00
CA ILE F 189 -26.04 54.22 -9.87
C ILE F 189 -27.34 54.42 -9.08
N GLN F 190 -27.70 55.67 -8.81
CA GLN F 190 -28.90 56.08 -8.04
C GLN F 190 -30.06 56.14 -9.04
N GLY F 191 -31.11 55.35 -8.84
CA GLY F 191 -32.19 55.27 -9.84
C GLY F 191 -33.21 54.19 -9.54
N LYS F 192 -34.41 54.38 -10.07
CA LYS F 192 -35.52 53.40 -10.09
C LYS F 192 -35.49 52.68 -11.45
N VAL F 193 -35.37 51.36 -11.45
CA VAL F 193 -35.58 50.50 -12.64
C VAL F 193 -37.07 50.49 -12.95
N THR F 194 -37.48 51.02 -14.11
CA THR F 194 -38.90 51.21 -14.50
C THR F 194 -39.32 50.19 -15.54
N GLY F 195 -38.40 49.73 -16.40
CA GLY F 195 -38.73 48.81 -17.52
C GLY F 195 -37.51 48.11 -18.08
N TYR F 196 -37.67 47.47 -19.24
CA TYR F 196 -36.64 46.63 -19.90
C TYR F 196 -36.97 46.49 -21.40
N GLN F 197 -36.00 46.04 -22.18
CA GLN F 197 -36.15 45.67 -23.61
C GLN F 197 -35.46 44.33 -23.81
N LYS F 198 -36.17 43.31 -24.30
CA LYS F 198 -35.58 42.00 -24.63
C LYS F 198 -34.83 42.15 -25.96
N GLU F 199 -34.07 41.13 -26.36
CA GLU F 199 -33.21 41.23 -27.56
C GLU F 199 -34.11 41.09 -28.81
N SER F 200 -35.06 40.16 -28.81
CA SER F 200 -35.93 39.84 -29.97
C SER F 200 -37.10 38.95 -29.54
N PRO F 201 -38.15 38.80 -30.36
CA PRO F 201 -39.22 37.83 -30.09
C PRO F 201 -38.77 36.50 -29.49
N ASN F 202 -37.65 35.93 -29.96
CA ASN F 202 -37.17 34.58 -29.55
C ASN F 202 -35.97 34.66 -28.59
N ASN F 203 -35.17 35.72 -28.68
CA ASN F 203 -34.08 35.96 -27.72
C ASN F 203 -34.64 36.74 -26.51
N HIS F 204 -34.90 36.06 -25.39
CA HIS F 204 -35.52 36.65 -24.18
C HIS F 204 -34.46 37.24 -23.23
N ASN F 205 -33.21 37.41 -23.67
CA ASN F 205 -32.18 38.12 -22.86
C ASN F 205 -32.53 39.60 -22.81
N PHE F 206 -32.35 40.24 -21.66
CA PHE F 206 -32.39 41.72 -21.54
C PHE F 206 -31.33 42.28 -22.50
N LYS F 207 -31.73 43.15 -23.42
CA LYS F 207 -30.80 43.95 -24.25
C LYS F 207 -30.28 45.09 -23.37
N TYR F 208 -31.16 45.66 -22.54
CA TYR F 208 -30.85 46.64 -21.49
C TYR F 208 -32.06 46.72 -20.54
N ILE F 209 -31.88 47.31 -19.36
CA ILE F 209 -33.02 47.68 -18.46
C ILE F 209 -33.10 49.21 -18.44
N ILE F 210 -34.27 49.76 -18.11
CA ILE F 210 -34.54 51.23 -18.15
C ILE F 210 -34.55 51.78 -16.72
N LEU F 211 -33.85 52.91 -16.52
CA LEU F 211 -33.75 53.68 -15.26
C LEU F 211 -34.55 54.98 -15.38
N ASP F 212 -35.51 55.20 -14.47
CA ASP F 212 -36.31 56.45 -14.38
C ASP F 212 -36.95 56.76 -15.74
N GLN F 213 -37.45 55.73 -16.43
CA GLN F 213 -38.16 55.84 -17.73
C GLN F 213 -37.30 56.60 -18.74
N GLU F 214 -35.96 56.59 -18.64
CA GLU F 214 -35.06 57.37 -19.52
C GLU F 214 -33.79 56.59 -19.87
N THR F 215 -32.95 56.26 -18.89
CA THR F 215 -31.56 55.75 -19.09
C THR F 215 -31.54 54.22 -19.22
N ALA F 216 -30.91 53.72 -20.28
CA ALA F 216 -30.68 52.28 -20.54
C ALA F 216 -29.37 51.83 -19.89
N ILE F 217 -29.43 50.85 -18.99
CA ILE F 217 -28.25 50.19 -18.39
C ILE F 217 -27.97 48.90 -19.18
N PHE F 218 -26.80 48.82 -19.81
CA PHE F 218 -26.30 47.65 -20.57
C PHE F 218 -25.38 46.83 -19.66
N ALA F 219 -25.62 45.52 -19.58
CA ALA F 219 -24.77 44.57 -18.84
C ALA F 219 -24.89 43.20 -19.53
N ASP F 220 -23.87 42.36 -19.40
CA ASP F 220 -23.87 40.98 -19.95
C ASP F 220 -24.76 40.12 -19.05
N LEU F 221 -24.74 40.40 -17.75
CA LEU F 221 -25.51 39.66 -16.71
C LEU F 221 -26.17 40.66 -15.76
N TYR F 222 -27.46 40.47 -15.50
CA TYR F 222 -28.28 41.27 -14.58
C TYR F 222 -28.58 40.42 -13.34
N ILE F 223 -28.33 40.97 -12.16
CA ILE F 223 -28.54 40.25 -10.87
C ILE F 223 -29.70 40.91 -10.15
N ASP F 224 -30.73 40.13 -9.83
CA ASP F 224 -31.94 40.65 -9.15
C ASP F 224 -31.75 40.53 -7.64
N CYS F 225 -31.47 41.65 -6.98
CA CYS F 225 -31.38 41.77 -5.50
C CYS F 225 -32.52 42.70 -4.99
N THR F 226 -33.69 42.65 -5.63
CA THR F 226 -34.85 43.55 -5.34
C THR F 226 -35.77 42.95 -4.27
N GLY F 227 -35.37 41.86 -3.60
CA GLY F 227 -36.18 41.21 -2.54
C GLY F 227 -37.47 40.61 -3.06
N PHE F 228 -38.54 40.60 -2.23
CA PHE F 228 -39.83 39.91 -2.52
C PHE F 228 -40.43 40.44 -3.83
N LYS F 229 -40.25 41.72 -4.14
CA LYS F 229 -40.64 42.32 -5.45
C LYS F 229 -40.28 41.35 -6.57
N SER F 230 -39.05 40.83 -6.55
CA SER F 230 -38.45 40.00 -7.63
C SER F 230 -38.73 40.67 -8.97
N LEU F 231 -38.33 41.94 -9.12
CA LEU F 231 -38.65 42.78 -10.32
C LEU F 231 -38.08 42.16 -11.60
N LEU F 232 -36.83 41.67 -11.58
CA LEU F 232 -36.12 41.20 -12.81
C LEU F 232 -36.46 39.72 -13.06
N LEU F 233 -36.32 38.86 -12.06
CA LEU F 233 -36.49 37.40 -12.24
C LEU F 233 -37.98 37.08 -12.39
N GLY F 234 -38.78 37.46 -11.39
CA GLY F 234 -40.22 37.17 -11.30
C GLY F 234 -41.03 37.98 -12.30
N GLU F 235 -40.94 39.32 -12.25
CA GLU F 235 -41.81 40.22 -13.07
C GLU F 235 -41.29 40.24 -14.52
N PHE F 236 -40.11 40.81 -14.78
CA PHE F 236 -39.60 41.07 -16.15
C PHE F 236 -39.34 39.75 -16.88
N MET F 237 -38.66 38.77 -16.29
CA MET F 237 -38.32 37.46 -16.95
C MET F 237 -39.48 36.47 -16.75
N GLY F 238 -40.44 36.80 -15.88
CA GLY F 238 -41.71 36.08 -15.71
C GLY F 238 -41.54 34.70 -15.09
N GLU F 239 -40.51 34.47 -14.27
CA GLU F 239 -40.29 33.11 -13.68
C GLU F 239 -41.33 32.84 -12.59
N ALA F 240 -42.03 31.71 -12.71
CA ALA F 240 -43.06 31.21 -11.78
C ALA F 240 -42.52 31.10 -10.35
N PHE F 241 -43.40 31.07 -9.36
CA PHE F 241 -43.08 30.92 -7.91
C PHE F 241 -43.74 29.64 -7.36
N SER F 242 -42.97 28.69 -6.86
CA SER F 242 -43.46 27.50 -6.11
C SER F 242 -43.55 27.82 -4.62
N PRO F 243 -44.75 27.95 -4.02
CA PRO F 243 -44.88 28.18 -2.58
C PRO F 243 -44.61 26.89 -1.78
N PHE F 244 -44.26 27.01 -0.49
CA PHE F 244 -43.99 25.86 0.42
C PHE F 244 -45.21 25.50 1.29
N SER F 245 -46.39 26.04 0.94
CA SER F 245 -47.63 26.02 1.76
C SER F 245 -48.13 24.58 1.99
N LYS F 246 -47.63 23.60 1.26
CA LYS F 246 -47.94 22.15 1.45
C LYS F 246 -47.33 21.63 2.77
N LYS F 247 -46.21 22.17 3.25
CA LYS F 247 -45.48 21.64 4.44
C LYS F 247 -45.20 22.73 5.49
N LEU F 248 -45.19 24.00 5.07
CA LEU F 248 -44.99 25.16 5.96
C LEU F 248 -46.22 26.08 5.82
N ALA F 249 -46.93 26.29 6.93
CA ALA F 249 -48.22 27.01 6.99
C ALA F 249 -48.01 28.53 7.06
N ASN F 250 -46.80 28.99 7.42
CA ASN F 250 -46.54 30.40 7.78
C ASN F 250 -46.40 31.21 6.49
N ASP F 251 -47.27 32.22 6.31
CA ASP F 251 -47.35 33.05 5.09
C ASP F 251 -47.27 34.54 5.45
N LYS F 252 -47.20 34.87 6.74
CA LYS F 252 -47.15 36.26 7.27
C LYS F 252 -46.00 36.36 8.27
N ALA F 253 -45.43 37.56 8.39
CA ALA F 253 -44.52 37.94 9.48
C ALA F 253 -44.83 39.39 9.90
N MET F 254 -44.77 39.64 11.20
CA MET F 254 -44.66 41.01 11.76
C MET F 254 -43.33 41.07 12.52
N ALA F 255 -42.69 42.24 12.53
CA ALA F 255 -41.34 42.43 13.09
C ALA F 255 -41.29 43.77 13.83
N THR F 256 -40.42 43.87 14.82
CA THR F 256 -40.29 45.05 15.71
C THR F 256 -38.89 45.10 16.31
N ARG F 257 -38.59 46.23 16.93
CA ARG F 257 -37.34 46.59 17.61
C ARG F 257 -37.72 46.82 19.07
N ILE F 258 -37.07 46.15 20.01
CA ILE F 258 -37.36 46.29 21.48
C ILE F 258 -36.08 46.77 22.16
N PRO F 259 -36.16 47.77 23.06
CA PRO F 259 -35.00 48.20 23.83
C PRO F 259 -34.64 47.16 24.90
N TYR F 260 -33.37 47.11 25.29
CA TYR F 260 -32.87 46.23 26.40
C TYR F 260 -33.34 46.81 27.73
N GLU F 261 -33.79 45.94 28.65
CA GLU F 261 -34.09 46.28 30.07
C GLU F 261 -32.83 46.03 30.90
N ASN F 262 -32.22 44.85 30.76
CA ASN F 262 -30.92 44.50 31.39
C ASN F 262 -30.01 43.92 30.31
N ARG F 263 -29.31 44.80 29.60
CA ARG F 263 -28.56 44.52 28.35
C ARG F 263 -27.50 43.43 28.55
N GLU F 264 -26.73 43.48 29.63
CA GLU F 264 -25.70 42.46 29.97
C GLU F 264 -26.36 41.07 30.02
N GLU F 265 -27.44 40.95 30.80
CA GLU F 265 -28.16 39.67 31.04
C GLU F 265 -28.88 39.18 29.77
N GLU F 266 -29.40 40.11 28.96
CA GLU F 266 -30.39 39.83 27.88
C GLU F 266 -29.71 39.55 26.54
N MET F 267 -28.54 40.14 26.28
CA MET F 267 -27.83 40.05 24.98
C MET F 267 -27.26 38.64 24.83
N HIS F 268 -28.11 37.70 24.44
CA HIS F 268 -27.78 36.26 24.42
C HIS F 268 -26.90 35.90 23.23
N ASN F 269 -25.89 35.08 23.52
CA ASN F 269 -25.15 34.09 22.72
C ASN F 269 -25.99 33.33 21.66
N VAL F 270 -27.32 33.49 21.58
CA VAL F 270 -28.19 32.59 20.74
C VAL F 270 -29.33 33.37 20.08
N THR F 271 -29.82 32.84 18.94
CA THR F 271 -31.14 33.15 18.35
C THR F 271 -32.17 32.23 19.01
N ASP F 272 -33.08 32.79 19.81
CA ASP F 272 -34.20 32.05 20.45
C ASP F 272 -35.38 32.03 19.48
N CYS F 273 -36.00 30.86 19.36
CA CYS F 273 -37.23 30.62 18.58
C CYS F 273 -38.29 30.11 19.54
N HIS F 274 -39.26 30.96 19.84
CA HIS F 274 -40.33 30.70 20.84
C HIS F 274 -41.62 30.32 20.09
N ALA F 275 -42.05 29.06 20.18
CA ALA F 275 -43.29 28.59 19.51
C ALA F 275 -44.49 29.22 20.19
N MET F 276 -45.40 29.80 19.39
CA MET F 276 -46.63 30.51 19.82
C MET F 276 -47.85 29.69 19.40
N LYS F 277 -49.06 30.26 19.44
CA LYS F 277 -50.33 29.52 19.15
C LYS F 277 -50.44 29.20 17.66
N ASN F 278 -49.94 30.11 16.80
CA ASN F 278 -50.14 30.04 15.32
C ASN F 278 -48.82 30.25 14.58
N GLY F 279 -47.68 29.99 15.24
CA GLY F 279 -46.35 30.11 14.63
C GLY F 279 -45.27 30.15 15.69
N TRP F 280 -44.29 31.06 15.54
CA TRP F 280 -43.13 31.18 16.45
C TRP F 280 -42.56 32.60 16.35
N VAL F 281 -41.93 33.08 17.42
CA VAL F 281 -41.30 34.42 17.52
C VAL F 281 -39.79 34.24 17.60
N TRP F 282 -39.05 34.98 16.75
CA TRP F 282 -37.56 35.02 16.78
C TRP F 282 -37.13 36.15 17.72
N ASN F 283 -36.02 35.92 18.41
CA ASN F 283 -35.32 36.90 19.28
C ASN F 283 -33.88 36.99 18.78
N ILE F 284 -33.50 38.16 18.26
CA ILE F 284 -32.14 38.41 17.71
C ILE F 284 -31.51 39.55 18.50
N PRO F 285 -30.63 39.24 19.48
CA PRO F 285 -29.93 40.27 20.23
C PRO F 285 -28.88 40.96 19.36
N LEU F 286 -28.95 42.28 19.26
CA LEU F 286 -27.90 43.14 18.64
C LEU F 286 -27.28 44.00 19.74
N TRP F 287 -26.30 44.80 19.37
CA TRP F 287 -25.50 45.60 20.34
C TRP F 287 -26.44 46.56 21.08
N ASN F 288 -27.36 47.19 20.37
CA ASN F 288 -28.15 48.37 20.83
C ASN F 288 -29.62 48.02 21.08
N ARG F 289 -30.07 46.82 20.73
CA ARG F 289 -31.52 46.45 20.77
C ARG F 289 -31.70 44.94 20.56
N ILE F 290 -32.92 44.47 20.81
CA ILE F 290 -33.42 43.12 20.41
C ILE F 290 -34.31 43.31 19.19
N GLY F 291 -34.01 42.60 18.10
CA GLY F 291 -34.93 42.42 16.95
C GLY F 291 -35.79 41.20 17.17
N THR F 292 -37.11 41.33 16.98
CA THR F 292 -38.10 40.26 17.29
C THR F 292 -39.27 40.33 16.30
N GLY F 293 -39.78 39.16 15.88
CA GLY F 293 -40.94 39.05 14.99
C GLY F 293 -41.70 37.76 15.20
N TYR F 294 -42.99 37.77 14.83
CA TYR F 294 -43.90 36.59 14.80
C TYR F 294 -43.99 36.13 13.35
N CYS F 295 -43.60 34.89 13.06
CA CYS F 295 -44.00 34.15 11.84
C CYS F 295 -45.27 33.37 12.15
N TYR F 296 -46.36 33.62 11.40
CA TYR F 296 -47.68 33.01 11.70
C TYR F 296 -48.39 32.64 10.39
N SER F 297 -49.50 31.91 10.53
CA SER F 297 -50.33 31.39 9.43
C SER F 297 -51.69 32.08 9.44
N SER F 298 -51.97 32.88 8.39
CA SER F 298 -53.24 33.63 8.23
C SER F 298 -54.41 32.64 8.15
N ARG F 299 -54.12 31.40 7.74
CA ARG F 299 -55.08 30.26 7.74
C ARG F 299 -55.70 30.01 9.11
N PHE F 300 -54.98 30.31 10.19
CA PHE F 300 -55.37 29.91 11.57
C PHE F 300 -55.60 31.12 12.48
N VAL F 301 -55.21 32.34 12.07
CA VAL F 301 -55.29 33.55 12.95
C VAL F 301 -55.34 34.81 12.09
N SER F 302 -56.13 35.79 12.53
CA SER F 302 -56.24 37.15 11.96
C SER F 302 -54.97 37.94 12.26
N LYS F 303 -54.71 39.00 11.48
CA LYS F 303 -53.58 39.93 11.70
C LYS F 303 -53.71 40.55 13.10
N ASP F 304 -54.91 41.01 13.47
CA ASP F 304 -55.19 41.71 14.76
C ASP F 304 -54.92 40.78 15.93
N ASP F 305 -55.37 39.52 15.83
CA ASP F 305 -55.22 38.48 16.89
C ASP F 305 -53.73 38.13 17.05
N ALA F 306 -53.00 37.93 15.95
CA ALA F 306 -51.55 37.62 15.93
C ALA F 306 -50.75 38.75 16.62
N GLU F 307 -51.16 40.00 16.40
CA GLU F 307 -50.46 41.19 16.95
C GLU F 307 -50.72 41.30 18.46
N ALA F 308 -51.94 40.98 18.90
CA ALA F 308 -52.32 40.99 20.32
C ALA F 308 -51.51 39.90 21.04
N GLU F 309 -51.49 38.69 20.47
CA GLU F 309 -50.60 37.56 20.87
C GLU F 309 -49.17 38.07 21.07
N PHE F 310 -48.60 38.71 20.04
CA PHE F 310 -47.17 39.10 19.92
C PHE F 310 -46.82 40.11 21.02
N ARG F 311 -47.65 41.15 21.15
CA ARG F 311 -47.50 42.23 22.17
C ARG F 311 -47.58 41.62 23.58
N GLU F 312 -48.57 40.76 23.83
CA GLU F 312 -48.75 40.06 25.13
C GLU F 312 -47.46 39.29 25.44
N HIS F 313 -46.95 38.52 24.46
CA HIS F 313 -45.72 37.71 24.59
C HIS F 313 -44.51 38.58 24.94
N LEU F 314 -44.44 39.81 24.43
CA LEU F 314 -43.26 40.71 24.62
C LEU F 314 -43.30 41.40 25.99
N GLY F 315 -44.42 41.29 26.74
CA GLY F 315 -44.61 41.97 28.03
C GLY F 315 -44.71 43.48 27.85
N GLU F 316 -44.27 44.25 28.86
CA GLU F 316 -44.44 45.72 28.95
C GLU F 316 -43.98 46.38 27.63
N ARG F 317 -42.86 45.92 27.05
CA ARG F 317 -42.24 46.50 25.84
C ARG F 317 -43.08 46.16 24.59
N GLY F 318 -44.03 45.23 24.73
CA GLY F 318 -45.02 44.93 23.67
C GLY F 318 -45.91 46.13 23.37
N LYS F 319 -46.28 46.93 24.38
CA LYS F 319 -47.40 47.89 24.28
C LYS F 319 -47.05 49.04 23.33
N ASP F 320 -45.82 49.59 23.38
CA ASP F 320 -45.45 50.79 22.59
C ASP F 320 -44.57 50.40 21.40
N ALA F 321 -44.24 49.12 21.24
CA ALA F 321 -43.41 48.60 20.12
C ALA F 321 -44.06 48.97 18.78
N LYS F 322 -43.31 49.60 17.88
CA LYS F 322 -43.74 49.80 16.47
C LYS F 322 -43.54 48.49 15.69
N ILE F 323 -44.63 47.94 15.14
CA ILE F 323 -44.69 46.62 14.44
C ILE F 323 -44.90 46.85 12.95
N PHE F 324 -44.06 46.21 12.12
CA PHE F 324 -44.09 46.29 10.64
C PHE F 324 -44.49 44.93 10.08
N HIS F 325 -45.62 44.86 9.38
CA HIS F 325 -46.19 43.63 8.76
C HIS F 325 -45.55 43.42 7.39
N ILE F 326 -45.02 42.22 7.14
CA ILE F 326 -44.34 41.86 5.87
C ILE F 326 -45.11 40.69 5.27
N ASP F 327 -45.31 40.76 3.95
CA ASP F 327 -45.91 39.68 3.14
C ASP F 327 -44.72 38.90 2.57
N ILE F 328 -44.57 37.66 3.05
CA ILE F 328 -43.35 36.83 2.83
C ILE F 328 -43.66 35.88 1.67
N GLY F 329 -42.83 35.93 0.62
CA GLY F 329 -42.81 34.91 -0.45
C GLY F 329 -42.19 33.61 0.04
N HIS F 330 -42.98 32.77 0.72
CA HIS F 330 -42.52 31.52 1.40
C HIS F 330 -42.46 30.38 0.38
N GLY F 331 -41.32 30.29 -0.33
CA GLY F 331 -41.15 29.41 -1.49
C GLY F 331 -39.91 29.78 -2.28
N LYS F 332 -39.89 29.43 -3.57
CA LYS F 332 -38.76 29.65 -4.51
C LYS F 332 -39.33 29.84 -5.91
N ARG F 333 -38.62 30.62 -6.73
CA ARG F 333 -38.81 30.62 -8.19
C ARG F 333 -38.44 29.22 -8.71
N THR F 334 -39.01 28.81 -9.83
CA THR F 334 -38.78 27.48 -10.45
C THR F 334 -37.34 27.42 -10.98
N ARG F 335 -36.69 28.57 -11.14
CA ARG F 335 -35.27 28.70 -11.53
C ARG F 335 -34.72 30.02 -11.00
N ALA F 336 -33.44 30.04 -10.65
CA ALA F 336 -32.71 31.23 -10.13
C ALA F 336 -32.07 31.99 -11.30
N TRP F 337 -31.47 31.24 -12.24
CA TRP F 337 -30.76 31.79 -13.43
C TRP F 337 -31.64 31.55 -14.67
N VAL F 338 -32.24 32.63 -15.18
CA VAL F 338 -33.14 32.59 -16.37
C VAL F 338 -32.59 33.60 -17.37
N ASN F 339 -32.33 33.16 -18.60
CA ASN F 339 -31.62 33.95 -19.64
C ASN F 339 -30.42 34.62 -18.94
N ASN F 340 -30.23 35.93 -19.11
CA ASN F 340 -29.03 36.68 -18.65
C ASN F 340 -29.36 37.41 -17.34
N CYS F 341 -30.20 36.82 -16.49
CA CYS F 341 -30.65 37.39 -15.19
C CYS F 341 -30.60 36.30 -14.11
N VAL F 342 -30.02 36.62 -12.94
CA VAL F 342 -29.86 35.69 -11.78
C VAL F 342 -30.53 36.31 -10.56
N GLY F 343 -31.38 35.53 -9.88
CA GLY F 343 -31.99 35.90 -8.59
C GLY F 343 -31.03 35.58 -7.46
N ILE F 344 -30.70 36.59 -6.64
CA ILE F 344 -29.89 36.45 -5.40
C ILE F 344 -30.69 37.05 -4.23
N GLY F 345 -30.97 36.25 -3.20
CA GLY F 345 -31.75 36.66 -2.02
C GLY F 345 -33.23 36.37 -2.18
N LEU F 346 -34.09 37.24 -1.65
CA LEU F 346 -35.55 36.99 -1.56
C LEU F 346 -36.20 37.05 -2.95
N SER F 347 -35.55 37.69 -3.93
CA SER F 347 -36.00 37.69 -5.35
C SER F 347 -36.08 36.25 -5.88
N TYR F 348 -35.25 35.35 -5.38
CA TYR F 348 -35.24 33.91 -5.77
C TYR F 348 -36.11 33.09 -4.82
N GLY F 349 -35.79 33.10 -3.52
CA GLY F 349 -36.42 32.20 -2.53
C GLY F 349 -36.30 32.70 -1.10
N PHE F 350 -37.07 32.08 -0.21
CA PHE F 350 -37.14 32.42 1.23
C PHE F 350 -37.76 31.24 1.99
N ILE F 351 -37.10 30.81 3.06
CA ILE F 351 -37.66 29.94 4.14
C ILE F 351 -37.77 30.82 5.39
N GLU F 352 -38.88 30.73 6.12
CA GLU F 352 -39.01 31.43 7.42
C GLU F 352 -37.75 31.10 8.21
N PRO F 353 -37.16 32.08 8.94
CA PRO F 353 -35.81 31.90 9.52
C PRO F 353 -35.75 31.09 10.82
N LEU F 354 -36.47 29.96 10.88
CA LEU F 354 -36.48 29.04 12.05
C LEU F 354 -35.12 28.33 12.13
N GLU F 355 -34.42 28.16 11.01
CA GLU F 355 -33.05 27.59 10.99
C GLU F 355 -32.06 28.67 10.51
N SER F 356 -32.35 29.94 10.83
CA SER F 356 -31.43 31.08 10.60
C SER F 356 -30.89 31.02 9.17
N THR F 357 -31.82 30.80 8.25
CA THR F 357 -31.57 30.46 6.83
C THR F 357 -31.78 31.72 5.99
N GLY F 358 -32.22 32.82 6.62
CA GLY F 358 -32.34 34.17 6.01
C GLY F 358 -31.33 34.41 4.90
N LEU F 359 -30.03 34.44 5.22
CA LEU F 359 -28.97 34.82 4.26
C LEU F 359 -28.59 33.67 3.32
N LEU F 360 -29.14 32.46 3.50
CA LEU F 360 -28.71 31.23 2.77
C LEU F 360 -28.92 31.42 1.28
N THR F 361 -30.17 31.66 0.90
CA THR F 361 -30.61 32.00 -0.48
C THR F 361 -29.60 32.99 -1.11
N THR F 362 -28.90 33.78 -0.29
CA THR F 362 -27.99 34.88 -0.75
C THR F 362 -26.55 34.38 -0.92
N HIS F 363 -25.83 34.02 0.16
CA HIS F 363 -24.35 33.78 0.07
C HIS F 363 -24.05 32.50 -0.70
N GLU F 364 -24.94 31.50 -0.64
CA GLU F 364 -24.83 30.26 -1.45
C GLU F 364 -24.83 30.63 -2.94
N ASN F 365 -25.84 31.37 -3.40
CA ASN F 365 -25.96 31.79 -4.83
C ASN F 365 -24.75 32.67 -5.21
N ILE F 366 -24.29 33.54 -4.30
CA ILE F 366 -23.13 34.44 -4.58
C ILE F 366 -21.89 33.57 -4.81
N GLU F 367 -21.62 32.63 -3.89
CA GLU F 367 -20.41 31.75 -3.93
C GLU F 367 -20.47 30.88 -5.20
N ASN F 368 -21.67 30.38 -5.56
CA ASN F 368 -21.87 29.51 -6.75
C ASN F 368 -21.70 30.33 -8.04
N LEU F 369 -22.07 31.61 -8.03
CA LEU F 369 -21.88 32.52 -9.18
C LEU F 369 -20.39 32.83 -9.36
N VAL F 370 -19.72 33.22 -8.27
CA VAL F 370 -18.25 33.51 -8.22
C VAL F 370 -17.49 32.29 -8.74
N TYR F 371 -17.96 31.09 -8.35
CA TYR F 371 -17.33 29.79 -8.71
C TYR F 371 -17.38 29.63 -10.25
N LEU F 372 -18.53 29.85 -10.87
CA LEU F 372 -18.71 29.69 -12.34
C LEU F 372 -17.96 30.80 -13.11
N ILE F 373 -18.00 32.03 -12.63
CA ILE F 373 -17.35 33.20 -13.31
C ILE F 373 -15.83 33.04 -13.29
N ASN F 374 -15.25 32.47 -12.22
CA ASN F 374 -13.77 32.27 -12.08
C ASN F 374 -13.34 30.98 -12.76
N GLN F 375 -14.25 30.22 -13.34
CA GLN F 375 -13.97 28.92 -13.99
C GLN F 375 -13.20 29.18 -15.29
N ARG F 376 -13.79 29.88 -16.28
CA ARG F 376 -13.09 30.21 -17.57
C ARG F 376 -13.31 31.69 -17.92
N ASP F 377 -12.82 32.59 -17.05
CA ASP F 377 -12.74 34.05 -17.26
C ASP F 377 -14.11 34.62 -17.62
N GLY F 378 -15.18 34.12 -16.99
CA GLY F 378 -16.53 34.66 -17.15
C GLY F 378 -17.36 33.92 -18.19
N TYR F 379 -16.74 33.00 -18.93
CA TYR F 379 -17.46 32.08 -19.84
C TYR F 379 -18.15 30.99 -19.01
N VAL F 380 -19.41 30.75 -19.36
CA VAL F 380 -20.37 29.82 -18.69
C VAL F 380 -21.20 29.15 -19.78
N THR F 381 -21.46 27.84 -19.64
CA THR F 381 -22.33 27.07 -20.56
C THR F 381 -23.73 26.99 -19.96
N GLN F 382 -24.72 26.68 -20.78
CA GLN F 382 -26.10 26.39 -20.34
C GLN F 382 -26.05 25.24 -19.33
N ALA F 383 -25.20 24.23 -19.56
CA ALA F 383 -25.01 23.08 -18.65
C ALA F 383 -24.67 23.59 -17.24
N GLU F 384 -23.78 24.57 -17.12
CA GLU F 384 -23.33 25.12 -15.80
C GLU F 384 -24.49 25.90 -15.16
N ARG F 385 -25.20 26.71 -15.95
CA ARG F 385 -26.35 27.52 -15.43
C ARG F 385 -27.47 26.58 -14.97
N ASP F 386 -27.73 25.50 -15.71
CA ASP F 386 -28.68 24.42 -15.32
C ASP F 386 -28.19 23.78 -14.02
N GLY F 387 -26.88 23.54 -13.89
CA GLY F 387 -26.24 23.02 -12.68
C GLY F 387 -26.42 23.96 -11.51
N PHE F 388 -26.26 25.27 -11.73
CA PHE F 388 -26.47 26.35 -10.72
C PHE F 388 -27.91 26.30 -10.19
N ASN F 389 -28.87 26.21 -11.10
CA ASN F 389 -30.32 26.11 -10.79
C ASN F 389 -30.57 24.84 -9.98
N TYR F 390 -30.03 23.69 -10.41
CA TYR F 390 -30.22 22.41 -9.70
C TYR F 390 -29.62 22.51 -8.30
N THR F 391 -28.37 22.95 -8.17
CA THR F 391 -27.67 22.99 -6.86
C THR F 391 -28.49 23.83 -5.88
N CYS F 392 -28.96 24.99 -6.29
CA CYS F 392 -29.53 25.98 -5.34
C CYS F 392 -31.00 25.65 -5.08
N ASP F 393 -31.68 25.04 -6.05
CA ASP F 393 -33.02 24.41 -5.89
C ASP F 393 -32.95 23.27 -4.87
N HIS F 394 -32.04 22.31 -5.06
CA HIS F 394 -31.84 21.15 -4.15
C HIS F 394 -31.69 21.66 -2.71
N GLN F 395 -30.91 22.72 -2.53
CA GLN F 395 -30.53 23.25 -1.20
C GLN F 395 -31.76 23.80 -0.49
N ILE F 396 -32.53 24.66 -1.15
CA ILE F 396 -33.71 25.33 -0.53
C ILE F 396 -34.81 24.29 -0.29
N ASP F 397 -34.88 23.24 -1.10
CA ASP F 397 -35.83 22.10 -0.87
C ASP F 397 -35.40 21.33 0.38
N SER F 398 -34.11 21.01 0.50
CA SER F 398 -33.51 20.36 1.70
C SER F 398 -33.87 21.15 2.95
N PHE F 399 -33.55 22.44 2.97
CA PHE F 399 -33.68 23.30 4.17
C PHE F 399 -35.16 23.47 4.50
N SER F 400 -36.05 23.59 3.52
CA SER F 400 -37.51 23.76 3.75
C SER F 400 -38.09 22.49 4.40
N ASP F 401 -37.66 21.29 3.96
CA ASP F 401 -38.00 19.99 4.59
C ASP F 401 -37.48 19.95 6.04
N PHE F 402 -36.24 20.36 6.26
CA PHE F 402 -35.60 20.36 7.61
C PHE F 402 -36.42 21.24 8.54
N VAL F 403 -36.80 22.45 8.08
CA VAL F 403 -37.61 23.42 8.86
C VAL F 403 -38.97 22.77 9.14
N ALA F 404 -39.57 22.09 8.17
CA ALA F 404 -40.88 21.41 8.33
C ALA F 404 -40.80 20.37 9.45
N MET F 405 -39.66 19.70 9.62
CA MET F 405 -39.47 18.61 10.62
C MET F 405 -39.60 19.18 12.05
N HIS F 406 -39.25 20.45 12.27
CA HIS F 406 -39.36 21.15 13.57
C HIS F 406 -40.83 21.17 14.04
N TYR F 407 -41.77 21.27 13.10
CA TYR F 407 -43.23 21.31 13.37
C TYR F 407 -43.75 19.87 13.45
N ALA F 408 -43.39 19.04 12.48
CA ALA F 408 -43.99 17.72 12.19
C ALA F 408 -43.93 16.80 13.42
N TYR F 409 -42.84 16.89 14.18
CA TYR F 409 -42.49 15.96 15.29
C TYR F 409 -42.81 16.59 16.64
N SER F 410 -43.36 17.80 16.70
CA SER F 410 -43.80 18.45 17.96
C SER F 410 -44.86 17.60 18.64
N MET F 411 -44.97 17.72 19.96
CA MET F 411 -46.05 17.07 20.76
C MET F 411 -47.27 18.00 20.83
N ARG F 412 -47.12 19.27 20.44
CA ARG F 412 -48.20 20.30 20.57
C ARG F 412 -49.41 19.92 19.69
N THR F 413 -50.58 19.86 20.32
CA THR F 413 -51.90 19.73 19.66
C THR F 413 -52.88 20.68 20.35
N ASP F 414 -52.38 21.75 20.99
CA ASP F 414 -53.15 22.60 21.93
C ASP F 414 -53.94 23.68 21.16
N THR F 415 -53.60 23.95 19.91
CA THR F 415 -54.35 24.88 19.03
C THR F 415 -54.60 24.20 17.70
N PRO F 416 -55.54 24.70 16.88
CA PRO F 416 -55.78 24.09 15.57
C PRO F 416 -54.54 24.17 14.69
N TYR F 417 -53.72 25.21 14.86
CA TYR F 417 -52.44 25.37 14.12
C TYR F 417 -51.53 24.16 14.39
N TRP F 418 -51.33 23.83 15.66
CA TRP F 418 -50.40 22.75 16.09
C TRP F 418 -51.05 21.38 15.83
N LYS F 419 -52.37 21.28 15.95
CA LYS F 419 -53.11 20.03 15.58
C LYS F 419 -52.85 19.78 14.09
N TRP F 420 -52.85 20.83 13.25
CA TRP F 420 -52.60 20.68 11.79
C TRP F 420 -51.17 20.21 11.56
N CYS F 421 -50.20 20.85 12.21
CA CYS F 421 -48.74 20.61 11.99
C CYS F 421 -48.38 19.17 12.35
N THR F 422 -48.98 18.62 13.41
CA THR F 422 -48.52 17.37 14.09
C THR F 422 -49.42 16.17 13.80
N GLN F 423 -50.67 16.39 13.38
CA GLN F 423 -51.70 15.31 13.35
C GLN F 423 -52.42 15.25 12.00
N MET F 424 -52.37 16.29 11.17
CA MET F 424 -53.15 16.33 9.90
C MET F 424 -52.22 16.39 8.69
N CYS F 425 -51.28 17.34 8.67
CA CYS F 425 -50.38 17.59 7.51
C CYS F 425 -49.60 16.32 7.18
N ASN F 426 -49.63 15.91 5.90
CA ASN F 426 -48.86 14.79 5.31
C ASN F 426 -47.55 15.33 4.72
N TYR F 427 -46.41 15.00 5.32
CA TYR F 427 -45.09 15.54 4.92
C TYR F 427 -44.41 14.59 3.92
N MET F 428 -45.01 13.41 3.68
CA MET F 428 -44.41 12.29 2.92
C MET F 428 -45.36 11.85 1.82
N PRO F 429 -46.02 12.77 1.08
CA PRO F 429 -47.07 12.36 0.13
C PRO F 429 -46.55 11.41 -0.96
N GLU F 430 -45.34 11.65 -1.45
CA GLU F 430 -44.70 10.94 -2.59
C GLU F 430 -44.21 9.56 -2.14
N SER F 431 -44.16 9.29 -0.83
CA SER F 431 -43.42 8.15 -0.23
C SER F 431 -44.07 6.80 -0.57
N MET F 432 -45.37 6.75 -0.82
CA MET F 432 -46.08 5.47 -1.12
C MET F 432 -45.92 5.11 -2.61
N GLY F 433 -45.43 6.03 -3.44
CA GLY F 433 -45.26 5.81 -4.88
C GLY F 433 -44.08 4.89 -5.18
N PRO F 434 -43.92 4.45 -6.45
CA PRO F 434 -42.88 3.50 -6.82
C PRO F 434 -41.48 4.08 -7.04
N HIS F 435 -41.36 5.40 -7.23
CA HIS F 435 -40.10 6.10 -7.62
C HIS F 435 -39.39 6.70 -6.39
N ARG F 436 -38.07 6.68 -6.38
CA ARG F 436 -37.23 7.31 -5.33
C ARG F 436 -37.20 8.82 -5.52
N GLN F 437 -37.35 9.56 -4.42
CA GLN F 437 -37.45 11.03 -4.38
C GLN F 437 -36.05 11.64 -4.30
N LYS F 438 -35.79 12.76 -4.98
CA LYS F 438 -34.58 13.59 -4.78
C LYS F 438 -34.51 13.98 -3.30
N GLN F 439 -35.60 14.47 -2.73
CA GLN F 439 -35.67 14.88 -1.31
C GLN F 439 -36.34 13.74 -0.53
N SER F 440 -35.56 12.89 0.13
CA SER F 440 -36.06 11.64 0.75
C SER F 440 -35.62 11.51 2.23
N THR F 441 -35.45 12.62 2.96
CA THR F 441 -34.99 12.55 4.37
C THR F 441 -36.16 12.06 5.24
N TRP F 442 -37.39 12.50 5.00
CA TRP F 442 -38.62 11.96 5.64
C TRP F 442 -38.64 10.42 5.56
N GLN F 443 -38.51 9.88 4.34
CA GLN F 443 -38.54 8.42 4.05
C GLN F 443 -37.38 7.74 4.80
N ASP F 444 -36.20 8.35 4.75
CA ASP F 444 -34.93 7.72 5.22
C ASP F 444 -34.90 7.73 6.75
N LEU F 445 -35.37 8.83 7.36
CA LEU F 445 -35.46 8.97 8.83
C LEU F 445 -36.45 7.94 9.36
N SER F 446 -37.55 7.72 8.64
CA SER F 446 -38.63 6.79 9.03
C SER F 446 -38.07 5.38 9.01
N THR F 447 -37.34 5.03 7.94
CA THR F 447 -36.63 3.74 7.75
C THR F 447 -35.60 3.53 8.87
N ASP F 448 -34.81 4.56 9.19
CA ASP F 448 -33.71 4.43 10.18
C ASP F 448 -34.29 4.20 11.58
N THR F 449 -35.36 4.92 11.94
CA THR F 449 -35.94 4.96 13.31
C THR F 449 -36.86 3.76 13.50
N ILE F 450 -37.99 3.71 12.80
CA ILE F 450 -39.00 2.63 12.95
C ILE F 450 -38.43 1.32 12.37
N GLY F 451 -37.76 1.37 11.22
CA GLY F 451 -37.27 0.18 10.50
C GLY F 451 -36.08 -0.47 11.19
N LEU F 452 -34.99 0.30 11.40
CA LEU F 452 -33.65 -0.16 11.85
C LEU F 452 -33.35 0.26 13.31
N ASN F 453 -34.22 1.03 13.96
CA ASN F 453 -34.11 1.45 15.38
C ASN F 453 -32.75 2.12 15.64
N THR F 454 -32.34 3.04 14.77
CA THR F 454 -30.99 3.66 14.80
C THR F 454 -31.05 5.11 14.34
N TRP F 455 -30.13 5.93 14.86
CA TRP F 455 -29.75 7.23 14.25
C TRP F 455 -28.45 7.03 13.47
N HIS F 456 -27.99 8.08 12.81
CA HIS F 456 -26.84 8.07 11.89
C HIS F 456 -26.26 9.48 11.85
N ILE F 457 -24.94 9.60 11.68
CA ILE F 457 -24.25 10.92 11.52
C ILE F 457 -24.79 11.60 10.26
N ASN F 458 -25.36 10.84 9.31
CA ASN F 458 -26.04 11.36 8.10
C ASN F 458 -27.24 12.26 8.42
N HIS F 459 -27.69 12.32 9.67
CA HIS F 459 -28.83 13.17 10.11
C HIS F 459 -28.32 14.54 10.59
N ASN F 460 -27.11 14.95 10.21
CA ASN F 460 -26.48 16.22 10.65
C ASN F 460 -27.56 17.30 10.82
N GLY F 461 -28.14 17.41 12.02
CA GLY F 461 -29.06 18.50 12.38
C GLY F 461 -30.41 17.96 12.82
N ILE F 462 -30.96 17.02 12.05
CA ILE F 462 -32.22 16.30 12.39
C ILE F 462 -32.09 15.73 13.80
N SER F 463 -30.93 15.18 14.14
CA SER F 463 -30.70 14.49 15.44
C SER F 463 -31.01 15.46 16.58
N PHE F 464 -30.57 16.72 16.52
CA PHE F 464 -30.79 17.70 17.61
C PHE F 464 -32.29 18.02 17.77
N ILE F 465 -33.00 18.07 16.64
CA ILE F 465 -34.43 18.49 16.58
C ILE F 465 -35.32 17.37 17.14
N ILE F 466 -35.20 16.14 16.64
CA ILE F 466 -36.05 14.98 17.10
C ILE F 466 -35.64 14.58 18.52
N ALA F 467 -34.36 14.73 18.90
CA ALA F 467 -33.90 14.57 20.30
C ALA F 467 -34.65 15.55 21.22
N GLY F 468 -34.66 16.82 20.86
CA GLY F 468 -35.31 17.91 21.61
C GLY F 468 -36.81 17.73 21.70
N HIS F 469 -37.42 17.08 20.70
CA HIS F 469 -38.87 16.80 20.66
C HIS F 469 -39.18 15.54 21.46
N GLY F 470 -38.15 14.86 21.98
CA GLY F 470 -38.28 13.75 22.95
C GLY F 470 -38.29 12.39 22.28
N LEU F 471 -37.67 12.27 21.10
CA LEU F 471 -37.56 10.98 20.39
C LEU F 471 -36.18 10.37 20.64
N ARG F 472 -36.11 9.03 20.59
CA ARG F 472 -34.89 8.21 20.82
C ARG F 472 -34.76 7.15 19.72
N PRO F 473 -33.55 6.75 19.32
CA PRO F 473 -33.38 5.76 18.25
C PRO F 473 -34.01 4.40 18.62
N GLN F 474 -33.83 3.96 19.86
CA GLN F 474 -34.55 2.82 20.49
C GLN F 474 -35.45 3.42 21.58
N SER F 475 -36.76 3.24 21.45
CA SER F 475 -37.78 3.95 22.25
C SER F 475 -37.88 3.32 23.65
N TYR F 476 -37.46 2.06 23.81
CA TYR F 476 -37.52 1.31 25.10
C TYR F 476 -36.31 0.40 25.23
N ASP F 477 -35.86 0.19 26.48
CA ASP F 477 -34.56 -0.43 26.79
C ASP F 477 -34.59 -1.94 26.51
N LYS F 478 -35.74 -2.58 26.69
CA LYS F 478 -35.92 -4.04 26.49
C LYS F 478 -35.52 -4.41 25.06
N LEU F 479 -35.64 -3.46 24.13
CA LEU F 479 -35.31 -3.61 22.70
C LEU F 479 -33.79 -3.73 22.52
N SER F 480 -33.05 -2.81 23.15
CA SER F 480 -31.56 -2.79 23.26
C SER F 480 -31.06 -4.12 23.86
N GLU F 481 -31.61 -4.51 25.00
CA GLU F 481 -31.29 -5.76 25.76
C GLU F 481 -31.30 -6.97 24.82
N VAL F 482 -32.33 -7.08 23.98
CA VAL F 482 -32.62 -8.27 23.12
C VAL F 482 -31.58 -8.34 21.99
N LEU F 483 -31.07 -7.21 21.52
CA LEU F 483 -30.03 -7.15 20.46
C LEU F 483 -28.64 -7.54 21.02
N LEU F 484 -28.38 -7.34 22.33
CA LEU F 484 -27.13 -7.80 23.01
C LEU F 484 -27.13 -9.32 23.17
N LYS F 485 -28.32 -9.94 23.19
CA LYS F 485 -28.47 -11.36 23.60
C LYS F 485 -27.82 -12.28 22.56
N ARG F 486 -27.78 -11.89 21.28
CA ARG F 486 -27.23 -12.76 20.20
C ARG F 486 -25.79 -13.15 20.55
N ASN F 487 -24.89 -12.17 20.66
CA ASN F 487 -23.43 -12.37 20.86
C ASN F 487 -23.08 -12.17 22.34
N ASN F 488 -23.96 -12.64 23.25
CA ASN F 488 -23.77 -12.69 24.73
C ASN F 488 -23.05 -11.41 25.21
N GLU F 489 -23.58 -10.23 24.87
CA GLU F 489 -22.99 -8.91 25.25
C GLU F 489 -23.75 -8.32 26.44
N SER F 490 -23.16 -7.31 27.07
CA SER F 490 -23.62 -6.71 28.36
C SER F 490 -23.61 -5.18 28.26
N ASP F 491 -24.54 -4.53 28.96
CA ASP F 491 -24.72 -3.07 29.01
C ASP F 491 -24.15 -2.51 30.33
N TYR F 492 -23.61 -3.34 31.21
CA TYR F 492 -23.23 -2.91 32.58
C TYR F 492 -22.38 -1.63 32.51
N TYR F 493 -21.53 -1.46 31.48
CA TYR F 493 -20.57 -0.34 31.32
C TYR F 493 -21.30 1.01 31.16
N TYR F 494 -22.63 1.00 30.98
CA TYR F 494 -23.45 2.23 30.86
C TYR F 494 -23.49 2.94 32.22
N GLU F 495 -23.45 2.19 33.33
CA GLU F 495 -23.32 2.75 34.70
C GLU F 495 -22.11 3.70 34.76
N ASP F 496 -21.01 3.32 34.13
CA ASP F 496 -19.73 4.10 34.11
C ASP F 496 -19.86 5.25 33.13
N ILE F 497 -20.49 5.06 31.96
CA ILE F 497 -20.70 6.16 30.99
C ILE F 497 -21.52 7.24 31.71
N ARG F 498 -22.58 6.82 32.43
CA ARG F 498 -23.48 7.72 33.20
C ARG F 498 -22.67 8.52 34.22
N LYS F 499 -22.07 7.84 35.19
CA LYS F 499 -21.29 8.46 36.30
C LYS F 499 -20.19 9.36 35.72
N ASP F 500 -19.41 8.85 34.75
CA ASP F 500 -18.29 9.59 34.13
C ASP F 500 -18.80 10.84 33.44
N TRP F 501 -19.88 10.73 32.66
CA TRP F 501 -20.43 11.88 31.91
C TRP F 501 -21.01 12.91 32.90
N LEU F 502 -21.85 12.48 33.85
CA LEU F 502 -22.47 13.39 34.85
C LEU F 502 -21.34 14.17 35.56
N LYS F 503 -20.23 13.51 35.84
CA LYS F 503 -19.04 14.18 36.44
C LYS F 503 -18.51 15.20 35.44
N HIS F 504 -18.33 14.81 34.18
CA HIS F 504 -17.75 15.69 33.12
C HIS F 504 -18.65 16.92 32.94
N TYR F 505 -19.98 16.74 32.99
CA TYR F 505 -20.96 17.85 32.86
C TYR F 505 -20.75 18.81 34.03
N GLU F 506 -20.82 18.32 35.27
CA GLU F 506 -20.77 19.17 36.50
C GLU F 506 -19.49 20.03 36.43
N SER F 507 -18.36 19.47 35.99
CA SER F 507 -17.06 20.19 35.94
C SER F 507 -17.00 21.11 34.71
N MET F 508 -17.72 20.76 33.64
CA MET F 508 -17.76 21.59 32.41
C MET F 508 -18.54 22.89 32.68
N VAL F 509 -19.63 22.79 33.46
CA VAL F 509 -20.47 23.96 33.85
C VAL F 509 -19.62 24.89 34.73
N GLU F 510 -18.87 24.31 35.68
CA GLU F 510 -18.00 25.05 36.62
C GLU F 510 -16.95 25.82 35.82
N TYR F 511 -16.31 25.22 34.80
CA TYR F 511 -15.25 25.87 34.01
C TYR F 511 -15.85 27.02 33.19
N VAL F 512 -17.00 26.73 32.55
CA VAL F 512 -17.70 27.68 31.64
C VAL F 512 -18.13 28.92 32.44
N LYS F 513 -18.42 28.77 33.73
CA LYS F 513 -18.81 29.88 34.63
C LYS F 513 -17.62 30.81 34.95
N THR F 514 -16.37 30.38 34.73
CA THR F 514 -15.17 31.24 34.91
C THR F 514 -14.93 32.07 33.64
N LEU F 515 -15.60 31.73 32.53
CA LEU F 515 -15.40 32.40 31.22
C LEU F 515 -16.13 33.74 31.21
N PRO F 516 -15.66 34.72 30.40
CA PRO F 516 -16.40 35.94 30.19
C PRO F 516 -17.80 35.69 29.58
N THR F 517 -18.78 36.53 29.95
CA THR F 517 -20.13 36.54 29.37
C THR F 517 -20.05 37.12 27.96
N HIS F 518 -21.01 36.77 27.11
CA HIS F 518 -21.17 37.29 25.73
C HIS F 518 -20.91 38.81 25.69
N TYR F 519 -21.55 39.57 26.57
CA TYR F 519 -21.48 41.05 26.61
C TYR F 519 -20.05 41.46 26.97
N GLU F 520 -19.49 40.88 28.03
CA GLU F 520 -18.09 41.14 28.48
C GLU F 520 -17.15 40.88 27.30
N PHE F 521 -17.29 39.73 26.62
CA PHE F 521 -16.40 39.35 25.49
C PHE F 521 -16.48 40.43 24.40
N LEU F 522 -17.70 40.79 23.98
CA LEU F 522 -17.94 41.80 22.92
C LEU F 522 -17.30 43.13 23.33
N ARG F 523 -17.54 43.54 24.58
CA ARG F 523 -17.09 44.85 25.11
C ARG F 523 -15.57 44.92 25.06
N ASP F 524 -14.89 43.85 25.49
CA ASP F 524 -13.42 43.81 25.71
C ASP F 524 -12.70 43.47 24.40
N GLU F 525 -13.24 42.54 23.59
CA GLU F 525 -12.54 41.99 22.39
C GLU F 525 -12.93 42.74 21.10
N ILE F 526 -14.16 43.23 20.96
CA ILE F 526 -14.67 43.75 19.65
C ILE F 526 -14.95 45.25 19.76
N TYR F 527 -15.82 45.66 20.68
CA TYR F 527 -16.34 47.06 20.77
C TYR F 527 -15.35 47.97 21.49
N GLY F 528 -14.85 47.56 22.66
CA GLY F 528 -13.87 48.34 23.43
C GLY F 528 -14.55 49.28 24.41
N SER F 529 -15.88 49.16 24.56
CA SER F 529 -16.74 49.96 25.47
C SER F 529 -18.22 49.53 25.36
N ALA F 530 -19.12 50.40 25.85
CA ALA F 530 -20.54 50.54 25.50
C ALA F 530 -20.83 51.98 25.03
#